data_7X6O
#
_entry.id   7X6O
#
loop_
_entity.id
_entity.type
_entity.pdbx_description
1 polymer Hemagglutinin
2 polymer Hemagglutinin
3 polymer 'Heavy chain of antibody 12 fab'
4 polymer 'The light chain of antibody 12 fab'
#
loop_
_entity_poly.entity_id
_entity_poly.type
_entity_poly.pdbx_seq_one_letter_code
_entity_poly.pdbx_strand_id
1 'polypeptide(L)'
;TFATANSDTLCIGYHANNSTDTVDTVLEKNVTVTHSVNLLEDKHNGKLCKLRGVAPLHLGKCNIAGWILGNPECESLSTA
SSWSYIVETSSSDNGTCYPGDFIDYEELREQLSSVSSFERFEIFPKTSSWPNHDSNKGVTAACPHAGAKGFYKNLIWLVK
KGNSYPKLSKSYINDKGKEVLVLWGIHHPSTTADQQSLYQNADTYVFVGTSRYSKKFKPEIAIRPKVRDQEGRMNYYWTL
VEPGDKITFEATGNLVVPRYAFAMERNAGSGIIISDTPVHDCNTTCQTPKGAINTSLPFQNIHPITIGKCPKYVKSTKLR
LATGLRNVPSIQSR
;
A,E,F
2 'polypeptide(L)'
;GLFGAIAGFIEGGWTGMVDGWYGYHHQNEQGSGYAADLKSTQNAIDKITNKVNSVIEKMNTQFTAVGKEFNHLEKRIENL
NKKVDDGFLDIWTYNAELLVLLENERTLDYHDSNVKNLYEKVRNQLKNNAKEIGNGCFEFYHKCDNTCMESVKNGTYDYP
KYSEEAKLNREEIDGV
;
B,G,H
3 'polypeptide(L)'
;EVQLVESGGGLVQPGGSLRLSCAASGFTFSTYNMNWVRQAPGKGLEWLSYISTSSNTIYYADSVKGRFTISRDNAKNSLF
LQMNSLRDEDTAVYYCARDRGCSSTNCYVVGYYFYGMDVWGQGTTVTVSSASTKGPSVFPLAPSSKSTSGGTAALGCLVK
DYFPEPVTVSWNSGALTSGVHTFPAVLQSSGLYSLSSVVTVPSSSLGTQTYICNVNHKPSNTKVDKKVE
;
C,I,J
4 'polypeptide(L)'
;DIQMTQSPSSVSASVGDRVTITCRASQGISSYLAWYQLKPGRAPKLLIYGATRLQSGVPSRFSGSGSGTDFTLTISGLQP
EDFATYHCQQADSFPLTFGQGTRLEIKRTVAAPSVFIFPPSDEQLKSGTASVVCLLNNFYPREAKVQWKVDNALQSGNSQ
ESVTEQDSKDSTYSLSSTLTLSKADYEKHKVYACEVTHQGLSSPVTKSFNRGEC
;
D,K,L
#
# COMPACT_ATOMS: atom_id res chain seq x y z
N SER A 7 16.37 -49.84 13.33
CA SER A 7 15.63 -50.62 12.34
C SER A 7 14.42 -49.87 11.83
N ASP A 8 13.76 -49.13 12.73
CA ASP A 8 12.59 -48.36 12.37
C ASP A 8 12.98 -47.09 11.63
N THR A 9 11.99 -46.47 10.99
CA THR A 9 12.22 -45.27 10.19
C THR A 9 11.02 -44.34 10.37
N LEU A 10 11.26 -43.16 10.93
CA LEU A 10 10.24 -42.12 11.07
C LEU A 10 10.70 -40.90 10.29
N CYS A 11 10.05 -40.64 9.16
CA CYS A 11 10.42 -39.53 8.29
C CYS A 11 9.23 -38.59 8.15
N ILE A 12 9.50 -37.29 8.21
CA ILE A 12 8.46 -36.28 8.06
C ILE A 12 8.08 -36.18 6.59
N GLY A 13 6.79 -36.36 6.30
CA GLY A 13 6.28 -36.30 4.94
C GLY A 13 5.60 -34.98 4.66
N TYR A 14 5.61 -34.59 3.39
CA TYR A 14 4.96 -33.36 2.94
C TYR A 14 4.13 -33.65 1.70
N HIS A 15 3.17 -32.77 1.43
CA HIS A 15 2.23 -32.99 0.35
C HIS A 15 2.85 -32.64 -1.00
N ALA A 16 2.51 -33.43 -2.01
CA ALA A 16 2.92 -33.18 -3.39
C ALA A 16 1.92 -33.84 -4.32
N ASN A 17 1.71 -33.23 -5.48
CA ASN A 17 0.77 -33.75 -6.46
C ASN A 17 1.25 -33.38 -7.86
N ASN A 18 0.36 -33.54 -8.84
CA ASN A 18 0.66 -33.22 -10.23
C ASN A 18 0.06 -31.88 -10.65
N SER A 19 0.01 -30.90 -9.75
CA SER A 19 -0.55 -29.60 -10.07
C SER A 19 0.41 -28.81 -10.95
N THR A 20 -0.16 -28.01 -11.85
CA THR A 20 0.61 -27.20 -12.78
C THR A 20 0.48 -25.70 -12.51
N ASP A 21 -0.31 -25.31 -11.51
CA ASP A 21 -0.48 -23.90 -11.20
C ASP A 21 0.74 -23.37 -10.46
N THR A 22 1.31 -22.28 -10.97
CA THR A 22 2.51 -21.69 -10.42
C THR A 22 2.21 -20.31 -9.83
N VAL A 23 2.99 -19.95 -8.81
CA VAL A 23 2.84 -18.66 -8.13
C VAL A 23 4.15 -17.88 -8.29
N ASP A 24 4.12 -16.63 -7.84
CA ASP A 24 5.28 -15.74 -7.89
C ASP A 24 5.75 -15.44 -6.47
N THR A 25 7.02 -15.71 -6.20
CA THR A 25 7.62 -15.44 -4.91
C THR A 25 8.88 -14.58 -5.09
N VAL A 26 9.33 -13.97 -4.00
CA VAL A 26 10.53 -13.15 -4.04
C VAL A 26 11.79 -14.01 -4.13
N LEU A 27 11.74 -15.25 -3.65
CA LEU A 27 12.90 -16.13 -3.73
C LEU A 27 13.15 -16.59 -5.16
N GLU A 28 12.11 -16.96 -5.87
CA GLU A 28 12.23 -17.44 -7.23
C GLU A 28 10.91 -17.23 -7.96
N LYS A 29 11.00 -16.87 -9.23
CA LYS A 29 9.82 -16.73 -10.07
C LYS A 29 9.46 -18.07 -10.71
N ASN A 30 8.17 -18.23 -11.02
CA ASN A 30 7.58 -19.43 -11.64
C ASN A 30 7.84 -20.67 -10.78
N VAL A 31 7.29 -20.65 -9.58
CA VAL A 31 7.44 -21.74 -8.61
C VAL A 31 6.14 -22.52 -8.55
N THR A 32 6.21 -23.81 -8.85
CA THR A 32 5.04 -24.68 -8.81
C THR A 32 4.73 -25.07 -7.37
N VAL A 33 3.48 -24.87 -6.96
CA VAL A 33 3.04 -25.22 -5.62
C VAL A 33 2.00 -26.34 -5.73
N THR A 34 1.72 -26.97 -4.58
CA THR A 34 0.80 -28.11 -4.55
C THR A 34 -0.65 -27.64 -4.54
N HIS A 35 -1.04 -26.94 -3.49
CA HIS A 35 -2.39 -26.37 -3.38
C HIS A 35 -2.30 -24.86 -3.43
N SER A 36 -3.26 -24.24 -4.12
CA SER A 36 -3.26 -22.79 -4.28
C SER A 36 -4.68 -22.33 -4.57
N VAL A 37 -5.01 -21.15 -4.06
CA VAL A 37 -6.30 -20.52 -4.31
C VAL A 37 -6.06 -19.36 -5.27
N ASN A 38 -6.69 -19.43 -6.44
CA ASN A 38 -6.54 -18.42 -7.48
C ASN A 38 -7.26 -17.16 -7.03
N LEU A 39 -6.52 -16.19 -6.50
CA LEU A 39 -7.09 -14.94 -6.04
C LEU A 39 -7.41 -13.98 -7.18
N LEU A 40 -6.96 -14.27 -8.40
CA LEU A 40 -7.20 -13.43 -9.57
C LEU A 40 -8.26 -14.10 -10.42
N GLU A 41 -9.42 -13.46 -10.53
CA GLU A 41 -10.54 -14.00 -11.31
C GLU A 41 -10.26 -13.79 -12.80
N ASP A 42 -9.89 -14.86 -13.49
CA ASP A 42 -9.65 -14.81 -14.93
C ASP A 42 -10.80 -15.41 -15.73
N LYS A 43 -11.70 -16.13 -15.10
CA LYS A 43 -12.83 -16.76 -15.78
C LYS A 43 -14.03 -15.82 -15.79
N HIS A 44 -14.97 -16.11 -16.69
CA HIS A 44 -16.18 -15.32 -16.81
C HIS A 44 -17.28 -16.18 -17.40
N ASN A 45 -18.51 -15.98 -16.93
CA ASN A 45 -19.64 -16.79 -17.37
C ASN A 45 -20.22 -16.33 -18.70
N GLY A 46 -20.02 -15.07 -19.08
CA GLY A 46 -20.54 -14.58 -20.34
C GLY A 46 -22.00 -14.19 -20.31
N LYS A 47 -22.59 -14.03 -19.13
CA LYS A 47 -24.01 -13.73 -18.99
C LYS A 47 -24.20 -12.41 -18.25
N LEU A 48 -25.42 -11.92 -18.28
CA LEU A 48 -25.83 -10.72 -17.54
C LEU A 48 -26.74 -11.18 -16.41
N CYS A 49 -26.15 -11.41 -15.24
CA CYS A 49 -26.88 -11.93 -14.11
C CYS A 49 -27.47 -10.80 -13.27
N LYS A 50 -28.13 -11.15 -12.17
CA LYS A 50 -28.74 -10.18 -11.29
C LYS A 50 -27.77 -9.74 -10.21
N LEU A 51 -28.14 -8.66 -9.51
CA LEU A 51 -27.36 -8.13 -8.39
C LEU A 51 -28.29 -8.03 -7.19
N ARG A 52 -28.04 -8.87 -6.19
CA ARG A 52 -28.79 -8.91 -4.92
C ARG A 52 -30.28 -9.16 -5.15
N GLY A 53 -30.60 -10.04 -6.10
CA GLY A 53 -31.97 -10.39 -6.39
C GLY A 53 -32.71 -9.42 -7.29
N VAL A 54 -32.08 -8.34 -7.73
CA VAL A 54 -32.71 -7.34 -8.58
C VAL A 54 -32.30 -7.60 -10.01
N ALA A 55 -33.29 -7.79 -10.88
CA ALA A 55 -33.03 -8.06 -12.29
C ALA A 55 -32.59 -6.77 -12.99
N PRO A 56 -31.53 -6.79 -13.77
CA PRO A 56 -31.04 -5.57 -14.42
C PRO A 56 -31.91 -5.19 -15.63
N LEU A 57 -31.55 -4.08 -16.25
CA LEU A 57 -32.25 -3.54 -17.41
C LEU A 57 -31.35 -3.65 -18.63
N HIS A 58 -31.80 -4.41 -19.62
CA HIS A 58 -31.07 -4.57 -20.88
C HIS A 58 -31.84 -3.84 -21.98
N LEU A 59 -31.14 -3.00 -22.74
CA LEU A 59 -31.76 -2.22 -23.80
C LEU A 59 -31.49 -2.76 -25.19
N GLY A 60 -30.52 -3.64 -25.36
CA GLY A 60 -30.26 -4.23 -26.66
C GLY A 60 -29.46 -3.29 -27.53
N LYS A 61 -29.93 -3.07 -28.77
CA LYS A 61 -29.21 -2.27 -29.74
C LYS A 61 -29.26 -0.78 -29.44
N CYS A 62 -30.11 -0.33 -28.52
CA CYS A 62 -30.23 1.07 -28.17
C CYS A 62 -29.42 1.38 -26.91
N ASN A 63 -28.91 2.60 -26.85
CA ASN A 63 -28.15 3.07 -25.71
C ASN A 63 -29.10 3.73 -24.70
N ILE A 64 -28.52 4.44 -23.72
CA ILE A 64 -29.32 5.12 -22.70
C ILE A 64 -30.12 6.26 -23.31
N ALA A 65 -29.48 7.05 -24.19
CA ALA A 65 -30.13 8.19 -24.83
C ALA A 65 -31.25 7.78 -25.78
N GLY A 66 -31.21 6.55 -26.30
CA GLY A 66 -32.34 6.03 -27.06
C GLY A 66 -33.49 5.57 -26.19
N TRP A 67 -33.26 5.33 -24.91
CA TRP A 67 -34.29 4.87 -24.00
C TRP A 67 -34.89 5.99 -23.17
N ILE A 68 -34.06 6.94 -22.72
CA ILE A 68 -34.57 8.05 -21.90
C ILE A 68 -35.30 9.08 -22.74
N LEU A 69 -35.11 9.09 -24.06
CA LEU A 69 -35.81 10.03 -24.93
C LEU A 69 -36.93 9.38 -25.73
N GLY A 70 -36.96 8.06 -25.83
CA GLY A 70 -38.01 7.38 -26.55
C GLY A 70 -37.76 7.25 -28.04
N ASN A 71 -36.63 6.62 -28.40
CA ASN A 71 -36.33 6.38 -29.80
C ASN A 71 -37.28 5.32 -30.36
N PRO A 72 -37.83 5.54 -31.56
CA PRO A 72 -38.88 4.63 -32.06
C PRO A 72 -38.38 3.25 -32.47
N GLU A 73 -37.07 3.07 -32.64
CA GLU A 73 -36.54 1.75 -32.99
C GLU A 73 -36.31 0.86 -31.76
N CYS A 74 -36.60 1.36 -30.57
CA CYS A 74 -36.47 0.60 -29.32
C CYS A 74 -37.84 0.34 -28.71
N GLU A 75 -38.84 0.07 -29.56
CA GLU A 75 -40.21 -0.12 -29.07
C GLU A 75 -40.38 -1.46 -28.39
N SER A 76 -39.77 -2.52 -28.94
CA SER A 76 -39.87 -3.86 -28.37
C SER A 76 -38.96 -3.92 -27.14
N LEU A 77 -39.49 -3.45 -26.01
CA LEU A 77 -38.72 -3.37 -24.78
C LEU A 77 -39.68 -3.40 -23.60
N SER A 78 -39.36 -4.22 -22.60
CA SER A 78 -40.16 -4.33 -21.38
C SER A 78 -39.31 -3.85 -20.21
N THR A 79 -39.53 -2.61 -19.80
CA THR A 79 -38.77 -2.02 -18.71
C THR A 79 -39.29 -2.52 -17.37
N ALA A 80 -38.41 -3.06 -16.55
CA ALA A 80 -38.78 -3.58 -15.24
C ALA A 80 -38.94 -2.43 -14.24
N SER A 81 -39.46 -2.78 -13.06
CA SER A 81 -39.69 -1.80 -12.01
C SER A 81 -38.44 -1.48 -11.20
N SER A 82 -37.35 -2.23 -11.38
CA SER A 82 -36.11 -2.00 -10.67
C SER A 82 -34.97 -2.64 -11.44
N TRP A 83 -33.79 -2.03 -11.36
CA TRP A 83 -32.59 -2.58 -11.96
C TRP A 83 -31.38 -2.17 -11.15
N SER A 84 -30.23 -2.75 -11.50
CA SER A 84 -28.97 -2.43 -10.86
C SER A 84 -27.91 -1.89 -11.81
N TYR A 85 -28.01 -2.15 -13.11
CA TYR A 85 -27.07 -1.62 -14.09
C TYR A 85 -27.73 -1.62 -15.46
N ILE A 86 -27.20 -0.76 -16.33
CA ILE A 86 -27.70 -0.61 -17.70
C ILE A 86 -26.63 -1.14 -18.64
N VAL A 87 -27.03 -1.94 -19.62
CA VAL A 87 -26.13 -2.57 -20.58
C VAL A 87 -26.39 -1.98 -21.96
N GLU A 88 -25.35 -1.39 -22.54
CA GLU A 88 -25.36 -0.96 -23.93
C GLU A 88 -24.56 -1.94 -24.79
N THR A 89 -24.65 -1.77 -26.10
CA THR A 89 -23.92 -2.59 -27.04
C THR A 89 -22.85 -1.76 -27.74
N SER A 90 -21.95 -2.46 -28.43
CA SER A 90 -20.88 -1.79 -29.17
C SER A 90 -21.41 -1.12 -30.43
N SER A 91 -22.50 -1.65 -30.99
CA SER A 91 -23.14 -1.08 -32.17
C SER A 91 -24.34 -0.21 -31.80
N SER A 92 -24.29 0.47 -30.65
CA SER A 92 -25.40 1.30 -30.18
C SER A 92 -25.38 2.63 -30.94
N ASP A 93 -25.89 2.58 -32.17
CA ASP A 93 -26.02 3.76 -33.00
C ASP A 93 -27.46 4.24 -33.14
N ASN A 94 -28.44 3.45 -32.72
CA ASN A 94 -29.84 3.84 -32.79
C ASN A 94 -30.29 4.48 -31.47
N GLY A 95 -29.60 5.55 -31.10
CA GLY A 95 -29.92 6.30 -29.91
C GLY A 95 -30.59 7.62 -30.24
N THR A 96 -29.82 8.70 -30.22
CA THR A 96 -30.32 10.01 -30.63
C THR A 96 -30.46 10.01 -32.14
N CYS A 97 -31.68 9.76 -32.64
CA CYS A 97 -31.92 9.80 -34.07
C CYS A 97 -31.85 11.23 -34.61
N TYR A 98 -32.20 12.22 -33.78
CA TYR A 98 -31.95 13.61 -34.11
C TYR A 98 -30.70 14.08 -33.40
N PRO A 99 -29.74 14.68 -34.10
CA PRO A 99 -28.49 15.08 -33.44
C PRO A 99 -28.68 16.28 -32.52
N GLY A 100 -27.72 16.45 -31.63
CA GLY A 100 -27.77 17.55 -30.68
C GLY A 100 -26.70 17.41 -29.63
N ASP A 101 -26.56 18.45 -28.83
CA ASP A 101 -25.57 18.51 -27.76
C ASP A 101 -26.25 18.16 -26.45
N PHE A 102 -26.10 16.90 -26.03
CA PHE A 102 -26.69 16.42 -24.79
C PHE A 102 -25.86 16.96 -23.63
N ILE A 103 -26.30 18.08 -23.07
CA ILE A 103 -25.61 18.71 -21.95
C ILE A 103 -25.94 17.94 -20.67
N ASP A 104 -24.90 17.72 -19.84
CA ASP A 104 -24.97 16.96 -18.59
C ASP A 104 -25.47 15.54 -18.83
N TYR A 105 -25.01 14.95 -19.93
CA TYR A 105 -25.42 13.59 -20.29
C TYR A 105 -24.69 12.54 -19.48
N GLU A 106 -23.44 12.82 -19.08
CA GLU A 106 -22.66 11.85 -18.30
C GLU A 106 -23.16 11.73 -16.87
N GLU A 107 -23.81 12.77 -16.33
CA GLU A 107 -24.37 12.69 -14.99
C GLU A 107 -25.65 11.86 -14.96
N LEU A 108 -26.43 11.90 -16.05
CA LEU A 108 -27.68 11.15 -16.11
C LEU A 108 -27.46 9.67 -16.31
N ARG A 109 -26.32 9.26 -16.89
CA ARG A 109 -26.03 7.85 -17.06
C ARG A 109 -25.69 7.16 -15.74
N GLU A 110 -25.26 7.92 -14.74
CA GLU A 110 -24.99 7.38 -13.42
C GLU A 110 -26.17 7.51 -12.46
N GLN A 111 -27.05 8.50 -12.68
CA GLN A 111 -28.20 8.68 -11.81
C GLN A 111 -29.24 7.57 -12.04
N LEU A 112 -29.48 7.21 -13.30
CA LEU A 112 -30.39 6.14 -13.64
C LEU A 112 -29.72 4.77 -13.69
N SER A 113 -28.46 4.67 -13.23
CA SER A 113 -27.75 3.40 -13.33
C SER A 113 -28.22 2.41 -12.29
N SER A 114 -28.67 2.87 -11.12
CA SER A 114 -29.15 1.99 -10.06
C SER A 114 -30.43 2.60 -9.49
N VAL A 115 -31.57 2.13 -9.99
CA VAL A 115 -32.88 2.60 -9.53
C VAL A 115 -33.65 1.38 -9.02
N SER A 116 -34.08 1.45 -7.76
CA SER A 116 -34.82 0.35 -7.15
C SER A 116 -36.31 0.62 -7.00
N SER A 117 -36.77 1.84 -7.30
CA SER A 117 -38.17 2.22 -7.15
C SER A 117 -38.66 2.93 -8.40
N PHE A 118 -38.37 2.36 -9.57
CA PHE A 118 -38.76 2.95 -10.84
C PHE A 118 -40.26 2.79 -11.08
N GLU A 119 -40.88 3.85 -11.60
CA GLU A 119 -42.31 3.81 -11.94
C GLU A 119 -42.52 4.78 -13.10
N ARG A 120 -42.62 4.23 -14.31
CA ARG A 120 -42.80 5.03 -15.51
C ARG A 120 -44.26 5.48 -15.57
N PHE A 121 -44.52 6.67 -15.05
CA PHE A 121 -45.86 7.25 -15.05
C PHE A 121 -45.91 8.44 -16.01
N GLU A 122 -47.13 8.77 -16.42
CA GLU A 122 -47.36 9.86 -17.37
C GLU A 122 -47.57 11.15 -16.59
N ILE A 123 -46.63 12.09 -16.72
CA ILE A 123 -46.75 13.35 -15.99
C ILE A 123 -47.79 14.26 -16.65
N PHE A 124 -47.85 14.26 -17.97
CA PHE A 124 -48.85 15.04 -18.71
C PHE A 124 -49.62 14.12 -19.63
N PRO A 125 -50.91 13.89 -19.40
CA PRO A 125 -51.69 13.05 -20.32
C PRO A 125 -51.92 13.75 -21.65
N LYS A 126 -51.90 12.97 -22.73
CA LYS A 126 -52.01 13.52 -24.07
C LYS A 126 -53.43 13.92 -24.46
N THR A 127 -54.42 13.70 -23.58
CA THR A 127 -55.80 14.00 -23.92
C THR A 127 -56.09 15.50 -23.85
N SER A 128 -55.91 16.11 -22.69
CA SER A 128 -56.32 17.50 -22.47
C SER A 128 -55.24 18.28 -21.73
N SER A 129 -54.00 18.21 -22.21
CA SER A 129 -52.93 19.02 -21.64
C SER A 129 -52.66 20.26 -22.49
N TRP A 130 -52.39 20.07 -23.78
CA TRP A 130 -52.12 21.17 -24.71
C TRP A 130 -53.16 21.13 -25.83
N PRO A 131 -54.34 21.72 -25.61
CA PRO A 131 -55.35 21.72 -26.68
C PRO A 131 -55.09 22.74 -27.77
N ASN A 132 -54.24 23.74 -27.51
CA ASN A 132 -53.93 24.77 -28.49
C ASN A 132 -52.60 24.53 -29.21
N HIS A 133 -51.96 23.39 -28.96
CA HIS A 133 -50.67 23.05 -29.57
C HIS A 133 -50.78 21.68 -30.22
N ASP A 134 -50.28 21.58 -31.45
CA ASP A 134 -50.36 20.33 -32.19
C ASP A 134 -49.22 19.40 -31.77
N SER A 135 -49.56 18.16 -31.47
CA SER A 135 -48.59 17.15 -31.05
C SER A 135 -48.43 16.03 -32.08
N ASN A 136 -48.87 16.27 -33.31
CA ASN A 136 -48.78 15.26 -34.36
C ASN A 136 -48.02 15.73 -35.60
N LYS A 137 -47.99 17.04 -35.88
CA LYS A 137 -47.29 17.54 -37.05
C LYS A 137 -45.78 17.63 -36.84
N GLY A 138 -45.33 17.60 -35.59
CA GLY A 138 -43.91 17.69 -35.30
C GLY A 138 -43.18 16.37 -35.48
N VAL A 139 -43.02 15.94 -36.72
CA VAL A 139 -42.35 14.68 -37.03
C VAL A 139 -41.07 14.98 -37.80
N THR A 140 -40.28 13.92 -38.03
CA THR A 140 -39.05 14.05 -38.78
C THR A 140 -38.77 12.73 -39.50
N ALA A 141 -37.90 12.79 -40.50
CA ALA A 141 -37.53 11.61 -41.26
C ALA A 141 -36.41 10.82 -40.61
N ALA A 142 -35.66 11.44 -39.70
CA ALA A 142 -34.55 10.75 -39.05
C ALA A 142 -35.00 9.79 -37.96
N CYS A 143 -36.23 9.95 -37.46
CA CYS A 143 -36.78 9.10 -36.40
C CYS A 143 -38.03 8.41 -36.93
N PRO A 144 -37.89 7.29 -37.64
CA PRO A 144 -39.06 6.61 -38.19
C PRO A 144 -39.68 5.63 -37.22
N HIS A 145 -41.02 5.67 -37.15
CA HIS A 145 -41.74 4.73 -36.29
C HIS A 145 -41.76 3.33 -36.90
N ALA A 146 -42.30 3.20 -38.10
CA ALA A 146 -42.35 1.92 -38.81
C ALA A 146 -42.12 2.13 -40.30
N GLY A 147 -41.25 3.08 -40.65
CA GLY A 147 -40.97 3.43 -42.03
C GLY A 147 -41.47 4.81 -42.41
N ALA A 148 -42.54 5.28 -41.78
CA ALA A 148 -43.08 6.60 -42.05
C ALA A 148 -42.38 7.64 -41.18
N LYS A 149 -42.87 8.88 -41.25
CA LYS A 149 -42.29 9.96 -40.45
C LYS A 149 -42.82 9.91 -39.03
N GLY A 150 -41.96 10.20 -38.07
CA GLY A 150 -42.34 10.20 -36.69
C GLY A 150 -41.41 11.06 -35.84
N PHE A 151 -41.54 10.90 -34.53
CA PHE A 151 -40.70 11.63 -33.58
C PHE A 151 -40.53 10.76 -32.34
N TYR A 152 -40.04 11.35 -31.26
CA TYR A 152 -39.67 10.59 -30.07
C TYR A 152 -40.92 10.11 -29.32
N LYS A 153 -40.74 9.02 -28.57
CA LYS A 153 -41.85 8.45 -27.80
C LYS A 153 -42.03 9.16 -26.47
N ASN A 154 -40.95 9.37 -25.73
CA ASN A 154 -41.00 10.03 -24.44
C ASN A 154 -40.94 11.55 -24.53
N LEU A 155 -40.94 12.10 -25.74
CA LEU A 155 -40.89 13.53 -25.96
C LEU A 155 -42.00 13.93 -26.94
N ILE A 156 -42.40 15.19 -26.85
CA ILE A 156 -43.45 15.76 -27.71
C ILE A 156 -42.86 16.98 -28.40
N TRP A 157 -42.76 16.92 -29.72
CA TRP A 157 -42.24 18.04 -30.51
C TRP A 157 -43.40 18.96 -30.86
N LEU A 158 -43.56 20.03 -30.09
CA LEU A 158 -44.60 21.01 -30.36
C LEU A 158 -44.18 21.90 -31.52
N VAL A 159 -45.11 22.12 -32.45
CA VAL A 159 -44.88 22.96 -33.62
C VAL A 159 -46.01 23.98 -33.71
N LYS A 160 -45.97 24.77 -34.79
CA LYS A 160 -46.96 25.82 -34.99
C LYS A 160 -48.30 25.21 -35.39
N LYS A 161 -49.33 25.48 -34.59
CA LYS A 161 -50.69 25.02 -34.88
C LYS A 161 -51.46 26.20 -35.44
N GLY A 162 -51.60 26.24 -36.75
CA GLY A 162 -52.27 27.34 -37.43
C GLY A 162 -51.26 28.35 -37.97
N ASN A 163 -51.27 29.58 -37.44
CA ASN A 163 -50.36 30.62 -37.88
C ASN A 163 -49.75 31.37 -36.70
N SER A 164 -49.79 30.80 -35.50
CA SER A 164 -49.23 31.43 -34.32
C SER A 164 -48.82 30.34 -33.33
N TYR A 165 -48.31 30.77 -32.18
CA TYR A 165 -47.87 29.84 -31.14
C TYR A 165 -48.18 30.43 -29.77
N PRO A 166 -49.10 29.82 -29.01
CA PRO A 166 -49.43 30.34 -27.69
C PRO A 166 -48.31 30.07 -26.68
N LYS A 167 -48.32 30.87 -25.62
CA LYS A 167 -47.31 30.75 -24.58
C LYS A 167 -47.57 29.53 -23.70
N LEU A 168 -46.52 28.78 -23.40
CA LEU A 168 -46.61 27.57 -22.61
C LEU A 168 -46.40 27.87 -21.14
N SER A 169 -47.22 27.24 -20.28
CA SER A 169 -47.09 27.40 -18.84
C SER A 169 -47.62 26.11 -18.20
N LYS A 170 -46.70 25.23 -17.82
CA LYS A 170 -47.06 23.96 -17.21
C LYS A 170 -46.35 23.82 -15.87
N SER A 171 -46.89 22.94 -15.03
CA SER A 171 -46.33 22.69 -13.71
C SER A 171 -46.72 21.29 -13.27
N TYR A 172 -46.05 20.81 -12.23
CA TYR A 172 -46.31 19.48 -11.68
C TYR A 172 -45.89 19.46 -10.22
N ILE A 173 -46.82 19.10 -9.34
CA ILE A 173 -46.54 18.99 -7.91
C ILE A 173 -46.16 17.54 -7.61
N ASN A 174 -45.02 17.37 -6.93
CA ASN A 174 -44.53 16.03 -6.59
C ASN A 174 -45.39 15.46 -5.47
N ASP A 175 -46.33 14.58 -5.83
CA ASP A 175 -47.22 13.94 -4.88
C ASP A 175 -46.73 12.58 -4.44
N LYS A 176 -45.51 12.20 -4.81
CA LYS A 176 -44.92 10.92 -4.45
C LYS A 176 -43.88 11.12 -3.36
N GLY A 177 -43.44 10.00 -2.79
CA GLY A 177 -42.42 10.03 -1.75
C GLY A 177 -41.04 9.72 -2.27
N LYS A 178 -40.75 10.15 -3.50
CA LYS A 178 -39.47 9.90 -4.13
C LYS A 178 -39.21 10.98 -5.17
N GLU A 179 -38.01 10.96 -5.73
CA GLU A 179 -37.61 11.96 -6.72
C GLU A 179 -38.25 11.67 -8.07
N VAL A 180 -38.56 12.74 -8.79
CA VAL A 180 -39.18 12.66 -10.11
C VAL A 180 -38.20 13.26 -11.12
N LEU A 181 -37.83 12.45 -12.11
CA LEU A 181 -36.88 12.87 -13.14
C LEU A 181 -37.65 13.35 -14.37
N VAL A 182 -37.32 14.56 -14.82
CA VAL A 182 -38.00 15.20 -15.95
C VAL A 182 -36.96 15.50 -17.03
N LEU A 183 -37.24 15.05 -18.25
CA LEU A 183 -36.36 15.27 -19.39
C LEU A 183 -37.10 16.10 -20.44
N TRP A 184 -36.44 17.15 -20.92
CA TRP A 184 -36.97 17.99 -21.99
C TRP A 184 -35.87 18.24 -23.01
N GLY A 185 -36.19 19.03 -24.04
CA GLY A 185 -35.24 19.32 -25.09
C GLY A 185 -35.39 20.74 -25.58
N ILE A 186 -34.28 21.26 -26.12
CA ILE A 186 -34.22 22.61 -26.69
C ILE A 186 -33.88 22.46 -28.16
N HIS A 187 -34.83 22.81 -29.03
CA HIS A 187 -34.64 22.63 -30.47
C HIS A 187 -33.81 23.76 -31.04
N HIS A 188 -32.83 23.41 -31.87
CA HIS A 188 -32.00 24.38 -32.58
C HIS A 188 -32.22 24.21 -34.08
N PRO A 189 -33.07 25.03 -34.70
CA PRO A 189 -33.31 24.89 -36.14
C PRO A 189 -32.12 25.36 -36.96
N SER A 190 -32.12 24.94 -38.23
CA SER A 190 -30.99 25.24 -39.12
C SER A 190 -31.07 26.67 -39.65
N THR A 191 -32.12 26.99 -40.40
CA THR A 191 -32.26 28.29 -41.03
C THR A 191 -33.38 29.10 -40.37
N THR A 192 -33.36 30.41 -40.62
CA THR A 192 -34.39 31.28 -40.08
C THR A 192 -35.75 31.08 -40.74
N ALA A 193 -35.76 30.53 -41.97
CA ALA A 193 -37.04 30.21 -42.60
C ALA A 193 -37.69 29.00 -41.94
N ASP A 194 -36.89 28.09 -41.38
CA ASP A 194 -37.43 26.95 -40.65
C ASP A 194 -37.91 27.33 -39.25
N GLN A 195 -37.45 28.47 -38.72
CA GLN A 195 -37.90 28.91 -37.41
C GLN A 195 -39.33 29.44 -37.47
N GLN A 196 -39.63 30.28 -38.46
CA GLN A 196 -40.98 30.83 -38.60
C GLN A 196 -41.96 29.80 -39.15
N SER A 197 -41.49 28.81 -39.90
CA SER A 197 -42.38 27.80 -40.45
C SER A 197 -42.79 26.76 -39.41
N LEU A 198 -42.06 26.65 -38.30
CA LEU A 198 -42.37 25.68 -37.26
C LEU A 198 -42.82 26.31 -35.95
N TYR A 199 -42.48 27.57 -35.69
CA TYR A 199 -42.85 28.22 -34.44
C TYR A 199 -43.42 29.62 -34.59
N GLN A 200 -43.17 30.31 -35.72
CA GLN A 200 -43.65 31.67 -36.01
C GLN A 200 -43.22 32.68 -34.94
N ASN A 201 -42.04 32.49 -34.36
CA ASN A 201 -41.54 33.38 -33.32
C ASN A 201 -40.02 33.50 -33.47
N ALA A 202 -39.53 34.73 -33.60
CA ALA A 202 -38.10 34.95 -33.76
C ALA A 202 -37.38 34.91 -32.42
N ASP A 203 -37.76 35.80 -31.50
CA ASP A 203 -37.13 35.89 -30.19
C ASP A 203 -37.82 34.91 -29.25
N THR A 204 -37.21 33.75 -29.05
CA THR A 204 -37.73 32.72 -28.16
C THR A 204 -36.82 32.54 -26.96
N TYR A 205 -37.40 32.06 -25.86
CA TYR A 205 -36.66 31.80 -24.64
C TYR A 205 -37.37 30.70 -23.87
N VAL A 206 -36.59 29.81 -23.27
CA VAL A 206 -37.11 28.68 -22.50
C VAL A 206 -36.63 28.81 -21.06
N PHE A 207 -37.56 28.69 -20.11
CA PHE A 207 -37.25 28.76 -18.69
C PHE A 207 -37.66 27.46 -18.02
N VAL A 208 -36.79 26.92 -17.18
CA VAL A 208 -37.07 25.76 -16.34
C VAL A 208 -36.73 26.15 -14.91
N GLY A 209 -37.71 26.13 -14.03
CA GLY A 209 -37.51 26.59 -12.67
C GLY A 209 -37.97 25.63 -11.59
N THR A 210 -37.09 25.37 -10.62
CA THR A 210 -37.42 24.55 -9.47
C THR A 210 -37.09 25.32 -8.19
N SER A 211 -37.16 24.65 -7.05
CA SER A 211 -36.77 25.28 -5.79
C SER A 211 -35.27 25.42 -5.65
N ARG A 212 -34.50 24.66 -6.42
CA ARG A 212 -33.04 24.69 -6.37
C ARG A 212 -32.40 25.37 -7.57
N TYR A 213 -32.94 25.16 -8.76
CA TYR A 213 -32.31 25.62 -10.00
C TYR A 213 -33.29 26.42 -10.84
N SER A 214 -32.77 27.43 -11.54
CA SER A 214 -33.53 28.21 -12.49
C SER A 214 -32.61 28.53 -13.66
N LYS A 215 -32.79 27.84 -14.77
CA LYS A 215 -31.90 27.93 -15.91
C LYS A 215 -32.51 28.77 -17.02
N LYS A 216 -31.63 29.33 -17.86
CA LYS A 216 -32.04 30.12 -19.02
C LYS A 216 -31.53 29.44 -20.28
N PHE A 217 -32.42 29.25 -21.25
CA PHE A 217 -32.08 28.58 -22.50
C PHE A 217 -32.34 29.54 -23.67
N LYS A 218 -31.41 29.56 -24.62
CA LYS A 218 -31.53 30.41 -25.79
C LYS A 218 -31.05 29.66 -27.02
N PRO A 219 -31.96 29.25 -27.92
CA PRO A 219 -31.54 28.49 -29.10
C PRO A 219 -30.85 29.36 -30.13
N GLU A 220 -29.81 28.80 -30.75
CA GLU A 220 -29.06 29.47 -31.79
C GLU A 220 -29.48 28.93 -33.15
N ILE A 221 -29.76 29.84 -34.09
CA ILE A 221 -30.21 29.48 -35.42
C ILE A 221 -29.03 29.69 -36.37
N ALA A 222 -28.41 28.59 -36.80
CA ALA A 222 -27.27 28.66 -37.70
C ALA A 222 -27.17 27.35 -38.47
N ILE A 223 -26.39 27.38 -39.54
CA ILE A 223 -26.26 26.24 -40.44
C ILE A 223 -25.23 25.27 -39.86
N ARG A 224 -25.70 24.10 -39.44
CA ARG A 224 -24.86 23.04 -38.91
C ARG A 224 -24.46 22.07 -40.03
N PRO A 225 -23.37 21.32 -39.86
CA PRO A 225 -23.05 20.26 -40.82
C PRO A 225 -24.10 19.16 -40.83
N LYS A 226 -24.25 18.54 -42.00
CA LYS A 226 -25.30 17.55 -42.22
C LYS A 226 -24.92 16.24 -41.54
N VAL A 227 -25.61 15.92 -40.45
CA VAL A 227 -25.43 14.66 -39.73
C VAL A 227 -26.78 13.94 -39.74
N ARG A 228 -26.79 12.72 -40.32
CA ARG A 228 -27.99 11.88 -40.48
C ARG A 228 -29.10 12.61 -41.24
N ASP A 229 -28.70 13.34 -42.30
CA ASP A 229 -29.58 14.11 -43.17
C ASP A 229 -30.40 15.16 -42.41
N GLN A 230 -29.82 15.73 -41.35
CA GLN A 230 -30.47 16.75 -40.54
C GLN A 230 -29.48 17.89 -40.31
N GLU A 231 -29.84 19.09 -40.74
CA GLU A 231 -29.00 20.27 -40.60
C GLU A 231 -29.24 21.01 -39.29
N GLY A 232 -30.05 20.45 -38.38
CA GLY A 232 -30.34 21.06 -37.11
C GLY A 232 -29.83 20.25 -35.93
N ARG A 233 -29.97 20.84 -34.76
CA ARG A 233 -29.55 20.22 -33.50
C ARG A 233 -30.69 20.31 -32.49
N MET A 234 -30.54 19.56 -31.40
CA MET A 234 -31.54 19.57 -30.32
C MET A 234 -30.83 19.21 -29.02
N ASN A 235 -30.62 20.20 -28.17
CA ASN A 235 -29.96 19.98 -26.89
C ASN A 235 -30.96 19.48 -25.86
N TYR A 236 -30.63 18.35 -25.23
CA TYR A 236 -31.49 17.73 -24.23
C TYR A 236 -30.96 18.05 -22.84
N TYR A 237 -31.85 18.46 -21.94
CA TYR A 237 -31.51 18.80 -20.57
C TYR A 237 -32.35 17.97 -19.61
N TRP A 238 -31.97 17.98 -18.33
CA TRP A 238 -32.68 17.24 -17.31
C TRP A 238 -32.46 17.89 -15.95
N THR A 239 -33.37 17.60 -15.03
CA THR A 239 -33.25 18.04 -13.64
C THR A 239 -34.01 17.08 -12.76
N LEU A 240 -33.78 17.21 -11.45
CA LEU A 240 -34.47 16.40 -10.45
C LEU A 240 -35.52 17.24 -9.73
N VAL A 241 -36.60 16.59 -9.33
CA VAL A 241 -37.69 17.23 -8.59
C VAL A 241 -37.78 16.59 -7.22
N GLU A 242 -37.59 17.41 -6.18
CA GLU A 242 -37.68 16.93 -4.82
C GLU A 242 -39.14 16.63 -4.46
N PRO A 243 -39.37 15.71 -3.52
CA PRO A 243 -40.75 15.49 -3.03
C PRO A 243 -41.26 16.71 -2.28
N GLY A 244 -42.31 17.32 -2.83
CA GLY A 244 -42.83 18.57 -2.34
C GLY A 244 -42.50 19.77 -3.21
N ASP A 245 -41.54 19.64 -4.11
CA ASP A 245 -41.18 20.72 -5.02
C ASP A 245 -42.07 20.68 -6.25
N LYS A 246 -42.36 21.88 -6.78
CA LYS A 246 -43.20 22.03 -7.97
C LYS A 246 -42.33 22.55 -9.11
N ILE A 247 -42.30 21.79 -10.20
CA ILE A 247 -41.55 22.21 -11.38
C ILE A 247 -42.33 23.28 -12.14
N THR A 248 -41.63 24.05 -12.96
CA THR A 248 -42.24 25.16 -13.69
C THR A 248 -41.60 25.25 -15.07
N PHE A 249 -42.42 25.20 -16.11
CA PHE A 249 -41.99 25.40 -17.48
C PHE A 249 -42.67 26.64 -18.06
N GLU A 250 -41.90 27.46 -18.77
CA GLU A 250 -42.42 28.69 -19.35
C GLU A 250 -41.58 29.02 -20.56
N ALA A 251 -42.16 28.87 -21.76
CA ALA A 251 -41.44 29.13 -23.00
C ALA A 251 -42.41 29.59 -24.06
N THR A 252 -41.88 30.35 -25.02
CA THR A 252 -42.66 30.84 -26.16
C THR A 252 -42.24 30.22 -27.47
N GLY A 253 -41.47 29.13 -27.43
CA GLY A 253 -41.03 28.47 -28.64
C GLY A 253 -39.80 27.62 -28.38
N ASN A 254 -39.59 26.65 -29.29
CA ASN A 254 -38.45 25.74 -29.30
C ASN A 254 -38.33 24.92 -28.01
N LEU A 255 -39.46 24.57 -27.42
CA LEU A 255 -39.50 23.75 -26.21
C LEU A 255 -40.05 22.37 -26.57
N VAL A 256 -39.33 21.34 -26.14
CA VAL A 256 -39.77 19.96 -26.29
C VAL A 256 -40.34 19.53 -24.95
N VAL A 257 -41.67 19.55 -24.83
CA VAL A 257 -42.34 19.25 -23.57
C VAL A 257 -42.27 17.75 -23.29
N PRO A 258 -42.18 17.32 -22.04
CA PRO A 258 -42.12 15.90 -21.74
C PRO A 258 -43.49 15.24 -21.82
N ARG A 259 -43.47 13.95 -22.12
CA ARG A 259 -44.68 13.13 -22.14
C ARG A 259 -44.78 12.19 -20.94
N TYR A 260 -43.70 11.51 -20.59
CA TYR A 260 -43.64 10.65 -19.43
C TYR A 260 -42.54 11.12 -18.48
N ALA A 261 -42.67 10.75 -17.21
CA ALA A 261 -41.68 11.06 -16.20
C ALA A 261 -41.19 9.76 -15.57
N PHE A 262 -40.00 9.83 -14.99
CA PHE A 262 -39.35 8.66 -14.39
C PHE A 262 -39.20 8.91 -12.89
N ALA A 263 -40.13 8.38 -12.11
CA ALA A 263 -40.04 8.46 -10.65
C ALA A 263 -38.99 7.47 -10.16
N MET A 264 -37.97 7.97 -9.48
CA MET A 264 -36.83 7.14 -9.09
C MET A 264 -36.46 7.43 -7.64
N GLU A 265 -35.78 6.46 -7.03
CA GLU A 265 -35.28 6.59 -5.66
C GLU A 265 -34.11 5.64 -5.51
N ARG A 266 -32.95 6.20 -5.14
CA ARG A 266 -31.74 5.40 -5.01
C ARG A 266 -31.04 5.64 -3.67
N ASN A 267 -29.86 5.08 -3.50
CA ASN A 267 -29.10 5.25 -2.27
C ASN A 267 -28.37 6.59 -2.28
N SER A 270 -23.08 2.39 -9.35
CA SER A 270 -23.37 1.76 -10.63
C SER A 270 -23.08 2.71 -11.79
N GLY A 271 -22.86 2.15 -12.97
CA GLY A 271 -22.55 2.95 -14.16
C GLY A 271 -23.13 2.34 -15.40
N ILE A 272 -22.36 2.34 -16.49
CA ILE A 272 -22.78 1.81 -17.77
C ILE A 272 -21.84 0.69 -18.17
N ILE A 273 -22.33 -0.23 -19.00
CA ILE A 273 -21.55 -1.34 -19.52
C ILE A 273 -21.85 -1.47 -21.01
N ILE A 274 -20.80 -1.49 -21.83
CA ILE A 274 -20.90 -1.67 -23.27
C ILE A 274 -20.41 -3.07 -23.59
N SER A 275 -21.33 -3.96 -23.97
CA SER A 275 -21.00 -5.36 -24.19
C SER A 275 -22.05 -5.99 -25.10
N ASP A 276 -21.77 -7.22 -25.52
CA ASP A 276 -22.68 -7.99 -26.38
C ASP A 276 -23.06 -9.33 -25.74
N THR A 277 -23.02 -9.40 -24.42
CA THR A 277 -23.35 -10.64 -23.72
C THR A 277 -24.86 -10.76 -23.54
N PRO A 278 -25.41 -11.97 -23.66
CA PRO A 278 -26.86 -12.14 -23.48
C PRO A 278 -27.26 -12.06 -22.01
N VAL A 279 -28.58 -12.06 -21.80
CA VAL A 279 -29.17 -11.91 -20.48
C VAL A 279 -29.72 -13.26 -20.03
N HIS A 280 -29.51 -13.57 -18.74
CA HIS A 280 -30.01 -14.80 -18.15
C HIS A 280 -30.56 -14.49 -16.76
N ASP A 281 -31.15 -15.51 -16.14
CA ASP A 281 -31.78 -15.37 -14.83
C ASP A 281 -30.86 -15.78 -13.69
N CYS A 282 -29.55 -15.67 -13.89
CA CYS A 282 -28.58 -16.01 -12.86
C CYS A 282 -28.44 -14.85 -11.87
N ASN A 283 -27.63 -15.06 -10.84
CA ASN A 283 -27.41 -14.05 -9.81
C ASN A 283 -25.94 -14.01 -9.45
N THR A 284 -25.43 -12.79 -9.22
CA THR A 284 -24.02 -12.59 -8.88
C THR A 284 -23.90 -11.36 -7.99
N THR A 285 -22.66 -11.05 -7.61
CA THR A 285 -22.37 -9.88 -6.79
C THR A 285 -21.61 -8.78 -7.52
N CYS A 286 -21.02 -9.08 -8.68
CA CYS A 286 -20.28 -8.08 -9.45
C CYS A 286 -20.54 -8.30 -10.93
N GLN A 287 -20.50 -7.22 -11.70
CA GLN A 287 -20.77 -7.28 -13.13
C GLN A 287 -19.59 -6.72 -13.91
N THR A 288 -19.30 -7.35 -15.04
CA THR A 288 -18.25 -6.96 -15.96
C THR A 288 -18.78 -7.11 -17.39
N PRO A 289 -18.27 -6.31 -18.34
CA PRO A 289 -18.77 -6.44 -19.73
C PRO A 289 -18.36 -7.74 -20.40
N LYS A 290 -17.16 -8.26 -20.12
CA LYS A 290 -16.68 -9.47 -20.77
C LYS A 290 -17.20 -10.75 -20.10
N GLY A 291 -18.16 -10.66 -19.21
CA GLY A 291 -18.76 -11.85 -18.62
C GLY A 291 -19.18 -11.60 -17.19
N ALA A 292 -20.00 -12.52 -16.68
CA ALA A 292 -20.43 -12.47 -15.30
C ALA A 292 -19.32 -12.95 -14.38
N ILE A 293 -19.26 -12.34 -13.19
CA ILE A 293 -18.20 -12.61 -12.23
C ILE A 293 -18.84 -12.77 -10.85
N ASN A 294 -18.59 -13.90 -10.20
CA ASN A 294 -19.10 -14.19 -8.86
C ASN A 294 -17.91 -14.28 -7.91
N THR A 295 -17.49 -13.13 -7.39
CA THR A 295 -16.36 -13.00 -6.49
C THR A 295 -16.75 -12.12 -5.31
N SER A 296 -16.45 -12.49 -4.05
CA SER A 296 -15.71 -13.63 -3.43
C SER A 296 -14.26 -13.88 -3.87
N LEU A 297 -13.57 -12.81 -4.28
CA LEU A 297 -12.14 -12.75 -4.56
C LEU A 297 -11.68 -11.31 -4.39
N PRO A 298 -10.44 -11.05 -3.94
CA PRO A 298 -10.01 -9.66 -3.73
C PRO A 298 -9.71 -8.91 -5.02
N PHE A 299 -9.22 -9.59 -6.05
CA PHE A 299 -8.76 -8.92 -7.26
C PHE A 299 -9.35 -9.54 -8.51
N GLN A 300 -9.33 -8.76 -9.60
CA GLN A 300 -9.71 -9.24 -10.92
C GLN A 300 -8.80 -8.55 -11.94
N ASN A 301 -8.80 -9.09 -13.17
CA ASN A 301 -7.93 -8.55 -14.21
C ASN A 301 -8.62 -8.53 -15.58
N ILE A 302 -9.94 -8.39 -15.61
CA ILE A 302 -10.67 -8.49 -16.86
C ILE A 302 -10.97 -7.11 -17.44
N HIS A 303 -11.68 -6.27 -16.68
CA HIS A 303 -12.07 -4.97 -17.21
C HIS A 303 -12.15 -3.96 -16.07
N PRO A 304 -11.70 -2.72 -16.30
CA PRO A 304 -11.76 -1.72 -15.21
C PRO A 304 -13.16 -1.21 -14.95
N ILE A 305 -14.04 -1.19 -15.95
CA ILE A 305 -15.40 -0.68 -15.78
C ILE A 305 -16.21 -1.78 -15.07
N THR A 306 -16.37 -1.63 -13.75
CA THR A 306 -17.07 -2.60 -12.93
C THR A 306 -18.20 -1.93 -12.18
N ILE A 307 -19.27 -2.69 -11.92
CA ILE A 307 -20.49 -2.18 -11.31
C ILE A 307 -20.86 -3.08 -10.15
N GLY A 308 -20.93 -2.50 -8.95
CA GLY A 308 -21.35 -3.20 -7.76
C GLY A 308 -20.21 -3.46 -6.79
N LYS A 309 -20.44 -4.41 -5.89
CA LYS A 309 -19.43 -4.84 -4.94
C LYS A 309 -18.42 -5.70 -5.70
N CYS A 310 -17.45 -5.03 -6.31
CA CYS A 310 -16.54 -5.65 -7.25
C CYS A 310 -15.11 -5.67 -6.73
N PRO A 311 -14.31 -6.68 -7.11
CA PRO A 311 -12.90 -6.68 -6.72
C PRO A 311 -12.07 -5.65 -7.46
N LYS A 312 -10.82 -5.48 -7.04
CA LYS A 312 -9.92 -4.50 -7.65
C LYS A 312 -9.44 -4.99 -9.01
N TYR A 313 -9.24 -4.03 -9.92
CA TYR A 313 -8.77 -4.33 -11.28
C TYR A 313 -7.27 -4.09 -11.35
N VAL A 314 -6.54 -5.10 -11.83
CA VAL A 314 -5.09 -5.03 -12.00
C VAL A 314 -4.77 -5.24 -13.47
N LYS A 315 -3.51 -4.99 -13.82
CA LYS A 315 -2.99 -5.27 -15.15
C LYS A 315 -2.17 -6.55 -15.21
N SER A 316 -2.08 -7.28 -14.10
CA SER A 316 -1.31 -8.52 -14.08
C SER A 316 -2.10 -9.65 -14.75
N THR A 317 -1.38 -10.72 -15.06
CA THR A 317 -1.98 -11.92 -15.64
C THR A 317 -2.08 -13.08 -14.66
N LYS A 318 -1.36 -13.02 -13.54
CA LYS A 318 -1.42 -14.09 -12.55
C LYS A 318 -1.14 -13.51 -11.17
N LEU A 319 -2.12 -13.62 -10.28
CA LEU A 319 -2.00 -13.20 -8.88
C LEU A 319 -2.44 -14.33 -7.97
N ARG A 320 -1.95 -15.53 -8.25
CA ARG A 320 -2.34 -16.71 -7.51
C ARG A 320 -1.62 -16.76 -6.17
N LEU A 321 -2.39 -16.81 -5.08
CA LEU A 321 -1.83 -16.87 -3.74
C LEU A 321 -1.58 -18.32 -3.37
N ALA A 322 -0.34 -18.65 -3.05
CA ALA A 322 0.02 -20.02 -2.68
C ALA A 322 -0.46 -20.33 -1.28
N THR A 323 -1.03 -21.52 -1.12
CA THR A 323 -1.48 -22.02 0.18
C THR A 323 -0.70 -23.24 0.65
N GLY A 324 -0.28 -24.11 -0.27
CA GLY A 324 0.45 -25.31 0.05
C GLY A 324 1.95 -25.14 -0.09
N LEU A 325 2.66 -26.25 0.01
CA LEU A 325 4.11 -26.25 -0.07
C LEU A 325 4.58 -26.21 -1.51
N ARG A 326 5.89 -26.16 -1.70
CA ARG A 326 6.47 -26.13 -3.04
C ARG A 326 6.39 -27.52 -3.66
N ASN A 327 5.84 -27.59 -4.87
CA ASN A 327 5.60 -28.87 -5.55
C ASN A 327 6.91 -29.37 -6.16
N VAL A 328 7.67 -30.09 -5.34
CA VAL A 328 8.90 -30.75 -5.79
C VAL A 328 8.79 -32.22 -5.44
N PRO A 329 8.83 -33.15 -6.42
CA PRO A 329 8.74 -34.58 -6.15
C PRO A 329 10.01 -35.15 -5.55
N ALA B 5 11.52 -25.65 3.65
CA ALA B 5 12.85 -26.25 3.47
C ALA B 5 12.88 -27.12 2.21
N ILE B 6 12.03 -26.78 1.24
CA ILE B 6 11.97 -27.52 -0.01
C ILE B 6 13.17 -27.13 -0.88
N ALA B 7 13.77 -28.13 -1.54
CA ALA B 7 15.00 -28.02 -2.33
C ALA B 7 16.15 -27.43 -1.51
N GLY B 8 16.21 -27.83 -0.24
CA GLY B 8 17.24 -27.38 0.68
C GLY B 8 17.80 -28.54 1.48
N PHE B 9 17.69 -28.45 2.81
CA PHE B 9 18.04 -29.57 3.67
C PHE B 9 17.10 -30.75 3.45
N ILE B 10 15.84 -30.48 3.13
CA ILE B 10 14.86 -31.49 2.75
C ILE B 10 14.73 -31.48 1.24
N GLU B 11 14.57 -32.66 0.64
CA GLU B 11 14.49 -32.76 -0.82
C GLU B 11 13.19 -32.19 -1.36
N GLY B 12 12.05 -32.70 -0.88
CA GLY B 12 10.78 -32.20 -1.34
C GLY B 12 9.64 -32.99 -0.73
N GLY B 13 8.44 -32.69 -1.22
CA GLY B 13 7.25 -33.37 -0.74
C GLY B 13 7.03 -34.72 -1.40
N TRP B 14 6.05 -35.45 -0.89
CA TRP B 14 5.72 -36.78 -1.37
C TRP B 14 4.29 -36.82 -1.86
N THR B 15 4.03 -37.73 -2.80
CA THR B 15 2.70 -37.88 -3.38
C THR B 15 1.88 -38.99 -2.72
N GLY B 16 2.46 -39.71 -1.76
CA GLY B 16 1.72 -40.77 -1.10
C GLY B 16 0.74 -40.27 -0.05
N MET B 17 1.07 -39.17 0.62
CA MET B 17 0.21 -38.59 1.65
C MET B 17 -0.59 -37.45 1.02
N VAL B 18 -1.86 -37.73 0.71
CA VAL B 18 -2.75 -36.75 0.13
C VAL B 18 -3.85 -36.35 1.11
N ASP B 19 -3.72 -36.69 2.38
CA ASP B 19 -4.71 -36.39 3.40
C ASP B 19 -4.33 -35.18 4.25
N GLY B 20 -3.61 -34.23 3.68
CA GLY B 20 -3.20 -33.05 4.40
C GLY B 20 -1.91 -32.49 3.83
N TRP B 21 -1.35 -31.53 4.55
CA TRP B 21 -0.11 -30.87 4.14
C TRP B 21 1.12 -31.54 4.77
N TYR B 22 1.15 -31.61 6.09
CA TYR B 22 2.27 -32.19 6.82
C TYR B 22 1.84 -33.50 7.47
N GLY B 23 2.84 -34.29 7.86
CA GLY B 23 2.57 -35.56 8.51
C GLY B 23 3.83 -36.37 8.69
N TYR B 24 3.65 -37.68 8.83
CA TYR B 24 4.76 -38.60 9.03
C TYR B 24 4.53 -39.86 8.20
N HIS B 25 5.62 -40.59 7.96
CA HIS B 25 5.58 -41.85 7.24
C HIS B 25 6.05 -42.95 8.18
N HIS B 26 5.14 -43.84 8.56
CA HIS B 26 5.46 -44.90 9.50
C HIS B 26 6.19 -46.04 8.80
N GLN B 27 7.18 -46.60 9.48
CA GLN B 27 7.94 -47.72 8.95
C GLN B 27 8.49 -48.51 10.14
N ASN B 28 7.85 -49.63 10.46
CA ASN B 28 8.28 -50.48 11.56
C ASN B 28 7.87 -51.92 11.22
N GLU B 29 7.95 -52.80 12.22
CA GLU B 29 7.65 -54.20 12.03
C GLU B 29 6.14 -54.48 11.93
N GLN B 30 5.30 -53.55 12.41
CA GLN B 30 3.87 -53.78 12.39
C GLN B 30 3.25 -53.42 11.04
N GLY B 31 3.84 -52.47 10.32
CA GLY B 31 3.30 -52.09 9.02
C GLY B 31 3.96 -50.84 8.51
N SER B 32 3.32 -50.23 7.51
CA SER B 32 3.81 -49.01 6.89
C SER B 32 2.65 -48.28 6.25
N GLY B 33 2.88 -47.03 5.91
CA GLY B 33 1.86 -46.21 5.30
C GLY B 33 2.06 -44.75 5.63
N TYR B 34 1.21 -43.92 5.02
CA TYR B 34 1.25 -42.48 5.20
C TYR B 34 0.17 -42.04 6.18
N ALA B 35 0.50 -41.03 6.97
CA ALA B 35 -0.44 -40.50 7.97
C ALA B 35 -0.15 -39.02 8.20
N ALA B 36 -1.19 -38.20 8.05
CA ALA B 36 -1.07 -36.76 8.26
C ALA B 36 -1.51 -36.41 9.68
N ASP B 37 -0.98 -35.29 10.17
CA ASP B 37 -1.31 -34.82 11.51
C ASP B 37 -2.65 -34.10 11.48
N LEU B 38 -3.46 -34.32 12.52
CA LEU B 38 -4.76 -33.67 12.60
C LEU B 38 -4.71 -32.34 13.34
N LYS B 39 -3.69 -32.15 14.19
CA LYS B 39 -3.59 -30.93 15.00
C LYS B 39 -2.76 -29.85 14.30
N SER B 40 -1.61 -30.21 13.75
CA SER B 40 -0.73 -29.22 13.15
C SER B 40 -1.23 -28.76 11.78
N THR B 41 -1.90 -29.64 11.04
CA THR B 41 -2.37 -29.26 9.70
C THR B 41 -3.62 -28.40 9.79
N GLN B 42 -4.53 -28.71 10.72
CA GLN B 42 -5.77 -27.94 10.84
C GLN B 42 -5.53 -26.54 11.39
N ASN B 43 -4.54 -26.40 12.29
CA ASN B 43 -4.21 -25.07 12.78
C ASN B 43 -3.52 -24.24 11.72
N ALA B 44 -2.63 -24.85 10.93
CA ALA B 44 -1.91 -24.14 9.88
C ALA B 44 -2.81 -23.81 8.69
N ILE B 45 -3.88 -24.55 8.49
CA ILE B 45 -4.84 -24.21 7.43
C ILE B 45 -5.58 -22.93 7.78
N ASP B 46 -5.93 -22.76 9.07
CA ASP B 46 -6.63 -21.56 9.52
C ASP B 46 -5.76 -20.31 9.45
N LYS B 47 -4.43 -20.46 9.42
CA LYS B 47 -3.57 -19.31 9.21
C LYS B 47 -3.68 -18.82 7.76
N ILE B 48 -3.71 -19.75 6.82
CA ILE B 48 -3.76 -19.39 5.40
C ILE B 48 -5.19 -19.04 4.99
N THR B 49 -6.18 -19.68 5.61
CA THR B 49 -7.57 -19.39 5.27
C THR B 49 -8.00 -18.01 5.78
N ASN B 50 -7.49 -17.59 6.93
CA ASN B 50 -7.70 -16.22 7.37
C ASN B 50 -6.87 -15.22 6.58
N LYS B 51 -5.78 -15.68 5.94
CA LYS B 51 -4.98 -14.79 5.10
C LYS B 51 -5.70 -14.44 3.82
N VAL B 52 -6.43 -15.41 3.23
CA VAL B 52 -7.25 -15.13 2.06
C VAL B 52 -8.43 -14.24 2.42
N ASN B 53 -9.03 -14.48 3.59
CA ASN B 53 -10.12 -13.64 4.07
C ASN B 53 -9.64 -12.30 4.61
N SER B 54 -8.33 -12.11 4.77
CA SER B 54 -7.82 -10.81 5.23
C SER B 54 -7.92 -9.75 4.15
N VAL B 55 -7.92 -10.15 2.88
CA VAL B 55 -8.02 -9.20 1.78
C VAL B 55 -9.40 -9.23 1.12
N ILE B 56 -10.32 -10.02 1.65
CA ILE B 56 -11.69 -10.08 1.13
C ILE B 56 -12.68 -9.42 2.09
N GLU B 57 -12.63 -9.80 3.37
CA GLU B 57 -13.54 -9.23 4.36
C GLU B 57 -13.17 -7.78 4.70
N LYS B 58 -11.87 -7.45 4.64
CA LYS B 58 -11.45 -6.09 4.93
C LYS B 58 -11.62 -5.15 3.74
N MET B 59 -11.74 -5.69 2.53
CA MET B 59 -11.97 -4.88 1.33
C MET B 59 -13.46 -4.55 1.28
N ASN B 60 -13.84 -3.50 2.03
CA ASN B 60 -15.24 -3.11 2.17
C ASN B 60 -15.60 -2.19 1.00
N THR B 61 -15.85 -2.81 -0.15
CA THR B 61 -16.26 -2.07 -1.32
C THR B 61 -17.75 -1.71 -1.24
N GLN B 62 -18.11 -0.61 -1.88
CA GLN B 62 -19.48 -0.13 -1.88
C GLN B 62 -20.16 -0.46 -3.22
N PHE B 63 -21.46 -0.17 -3.30
CA PHE B 63 -22.22 -0.41 -4.52
C PHE B 63 -22.10 0.83 -5.40
N THR B 64 -20.94 0.96 -6.03
CA THR B 64 -20.64 2.09 -6.90
C THR B 64 -19.92 1.57 -8.14
N ALA B 65 -19.41 2.49 -8.95
CA ALA B 65 -18.71 2.16 -10.18
C ALA B 65 -17.28 2.68 -10.12
N VAL B 66 -16.40 2.03 -10.87
CA VAL B 66 -14.99 2.43 -10.94
C VAL B 66 -14.77 3.17 -12.26
N GLY B 67 -15.38 2.68 -13.33
CA GLY B 67 -15.25 3.29 -14.63
C GLY B 67 -16.33 4.32 -14.90
N LYS B 68 -15.97 5.31 -15.71
CA LYS B 68 -16.89 6.39 -16.04
C LYS B 68 -16.57 6.90 -17.44
N GLU B 69 -17.61 7.43 -18.10
CA GLU B 69 -17.48 7.96 -19.46
C GLU B 69 -17.47 9.48 -19.41
N PHE B 70 -16.77 10.07 -20.38
CA PHE B 70 -16.63 11.53 -20.46
C PHE B 70 -16.67 11.95 -21.93
N ASN B 71 -16.90 13.24 -22.12
CA ASN B 71 -16.90 13.84 -23.45
C ASN B 71 -15.52 14.45 -23.75
N HIS B 72 -15.25 14.65 -25.03
CA HIS B 72 -13.97 15.18 -25.47
C HIS B 72 -13.93 16.70 -25.49
N LEU B 73 -15.00 17.37 -25.03
CA LEU B 73 -14.92 18.79 -24.68
C LEU B 73 -14.48 19.00 -23.24
N GLU B 74 -14.32 17.92 -22.48
CA GLU B 74 -13.92 17.99 -21.08
C GLU B 74 -12.61 17.26 -20.87
N LYS B 75 -11.63 17.52 -21.75
CA LYS B 75 -10.34 16.86 -21.65
C LYS B 75 -9.52 17.36 -20.47
N ARG B 76 -9.88 18.51 -19.89
CA ARG B 76 -9.22 18.97 -18.67
C ARG B 76 -9.56 18.06 -17.50
N ILE B 77 -10.81 17.62 -17.39
CA ILE B 77 -11.20 16.69 -16.34
C ILE B 77 -11.03 15.23 -16.78
N GLU B 78 -10.89 14.97 -18.08
CA GLU B 78 -10.63 13.61 -18.54
C GLU B 78 -9.21 13.17 -18.19
N ASN B 79 -8.27 14.12 -18.10
CA ASN B 79 -6.93 13.79 -17.64
C ASN B 79 -6.91 13.47 -16.16
N LEU B 80 -7.72 14.15 -15.36
CA LEU B 80 -7.85 13.79 -13.95
C LEU B 80 -8.61 12.47 -13.79
N ASN B 81 -9.57 12.20 -14.69
CA ASN B 81 -10.23 10.90 -14.68
C ASN B 81 -9.28 9.78 -15.08
N LYS B 82 -8.31 10.08 -15.95
CA LYS B 82 -7.23 9.14 -16.22
C LYS B 82 -6.34 8.96 -15.00
N LYS B 83 -6.19 10.00 -14.18
CA LYS B 83 -5.49 9.86 -12.91
C LYS B 83 -6.35 9.22 -11.84
N VAL B 84 -7.66 9.12 -12.06
CA VAL B 84 -8.52 8.36 -11.17
C VAL B 84 -8.57 6.90 -11.58
N ASP B 85 -8.79 6.64 -12.88
CA ASP B 85 -8.91 5.27 -13.36
C ASP B 85 -7.55 4.58 -13.42
N ASP B 86 -6.64 5.11 -14.23
CA ASP B 86 -5.31 4.51 -14.35
C ASP B 86 -4.41 4.84 -13.16
N GLY B 87 -4.73 5.88 -12.41
CA GLY B 87 -3.95 6.19 -11.22
C GLY B 87 -4.18 5.19 -10.10
N PHE B 88 -5.45 4.82 -9.87
CA PHE B 88 -5.74 3.72 -8.94
C PHE B 88 -5.31 2.39 -9.51
N LEU B 89 -5.27 2.27 -10.84
CA LEU B 89 -4.78 1.05 -11.47
C LEU B 89 -3.28 0.88 -11.25
N ASP B 90 -2.52 1.97 -11.34
CA ASP B 90 -1.08 1.91 -11.12
C ASP B 90 -0.75 1.63 -9.65
N ILE B 91 -1.62 2.06 -8.73
CA ILE B 91 -1.49 1.62 -7.35
C ILE B 91 -1.83 0.14 -7.24
N TRP B 92 -2.91 -0.29 -7.90
CA TRP B 92 -3.29 -1.70 -7.89
C TRP B 92 -2.36 -2.56 -8.74
N THR B 93 -1.63 -1.96 -9.70
CA THR B 93 -0.55 -2.69 -10.34
C THR B 93 0.65 -2.84 -9.40
N TYR B 94 0.77 -1.97 -8.40
CA TYR B 94 1.89 -1.98 -7.47
C TYR B 94 1.54 -2.67 -6.16
N ASN B 95 0.42 -2.30 -5.55
CA ASN B 95 0.10 -2.82 -4.22
C ASN B 95 -0.42 -4.25 -4.25
N ALA B 96 -1.26 -4.58 -5.23
CA ALA B 96 -1.84 -5.92 -5.28
C ALA B 96 -0.83 -6.96 -5.72
N GLU B 97 0.04 -6.60 -6.66
CA GLU B 97 1.09 -7.52 -7.09
C GLU B 97 2.18 -7.67 -6.03
N LEU B 98 2.34 -6.68 -5.15
CA LEU B 98 3.26 -6.83 -4.03
C LEU B 98 2.68 -7.74 -2.95
N LEU B 99 1.36 -7.74 -2.78
CA LEU B 99 0.73 -8.56 -1.76
C LEU B 99 0.85 -10.05 -2.09
N VAL B 100 0.60 -10.42 -3.35
CA VAL B 100 0.75 -11.81 -3.77
C VAL B 100 2.21 -12.23 -3.73
N LEU B 101 3.13 -11.30 -3.98
CA LEU B 101 4.55 -11.61 -3.91
C LEU B 101 5.04 -11.74 -2.47
N LEU B 102 4.47 -10.97 -1.54
CA LEU B 102 4.97 -10.96 -0.17
C LEU B 102 4.25 -11.95 0.73
N GLU B 103 2.95 -12.19 0.51
CA GLU B 103 2.26 -13.18 1.34
C GLU B 103 2.63 -14.60 0.95
N ASN B 104 2.93 -14.85 -0.33
CA ASN B 104 3.50 -16.14 -0.72
C ASN B 104 4.93 -16.28 -0.21
N GLU B 105 5.64 -15.16 -0.08
CA GLU B 105 6.92 -15.18 0.63
C GLU B 105 6.70 -15.46 2.11
N ARG B 106 5.60 -14.96 2.67
CA ARG B 106 5.25 -15.30 4.05
C ARG B 106 4.75 -16.74 4.14
N THR B 107 4.03 -17.22 3.13
CA THR B 107 3.50 -18.57 3.16
C THR B 107 4.61 -19.60 3.02
N LEU B 108 5.60 -19.33 2.16
CA LEU B 108 6.75 -20.23 2.04
C LEU B 108 7.64 -20.16 3.26
N ASP B 109 7.66 -19.01 3.96
CA ASP B 109 8.42 -18.91 5.20
C ASP B 109 7.67 -19.57 6.36
N TYR B 110 6.34 -19.43 6.39
CA TYR B 110 5.57 -20.07 7.45
C TYR B 110 5.51 -21.58 7.28
N HIS B 111 5.48 -22.06 6.03
CA HIS B 111 5.62 -23.49 5.79
C HIS B 111 7.02 -23.98 6.15
N ASP B 112 8.04 -23.14 5.93
CA ASP B 112 9.37 -23.42 6.46
C ASP B 112 9.39 -23.29 7.98
N SER B 113 8.58 -22.39 8.53
CA SER B 113 8.42 -22.33 9.98
C SER B 113 7.60 -23.51 10.49
N ASN B 114 6.66 -24.02 9.67
CA ASN B 114 5.96 -25.24 10.05
C ASN B 114 6.87 -26.46 10.00
N VAL B 115 7.91 -26.41 9.18
CA VAL B 115 8.93 -27.45 9.21
C VAL B 115 9.74 -27.36 10.50
N LYS B 116 10.19 -26.16 10.86
CA LYS B 116 11.05 -25.98 12.03
C LYS B 116 10.29 -26.16 13.33
N ASN B 117 9.03 -25.76 13.38
CA ASN B 117 8.24 -26.01 14.59
C ASN B 117 7.92 -27.48 14.76
N LEU B 118 7.75 -28.22 13.65
CA LEU B 118 7.61 -29.66 13.74
C LEU B 118 8.95 -30.33 13.98
N TYR B 119 10.05 -29.70 13.56
CA TYR B 119 11.38 -30.23 13.82
C TYR B 119 11.73 -30.09 15.30
N GLU B 120 11.46 -28.91 15.88
CA GLU B 120 11.71 -28.70 17.30
C GLU B 120 10.75 -29.48 18.19
N LYS B 121 9.59 -29.87 17.65
CA LYS B 121 8.71 -30.77 18.39
C LYS B 121 9.30 -32.18 18.46
N VAL B 122 10.09 -32.56 17.46
CA VAL B 122 10.71 -33.88 17.41
C VAL B 122 12.09 -33.87 18.06
N ARG B 123 12.91 -32.86 17.74
CA ARG B 123 14.30 -32.84 18.18
C ARG B 123 14.44 -32.62 19.68
N ASN B 124 13.54 -31.85 20.28
CA ASN B 124 13.60 -31.64 21.72
C ASN B 124 13.14 -32.87 22.51
N GLN B 125 12.40 -33.78 21.88
CA GLN B 125 11.99 -35.03 22.51
C GLN B 125 12.84 -36.21 22.09
N LEU B 126 13.68 -36.06 21.07
CA LEU B 126 14.53 -37.12 20.53
C LEU B 126 15.97 -36.65 20.41
N LYS B 127 16.51 -36.08 21.51
CA LYS B 127 17.87 -35.57 21.51
C LYS B 127 18.89 -36.69 21.36
N ASN B 128 18.68 -37.81 22.06
CA ASN B 128 19.57 -38.95 22.01
C ASN B 128 18.88 -40.25 21.60
N ASN B 129 17.60 -40.20 21.27
CA ASN B 129 16.85 -41.39 20.90
C ASN B 129 16.56 -41.48 19.41
N ALA B 130 17.20 -40.64 18.60
CA ALA B 130 16.99 -40.66 17.16
C ALA B 130 18.25 -40.16 16.46
N LYS B 131 18.52 -40.73 15.29
CA LYS B 131 19.66 -40.34 14.47
C LYS B 131 19.21 -39.36 13.40
N GLU B 132 19.91 -38.24 13.29
CA GLU B 132 19.59 -37.20 12.31
C GLU B 132 20.43 -37.44 11.06
N ILE B 133 19.83 -38.07 10.04
CA ILE B 133 20.50 -38.35 8.79
C ILE B 133 20.05 -37.40 7.68
N GLY B 134 19.20 -36.43 8.00
CA GLY B 134 18.71 -35.49 7.01
C GLY B 134 17.39 -35.92 6.41
N ASN B 135 16.85 -35.01 5.57
CA ASN B 135 15.61 -35.20 4.80
C ASN B 135 14.39 -35.47 5.71
N GLY B 136 14.42 -34.92 6.92
CA GLY B 136 13.32 -35.08 7.85
C GLY B 136 13.17 -36.46 8.47
N CYS B 137 14.18 -37.32 8.34
CA CYS B 137 14.11 -38.67 8.86
C CYS B 137 14.66 -38.74 10.28
N PHE B 138 14.06 -39.62 11.09
CA PHE B 138 14.49 -39.83 12.47
C PHE B 138 14.40 -41.33 12.77
N GLU B 139 15.52 -42.03 12.65
CA GLU B 139 15.57 -43.46 12.92
C GLU B 139 15.81 -43.68 14.41
N PHE B 140 14.89 -44.39 15.05
CA PHE B 140 15.00 -44.68 16.47
C PHE B 140 16.10 -45.71 16.74
N TYR B 141 16.66 -45.66 17.94
CA TYR B 141 17.66 -46.61 18.38
C TYR B 141 17.06 -47.78 19.15
N HIS B 142 15.75 -47.94 19.12
CA HIS B 142 15.07 -49.01 19.84
C HIS B 142 13.79 -49.36 19.12
N LYS B 143 12.94 -50.15 19.77
CA LYS B 143 11.67 -50.56 19.18
C LYS B 143 10.64 -49.44 19.31
N CYS B 144 9.96 -49.14 18.21
CA CYS B 144 8.95 -48.08 18.17
C CYS B 144 7.77 -48.59 17.34
N ASP B 145 6.70 -48.98 18.02
CA ASP B 145 5.52 -49.53 17.36
C ASP B 145 4.63 -48.41 16.86
N ASN B 146 3.39 -48.75 16.46
CA ASN B 146 2.46 -47.75 15.96
C ASN B 146 1.95 -46.84 17.07
N THR B 147 1.93 -47.31 18.32
CA THR B 147 1.60 -46.45 19.44
C THR B 147 2.72 -45.46 19.71
N CYS B 148 3.97 -45.88 19.50
CA CYS B 148 5.11 -44.98 19.68
C CYS B 148 5.18 -43.94 18.56
N MET B 149 4.79 -44.32 17.33
CA MET B 149 4.82 -43.38 16.22
C MET B 149 3.75 -42.29 16.38
N GLU B 150 2.62 -42.60 17.02
CA GLU B 150 1.59 -41.60 17.25
C GLU B 150 1.90 -40.70 18.43
N SER B 151 2.85 -41.09 19.29
CA SER B 151 3.22 -40.24 20.42
C SER B 151 4.09 -39.07 19.99
N VAL B 152 4.92 -39.25 18.96
CA VAL B 152 5.74 -38.15 18.48
C VAL B 152 4.90 -37.16 17.67
N LYS B 153 3.80 -37.62 17.08
CA LYS B 153 2.94 -36.74 16.30
C LYS B 153 2.13 -35.81 17.19
N ASN B 154 1.55 -36.34 18.27
CA ASN B 154 0.78 -35.54 19.20
C ASN B 154 1.63 -34.86 20.26
N GLY B 155 2.89 -35.26 20.41
CA GLY B 155 3.76 -34.65 21.39
C GLY B 155 3.60 -35.23 22.78
N THR B 156 3.53 -36.55 22.87
CA THR B 156 3.40 -37.26 24.14
C THR B 156 4.51 -38.30 24.28
N TYR B 157 5.74 -37.90 23.97
CA TYR B 157 6.90 -38.78 24.02
C TYR B 157 7.79 -38.34 25.17
N ASP B 158 7.86 -39.19 26.21
CA ASP B 158 8.67 -38.89 27.38
C ASP B 158 10.12 -39.31 27.11
N TYR B 159 11.06 -38.45 27.52
CA TYR B 159 12.47 -38.73 27.23
C TYR B 159 13.09 -39.81 28.12
N PRO B 160 12.96 -39.81 29.48
CA PRO B 160 13.61 -40.89 30.23
C PRO B 160 12.88 -42.23 30.15
N LYS B 161 11.64 -42.26 29.68
CA LYS B 161 10.92 -43.53 29.57
C LYS B 161 11.39 -44.37 28.40
N TYR B 162 11.93 -43.74 27.35
CA TYR B 162 12.39 -44.44 26.17
C TYR B 162 13.91 -44.44 26.01
N SER B 163 14.63 -43.79 26.93
CA SER B 163 16.08 -43.74 26.84
C SER B 163 16.76 -44.96 27.47
N GLU B 164 15.99 -45.89 28.04
CA GLU B 164 16.59 -47.07 28.66
C GLU B 164 17.05 -48.08 27.63
N GLU B 165 16.39 -48.16 26.48
CA GLU B 165 16.74 -49.11 25.44
C GLU B 165 17.57 -48.47 24.32
N ALA B 166 17.44 -47.16 24.11
CA ALA B 166 18.19 -46.49 23.05
C ALA B 166 19.67 -46.35 23.38
N LYS B 167 20.03 -46.35 24.66
CA LYS B 167 21.43 -46.22 25.05
C LYS B 167 22.21 -47.51 24.87
N LEU B 168 21.53 -48.65 24.73
CA LEU B 168 22.23 -49.91 24.55
C LEU B 168 22.68 -50.12 23.11
N ASN B 169 21.83 -49.76 22.15
CA ASN B 169 22.16 -49.92 20.74
C ASN B 169 23.08 -48.79 20.27
N GLU C 1 -28.17 -25.29 -6.43
CA GLU C 1 -27.46 -24.81 -5.26
C GLU C 1 -26.87 -25.95 -4.45
N VAL C 2 -26.31 -25.63 -3.29
CA VAL C 2 -25.71 -26.63 -2.41
C VAL C 2 -26.83 -27.36 -1.69
N GLN C 3 -27.01 -28.64 -2.02
CA GLN C 3 -28.06 -29.45 -1.41
C GLN C 3 -27.66 -30.92 -1.45
N LEU C 4 -28.27 -31.70 -0.57
CA LEU C 4 -28.06 -33.14 -0.49
C LEU C 4 -29.39 -33.85 -0.53
N VAL C 5 -29.53 -34.83 -1.42
CA VAL C 5 -30.78 -35.57 -1.59
C VAL C 5 -30.54 -37.00 -1.13
N GLU C 6 -31.35 -37.45 -0.18
CA GLU C 6 -31.25 -38.80 0.37
C GLU C 6 -32.24 -39.73 -0.32
N SER C 7 -31.84 -40.98 -0.47
CA SER C 7 -32.68 -42.00 -1.10
C SER C 7 -32.24 -43.37 -0.62
N GLY C 8 -33.16 -44.33 -0.68
CA GLY C 8 -32.87 -45.68 -0.26
C GLY C 8 -33.78 -46.20 0.83
N GLY C 9 -34.98 -45.62 0.94
CA GLY C 9 -35.92 -46.05 1.95
C GLY C 9 -36.63 -47.35 1.59
N GLY C 10 -37.42 -47.83 2.53
CA GLY C 10 -38.17 -49.06 2.33
C GLY C 10 -38.30 -49.80 3.65
N LEU C 11 -38.56 -51.10 3.53
CA LEU C 11 -38.71 -51.99 4.68
C LEU C 11 -37.76 -53.16 4.53
N VAL C 12 -36.85 -53.30 5.49
CA VAL C 12 -35.83 -54.34 5.46
C VAL C 12 -36.03 -55.24 6.68
N GLN C 13 -36.12 -56.55 6.44
CA GLN C 13 -36.22 -57.51 7.52
C GLN C 13 -34.90 -57.61 8.27
N PRO C 14 -34.93 -57.97 9.56
CA PRO C 14 -33.69 -58.16 10.30
C PRO C 14 -32.91 -59.37 9.80
N GLY C 15 -31.61 -59.17 9.57
CA GLY C 15 -30.76 -60.19 8.99
C GLY C 15 -30.40 -59.97 7.54
N GLY C 16 -30.99 -58.96 6.90
CA GLY C 16 -30.71 -58.62 5.52
C GLY C 16 -29.70 -57.50 5.38
N SER C 17 -29.83 -56.74 4.30
CA SER C 17 -28.93 -55.63 4.03
C SER C 17 -29.70 -54.50 3.35
N LEU C 18 -29.10 -53.31 3.38
CA LEU C 18 -29.68 -52.14 2.75
C LEU C 18 -28.56 -51.17 2.40
N ARG C 19 -28.61 -50.63 1.18
CA ARG C 19 -27.62 -49.69 0.70
C ARG C 19 -28.29 -48.33 0.50
N LEU C 20 -27.78 -47.31 1.19
CA LEU C 20 -28.28 -45.95 1.09
C LEU C 20 -27.46 -45.16 0.08
N SER C 21 -28.04 -44.05 -0.39
CA SER C 21 -27.38 -43.20 -1.37
C SER C 21 -27.64 -41.74 -1.03
N CYS C 22 -26.67 -40.89 -1.36
CA CYS C 22 -26.78 -39.46 -1.15
C CYS C 22 -26.19 -38.74 -2.35
N ALA C 23 -27.01 -37.96 -3.03
CA ALA C 23 -26.57 -37.21 -4.20
C ALA C 23 -26.10 -35.81 -3.80
N ALA C 24 -25.12 -35.30 -4.54
CA ALA C 24 -24.53 -34.00 -4.27
C ALA C 24 -24.39 -33.22 -5.58
N SER C 25 -24.72 -31.94 -5.54
CA SER C 25 -24.64 -31.09 -6.71
C SER C 25 -24.46 -29.64 -6.26
N GLY C 26 -23.93 -28.82 -7.17
CA GLY C 26 -23.70 -27.42 -6.90
C GLY C 26 -22.39 -27.08 -6.23
N PHE C 27 -21.57 -28.07 -5.90
CA PHE C 27 -20.29 -27.84 -5.24
C PHE C 27 -19.34 -28.97 -5.60
N THR C 28 -18.07 -28.78 -5.25
CA THR C 28 -17.03 -29.77 -5.54
C THR C 28 -17.12 -30.90 -4.52
N PHE C 29 -17.24 -32.14 -5.02
CA PHE C 29 -17.36 -33.31 -4.17
C PHE C 29 -16.02 -33.92 -3.80
N SER C 30 -14.99 -33.71 -4.61
CA SER C 30 -13.69 -34.34 -4.41
C SER C 30 -12.77 -33.56 -3.47
N THR C 31 -13.27 -32.50 -2.83
CA THR C 31 -12.46 -31.69 -1.93
C THR C 31 -12.97 -31.64 -0.49
N TYR C 32 -14.27 -31.83 -0.27
CA TYR C 32 -14.86 -31.74 1.06
C TYR C 32 -15.03 -33.13 1.66
N ASN C 33 -15.38 -33.15 2.94
CA ASN C 33 -15.61 -34.38 3.68
C ASN C 33 -17.10 -34.59 3.90
N MET C 34 -17.48 -35.85 4.10
CA MET C 34 -18.87 -36.24 4.28
C MET C 34 -19.01 -37.13 5.51
N ASN C 35 -20.22 -37.15 6.05
CA ASN C 35 -20.53 -37.92 7.25
C ASN C 35 -21.90 -38.57 7.09
N TRP C 36 -22.30 -39.35 8.09
CA TRP C 36 -23.62 -39.98 8.15
C TRP C 36 -24.19 -39.75 9.54
N VAL C 37 -25.27 -38.98 9.62
CA VAL C 37 -25.92 -38.65 10.88
C VAL C 37 -27.37 -39.12 10.79
N ARG C 38 -27.77 -39.97 11.73
CA ARG C 38 -29.14 -40.46 11.81
C ARG C 38 -29.86 -39.84 13.00
N GLN C 39 -31.15 -40.14 13.11
CA GLN C 39 -31.97 -39.59 14.19
C GLN C 39 -33.04 -40.62 14.53
N ALA C 40 -32.91 -41.25 15.69
CA ALA C 40 -33.91 -42.21 16.14
C ALA C 40 -35.16 -41.48 16.64
N PRO C 41 -36.33 -42.08 16.49
CA PRO C 41 -37.55 -41.49 17.05
C PRO C 41 -37.51 -41.52 18.58
N GLY C 42 -37.49 -40.34 19.19
CA GLY C 42 -37.35 -40.20 20.61
C GLY C 42 -35.94 -39.91 21.09
N LYS C 43 -34.97 -39.88 20.18
CA LYS C 43 -33.58 -39.57 20.50
C LYS C 43 -33.11 -38.41 19.64
N GLY C 44 -31.84 -38.05 19.80
CA GLY C 44 -31.23 -36.97 19.06
C GLY C 44 -30.41 -37.45 17.89
N LEU C 45 -29.47 -36.61 17.46
CA LEU C 45 -28.59 -36.95 16.35
C LEU C 45 -27.53 -37.94 16.79
N GLU C 46 -27.05 -38.74 15.83
CA GLU C 46 -26.07 -39.78 16.10
C GLU C 46 -25.12 -39.88 14.92
N TRP C 47 -23.85 -39.54 15.15
CA TRP C 47 -22.84 -39.69 14.11
C TRP C 47 -22.49 -41.16 13.92
N LEU C 48 -22.28 -41.55 12.66
CA LEU C 48 -22.02 -42.94 12.32
C LEU C 48 -20.61 -43.16 11.78
N SER C 49 -20.23 -42.46 10.71
CA SER C 49 -18.95 -42.72 10.07
C SER C 49 -18.42 -41.44 9.45
N TYR C 50 -17.13 -41.48 9.09
CA TYR C 50 -16.44 -40.36 8.47
C TYR C 50 -15.51 -40.88 7.39
N ILE C 51 -15.44 -40.16 6.27
CA ILE C 51 -14.58 -40.54 5.16
C ILE C 51 -13.94 -39.28 4.60
N SER C 52 -12.73 -39.43 4.06
CA SER C 52 -11.98 -38.34 3.46
C SER C 52 -12.21 -38.35 1.95
N THR C 53 -11.45 -37.50 1.24
CA THR C 53 -11.56 -37.46 -0.22
C THR C 53 -10.89 -38.64 -0.88
N SER C 54 -9.79 -39.14 -0.33
CA SER C 54 -9.07 -40.27 -0.88
C SER C 54 -9.52 -41.60 -0.28
N SER C 55 -10.49 -41.57 0.64
CA SER C 55 -11.06 -42.76 1.31
C SER C 55 -9.98 -43.58 2.03
N ASN C 56 -9.03 -42.89 2.66
CA ASN C 56 -7.96 -43.55 3.41
C ASN C 56 -8.23 -43.57 4.91
N THR C 57 -8.64 -42.45 5.49
CA THR C 57 -8.94 -42.36 6.92
C THR C 57 -10.45 -42.52 7.09
N ILE C 58 -10.87 -43.71 7.51
CA ILE C 58 -12.28 -44.04 7.70
C ILE C 58 -12.52 -44.33 9.17
N TYR C 59 -13.47 -43.62 9.77
CA TYR C 59 -13.84 -43.78 11.17
C TYR C 59 -15.20 -44.42 11.29
N TYR C 60 -15.47 -44.98 12.47
CA TYR C 60 -16.74 -45.63 12.77
C TYR C 60 -17.12 -45.31 14.21
N ALA C 61 -18.43 -45.33 14.48
CA ALA C 61 -18.94 -45.04 15.80
C ALA C 61 -18.89 -46.28 16.70
N ASP C 62 -19.21 -46.09 17.98
CA ASP C 62 -19.24 -47.20 18.92
C ASP C 62 -20.46 -48.08 18.73
N SER C 63 -21.56 -47.50 18.22
CA SER C 63 -22.77 -48.27 17.97
C SER C 63 -22.72 -49.03 16.65
N VAL C 64 -21.70 -48.83 15.83
CA VAL C 64 -21.57 -49.52 14.56
C VAL C 64 -20.76 -50.79 14.70
N LYS C 65 -19.55 -50.67 15.27
CA LYS C 65 -18.59 -51.77 15.48
C LYS C 65 -18.24 -52.46 14.16
N GLY C 66 -18.10 -51.67 13.10
CA GLY C 66 -17.70 -52.20 11.80
C GLY C 66 -18.78 -52.93 11.03
N ARG C 67 -20.04 -52.81 11.45
CA ARG C 67 -21.12 -53.48 10.73
C ARG C 67 -21.52 -52.75 9.46
N PHE C 68 -21.21 -51.46 9.35
CA PHE C 68 -21.55 -50.67 8.17
C PHE C 68 -20.35 -50.57 7.24
N THR C 69 -20.62 -50.16 6.00
CA THR C 69 -19.58 -49.98 4.99
C THR C 69 -19.91 -48.73 4.18
N ILE C 70 -19.08 -47.70 4.33
CA ILE C 70 -19.30 -46.41 3.68
C ILE C 70 -18.33 -46.27 2.52
N SER C 71 -18.86 -45.99 1.34
CA SER C 71 -18.05 -45.78 0.14
C SER C 71 -18.52 -44.52 -0.56
N ARG C 72 -17.66 -44.01 -1.44
CA ARG C 72 -17.96 -42.79 -2.19
C ARG C 72 -17.28 -42.86 -3.55
N ASP C 73 -17.60 -41.87 -4.39
CA ASP C 73 -17.01 -41.78 -5.72
C ASP C 73 -16.85 -40.30 -6.06
N ASN C 74 -15.61 -39.87 -6.30
CA ASN C 74 -15.35 -38.47 -6.59
C ASN C 74 -15.77 -38.07 -8.00
N ALA C 75 -15.87 -39.03 -8.92
CA ALA C 75 -16.25 -38.72 -10.29
C ALA C 75 -17.76 -38.58 -10.46
N LYS C 76 -18.52 -39.48 -9.84
CA LYS C 76 -19.98 -39.47 -9.96
C LYS C 76 -20.67 -38.62 -8.93
N ASN C 77 -19.92 -38.09 -7.94
CA ASN C 77 -20.42 -37.23 -6.87
C ASN C 77 -21.54 -37.90 -6.07
N SER C 78 -21.23 -39.09 -5.55
CA SER C 78 -22.21 -39.88 -4.82
C SER C 78 -21.57 -40.42 -3.55
N LEU C 79 -22.44 -40.76 -2.59
CA LEU C 79 -22.01 -41.31 -1.31
C LEU C 79 -22.91 -42.49 -0.97
N PHE C 80 -22.30 -43.64 -0.68
CA PHE C 80 -23.03 -44.87 -0.43
C PHE C 80 -22.71 -45.41 0.95
N LEU C 81 -23.67 -46.12 1.54
CA LEU C 81 -23.51 -46.75 2.85
C LEU C 81 -24.12 -48.14 2.78
N GLN C 82 -23.26 -49.15 2.73
CA GLN C 82 -23.71 -50.55 2.70
C GLN C 82 -23.90 -51.01 4.14
N MET C 83 -25.15 -51.14 4.56
CA MET C 83 -25.48 -51.54 5.93
C MET C 83 -25.77 -53.03 5.99
N ASN C 84 -25.21 -53.70 6.99
CA ASN C 84 -25.40 -55.12 7.20
C ASN C 84 -25.69 -55.38 8.68
N SER C 85 -26.28 -56.55 8.94
CA SER C 85 -26.66 -57.03 10.28
C SER C 85 -27.61 -56.05 10.97
N LEU C 86 -28.68 -55.68 10.28
CA LEU C 86 -29.63 -54.71 10.79
C LEU C 86 -30.55 -55.36 11.84
N ARG C 87 -30.75 -54.66 12.95
CA ARG C 87 -31.62 -55.10 14.02
C ARG C 87 -32.72 -54.05 14.24
N ASP C 88 -33.50 -54.24 15.31
CA ASP C 88 -34.61 -53.34 15.59
C ASP C 88 -34.14 -52.00 16.15
N GLU C 89 -32.91 -51.91 16.64
CA GLU C 89 -32.39 -50.66 17.19
C GLU C 89 -31.90 -49.70 16.12
N ASP C 90 -31.85 -50.12 14.86
CA ASP C 90 -31.37 -49.28 13.76
C ASP C 90 -32.49 -48.51 13.08
N THR C 91 -33.69 -48.49 13.66
CA THR C 91 -34.81 -47.76 13.08
C THR C 91 -34.61 -46.27 13.33
N ALA C 92 -34.23 -45.54 12.28
CA ALA C 92 -33.96 -44.12 12.39
C ALA C 92 -34.12 -43.48 11.02
N VAL C 93 -34.03 -42.15 11.00
CA VAL C 93 -34.08 -41.37 9.76
C VAL C 93 -32.65 -40.95 9.45
N TYR C 94 -32.09 -41.49 8.37
CA TYR C 94 -30.71 -41.26 8.00
C TYR C 94 -30.58 -40.01 7.14
N TYR C 95 -29.64 -39.13 7.50
CA TYR C 95 -29.35 -37.92 6.76
C TYR C 95 -27.94 -38.00 6.17
N CYS C 96 -27.52 -36.91 5.54
CA CYS C 96 -26.18 -36.76 5.01
C CYS C 96 -25.71 -35.34 5.25
N ALA C 97 -24.44 -35.18 5.58
CA ALA C 97 -23.91 -33.87 5.96
C ALA C 97 -22.50 -33.70 5.41
N ARG C 98 -22.11 -32.44 5.25
CA ARG C 98 -20.79 -32.05 4.76
C ARG C 98 -20.06 -31.27 5.83
N ASP C 99 -18.78 -31.57 6.01
CA ASP C 99 -17.98 -30.88 7.01
C ASP C 99 -17.66 -29.45 6.56
N ARG C 100 -17.40 -28.58 7.52
CA ARG C 100 -17.12 -27.18 7.22
C ARG C 100 -15.72 -27.00 6.66
N GLY C 101 -14.69 -27.35 7.45
CA GLY C 101 -13.32 -27.36 7.01
C GLY C 101 -12.45 -26.31 7.67
N CYS C 102 -12.98 -25.10 7.89
CA CYS C 102 -12.18 -24.00 8.42
C CYS C 102 -13.00 -23.22 9.44
N SER C 103 -12.39 -22.17 9.97
CA SER C 103 -13.03 -21.31 10.97
C SER C 103 -13.40 -19.94 10.44
N SER C 104 -13.01 -19.59 9.22
CA SER C 104 -13.33 -18.29 8.65
C SER C 104 -14.74 -18.30 8.09
N THR C 105 -15.14 -17.16 7.50
CA THR C 105 -16.48 -17.06 6.91
C THR C 105 -16.56 -17.85 5.61
N ASN C 106 -15.55 -17.74 4.76
CA ASN C 106 -15.48 -18.46 3.49
C ASN C 106 -14.26 -19.38 3.53
N CYS C 107 -14.49 -20.69 3.52
CA CYS C 107 -13.42 -21.68 3.57
C CYS C 107 -12.95 -21.97 2.15
N TYR C 108 -11.80 -21.43 1.77
CA TYR C 108 -11.23 -21.70 0.45
C TYR C 108 -10.33 -22.94 0.45
N VAL C 109 -9.80 -23.34 1.60
CA VAL C 109 -9.01 -24.56 1.73
C VAL C 109 -9.74 -25.46 2.72
N VAL C 110 -10.16 -26.63 2.25
CA VAL C 110 -10.90 -27.57 3.08
C VAL C 110 -9.94 -28.25 4.04
N GLY C 111 -10.32 -28.30 5.32
CA GLY C 111 -9.47 -28.90 6.33
C GLY C 111 -9.97 -30.24 6.84
N TYR C 112 -10.59 -30.23 8.01
CA TYR C 112 -11.07 -31.45 8.64
C TYR C 112 -12.38 -31.16 9.37
N TYR C 113 -12.77 -32.08 10.24
CA TYR C 113 -14.03 -32.01 10.98
C TYR C 113 -13.92 -31.24 12.29
N PHE C 114 -12.91 -30.38 12.43
CA PHE C 114 -12.67 -29.69 13.69
C PHE C 114 -13.60 -28.51 13.92
N TYR C 115 -14.42 -28.13 12.95
CA TYR C 115 -15.32 -26.99 13.09
C TYR C 115 -16.74 -27.36 12.68
N GLY C 116 -17.14 -28.60 12.96
CA GLY C 116 -18.52 -29.01 12.76
C GLY C 116 -18.91 -29.20 11.30
N MET C 117 -20.21 -29.36 11.10
CA MET C 117 -20.81 -29.57 9.79
C MET C 117 -21.89 -28.51 9.57
N ASP C 118 -22.00 -28.05 8.32
CA ASP C 118 -22.92 -26.97 7.99
C ASP C 118 -24.04 -27.38 7.04
N VAL C 119 -23.75 -28.20 6.04
CA VAL C 119 -24.74 -28.60 5.05
C VAL C 119 -25.50 -29.81 5.58
N TRP C 120 -26.81 -29.82 5.37
CA TRP C 120 -27.66 -30.92 5.80
C TRP C 120 -28.69 -31.22 4.72
N GLY C 121 -29.16 -32.47 4.70
CA GLY C 121 -30.09 -32.94 3.71
C GLY C 121 -31.49 -33.16 4.27
N GLN C 122 -32.35 -33.69 3.41
CA GLN C 122 -33.75 -33.93 3.77
C GLN C 122 -33.90 -35.19 4.61
N GLY C 123 -33.39 -36.31 4.12
CA GLY C 123 -33.45 -37.56 4.84
C GLY C 123 -34.56 -38.48 4.35
N THR C 124 -34.41 -39.77 4.63
CA THR C 124 -35.37 -40.78 4.27
C THR C 124 -35.69 -41.65 5.48
N THR C 125 -36.89 -42.24 5.47
CA THR C 125 -37.35 -43.05 6.59
C THR C 125 -36.92 -44.50 6.37
N VAL C 126 -36.16 -45.03 7.33
CA VAL C 126 -35.69 -46.41 7.30
C VAL C 126 -36.18 -47.10 8.57
N THR C 127 -36.97 -48.16 8.40
CA THR C 127 -37.53 -48.91 9.52
C THR C 127 -37.18 -50.38 9.36
N VAL C 128 -36.55 -50.95 10.37
CA VAL C 128 -36.15 -52.36 10.38
C VAL C 128 -36.88 -53.03 11.54
N SER C 129 -37.77 -53.97 11.22
CA SER C 129 -38.52 -54.69 12.23
C SER C 129 -38.89 -56.06 11.68
N SER C 130 -39.11 -57.00 12.60
CA SER C 130 -39.44 -58.37 12.24
C SER C 130 -40.91 -58.56 11.89
N ALA C 131 -41.77 -57.60 12.23
CA ALA C 131 -43.19 -57.70 11.92
C ALA C 131 -43.43 -57.42 10.45
N SER C 132 -44.40 -58.13 9.86
CA SER C 132 -44.74 -57.96 8.46
C SER C 132 -45.73 -56.82 8.29
N THR C 133 -46.11 -56.55 7.04
CA THR C 133 -47.05 -55.49 6.72
C THR C 133 -48.46 -55.95 7.09
N LYS C 134 -49.14 -55.18 7.93
CA LYS C 134 -50.48 -55.49 8.39
C LYS C 134 -51.34 -54.24 8.28
N GLY C 135 -52.55 -54.40 7.74
CA GLY C 135 -53.47 -53.30 7.58
C GLY C 135 -54.03 -52.82 8.91
N PRO C 136 -54.43 -51.56 8.96
CA PRO C 136 -54.95 -51.00 10.21
C PRO C 136 -56.36 -51.49 10.52
N SER C 137 -56.70 -51.45 11.80
CA SER C 137 -58.02 -51.84 12.29
C SER C 137 -58.75 -50.56 12.73
N VAL C 138 -59.81 -50.21 12.02
CA VAL C 138 -60.55 -48.98 12.25
C VAL C 138 -61.80 -49.30 13.06
N PHE C 139 -61.97 -48.60 14.18
CA PHE C 139 -63.14 -48.76 15.04
C PHE C 139 -63.63 -47.37 15.42
N PRO C 140 -64.89 -47.04 15.14
CA PRO C 140 -65.40 -45.70 15.49
C PRO C 140 -65.70 -45.58 16.98
N LEU C 141 -65.54 -44.36 17.48
CA LEU C 141 -65.81 -44.07 18.88
C LEU C 141 -67.22 -43.50 19.04
N ALA C 142 -67.85 -43.86 20.15
CA ALA C 142 -69.21 -43.39 20.43
C ALA C 142 -69.18 -41.94 20.89
N PRO C 143 -70.02 -41.07 20.34
CA PRO C 143 -70.04 -39.67 20.78
C PRO C 143 -70.76 -39.51 22.12
N SER C 144 -70.33 -38.50 22.87
CA SER C 144 -70.91 -38.21 24.17
C SER C 144 -70.71 -36.73 24.48
N SER C 145 -71.60 -36.20 25.32
CA SER C 145 -71.56 -34.82 25.74
C SER C 145 -71.18 -34.78 27.22
N LYS C 146 -69.90 -34.52 27.49
CA LYS C 146 -69.39 -34.48 28.86
C LYS C 146 -69.04 -33.09 29.34
N SER C 147 -68.75 -32.15 28.42
CA SER C 147 -68.40 -30.77 28.80
C SER C 147 -69.68 -30.04 29.18
N THR C 148 -70.01 -30.07 30.46
CA THR C 148 -71.22 -29.42 30.95
C THR C 148 -71.03 -27.91 31.05
N SER C 149 -69.91 -27.47 31.62
CA SER C 149 -69.65 -26.05 31.78
C SER C 149 -69.27 -25.38 30.47
N GLY C 150 -68.69 -26.12 29.53
CA GLY C 150 -68.30 -25.57 28.25
C GLY C 150 -69.40 -25.68 27.21
N GLY C 151 -70.26 -26.68 27.33
CA GLY C 151 -71.34 -26.87 26.39
C GLY C 151 -70.93 -27.44 25.05
N THR C 152 -69.80 -28.13 24.98
CA THR C 152 -69.30 -28.72 23.76
C THR C 152 -69.24 -30.23 23.90
N ALA C 153 -68.83 -30.90 22.83
CA ALA C 153 -68.72 -32.35 22.80
C ALA C 153 -67.48 -32.71 21.97
N ALA C 154 -67.29 -34.02 21.75
CA ALA C 154 -66.15 -34.50 20.99
C ALA C 154 -66.49 -35.86 20.38
N LEU C 155 -65.85 -36.15 19.25
CA LEU C 155 -65.99 -37.44 18.60
C LEU C 155 -64.74 -37.72 17.78
N GLY C 156 -64.53 -38.99 17.47
CA GLY C 156 -63.35 -39.36 16.70
C GLY C 156 -63.34 -40.83 16.38
N CYS C 157 -62.16 -41.32 16.00
CA CYS C 157 -61.96 -42.71 15.64
C CYS C 157 -60.60 -43.16 16.16
N LEU C 158 -60.48 -44.47 16.39
CA LEU C 158 -59.26 -45.07 16.92
C LEU C 158 -58.66 -45.99 15.87
N VAL C 159 -57.41 -45.74 15.50
CA VAL C 159 -56.69 -46.55 14.52
C VAL C 159 -55.54 -47.24 15.25
N LYS C 160 -55.49 -48.57 15.14
CA LYS C 160 -54.47 -49.34 15.85
C LYS C 160 -54.14 -50.58 15.02
N ASP C 161 -53.04 -51.23 15.42
CA ASP C 161 -52.53 -52.48 14.83
C ASP C 161 -52.24 -52.33 13.34
N TYR C 162 -51.28 -51.45 13.03
CA TYR C 162 -50.83 -51.24 11.66
C TYR C 162 -49.31 -51.24 11.62
N PHE C 163 -48.79 -51.40 10.40
CA PHE C 163 -47.35 -51.38 10.15
C PHE C 163 -47.10 -51.08 8.67
N PRO C 164 -46.19 -50.15 8.34
CA PRO C 164 -45.41 -49.33 9.27
C PRO C 164 -45.99 -47.94 9.50
N GLU C 165 -45.24 -47.09 10.20
CA GLU C 165 -45.60 -45.71 10.47
C GLU C 165 -45.29 -44.83 9.27
N PRO C 166 -46.05 -43.73 9.06
CA PRO C 166 -47.24 -43.26 9.76
C PRO C 166 -48.55 -43.49 9.00
N VAL C 167 -49.64 -42.98 9.55
CA VAL C 167 -50.96 -43.02 8.92
C VAL C 167 -51.54 -41.63 8.96
N THR C 168 -51.87 -41.08 7.79
CA THR C 168 -52.48 -39.75 7.69
C THR C 168 -53.99 -39.89 7.84
N VAL C 169 -54.52 -39.40 8.97
CA VAL C 169 -55.94 -39.50 9.27
C VAL C 169 -56.58 -38.14 9.01
N SER C 170 -57.62 -38.13 8.19
CA SER C 170 -58.34 -36.92 7.84
C SER C 170 -59.84 -37.15 8.03
N TRP C 171 -60.64 -36.12 7.74
CA TRP C 171 -62.08 -36.19 7.86
C TRP C 171 -62.72 -35.58 6.63
N ASN C 172 -63.65 -36.33 6.03
CA ASN C 172 -64.40 -35.93 4.82
C ASN C 172 -63.48 -35.60 3.65
N SER C 173 -62.40 -36.39 3.52
CA SER C 173 -61.38 -36.25 2.47
C SER C 173 -60.74 -34.86 2.46
N GLY C 174 -60.48 -34.33 3.65
CA GLY C 174 -59.83 -33.04 3.79
C GLY C 174 -60.77 -31.85 3.82
N ALA C 175 -62.08 -32.06 3.76
CA ALA C 175 -63.01 -30.93 3.78
C ALA C 175 -63.20 -30.38 5.18
N LEU C 176 -63.25 -31.25 6.19
CA LEU C 176 -63.43 -30.82 7.57
C LEU C 176 -62.08 -30.41 8.16
N THR C 177 -61.98 -29.14 8.59
CA THR C 177 -60.76 -28.62 9.18
C THR C 177 -60.95 -28.06 10.58
N SER C 178 -62.18 -27.79 11.02
CA SER C 178 -62.43 -27.20 12.32
C SER C 178 -62.37 -28.29 13.39
N GLY C 179 -61.45 -28.14 14.34
CA GLY C 179 -61.33 -29.08 15.44
C GLY C 179 -60.56 -30.34 15.14
N VAL C 180 -60.00 -30.47 13.94
CA VAL C 180 -59.27 -31.68 13.56
C VAL C 180 -57.86 -31.59 14.12
N HIS C 181 -57.47 -32.58 14.92
CA HIS C 181 -56.14 -32.66 15.50
C HIS C 181 -55.60 -34.06 15.34
N THR C 182 -54.40 -34.18 14.78
CA THR C 182 -53.77 -35.46 14.53
C THR C 182 -52.74 -35.75 15.62
N PHE C 183 -52.88 -36.89 16.30
CA PHE C 183 -51.98 -37.33 17.35
C PHE C 183 -50.86 -38.19 16.74
N PRO C 184 -49.64 -38.08 17.28
CA PRO C 184 -48.53 -38.87 16.73
C PRO C 184 -48.66 -40.35 17.06
N ALA C 185 -47.90 -41.16 16.32
CA ALA C 185 -47.95 -42.60 16.48
C ALA C 185 -47.02 -43.04 17.62
N VAL C 186 -47.55 -43.89 18.49
CA VAL C 186 -46.79 -44.43 19.62
C VAL C 186 -46.68 -45.94 19.43
N LEU C 187 -45.46 -46.46 19.50
CA LEU C 187 -45.24 -47.89 19.32
C LEU C 187 -45.67 -48.66 20.56
N GLN C 188 -46.47 -49.70 20.35
CA GLN C 188 -46.95 -50.53 21.46
C GLN C 188 -45.94 -51.63 21.76
N SER C 189 -46.27 -52.49 22.72
CA SER C 189 -45.39 -53.57 23.12
C SER C 189 -45.46 -54.75 22.15
N SER C 190 -46.50 -54.85 21.34
CA SER C 190 -46.64 -55.97 20.41
C SER C 190 -45.90 -55.73 19.10
N GLY C 191 -45.31 -54.56 18.90
CA GLY C 191 -44.59 -54.25 17.68
C GLY C 191 -45.35 -53.45 16.65
N LEU C 192 -46.56 -52.98 16.98
CA LEU C 192 -47.39 -52.22 16.06
C LEU C 192 -47.67 -50.84 16.64
N TYR C 193 -47.97 -49.90 15.75
CA TYR C 193 -48.19 -48.52 16.15
C TYR C 193 -49.69 -48.24 16.34
N SER C 194 -49.98 -47.09 16.94
CA SER C 194 -51.36 -46.67 17.18
C SER C 194 -51.41 -45.15 17.27
N LEU C 195 -52.52 -44.60 16.77
CA LEU C 195 -52.73 -43.15 16.81
C LEU C 195 -54.23 -42.88 16.86
N SER C 196 -54.58 -41.64 17.17
CA SER C 196 -55.97 -41.23 17.28
C SER C 196 -56.16 -39.87 16.63
N SER C 197 -57.42 -39.51 16.41
CA SER C 197 -57.78 -38.23 15.82
C SER C 197 -59.19 -37.87 16.26
N VAL C 198 -59.36 -36.63 16.75
CA VAL C 198 -60.63 -36.18 17.29
C VAL C 198 -61.07 -34.93 16.56
N VAL C 199 -62.38 -34.66 16.62
CA VAL C 199 -62.99 -33.47 16.05
C VAL C 199 -63.87 -32.84 17.12
N THR C 200 -63.60 -31.59 17.46
CA THR C 200 -64.37 -30.88 18.47
C THR C 200 -65.63 -30.28 17.84
N VAL C 201 -66.78 -30.74 18.29
CA VAL C 201 -68.07 -30.26 17.77
C VAL C 201 -68.93 -29.80 18.95
N PRO C 202 -69.85 -28.85 18.75
CA PRO C 202 -70.77 -28.49 19.84
C PRO C 202 -71.77 -29.60 20.11
N SER C 203 -72.36 -29.54 21.30
CA SER C 203 -73.31 -30.56 21.75
C SER C 203 -74.73 -30.33 21.23
N SER C 204 -74.95 -29.29 20.43
CA SER C 204 -76.30 -29.05 19.89
C SER C 204 -76.62 -30.02 18.76
N SER C 205 -75.62 -30.31 17.91
CA SER C 205 -75.78 -31.22 16.79
C SER C 205 -74.96 -32.50 17.00
N LEU C 206 -74.94 -33.00 18.25
CA LEU C 206 -74.15 -34.18 18.57
C LEU C 206 -74.82 -35.45 18.06
N GLY C 207 -76.09 -35.65 18.41
CA GLY C 207 -76.83 -36.82 18.02
C GLY C 207 -77.50 -36.75 16.67
N THR C 208 -77.23 -35.71 15.88
CA THR C 208 -77.83 -35.55 14.56
C THR C 208 -76.81 -35.50 13.43
N GLN C 209 -75.68 -34.83 13.64
CA GLN C 209 -74.66 -34.69 12.61
C GLN C 209 -73.68 -35.85 12.70
N THR C 210 -73.38 -36.46 11.55
CA THR C 210 -72.44 -37.56 11.46
C THR C 210 -71.23 -37.14 10.62
N TYR C 211 -70.14 -37.87 10.79
CA TYR C 211 -68.90 -37.57 10.09
C TYR C 211 -68.27 -38.88 9.60
N ILE C 212 -67.41 -38.76 8.60
CA ILE C 212 -66.70 -39.89 8.01
C ILE C 212 -65.24 -39.79 8.39
N CYS C 213 -64.73 -40.80 9.08
CA CYS C 213 -63.33 -40.85 9.49
C CYS C 213 -62.53 -41.56 8.40
N ASN C 214 -61.66 -40.80 7.72
CA ASN C 214 -60.86 -41.33 6.63
C ASN C 214 -59.50 -41.77 7.15
N VAL C 215 -59.12 -43.01 6.85
CA VAL C 215 -57.85 -43.59 7.26
C VAL C 215 -57.05 -43.89 6.00
N ASN C 216 -55.84 -43.34 5.92
CA ASN C 216 -54.97 -43.50 4.75
C ASN C 216 -53.62 -44.03 5.21
N HIS C 217 -53.32 -45.28 4.86
CA HIS C 217 -52.04 -45.90 5.17
C HIS C 217 -51.20 -45.92 3.89
N LYS C 218 -50.18 -45.07 3.84
CA LYS C 218 -49.41 -44.82 2.62
C LYS C 218 -48.50 -45.98 2.18
N PRO C 219 -47.70 -46.65 3.04
CA PRO C 219 -46.87 -47.75 2.50
C PRO C 219 -47.67 -49.00 2.15
N SER C 220 -48.78 -49.27 2.83
CA SER C 220 -49.56 -50.46 2.55
C SER C 220 -50.70 -50.22 1.55
N ASN C 221 -50.91 -48.96 1.14
CA ASN C 221 -51.96 -48.54 0.20
C ASN C 221 -53.35 -48.96 0.69
N THR C 222 -53.60 -48.79 1.98
CA THR C 222 -54.86 -49.19 2.60
C THR C 222 -55.68 -47.93 2.89
N LYS C 223 -56.89 -47.89 2.34
CA LYS C 223 -57.82 -46.77 2.54
C LYS C 223 -59.14 -47.33 3.06
N VAL C 224 -59.40 -47.13 4.34
CA VAL C 224 -60.62 -47.62 4.99
C VAL C 224 -61.42 -46.42 5.47
N ASP C 225 -62.67 -46.32 5.02
CA ASP C 225 -63.59 -45.27 5.42
C ASP C 225 -64.65 -45.87 6.32
N LYS C 226 -64.79 -45.31 7.53
CA LYS C 226 -65.74 -45.81 8.51
C LYS C 226 -66.60 -44.65 9.00
N LYS C 227 -67.92 -44.86 9.00
CA LYS C 227 -68.85 -43.83 9.47
C LYS C 227 -68.91 -43.85 10.99
N VAL C 228 -68.79 -42.67 11.59
CA VAL C 228 -68.84 -42.51 13.03
C VAL C 228 -70.21 -41.96 13.41
N GLU C 229 -70.96 -42.74 14.18
CA GLU C 229 -72.29 -42.34 14.60
C GLU C 229 -72.62 -42.90 15.98
N ASP D 1 -17.05 -43.74 24.59
CA ASP D 1 -16.98 -42.47 23.88
C ASP D 1 -16.98 -41.30 24.85
N ILE D 2 -16.83 -40.09 24.30
CA ILE D 2 -16.82 -38.87 25.11
C ILE D 2 -18.27 -38.40 25.22
N GLN D 3 -18.86 -38.61 26.40
CA GLN D 3 -20.27 -38.31 26.60
C GLN D 3 -20.51 -36.82 26.76
N MET D 4 -21.74 -36.40 26.47
CA MET D 4 -22.15 -35.02 26.60
C MET D 4 -23.35 -34.93 27.54
N THR D 5 -23.52 -33.76 28.15
CA THR D 5 -24.58 -33.53 29.12
C THR D 5 -25.17 -32.14 28.92
N GLN D 6 -26.49 -32.08 28.76
CA GLN D 6 -27.19 -30.81 28.63
C GLN D 6 -28.07 -30.59 29.87
N SER D 7 -28.36 -29.32 30.15
CA SER D 7 -29.18 -28.95 31.29
C SER D 7 -29.86 -27.61 31.03
N PRO D 8 -31.19 -27.51 31.20
CA PRO D 8 -32.10 -28.60 31.58
C PRO D 8 -32.64 -29.36 30.36
N SER D 9 -33.71 -30.13 30.56
CA SER D 9 -34.29 -30.90 29.48
C SER D 9 -35.28 -30.08 28.66
N SER D 10 -35.97 -29.13 29.28
CA SER D 10 -36.95 -28.31 28.58
C SER D 10 -37.00 -26.94 29.23
N VAL D 11 -37.00 -25.89 28.40
CA VAL D 11 -37.04 -24.51 28.86
C VAL D 11 -38.33 -23.89 28.36
N SER D 12 -39.10 -23.29 29.28
CA SER D 12 -40.35 -22.61 28.97
C SER D 12 -40.17 -21.13 29.25
N ALA D 13 -40.02 -20.34 28.20
CA ALA D 13 -39.84 -18.89 28.32
C ALA D 13 -40.69 -18.19 27.27
N SER D 14 -40.91 -16.91 27.47
CA SER D 14 -41.73 -16.10 26.58
C SER D 14 -40.84 -15.31 25.62
N VAL D 15 -41.49 -14.62 24.69
CA VAL D 15 -40.78 -13.81 23.69
C VAL D 15 -40.28 -12.54 24.36
N GLY D 16 -38.97 -12.30 24.26
CA GLY D 16 -38.33 -11.13 24.83
C GLY D 16 -37.50 -11.40 26.06
N ASP D 17 -37.67 -12.57 26.69
CA ASP D 17 -36.92 -12.91 27.88
C ASP D 17 -35.57 -13.54 27.49
N ARG D 18 -34.78 -13.88 28.49
CA ARG D 18 -33.46 -14.47 28.30
C ARG D 18 -33.54 -15.99 28.46
N VAL D 19 -32.99 -16.71 27.48
CA VAL D 19 -32.97 -18.17 27.51
C VAL D 19 -31.52 -18.61 27.62
N THR D 20 -31.20 -19.34 28.68
CA THR D 20 -29.85 -19.83 28.94
C THR D 20 -29.87 -21.35 28.91
N ILE D 21 -29.25 -21.92 27.88
CA ILE D 21 -29.15 -23.37 27.72
C ILE D 21 -27.66 -23.72 27.73
N THR D 22 -27.27 -24.59 28.65
CA THR D 22 -25.88 -24.98 28.82
C THR D 22 -25.65 -26.40 28.32
N CYS D 23 -24.40 -26.68 27.98
CA CYS D 23 -24.01 -28.01 27.51
C CYS D 23 -22.55 -28.22 27.90
N ARG D 24 -22.33 -29.05 28.91
CA ARG D 24 -21.00 -29.29 29.47
C ARG D 24 -20.43 -30.59 28.92
N ALA D 25 -19.18 -30.53 28.47
CA ALA D 25 -18.49 -31.72 27.98
C ALA D 25 -17.81 -32.44 29.14
N SER D 26 -17.67 -33.77 28.99
CA SER D 26 -17.04 -34.56 30.05
C SER D 26 -15.52 -34.38 30.10
N GLN D 27 -14.91 -33.96 28.99
CA GLN D 27 -13.47 -33.71 28.94
C GLN D 27 -13.22 -32.32 28.42
N GLY D 28 -11.98 -31.86 28.58
CA GLY D 28 -11.61 -30.51 28.18
C GLY D 28 -11.43 -30.39 26.68
N ILE D 29 -12.05 -29.39 26.09
CA ILE D 29 -11.91 -29.12 24.66
C ILE D 29 -11.36 -27.71 24.47
N SER D 30 -12.09 -26.72 24.98
CA SER D 30 -11.73 -25.30 25.11
C SER D 30 -11.63 -24.54 23.79
N SER D 31 -11.79 -25.20 22.65
CA SER D 31 -11.70 -24.50 21.36
C SER D 31 -12.76 -24.90 20.36
N TYR D 32 -13.36 -26.08 20.44
CA TYR D 32 -14.25 -26.58 19.39
C TYR D 32 -15.56 -27.02 20.01
N LEU D 33 -16.65 -26.39 19.58
CA LEU D 33 -18.00 -26.76 20.02
C LEU D 33 -19.00 -26.28 18.98
N ALA D 34 -19.96 -27.13 18.65
CA ALA D 34 -20.98 -26.82 17.67
C ALA D 34 -22.34 -26.68 18.34
N TRP D 35 -23.25 -26.01 17.63
CA TRP D 35 -24.62 -25.82 18.10
C TRP D 35 -25.56 -25.86 16.90
N TYR D 36 -26.58 -26.71 16.97
CA TYR D 36 -27.52 -26.88 15.88
C TYR D 36 -28.92 -26.50 16.34
N GLN D 37 -29.79 -26.24 15.35
CA GLN D 37 -31.20 -25.95 15.59
C GLN D 37 -32.01 -26.98 14.82
N LEU D 38 -32.41 -28.05 15.50
CA LEU D 38 -33.13 -29.14 14.87
C LEU D 38 -34.63 -28.92 14.97
N LYS D 39 -35.31 -29.01 13.83
CA LYS D 39 -36.76 -28.86 13.75
C LYS D 39 -37.39 -30.16 13.28
N PRO D 40 -38.60 -30.49 13.76
CA PRO D 40 -39.28 -31.70 13.30
C PRO D 40 -39.75 -31.57 11.86
N GLY D 41 -39.28 -32.48 11.01
CA GLY D 41 -39.62 -32.45 9.61
C GLY D 41 -38.77 -31.53 8.76
N ARG D 42 -37.75 -30.91 9.32
CA ARG D 42 -36.87 -30.02 8.57
C ARG D 42 -35.41 -30.36 8.87
N ALA D 43 -34.52 -29.83 8.04
CA ALA D 43 -33.09 -30.07 8.21
C ALA D 43 -32.54 -29.14 9.29
N PRO D 44 -31.60 -29.61 10.10
CA PRO D 44 -30.99 -28.75 11.13
C PRO D 44 -30.04 -27.74 10.51
N LYS D 45 -29.84 -26.65 11.25
CA LYS D 45 -28.99 -25.54 10.81
C LYS D 45 -27.94 -25.26 11.87
N LEU D 46 -26.69 -25.15 11.43
CA LEU D 46 -25.59 -24.86 12.35
C LEU D 46 -25.63 -23.39 12.75
N LEU D 47 -25.79 -23.13 14.05
CA LEU D 47 -25.85 -21.76 14.56
C LEU D 47 -24.49 -21.27 15.03
N ILE D 48 -23.88 -21.97 16.00
CA ILE D 48 -22.61 -21.59 16.57
C ILE D 48 -21.59 -22.67 16.25
N TYR D 49 -20.41 -22.26 15.78
CA TYR D 49 -19.31 -23.18 15.52
C TYR D 49 -18.08 -22.70 16.28
N GLY D 50 -17.41 -23.63 16.97
CA GLY D 50 -16.24 -23.30 17.75
C GLY D 50 -16.49 -22.54 19.03
N ALA D 51 -17.78 -22.31 19.38
CA ALA D 51 -18.24 -21.61 20.58
C ALA D 51 -17.71 -20.18 20.69
N THR D 52 -17.28 -19.57 19.59
CA THR D 52 -16.79 -18.20 19.60
C THR D 52 -17.44 -17.37 18.49
N ARG D 53 -17.77 -18.01 17.37
CA ARG D 53 -18.23 -17.32 16.19
C ARG D 53 -19.63 -17.78 15.79
N LEU D 54 -20.21 -17.08 14.83
CA LEU D 54 -21.54 -17.38 14.32
C LEU D 54 -21.47 -17.74 12.84
N GLN D 55 -22.30 -18.70 12.43
CA GLN D 55 -22.36 -19.10 11.03
C GLN D 55 -23.04 -18.02 10.19
N SER D 56 -22.64 -17.93 8.93
CA SER D 56 -23.26 -16.99 8.00
C SER D 56 -24.70 -17.41 7.70
N GLY D 57 -25.60 -16.42 7.66
CA GLY D 57 -27.01 -16.67 7.54
C GLY D 57 -27.75 -16.74 8.86
N VAL D 58 -27.03 -16.97 9.97
CA VAL D 58 -27.62 -16.97 11.30
C VAL D 58 -27.65 -15.54 11.82
N PRO D 59 -28.77 -15.08 12.37
CA PRO D 59 -28.80 -13.72 12.93
C PRO D 59 -27.96 -13.60 14.19
N SER D 60 -27.72 -12.35 14.59
CA SER D 60 -26.84 -12.03 15.71
C SER D 60 -27.54 -12.12 17.07
N ARG D 61 -28.74 -12.71 17.14
CA ARG D 61 -29.41 -12.85 18.43
C ARG D 61 -28.76 -13.94 19.28
N PHE D 62 -28.14 -14.92 18.66
CA PHE D 62 -27.47 -15.98 19.41
C PHE D 62 -26.07 -15.55 19.80
N SER D 63 -25.61 -16.06 20.94
CA SER D 63 -24.28 -15.75 21.45
C SER D 63 -23.78 -16.90 22.29
N GLY D 64 -22.49 -17.21 22.15
CA GLY D 64 -21.89 -18.29 22.88
C GLY D 64 -20.43 -18.06 23.21
N SER D 65 -20.01 -18.48 24.39
CA SER D 65 -18.64 -18.30 24.84
C SER D 65 -18.32 -19.37 25.88
N GLY D 66 -17.07 -19.41 26.29
CA GLY D 66 -16.60 -20.33 27.30
C GLY D 66 -15.21 -20.86 26.97
N SER D 67 -14.52 -21.30 28.01
CA SER D 67 -13.17 -21.85 27.87
C SER D 67 -13.03 -23.04 28.79
N GLY D 68 -12.75 -24.21 28.21
CA GLY D 68 -12.62 -25.43 28.98
C GLY D 68 -13.78 -26.37 28.80
N THR D 69 -14.58 -26.55 29.84
CA THR D 69 -15.75 -27.42 29.80
C THR D 69 -17.07 -26.70 30.02
N ASP D 70 -17.04 -25.44 30.43
CA ASP D 70 -18.25 -24.66 30.72
C ASP D 70 -18.53 -23.73 29.56
N PHE D 71 -19.71 -23.88 28.95
CA PHE D 71 -20.15 -23.05 27.84
C PHE D 71 -21.59 -22.61 28.07
N THR D 72 -21.90 -21.41 27.59
CA THR D 72 -23.20 -20.80 27.82
C THR D 72 -23.74 -20.24 26.51
N LEU D 73 -24.98 -20.62 26.18
CA LEU D 73 -25.69 -20.09 25.02
C LEU D 73 -26.71 -19.08 25.51
N THR D 74 -26.45 -17.80 25.25
CA THR D 74 -27.29 -16.71 25.72
C THR D 74 -28.14 -16.20 24.56
N ILE D 75 -29.46 -16.19 24.75
CA ILE D 75 -30.40 -15.72 23.75
C ILE D 75 -31.13 -14.53 24.35
N SER D 76 -30.75 -13.32 23.95
CA SER D 76 -31.38 -12.09 24.40
C SER D 76 -32.27 -11.46 23.34
N GLY D 77 -32.42 -12.12 22.19
CA GLY D 77 -33.23 -11.61 21.11
C GLY D 77 -34.21 -12.65 20.59
N LEU D 78 -34.87 -13.35 21.51
CA LEU D 78 -35.70 -14.50 21.16
C LEU D 78 -36.91 -14.11 20.33
N GLN D 79 -37.10 -14.81 19.22
CA GLN D 79 -38.22 -14.64 18.30
C GLN D 79 -39.19 -15.80 18.44
N PRO D 80 -40.45 -15.63 18.02
CA PRO D 80 -41.39 -16.78 18.03
C PRO D 80 -41.03 -17.90 17.07
N GLU D 81 -40.20 -17.64 16.06
CA GLU D 81 -39.79 -18.69 15.13
C GLU D 81 -38.63 -19.53 15.64
N ASP D 82 -38.09 -19.22 16.81
CA ASP D 82 -36.91 -19.91 17.33
C ASP D 82 -37.25 -20.97 18.38
N PHE D 83 -38.53 -21.22 18.64
CA PHE D 83 -38.93 -22.22 19.62
C PHE D 83 -38.75 -23.61 19.00
N ALA D 84 -37.56 -24.17 19.16
CA ALA D 84 -37.23 -25.47 18.61
C ALA D 84 -36.25 -26.16 19.53
N THR D 85 -35.80 -27.35 19.13
CA THR D 85 -34.86 -28.15 19.91
C THR D 85 -33.44 -27.86 19.45
N TYR D 86 -32.55 -27.60 20.41
CA TYR D 86 -31.16 -27.28 20.14
C TYR D 86 -30.26 -28.42 20.60
N HIS D 87 -29.18 -28.66 19.86
CA HIS D 87 -28.25 -29.74 20.15
C HIS D 87 -26.82 -29.23 20.05
N CYS D 88 -25.97 -29.69 20.96
CA CYS D 88 -24.55 -29.38 20.94
C CYS D 88 -23.77 -30.57 20.42
N GLN D 89 -22.66 -30.29 19.74
CA GLN D 89 -21.82 -31.31 19.13
C GLN D 89 -20.36 -31.03 19.43
N GLN D 90 -19.64 -32.06 19.86
CA GLN D 90 -18.19 -31.97 20.06
C GLN D 90 -17.49 -32.27 18.73
N ALA D 91 -16.52 -31.42 18.38
CA ALA D 91 -15.83 -31.55 17.10
C ALA D 91 -14.47 -32.22 17.21
N ASP D 92 -13.97 -32.45 18.42
CA ASP D 92 -12.65 -33.06 18.60
C ASP D 92 -12.60 -33.71 19.98
N SER D 93 -12.16 -34.96 20.04
CA SER D 93 -11.79 -35.78 18.88
C SER D 93 -12.97 -36.64 18.44
N PHE D 94 -12.67 -37.60 17.55
CA PHE D 94 -13.68 -38.56 17.14
C PHE D 94 -14.01 -39.49 18.31
N PRO D 95 -15.29 -39.91 18.47
CA PRO D 95 -16.48 -39.64 17.64
C PRO D 95 -17.11 -38.26 17.87
N LEU D 96 -17.85 -37.78 16.89
CA LEU D 96 -18.56 -36.50 16.97
C LEU D 96 -19.85 -36.73 17.74
N THR D 97 -19.74 -36.74 19.06
CA THR D 97 -20.88 -37.02 19.93
C THR D 97 -21.80 -35.82 19.99
N PHE D 98 -23.08 -36.04 19.67
CA PHE D 98 -24.08 -34.99 19.74
C PHE D 98 -24.66 -34.91 21.15
N GLY D 99 -25.43 -33.84 21.39
CA GLY D 99 -26.04 -33.63 22.68
C GLY D 99 -27.35 -34.38 22.83
N GLN D 100 -28.00 -34.14 23.97
CA GLN D 100 -29.28 -34.78 24.27
C GLN D 100 -30.46 -34.04 23.65
N GLY D 101 -30.44 -32.73 23.67
CA GLY D 101 -31.54 -31.94 23.12
C GLY D 101 -32.32 -31.23 24.20
N THR D 102 -32.69 -29.99 23.93
CA THR D 102 -33.46 -29.17 24.86
C THR D 102 -34.59 -28.49 24.09
N ARG D 103 -35.83 -28.85 24.41
CA ARG D 103 -36.98 -28.29 23.73
C ARG D 103 -37.35 -26.94 24.35
N LEU D 104 -37.49 -25.94 23.50
CA LEU D 104 -37.83 -24.58 23.93
C LEU D 104 -39.33 -24.37 23.73
N GLU D 105 -40.04 -24.03 24.82
CA GLU D 105 -41.48 -23.89 24.81
C GLU D 105 -41.87 -22.46 25.11
N ILE D 106 -43.07 -22.09 24.68
CA ILE D 106 -43.61 -20.74 24.89
C ILE D 106 -44.31 -20.70 26.24
N LYS D 107 -43.94 -19.71 27.06
CA LYS D 107 -44.53 -19.54 28.38
C LYS D 107 -45.79 -18.70 28.27
N ARG D 108 -46.88 -19.18 28.87
CA ARG D 108 -48.15 -18.48 28.86
C ARG D 108 -48.89 -18.76 30.17
N THR D 109 -50.14 -18.35 30.24
CA THR D 109 -50.96 -18.55 31.42
C THR D 109 -51.46 -20.00 31.48
N VAL D 110 -51.55 -20.52 32.70
CA VAL D 110 -52.02 -21.88 32.90
C VAL D 110 -53.54 -21.93 32.67
N ALA D 111 -53.96 -22.86 31.82
CA ALA D 111 -55.37 -23.02 31.47
C ALA D 111 -55.88 -24.37 31.92
N ALA D 112 -57.19 -24.45 32.17
CA ALA D 112 -57.80 -25.70 32.63
C ALA D 112 -58.17 -26.58 31.44
N PRO D 113 -57.90 -27.88 31.52
CA PRO D 113 -58.24 -28.77 30.41
C PRO D 113 -59.73 -29.11 30.37
N SER D 114 -60.18 -29.47 29.18
CA SER D 114 -61.56 -29.91 28.96
C SER D 114 -61.56 -31.43 28.81
N VAL D 115 -62.17 -32.11 29.77
CA VAL D 115 -62.11 -33.57 29.83
C VAL D 115 -63.19 -34.16 28.93
N PHE D 116 -62.77 -35.06 28.03
CA PHE D 116 -63.69 -35.83 27.20
C PHE D 116 -63.32 -37.30 27.27
N ILE D 117 -64.31 -38.16 27.13
CA ILE D 117 -64.12 -39.61 27.19
C ILE D 117 -65.09 -40.27 26.22
N PHE D 118 -64.56 -41.19 25.41
CA PHE D 118 -65.35 -41.85 24.38
C PHE D 118 -65.66 -43.28 24.78
N PRO D 119 -66.94 -43.67 24.87
CA PRO D 119 -67.24 -45.07 25.15
C PRO D 119 -66.96 -45.95 23.95
N PRO D 120 -66.65 -47.22 24.17
CA PRO D 120 -66.43 -48.12 23.03
C PRO D 120 -67.73 -48.48 22.33
N SER D 121 -67.62 -48.66 21.01
CA SER D 121 -68.78 -49.00 20.19
C SER D 121 -68.92 -50.52 20.09
N ASP D 122 -69.97 -50.96 19.39
CA ASP D 122 -70.23 -52.38 19.22
C ASP D 122 -69.32 -53.03 18.18
N GLU D 123 -68.72 -52.24 17.29
CA GLU D 123 -67.84 -52.78 16.27
C GLU D 123 -66.47 -53.18 16.83
N GLN D 124 -66.10 -52.65 17.99
CA GLN D 124 -64.79 -52.95 18.58
C GLN D 124 -64.86 -54.09 19.59
N LEU D 125 -66.00 -54.24 20.29
CA LEU D 125 -66.13 -55.30 21.29
C LEU D 125 -66.28 -56.67 20.63
N LYS D 126 -66.94 -56.73 19.47
CA LYS D 126 -67.13 -58.01 18.79
C LYS D 126 -65.85 -58.52 18.15
N SER D 127 -64.84 -57.66 17.96
CA SER D 127 -63.56 -58.09 17.40
C SER D 127 -62.69 -58.84 18.40
N GLY D 128 -62.99 -58.74 19.70
CA GLY D 128 -62.25 -59.43 20.73
C GLY D 128 -61.43 -58.52 21.62
N THR D 129 -61.26 -57.25 21.27
CA THR D 129 -60.48 -56.32 22.08
C THR D 129 -61.10 -54.94 21.95
N ALA D 130 -61.56 -54.39 23.07
CA ALA D 130 -62.16 -53.06 23.12
C ALA D 130 -61.22 -52.10 23.83
N SER D 131 -61.41 -50.81 23.54
CA SER D 131 -60.57 -49.76 24.10
C SER D 131 -61.41 -48.52 24.36
N VAL D 132 -61.07 -47.81 25.43
CA VAL D 132 -61.73 -46.56 25.81
C VAL D 132 -60.73 -45.43 25.68
N VAL D 133 -61.11 -44.37 24.96
CA VAL D 133 -60.24 -43.24 24.67
C VAL D 133 -60.68 -42.06 25.52
N CYS D 134 -59.73 -41.45 26.23
CA CYS D 134 -59.96 -40.24 26.99
C CYS D 134 -59.21 -39.08 26.35
N LEU D 135 -59.87 -37.94 26.24
CA LEU D 135 -59.37 -36.80 25.49
C LEU D 135 -59.13 -35.61 26.41
N LEU D 136 -57.98 -34.96 26.23
CA LEU D 136 -57.63 -33.75 26.97
C LEU D 136 -57.19 -32.69 25.99
N ASN D 137 -57.91 -31.56 25.98
CA ASN D 137 -57.60 -30.44 25.09
C ASN D 137 -57.51 -29.16 25.89
N ASN D 138 -56.77 -28.19 25.33
CA ASN D 138 -56.62 -26.83 25.85
C ASN D 138 -56.06 -26.82 27.28
N PHE D 139 -54.84 -27.31 27.41
CA PHE D 139 -54.16 -27.33 28.70
C PHE D 139 -52.71 -26.87 28.53
N TYR D 140 -52.12 -26.44 29.65
CA TYR D 140 -50.75 -25.98 29.70
C TYR D 140 -50.27 -26.19 31.13
N PRO D 141 -49.05 -26.74 31.34
CA PRO D 141 -48.08 -27.18 30.34
C PRO D 141 -48.31 -28.59 29.83
N ARG D 142 -47.27 -29.17 29.23
CA ARG D 142 -47.36 -30.52 28.67
C ARG D 142 -47.35 -31.61 29.73
N GLU D 143 -46.91 -31.28 30.95
CA GLU D 143 -46.82 -32.27 32.04
C GLU D 143 -48.21 -32.55 32.59
N ALA D 144 -48.90 -33.46 31.91
CA ALA D 144 -50.23 -33.90 32.32
C ALA D 144 -50.26 -35.42 32.41
N LYS D 145 -51.01 -35.92 33.38
CA LYS D 145 -51.12 -37.36 33.62
C LYS D 145 -52.58 -37.79 33.57
N VAL D 146 -52.80 -39.00 33.07
CA VAL D 146 -54.12 -39.60 32.99
C VAL D 146 -54.15 -40.82 33.89
N GLN D 147 -55.02 -40.80 34.89
CA GLN D 147 -55.14 -41.89 35.85
C GLN D 147 -56.38 -42.72 35.50
N TRP D 148 -56.16 -43.90 34.93
CA TRP D 148 -57.26 -44.79 34.57
C TRP D 148 -57.73 -45.56 35.80
N LYS D 149 -59.03 -45.48 36.08
CA LYS D 149 -59.63 -46.20 37.20
C LYS D 149 -60.88 -46.91 36.71
N VAL D 150 -60.89 -48.23 36.84
CA VAL D 150 -62.02 -49.07 36.45
C VAL D 150 -62.57 -49.73 37.70
N ASP D 151 -63.84 -49.45 38.01
CA ASP D 151 -64.55 -49.95 39.20
C ASP D 151 -63.82 -49.56 40.48
N ASN D 152 -63.39 -48.29 40.54
CA ASN D 152 -62.65 -47.69 41.66
C ASN D 152 -61.36 -48.46 41.97
N ALA D 153 -60.68 -48.90 40.91
CA ALA D 153 -59.41 -49.61 41.04
C ALA D 153 -58.42 -49.07 40.03
N LEU D 154 -57.23 -48.71 40.50
CA LEU D 154 -56.23 -48.12 39.62
C LEU D 154 -55.62 -49.18 38.72
N GLN D 155 -55.62 -48.91 37.41
CA GLN D 155 -55.06 -49.82 36.42
C GLN D 155 -53.66 -49.37 36.01
N SER D 156 -52.83 -50.34 35.66
CA SER D 156 -51.46 -50.08 35.26
C SER D 156 -50.97 -51.20 34.36
N GLY D 157 -50.06 -50.85 33.45
CA GLY D 157 -49.48 -51.80 32.53
C GLY D 157 -50.31 -52.11 31.30
N ASN D 158 -51.44 -51.42 31.11
CA ASN D 158 -52.28 -51.67 29.95
C ASN D 158 -52.81 -50.37 29.36
N SER D 159 -52.08 -49.27 29.53
CA SER D 159 -52.48 -47.97 29.03
C SER D 159 -51.31 -47.31 28.31
N GLN D 160 -51.64 -46.37 27.42
CA GLN D 160 -50.64 -45.64 26.65
C GLN D 160 -51.21 -44.29 26.25
N GLU D 161 -50.38 -43.26 26.34
CA GLU D 161 -50.79 -41.90 26.02
C GLU D 161 -50.12 -41.43 24.73
N SER D 162 -50.66 -40.35 24.16
CA SER D 162 -50.12 -39.77 22.94
C SER D 162 -50.32 -38.27 23.01
N VAL D 163 -49.22 -37.51 23.06
CA VAL D 163 -49.26 -36.07 23.19
C VAL D 163 -48.76 -35.44 21.89
N THR D 164 -49.41 -34.36 21.47
CA THR D 164 -49.02 -33.64 20.26
C THR D 164 -47.96 -32.60 20.61
N GLU D 165 -47.65 -31.72 19.67
CA GLU D 165 -46.69 -30.64 19.89
C GLU D 165 -47.43 -29.40 20.42
N GLN D 166 -46.72 -28.28 20.48
CA GLN D 166 -47.31 -27.05 20.98
C GLN D 166 -48.08 -26.34 19.87
N ASP D 167 -49.19 -25.71 20.24
CA ASP D 167 -50.02 -24.99 19.28
C ASP D 167 -49.33 -23.71 18.84
N SER D 168 -49.56 -23.32 17.58
CA SER D 168 -48.95 -22.11 17.05
C SER D 168 -49.68 -20.85 17.50
N LYS D 169 -50.98 -20.94 17.76
CA LYS D 169 -51.78 -19.79 18.16
C LYS D 169 -52.14 -19.79 19.64
N ASP D 170 -52.72 -20.88 20.14
CA ASP D 170 -53.13 -20.94 21.53
C ASP D 170 -52.00 -21.34 22.48
N SER D 171 -50.90 -21.89 21.93
CA SER D 171 -49.73 -22.34 22.69
C SER D 171 -50.11 -23.40 23.74
N THR D 172 -50.98 -24.32 23.35
CA THR D 172 -51.45 -25.39 24.23
C THR D 172 -51.04 -26.74 23.65
N TYR D 173 -51.52 -27.81 24.29
CA TYR D 173 -51.21 -29.17 23.88
C TYR D 173 -52.50 -29.99 23.81
N SER D 174 -52.37 -31.20 23.28
CA SER D 174 -53.47 -32.15 23.20
C SER D 174 -52.99 -33.52 23.63
N LEU D 175 -53.79 -34.20 24.43
CA LEU D 175 -53.42 -35.51 24.98
C LEU D 175 -54.56 -36.49 24.74
N SER D 176 -54.20 -37.73 24.42
CA SER D 176 -55.18 -38.80 24.20
C SER D 176 -54.61 -40.09 24.76
N SER D 177 -55.29 -40.67 25.73
CA SER D 177 -54.89 -41.91 26.36
C SER D 177 -55.83 -43.04 25.93
N THR D 178 -55.28 -44.24 25.80
CA THR D 178 -56.03 -45.41 25.38
C THR D 178 -55.78 -46.56 26.35
N LEU D 179 -56.86 -47.08 26.93
CA LEU D 179 -56.80 -48.19 27.86
C LEU D 179 -57.27 -49.44 27.13
N THR D 180 -56.38 -50.42 26.99
CA THR D 180 -56.67 -51.63 26.24
C THR D 180 -57.21 -52.70 27.18
N LEU D 181 -58.38 -53.24 26.87
CA LEU D 181 -59.00 -54.29 27.65
C LEU D 181 -59.43 -55.42 26.72
N SER D 182 -59.54 -56.62 27.28
CA SER D 182 -59.96 -57.79 26.52
C SER D 182 -61.49 -57.84 26.46
N LYS D 183 -62.00 -58.84 25.73
CA LYS D 183 -63.45 -58.98 25.57
C LYS D 183 -64.09 -59.58 26.81
N ALA D 184 -63.41 -60.53 27.46
CA ALA D 184 -63.97 -61.17 28.64
C ALA D 184 -63.92 -60.26 29.87
N ASP D 185 -62.94 -59.36 29.92
CA ASP D 185 -62.81 -58.44 31.05
C ASP D 185 -63.67 -57.18 30.90
N TYR D 186 -64.18 -56.90 29.69
CA TYR D 186 -65.02 -55.73 29.51
C TYR D 186 -66.42 -55.95 30.07
N GLU D 187 -66.98 -57.15 29.89
CA GLU D 187 -68.31 -57.44 30.39
C GLU D 187 -68.33 -57.68 31.90
N LYS D 188 -67.17 -57.95 32.51
CA LYS D 188 -67.12 -58.15 33.95
C LYS D 188 -67.26 -56.84 34.70
N HIS D 189 -66.61 -55.78 34.21
CA HIS D 189 -66.67 -54.48 34.86
C HIS D 189 -67.83 -53.67 34.28
N LYS D 190 -68.22 -52.63 35.03
CA LYS D 190 -69.36 -51.79 34.66
C LYS D 190 -69.00 -50.31 34.58
N VAL D 191 -68.10 -49.83 35.43
CA VAL D 191 -67.76 -48.42 35.52
C VAL D 191 -66.37 -48.20 34.92
N TYR D 192 -66.29 -47.28 33.96
CA TYR D 192 -65.02 -46.91 33.34
C TYR D 192 -64.87 -45.40 33.43
N ALA D 193 -63.89 -44.93 34.19
CA ALA D 193 -63.69 -43.52 34.44
C ALA D 193 -62.31 -43.07 33.99
N CYS D 194 -62.16 -41.76 33.83
CA CYS D 194 -60.90 -41.15 33.42
C CYS D 194 -60.61 -39.99 34.38
N GLU D 195 -59.80 -40.26 35.39
CA GLU D 195 -59.42 -39.24 36.37
C GLU D 195 -58.23 -38.45 35.85
N VAL D 196 -58.35 -37.13 35.83
CA VAL D 196 -57.36 -36.23 35.27
C VAL D 196 -56.69 -35.47 36.40
N THR D 197 -55.36 -35.52 36.46
CA THR D 197 -54.57 -34.77 37.43
C THR D 197 -53.77 -33.71 36.68
N HIS D 198 -54.05 -32.44 36.96
CA HIS D 198 -53.42 -31.34 36.26
C HIS D 198 -53.02 -30.27 37.27
N GLN D 199 -52.04 -29.46 36.89
CA GLN D 199 -51.56 -28.41 37.79
C GLN D 199 -52.55 -27.25 37.89
N GLY D 200 -53.32 -27.00 36.83
CA GLY D 200 -54.28 -25.93 36.82
C GLY D 200 -55.63 -26.26 37.40
N LEU D 201 -55.85 -27.50 37.82
CA LEU D 201 -57.11 -27.93 38.39
C LEU D 201 -56.98 -28.06 39.91
N SER D 202 -57.86 -27.38 40.64
CA SER D 202 -57.88 -27.47 42.09
C SER D 202 -58.56 -28.74 42.58
N SER D 203 -59.31 -29.42 41.70
CA SER D 203 -59.99 -30.66 42.03
C SER D 203 -59.89 -31.60 40.83
N PRO D 204 -59.67 -32.89 41.06
CA PRO D 204 -59.55 -33.83 39.93
C PRO D 204 -60.91 -34.08 39.27
N VAL D 205 -60.96 -33.84 37.97
CA VAL D 205 -62.19 -34.04 37.20
C VAL D 205 -62.26 -35.51 36.79
N THR D 206 -63.35 -36.18 37.15
CA THR D 206 -63.55 -37.59 36.87
C THR D 206 -64.83 -37.76 36.07
N LYS D 207 -64.71 -38.11 34.79
CA LYS D 207 -65.83 -38.38 33.91
C LYS D 207 -65.93 -39.87 33.66
N SER D 208 -67.13 -40.42 33.79
CA SER D 208 -67.36 -41.84 33.65
C SER D 208 -68.60 -42.09 32.81
N PHE D 209 -68.83 -43.36 32.49
CA PHE D 209 -69.99 -43.77 31.71
C PHE D 209 -70.39 -45.18 32.12
N ASN D 210 -71.57 -45.59 31.68
CA ASN D 210 -72.08 -46.92 32.00
C ASN D 210 -71.74 -47.90 30.89
N ARG D 211 -71.53 -49.16 31.29
CA ARG D 211 -71.18 -50.19 30.32
C ARG D 211 -72.37 -50.60 29.46
N GLY D 212 -73.57 -50.58 30.03
CA GLY D 212 -74.78 -50.90 29.31
C GLY D 212 -75.43 -49.76 28.56
N GLU D 213 -74.84 -48.56 28.62
CA GLU D 213 -75.38 -47.38 27.96
C GLU D 213 -74.34 -46.76 27.03
N CYS D 214 -73.55 -47.60 26.37
CA CYS D 214 -72.53 -47.12 25.44
C CYS D 214 -73.14 -46.76 24.09
N SER E 7 44.26 -26.84 15.74
CA SER E 7 45.30 -25.99 15.17
C SER E 7 44.74 -25.17 14.02
N ASP E 8 43.85 -25.77 13.23
CA ASP E 8 43.26 -25.09 12.10
C ASP E 8 42.16 -24.12 12.57
N THR E 9 41.76 -23.24 11.67
CA THR E 9 40.76 -22.23 11.97
C THR E 9 39.90 -21.99 10.74
N LEU E 10 38.61 -22.29 10.84
CA LEU E 10 37.65 -22.05 9.77
C LEU E 10 36.60 -21.06 10.30
N CYS E 11 36.68 -19.82 9.84
CA CYS E 11 35.79 -18.76 10.28
C CYS E 11 34.98 -18.23 9.11
N ILE E 12 33.69 -18.04 9.31
CA ILE E 12 32.81 -17.51 8.27
C ILE E 12 33.07 -16.00 8.14
N GLY E 13 33.42 -15.57 6.92
CA GLY E 13 33.69 -14.18 6.65
C GLY E 13 32.52 -13.50 5.96
N TYR E 14 32.42 -12.19 6.16
CA TYR E 14 31.38 -11.37 5.55
C TYR E 14 32.00 -10.13 4.95
N HIS E 15 31.28 -9.55 3.99
CA HIS E 15 31.81 -8.41 3.24
C HIS E 15 31.71 -7.13 4.06
N ALA E 16 32.74 -6.28 3.94
CA ALA E 16 32.76 -4.96 4.57
C ALA E 16 33.70 -4.08 3.77
N ASN E 17 33.39 -2.79 3.74
CA ASN E 17 34.20 -1.82 3.00
C ASN E 17 34.11 -0.47 3.69
N ASN E 18 34.56 0.57 2.99
CA ASN E 18 34.55 1.94 3.51
C ASN E 18 33.39 2.75 2.93
N SER E 19 32.24 2.11 2.71
CA SER E 19 31.08 2.80 2.16
C SER E 19 30.43 3.69 3.21
N THR E 20 29.90 4.82 2.74
CA THR E 20 29.26 5.79 3.62
C THR E 20 27.76 5.90 3.38
N ASP E 21 27.21 5.17 2.41
CA ASP E 21 25.79 5.22 2.13
C ASP E 21 25.01 4.43 3.17
N THR E 22 24.03 5.07 3.79
CA THR E 22 23.24 4.49 4.87
C THR E 22 21.80 4.29 4.42
N VAL E 23 21.15 3.28 5.03
CA VAL E 23 19.76 2.96 4.74
C VAL E 23 18.95 3.11 6.03
N ASP E 24 17.63 2.97 5.90
CA ASP E 24 16.71 3.07 7.01
C ASP E 24 16.03 1.72 7.23
N THR E 25 16.14 1.20 8.45
CA THR E 25 15.52 -0.07 8.84
C THR E 25 14.63 0.15 10.05
N VAL E 26 13.80 -0.85 10.33
CA VAL E 26 12.93 -0.77 11.50
C VAL E 26 13.70 -1.06 12.78
N LEU E 27 14.81 -1.79 12.69
CA LEU E 27 15.60 -2.10 13.87
C LEU E 27 16.36 -0.87 14.37
N GLU E 28 16.96 -0.10 13.45
CA GLU E 28 17.72 1.07 13.82
C GLU E 28 17.76 2.01 12.62
N LYS E 29 17.70 3.31 12.90
CA LYS E 29 17.84 4.33 11.86
C LYS E 29 19.31 4.65 11.65
N ASN E 30 19.63 5.10 10.43
CA ASN E 30 20.99 5.48 9.99
C ASN E 30 21.97 4.33 10.15
N VAL E 31 21.70 3.24 9.43
CA VAL E 31 22.52 2.03 9.47
C VAL E 31 23.36 1.98 8.21
N THR E 32 24.68 1.95 8.38
CA THR E 32 25.60 1.89 7.25
C THR E 32 25.69 0.46 6.71
N VAL E 33 25.47 0.31 5.42
CA VAL E 33 25.55 -0.98 4.76
C VAL E 33 26.74 -0.98 3.80
N THR E 34 27.11 -2.18 3.34
CA THR E 34 28.27 -2.32 2.47
C THR E 34 27.91 -1.98 1.02
N HIS E 35 27.03 -2.77 0.42
CA HIS E 35 26.54 -2.53 -0.93
C HIS E 35 25.07 -2.14 -0.88
N SER E 36 24.69 -1.18 -1.72
CA SER E 36 23.32 -0.68 -1.74
C SER E 36 23.04 -0.08 -3.10
N VAL E 37 21.82 -0.31 -3.59
CA VAL E 37 21.34 0.23 -4.85
C VAL E 37 20.44 1.42 -4.52
N ASN E 38 20.83 2.60 -4.99
CA ASN E 38 20.08 3.82 -4.72
C ASN E 38 18.81 3.80 -5.56
N LEU E 39 17.70 3.39 -4.94
CA LEU E 39 16.41 3.33 -5.62
C LEU E 39 15.76 4.69 -5.78
N LEU E 40 16.28 5.72 -5.10
CA LEU E 40 15.74 7.07 -5.18
C LEU E 40 16.64 7.91 -6.07
N GLU E 41 16.11 8.37 -7.19
CA GLU E 41 16.87 9.18 -8.15
C GLU E 41 16.99 10.59 -7.61
N ASP E 42 18.17 10.94 -7.08
CA ASP E 42 18.44 12.27 -6.59
C ASP E 42 19.29 13.10 -7.54
N LYS E 43 19.92 12.47 -8.52
CA LYS E 43 20.76 13.18 -9.48
C LYS E 43 19.95 13.59 -10.70
N HIS E 44 20.50 14.54 -11.47
CA HIS E 44 19.86 15.04 -12.66
C HIS E 44 20.93 15.55 -13.62
N ASN E 45 20.72 15.28 -14.92
CA ASN E 45 21.69 15.68 -15.92
C ASN E 45 21.59 17.15 -16.30
N GLY E 46 20.43 17.77 -16.10
CA GLY E 46 20.25 19.17 -16.44
C GLY E 46 19.99 19.46 -17.89
N LYS E 47 19.59 18.45 -18.67
CA LYS E 47 19.35 18.61 -20.09
C LYS E 47 17.93 18.23 -20.44
N LEU E 48 17.52 18.59 -21.65
CA LEU E 48 16.20 18.24 -22.19
C LEU E 48 16.44 17.17 -23.27
N CYS E 49 16.41 15.91 -22.84
CA CYS E 49 16.72 14.80 -23.73
C CYS E 49 15.46 14.36 -24.49
N LYS E 50 15.64 13.37 -25.36
CA LYS E 50 14.53 12.84 -26.16
C LYS E 50 13.79 11.76 -25.38
N LEU E 51 12.62 11.40 -25.89
CA LEU E 51 11.80 10.33 -25.33
C LEU E 51 11.50 9.33 -26.44
N ARG E 52 12.09 8.13 -26.32
CA ARG E 52 11.90 7.01 -27.26
C ARG E 52 12.28 7.40 -28.69
N GLY E 53 13.36 8.16 -28.82
CA GLY E 53 13.86 8.56 -30.13
C GLY E 53 13.18 9.76 -30.74
N VAL E 54 12.16 10.32 -30.10
CA VAL E 54 11.42 11.46 -30.62
C VAL E 54 11.97 12.72 -29.97
N ALA E 55 12.41 13.67 -30.79
CA ALA E 55 12.97 14.92 -30.28
C ALA E 55 11.86 15.83 -29.77
N PRO E 56 11.98 16.40 -28.58
CA PRO E 56 10.92 17.24 -28.02
C PRO E 56 10.89 18.62 -28.68
N LEU E 57 9.93 19.42 -28.24
CA LEU E 57 9.72 20.77 -28.76
C LEU E 57 10.04 21.77 -27.66
N HIS E 58 11.02 22.64 -27.92
CA HIS E 58 11.39 23.71 -27.00
C HIS E 58 11.00 25.04 -27.61
N LEU E 59 10.18 25.81 -26.87
CA LEU E 59 9.70 27.09 -27.36
C LEU E 59 10.53 28.27 -26.90
N GLY E 60 11.44 28.06 -25.95
CA GLY E 60 12.30 29.15 -25.50
C GLY E 60 11.58 30.05 -24.53
N LYS E 61 11.67 31.36 -24.76
CA LYS E 61 11.09 32.35 -23.86
C LYS E 61 9.57 32.44 -23.96
N CYS E 62 8.97 31.85 -24.98
CA CYS E 62 7.53 31.88 -25.17
C CYS E 62 6.88 30.63 -24.61
N ASN E 63 5.64 30.78 -24.16
CA ASN E 63 4.86 29.68 -23.63
C ASN E 63 4.07 29.02 -24.75
N ILE E 64 3.10 28.16 -24.39
CA ILE E 64 2.29 27.46 -25.38
C ILE E 64 1.37 28.43 -26.12
N ALA E 65 0.76 29.37 -25.38
CA ALA E 65 -0.14 30.35 -25.99
C ALA E 65 0.56 31.31 -26.92
N GLY E 66 1.87 31.52 -26.75
CA GLY E 66 2.62 32.28 -27.73
C GLY E 66 2.98 31.50 -28.98
N TRP E 67 2.87 30.18 -28.94
CA TRP E 67 3.20 29.35 -30.09
C TRP E 67 1.96 28.90 -30.85
N ILE E 68 0.88 28.57 -30.14
CA ILE E 68 -0.34 28.12 -30.81
C ILE E 68 -1.11 29.26 -31.45
N LEU E 69 -0.83 30.51 -31.06
CA LEU E 69 -1.49 31.67 -31.65
C LEU E 69 -0.62 32.44 -32.62
N GLY E 70 0.70 32.22 -32.58
CA GLY E 70 1.60 32.91 -33.50
C GLY E 70 2.05 34.27 -33.00
N ASN E 71 2.65 34.30 -31.82
CA ASN E 71 3.16 35.56 -31.29
C ASN E 71 4.38 36.01 -32.09
N PRO E 72 4.48 37.31 -32.43
CA PRO E 72 5.57 37.75 -33.31
C PRO E 72 6.94 37.75 -32.66
N GLU E 73 7.03 37.70 -31.34
CA GLU E 73 8.33 37.65 -30.68
C GLU E 73 8.90 36.24 -30.60
N CYS E 74 8.17 35.24 -31.09
CA CYS E 74 8.64 33.85 -31.14
C CYS E 74 8.82 33.39 -32.58
N GLU E 75 9.33 34.28 -33.43
CA GLU E 75 9.47 33.95 -34.85
C GLU E 75 10.64 33.00 -35.09
N SER E 76 11.75 33.20 -34.38
CA SER E 76 12.93 32.35 -34.53
C SER E 76 12.66 31.03 -33.80
N LEU E 77 11.98 30.12 -34.51
CA LEU E 77 11.58 28.85 -33.93
C LEU E 77 11.42 27.84 -35.06
N SER E 78 11.98 26.65 -34.88
CA SER E 78 11.89 25.57 -35.85
C SER E 78 11.08 24.43 -35.23
N THR E 79 9.79 24.37 -35.58
CA THR E 79 8.92 23.34 -35.03
C THR E 79 9.16 22.02 -35.75
N ALA E 80 9.44 20.97 -34.98
CA ALA E 80 9.69 19.66 -35.53
C ALA E 80 8.37 18.98 -35.93
N SER E 81 8.50 17.87 -36.64
CA SER E 81 7.34 17.11 -37.10
C SER E 81 6.74 16.23 -36.02
N SER E 82 7.44 16.03 -34.91
CA SER E 82 6.95 15.21 -33.81
C SER E 82 7.67 15.62 -32.53
N TRP E 83 6.97 15.50 -31.41
CA TRP E 83 7.56 15.78 -30.11
C TRP E 83 6.89 14.91 -29.06
N SER E 84 7.43 14.98 -27.84
CA SER E 84 6.88 14.24 -26.71
C SER E 84 6.49 15.12 -25.52
N TYR E 85 7.07 16.31 -25.38
CA TYR E 85 6.69 17.22 -24.32
C TYR E 85 7.02 18.65 -24.73
N ILE E 86 6.34 19.60 -24.10
CA ILE E 86 6.51 21.02 -24.35
C ILE E 86 7.19 21.65 -23.14
N VAL E 87 8.19 22.49 -23.40
CA VAL E 87 8.98 23.12 -22.34
C VAL E 87 8.70 24.63 -22.36
N GLU E 88 8.24 25.15 -21.23
CA GLU E 88 8.11 26.57 -21.01
C GLU E 88 9.21 27.05 -20.07
N THR E 89 9.32 28.36 -19.92
CA THR E 89 10.29 28.98 -19.03
C THR E 89 9.57 29.69 -17.89
N SER E 90 10.35 30.04 -16.86
CA SER E 90 9.79 30.74 -15.72
C SER E 90 9.47 32.20 -16.05
N SER E 91 10.18 32.78 -17.01
CA SER E 91 9.93 34.15 -17.47
C SER E 91 9.09 34.18 -18.74
N SER E 92 8.17 33.22 -18.90
CA SER E 92 7.34 33.13 -20.11
C SER E 92 6.24 34.18 -20.03
N ASP E 93 6.61 35.42 -20.36
CA ASP E 93 5.68 36.54 -20.41
C ASP E 93 5.36 36.99 -21.82
N ASN E 94 6.11 36.52 -22.82
CA ASN E 94 5.86 36.89 -24.22
C ASN E 94 4.99 35.84 -24.90
N GLY E 95 3.80 35.65 -24.32
CA GLY E 95 2.82 34.73 -24.87
C GLY E 95 1.68 35.46 -25.53
N THR E 96 0.56 35.58 -24.81
CA THR E 96 -0.58 36.37 -25.30
C THR E 96 -0.23 37.85 -25.18
N CYS E 97 0.22 38.43 -26.29
CA CYS E 97 0.51 39.87 -26.30
C CYS E 97 -0.75 40.70 -26.18
N TYR E 98 -1.88 40.19 -26.65
CA TYR E 98 -3.18 40.79 -26.43
C TYR E 98 -3.90 40.04 -25.31
N PRO E 99 -4.42 40.74 -24.31
CA PRO E 99 -5.07 40.05 -23.18
C PRO E 99 -6.40 39.42 -23.58
N GLY E 100 -6.83 38.48 -22.76
CA GLY E 100 -8.09 37.80 -23.01
C GLY E 100 -8.28 36.64 -22.06
N ASP E 101 -9.46 36.02 -22.17
CA ASP E 101 -9.82 34.88 -21.33
C ASP E 101 -9.77 33.63 -22.20
N PHE E 102 -8.66 32.89 -22.10
CA PHE E 102 -8.47 31.66 -22.87
C PHE E 102 -9.32 30.57 -22.22
N ILE E 103 -10.52 30.37 -22.77
CA ILE E 103 -11.42 29.34 -22.29
C ILE E 103 -10.95 27.98 -22.79
N ASP E 104 -11.02 26.96 -21.92
CA ASP E 104 -10.57 25.59 -22.18
C ASP E 104 -9.10 25.55 -22.59
N TYR E 105 -8.29 26.38 -21.92
CA TYR E 105 -6.87 26.47 -22.23
C TYR E 105 -6.07 25.33 -21.60
N GLU E 106 -6.52 24.81 -20.46
CA GLU E 106 -5.79 23.75 -19.78
C GLU E 106 -5.92 22.41 -20.49
N GLU E 107 -7.01 22.19 -21.24
CA GLU E 107 -7.15 20.97 -22.00
C GLU E 107 -6.36 21.01 -23.31
N LEU E 108 -6.12 22.21 -23.84
CA LEU E 108 -5.34 22.34 -25.07
C LEU E 108 -3.86 22.13 -24.82
N ARG E 109 -3.38 22.38 -23.60
CA ARG E 109 -1.98 22.17 -23.27
C ARG E 109 -1.63 20.69 -23.14
N GLU E 110 -2.63 19.84 -22.91
CA GLU E 110 -2.42 18.40 -22.85
C GLU E 110 -2.64 17.71 -24.18
N GLN E 111 -3.45 18.29 -25.07
CA GLN E 111 -3.72 17.68 -26.36
C GLN E 111 -2.52 17.77 -27.28
N LEU E 112 -1.84 18.92 -27.29
CA LEU E 112 -0.64 19.12 -28.09
C LEU E 112 0.64 18.73 -27.34
N SER E 113 0.52 18.10 -26.18
CA SER E 113 1.69 17.77 -25.39
C SER E 113 2.47 16.61 -25.98
N SER E 114 1.78 15.64 -26.59
CA SER E 114 2.42 14.47 -27.19
C SER E 114 1.81 14.24 -28.56
N VAL E 115 2.44 14.80 -29.59
CA VAL E 115 2.00 14.67 -30.97
C VAL E 115 3.11 14.01 -31.76
N SER E 116 2.80 12.89 -32.42
CA SER E 116 3.78 12.15 -33.20
C SER E 116 3.58 12.29 -34.70
N SER E 117 2.51 12.93 -35.15
CA SER E 117 2.21 13.10 -36.56
C SER E 117 1.81 14.53 -36.86
N PHE E 118 2.61 15.48 -36.37
CA PHE E 118 2.32 16.89 -36.57
C PHE E 118 2.66 17.32 -37.99
N GLU E 119 1.80 18.16 -38.56
CA GLU E 119 2.03 18.69 -39.91
C GLU E 119 1.38 20.08 -39.97
N ARG E 120 2.20 21.11 -39.84
CA ARG E 120 1.71 22.49 -39.85
C ARG E 120 1.41 22.87 -41.29
N PHE E 121 0.14 22.72 -41.69
CA PHE E 121 -0.31 23.06 -43.02
C PHE E 121 -1.26 24.26 -42.95
N GLU E 122 -1.41 24.93 -44.09
CA GLU E 122 -2.24 26.13 -44.19
C GLU E 122 -3.65 25.69 -44.59
N ILE E 123 -4.61 25.89 -43.67
CA ILE E 123 -5.99 25.49 -43.95
C ILE E 123 -6.65 26.49 -44.89
N PHE E 124 -6.38 27.78 -44.72
CA PHE E 124 -6.91 28.81 -45.60
C PHE E 124 -5.74 29.62 -46.16
N PRO E 125 -5.48 29.57 -47.46
CA PRO E 125 -4.40 30.38 -48.03
C PRO E 125 -4.77 31.86 -48.05
N LYS E 126 -3.76 32.71 -47.87
CA LYS E 126 -3.98 34.14 -47.78
C LYS E 126 -4.17 34.80 -49.14
N THR E 127 -4.14 34.05 -50.23
CA THR E 127 -4.25 34.65 -51.56
C THR E 127 -5.70 34.96 -51.92
N SER E 128 -6.55 33.95 -51.98
CA SER E 128 -7.91 34.12 -52.49
C SER E 128 -8.94 33.45 -51.59
N SER E 129 -8.84 33.68 -50.28
CA SER E 129 -9.84 33.16 -49.36
C SER E 129 -10.85 34.23 -48.97
N TRP E 130 -10.37 35.41 -48.54
CA TRP E 130 -11.22 36.53 -48.14
C TRP E 130 -10.86 37.73 -48.99
N PRO E 131 -11.41 37.84 -50.21
CA PRO E 131 -11.10 39.01 -51.05
C PRO E 131 -11.85 40.27 -50.66
N ASN E 132 -12.92 40.14 -49.87
CA ASN E 132 -13.72 41.29 -49.45
C ASN E 132 -13.42 41.73 -48.02
N HIS E 133 -12.42 41.13 -47.38
CA HIS E 133 -12.05 41.45 -46.02
C HIS E 133 -10.56 41.78 -45.95
N ASP E 134 -10.23 42.88 -45.28
CA ASP E 134 -8.85 43.32 -45.17
C ASP E 134 -8.14 42.52 -44.08
N SER E 135 -6.98 41.96 -44.42
CA SER E 135 -6.18 41.17 -43.49
C SER E 135 -4.88 41.86 -43.13
N ASN E 136 -4.78 43.17 -43.36
CA ASN E 136 -3.58 43.92 -43.07
C ASN E 136 -3.79 45.10 -42.12
N LYS E 137 -4.99 45.69 -42.09
CA LYS E 137 -5.26 46.81 -41.21
C LYS E 137 -5.52 46.39 -39.77
N GLY E 138 -5.79 45.11 -39.53
CA GLY E 138 -6.05 44.63 -38.18
C GLY E 138 -4.79 44.37 -37.39
N VAL E 139 -4.09 45.45 -37.01
CA VAL E 139 -2.85 45.36 -36.27
C VAL E 139 -3.05 45.97 -34.89
N THR E 140 -2.04 45.84 -34.04
CA THR E 140 -2.08 46.42 -32.70
C THR E 140 -0.65 46.76 -32.28
N ALA E 141 -0.56 47.62 -31.26
CA ALA E 141 0.74 48.03 -30.74
C ALA E 141 1.29 47.06 -29.70
N ALA E 142 0.44 46.21 -29.13
CA ALA E 142 0.89 45.27 -28.11
C ALA E 142 1.61 44.07 -28.70
N CYS E 143 1.42 43.79 -30.00
CA CYS E 143 2.05 42.65 -30.67
C CYS E 143 2.93 43.19 -31.80
N PRO E 144 4.17 43.58 -31.49
CA PRO E 144 5.05 44.13 -32.53
C PRO E 144 5.84 43.07 -33.28
N HIS E 145 5.89 43.21 -34.60
CA HIS E 145 6.66 42.28 -35.42
C HIS E 145 8.15 42.55 -35.28
N ALA E 146 8.59 43.75 -35.61
CA ALA E 146 9.99 44.15 -35.48
C ALA E 146 10.09 45.59 -35.01
N GLY E 147 9.16 46.02 -34.16
CA GLY E 147 9.09 47.38 -33.66
C GLY E 147 7.88 48.14 -34.17
N ALA E 148 7.37 47.79 -35.34
CA ALA E 148 6.18 48.43 -35.89
C ALA E 148 4.92 47.72 -35.38
N LYS E 149 3.77 48.16 -35.87
CA LYS E 149 2.50 47.56 -35.48
C LYS E 149 2.27 46.27 -36.24
N GLY E 150 1.71 45.27 -35.53
CA GLY E 150 1.43 43.99 -36.14
C GLY E 150 0.36 43.25 -35.39
N PHE E 151 0.23 41.97 -35.73
CA PHE E 151 -0.75 41.09 -35.10
C PHE E 151 -0.19 39.67 -35.13
N TYR E 152 -1.05 38.69 -34.82
CA TYR E 152 -0.60 37.31 -34.66
C TYR E 152 -0.25 36.67 -36.00
N LYS E 153 0.59 35.64 -35.92
CA LYS E 153 1.03 34.92 -37.12
C LYS E 153 0.05 33.82 -37.51
N ASN E 154 -0.39 33.01 -36.55
CA ASN E 154 -1.33 31.94 -36.81
C ASN E 154 -2.78 32.41 -36.80
N LEU E 155 -3.02 33.69 -36.59
CA LEU E 155 -4.37 34.25 -36.56
C LEU E 155 -4.44 35.45 -37.50
N ILE E 156 -5.64 35.72 -37.99
CA ILE E 156 -5.90 36.83 -38.91
C ILE E 156 -6.98 37.70 -38.30
N TRP E 157 -6.63 38.94 -37.96
CA TRP E 157 -7.57 39.90 -37.37
C TRP E 157 -8.30 40.61 -38.51
N LEU E 158 -9.50 40.15 -38.83
CA LEU E 158 -10.31 40.80 -39.85
C LEU E 158 -10.95 42.06 -39.27
N VAL E 159 -10.90 43.14 -40.04
CA VAL E 159 -11.47 44.42 -39.65
C VAL E 159 -12.38 44.92 -40.76
N LYS E 160 -12.92 46.12 -40.57
CA LYS E 160 -13.82 46.72 -41.54
C LYS E 160 -13.06 47.16 -42.78
N LYS E 161 -13.44 46.64 -43.94
CA LYS E 161 -12.84 47.02 -45.21
C LYS E 161 -13.82 47.98 -45.91
N GLY E 162 -13.57 49.25 -45.78
CA GLY E 162 -14.45 50.27 -46.35
C GLY E 162 -15.37 50.86 -45.29
N ASN E 163 -16.68 50.63 -45.43
CA ASN E 163 -17.67 51.13 -44.48
C ASN E 163 -18.69 50.08 -44.09
N SER E 164 -18.39 48.80 -44.34
CA SER E 164 -19.30 47.72 -44.01
C SER E 164 -18.48 46.45 -43.77
N TYR E 165 -19.18 45.37 -43.44
CA TYR E 165 -18.53 44.09 -43.17
C TYR E 165 -19.38 42.96 -43.74
N PRO E 166 -18.89 42.23 -44.75
CA PRO E 166 -19.66 41.12 -45.30
C PRO E 166 -19.69 39.93 -44.36
N LYS E 167 -20.72 39.10 -44.53
CA LYS E 167 -20.90 37.93 -43.69
C LYS E 167 -19.90 36.84 -44.07
N LEU E 168 -19.30 36.23 -43.06
CA LEU E 168 -18.30 35.20 -43.26
C LEU E 168 -18.95 33.81 -43.32
N SER E 169 -18.47 32.99 -44.24
CA SER E 169 -18.96 31.62 -44.38
C SER E 169 -17.83 30.77 -44.95
N LYS E 170 -17.12 30.06 -44.07
CA LYS E 170 -16.00 29.23 -44.47
C LYS E 170 -16.21 27.80 -43.98
N SER E 171 -15.52 26.87 -44.62
CA SER E 171 -15.61 25.46 -44.26
C SER E 171 -14.33 24.76 -44.69
N TYR E 172 -14.13 23.55 -44.16
CA TYR E 172 -12.96 22.75 -44.49
C TYR E 172 -13.30 21.28 -44.28
N ILE E 173 -13.10 20.48 -45.31
CA ILE E 173 -13.33 19.04 -45.25
C ILE E 173 -12.02 18.36 -44.88
N ASN E 174 -12.07 17.49 -43.86
CA ASN E 174 -10.89 16.78 -43.40
C ASN E 174 -10.53 15.70 -44.41
N ASP E 175 -9.53 15.99 -45.24
CA ASP E 175 -9.06 15.05 -46.26
C ASP E 175 -7.86 14.23 -45.79
N LYS E 176 -7.51 14.32 -44.51
CA LYS E 176 -6.39 13.58 -43.95
C LYS E 176 -6.91 12.43 -43.09
N GLY E 177 -5.98 11.56 -42.70
CA GLY E 177 -6.32 10.43 -41.86
C GLY E 177 -6.01 10.65 -40.40
N LYS E 178 -6.16 11.89 -39.94
CA LYS E 178 -5.88 12.25 -38.57
C LYS E 178 -6.70 13.46 -38.19
N GLU E 179 -6.66 13.81 -36.90
CA GLU E 179 -7.43 14.94 -36.40
C GLU E 179 -6.79 16.26 -36.78
N VAL E 180 -7.64 17.26 -37.01
CA VAL E 180 -7.21 18.60 -37.39
C VAL E 180 -7.64 19.56 -36.28
N LEU E 181 -6.67 20.27 -35.72
CA LEU E 181 -6.90 21.20 -34.63
C LEU E 181 -7.04 22.61 -35.19
N VAL E 182 -8.13 23.28 -34.81
CA VAL E 182 -8.46 24.62 -35.31
C VAL E 182 -8.57 25.56 -34.13
N LEU E 183 -7.84 26.68 -34.18
CA LEU E 183 -7.88 27.70 -33.15
C LEU E 183 -8.39 29.00 -33.73
N TRP E 184 -9.33 29.64 -33.02
CA TRP E 184 -9.87 30.93 -33.42
C TRP E 184 -9.98 31.81 -32.18
N GLY E 185 -10.45 33.03 -32.38
CA GLY E 185 -10.58 33.98 -31.29
C GLY E 185 -11.84 34.81 -31.42
N ILE E 186 -12.31 35.29 -30.27
CA ILE E 186 -13.49 36.15 -30.20
C ILE E 186 -13.04 37.48 -29.62
N HIS E 187 -13.11 38.53 -30.44
CA HIS E 187 -12.62 39.84 -30.03
C HIS E 187 -13.65 40.55 -29.16
N HIS E 188 -13.20 41.07 -28.02
CA HIS E 188 -14.03 41.86 -27.11
C HIS E 188 -13.51 43.28 -27.08
N PRO E 189 -14.10 44.20 -27.84
CA PRO E 189 -13.61 45.59 -27.83
C PRO E 189 -13.98 46.30 -26.54
N SER E 190 -13.29 47.42 -26.30
CA SER E 190 -13.46 48.16 -25.05
C SER E 190 -14.72 49.02 -25.08
N THR E 191 -14.77 49.99 -26.00
CA THR E 191 -15.88 50.92 -26.08
C THR E 191 -16.74 50.63 -27.30
N THR E 192 -17.94 51.22 -27.30
CA THR E 192 -18.86 51.05 -28.43
C THR E 192 -18.40 51.81 -29.66
N ALA E 193 -17.57 52.85 -29.49
CA ALA E 193 -17.00 53.54 -30.65
C ALA E 193 -15.95 52.69 -31.35
N ASP E 194 -15.26 51.83 -30.61
CA ASP E 194 -14.29 50.92 -31.20
C ASP E 194 -14.95 49.74 -31.90
N GLN E 195 -16.21 49.44 -31.59
CA GLN E 195 -16.91 48.36 -32.27
C GLN E 195 -17.29 48.77 -33.69
N GLN E 196 -17.86 49.97 -33.85
CA GLN E 196 -18.26 50.43 -35.17
C GLN E 196 -17.07 50.86 -36.03
N SER E 197 -15.97 51.27 -35.40
CA SER E 197 -14.79 51.68 -36.16
C SER E 197 -14.00 50.50 -36.71
N LEU E 198 -14.22 49.29 -36.18
CA LEU E 198 -13.50 48.12 -36.63
C LEU E 198 -14.38 47.08 -37.32
N TYR E 199 -15.69 47.08 -37.06
CA TYR E 199 -16.57 46.10 -37.66
C TYR E 199 -17.87 46.68 -38.24
N GLN E 200 -18.29 47.88 -37.81
CA GLN E 200 -19.50 48.56 -38.27
C GLN E 200 -20.77 47.73 -38.06
N ASN E 201 -20.79 46.93 -36.99
CA ASN E 201 -21.94 46.08 -36.68
C ASN E 201 -22.12 46.02 -35.17
N ALA E 202 -23.32 46.37 -34.71
CA ALA E 202 -23.60 46.36 -33.28
C ALA E 202 -23.91 44.95 -32.79
N ASP E 203 -24.96 44.33 -33.35
CA ASP E 203 -25.38 42.99 -32.93
C ASP E 203 -24.58 41.97 -33.73
N THR E 204 -23.52 41.46 -33.13
CA THR E 204 -22.66 40.46 -33.76
C THR E 204 -22.80 39.12 -33.04
N TYR E 205 -22.57 38.05 -33.79
CA TYR E 205 -22.63 36.70 -33.24
C TYR E 205 -21.71 35.80 -34.04
N VAL E 206 -21.04 34.89 -33.34
CA VAL E 206 -20.09 33.97 -33.95
C VAL E 206 -20.58 32.55 -33.72
N PHE E 207 -20.63 31.76 -34.78
CA PHE E 207 -21.04 30.36 -34.71
C PHE E 207 -19.90 29.46 -35.17
N VAL E 208 -19.62 28.42 -34.39
CA VAL E 208 -18.67 27.38 -34.76
C VAL E 208 -19.38 26.05 -34.62
N GLY E 209 -19.50 25.32 -35.73
CA GLY E 209 -20.26 24.08 -35.72
C GLY E 209 -19.56 22.90 -36.37
N THR E 210 -19.54 21.77 -35.67
CA THR E 210 -19.00 20.52 -36.17
C THR E 210 -20.08 19.44 -36.07
N SER E 211 -19.69 18.18 -36.30
CA SER E 211 -20.62 17.07 -36.15
C SER E 211 -20.89 16.73 -34.69
N ARG E 212 -20.02 17.16 -33.78
CA ARG E 212 -20.17 16.88 -32.35
C ARG E 212 -20.62 18.09 -31.55
N TYR E 213 -20.14 19.28 -31.88
CA TYR E 213 -20.37 20.47 -31.07
C TYR E 213 -20.88 21.60 -31.93
N SER E 214 -21.79 22.40 -31.35
CA SER E 214 -22.30 23.62 -31.98
C SER E 214 -22.37 24.68 -30.90
N LYS E 215 -21.42 25.61 -30.90
CA LYS E 215 -21.28 26.59 -29.84
C LYS E 215 -21.80 27.96 -30.30
N LYS E 216 -22.23 28.76 -29.33
CA LYS E 216 -22.70 30.11 -29.58
C LYS E 216 -21.78 31.08 -28.85
N PHE E 217 -21.29 32.09 -29.58
CA PHE E 217 -20.39 33.09 -29.03
C PHE E 217 -21.02 34.47 -29.13
N LYS E 218 -20.92 35.24 -28.05
CA LYS E 218 -21.48 36.59 -28.01
C LYS E 218 -20.48 37.52 -27.31
N PRO E 219 -19.84 38.42 -28.05
CA PRO E 219 -18.85 39.31 -27.43
C PRO E 219 -19.51 40.42 -26.61
N GLU E 220 -18.90 40.73 -25.48
CA GLU E 220 -19.37 41.77 -24.58
C GLU E 220 -18.49 43.00 -24.74
N ILE E 221 -19.12 44.16 -24.93
CA ILE E 221 -18.42 45.42 -25.10
C ILE E 221 -18.52 46.19 -23.79
N ALA E 222 -17.40 46.26 -23.06
CA ALA E 222 -17.37 46.94 -21.78
C ALA E 222 -15.94 47.39 -21.50
N ILE E 223 -15.80 48.29 -20.53
CA ILE E 223 -14.51 48.89 -20.20
C ILE E 223 -13.76 47.94 -19.26
N ARG E 224 -12.67 47.37 -19.75
CA ARG E 224 -11.79 46.49 -18.99
C ARG E 224 -10.64 47.29 -18.40
N PRO E 225 -10.02 46.79 -17.33
CA PRO E 225 -8.80 47.44 -16.82
C PRO E 225 -7.65 47.34 -17.80
N LYS E 226 -6.78 48.34 -17.75
CA LYS E 226 -5.68 48.47 -18.71
C LYS E 226 -4.59 47.45 -18.39
N VAL E 227 -4.47 46.43 -19.23
CA VAL E 227 -3.41 45.42 -19.12
C VAL E 227 -2.61 45.46 -20.41
N ARG E 228 -1.30 45.73 -20.30
CA ARG E 228 -0.37 45.86 -21.42
C ARG E 228 -0.82 46.93 -22.42
N ASP E 229 -1.31 48.05 -21.88
CA ASP E 229 -1.79 49.22 -22.65
C ASP E 229 -2.92 48.84 -23.61
N GLN E 230 -3.76 47.88 -23.22
CA GLN E 230 -4.90 47.44 -24.03
C GLN E 230 -6.12 47.35 -23.13
N GLU E 231 -7.16 48.11 -23.46
CA GLU E 231 -8.39 48.13 -22.70
C GLU E 231 -9.40 47.08 -23.17
N GLY E 232 -9.02 46.22 -24.11
CA GLY E 232 -9.88 45.18 -24.61
C GLY E 232 -9.39 43.78 -24.27
N ARG E 233 -10.22 42.80 -24.61
CA ARG E 233 -9.94 41.40 -24.39
C ARG E 233 -10.18 40.62 -25.67
N MET E 234 -9.70 39.37 -25.68
CA MET E 234 -9.90 38.49 -26.83
C MET E 234 -9.89 37.05 -26.32
N ASN E 235 -11.07 36.43 -26.29
CA ASN E 235 -11.19 35.05 -25.82
C ASN E 235 -10.85 34.09 -26.96
N TYR E 236 -9.93 33.17 -26.69
CA TYR E 236 -9.49 32.18 -27.67
C TYR E 236 -10.15 30.84 -27.38
N TYR E 237 -10.68 30.21 -28.43
CA TYR E 237 -11.33 28.92 -28.32
C TYR E 237 -10.67 27.93 -29.26
N TRP E 238 -11.01 26.64 -29.09
CA TRP E 238 -10.45 25.59 -29.91
C TRP E 238 -11.41 24.40 -29.94
N THR E 239 -11.28 23.60 -31.00
CA THR E 239 -12.04 22.36 -31.13
C THR E 239 -11.26 21.40 -32.00
N LEU E 240 -11.70 20.15 -32.01
CA LEU E 240 -11.09 19.10 -32.83
C LEU E 240 -12.00 18.77 -34.01
N VAL E 241 -11.39 18.37 -35.12
CA VAL E 241 -12.09 17.97 -36.32
C VAL E 241 -11.76 16.52 -36.61
N GLU E 242 -12.79 15.67 -36.62
CA GLU E 242 -12.60 14.26 -36.91
C GLU E 242 -12.29 14.05 -38.39
N PRO E 243 -11.59 12.98 -38.75
CA PRO E 243 -11.41 12.65 -40.17
C PRO E 243 -12.73 12.28 -40.81
N GLY E 244 -13.16 13.10 -41.77
CA GLY E 244 -14.46 12.98 -42.39
C GLY E 244 -15.45 14.06 -41.99
N ASP E 245 -15.17 14.78 -40.90
CA ASP E 245 -16.02 15.85 -40.44
C ASP E 245 -15.64 17.16 -41.13
N LYS E 246 -16.64 18.00 -41.36
CA LYS E 246 -16.44 19.30 -42.01
C LYS E 246 -16.76 20.39 -41.01
N ILE E 247 -15.77 21.26 -40.74
CA ILE E 247 -15.97 22.38 -39.84
C ILE E 247 -16.78 23.46 -40.57
N THR E 248 -17.42 24.33 -39.78
CA THR E 248 -18.29 25.38 -40.32
C THR E 248 -18.13 26.63 -39.49
N PHE E 249 -17.79 27.75 -40.15
CA PHE E 249 -17.70 29.05 -39.52
C PHE E 249 -18.73 29.98 -40.14
N GLU E 250 -19.44 30.72 -39.30
CA GLU E 250 -20.46 31.65 -39.75
C GLU E 250 -20.58 32.77 -38.73
N ALA E 251 -20.12 33.95 -39.08
CA ALA E 251 -20.14 35.09 -38.17
C ALA E 251 -20.31 36.38 -38.96
N THR E 252 -20.83 37.40 -38.27
CA THR E 252 -21.04 38.72 -38.86
C THR E 252 -20.15 39.78 -38.22
N GLY E 253 -19.17 39.38 -37.44
CA GLY E 253 -18.27 40.33 -36.80
C GLY E 253 -17.59 39.72 -35.60
N ASN E 254 -16.47 40.35 -35.21
CA ASN E 254 -15.65 39.99 -34.04
C ASN E 254 -15.14 38.56 -34.10
N LEU E 255 -14.85 38.06 -35.30
CA LEU E 255 -14.31 36.72 -35.50
C LEU E 255 -12.86 36.81 -35.92
N VAL E 256 -12.00 36.05 -35.25
CA VAL E 256 -10.59 35.94 -35.60
C VAL E 256 -10.44 34.63 -36.37
N VAL E 257 -10.38 34.72 -37.69
CA VAL E 257 -10.33 33.54 -38.55
C VAL E 257 -8.95 32.89 -38.46
N PRO E 258 -8.85 31.56 -38.56
CA PRO E 258 -7.54 30.92 -38.50
C PRO E 258 -6.79 31.02 -39.83
N ARG E 259 -5.47 30.96 -39.73
CA ARG E 259 -4.60 30.95 -40.89
C ARG E 259 -3.95 29.59 -41.14
N TYR E 260 -3.43 28.95 -40.10
CA TYR E 260 -2.85 27.62 -40.20
C TYR E 260 -3.60 26.66 -39.30
N ALA E 261 -3.52 25.37 -39.64
CA ALA E 261 -4.13 24.31 -38.85
C ALA E 261 -3.06 23.34 -38.39
N PHE E 262 -3.35 22.64 -37.31
CA PHE E 262 -2.40 21.70 -36.70
C PHE E 262 -2.98 20.30 -36.83
N ALA E 263 -2.57 19.59 -37.88
CA ALA E 263 -2.98 18.20 -38.05
C ALA E 263 -2.20 17.32 -37.10
N MET E 264 -2.91 16.63 -36.21
CA MET E 264 -2.28 15.88 -35.14
C MET E 264 -2.91 14.50 -35.01
N GLU E 265 -2.15 13.59 -34.40
CA GLU E 265 -2.63 12.24 -34.13
C GLU E 265 -1.84 11.70 -32.95
N ARG E 266 -2.54 11.31 -31.88
CA ARG E 266 -1.87 10.83 -30.67
C ARG E 266 -2.49 9.52 -30.20
N ASN E 267 -2.05 9.04 -29.04
CA ASN E 267 -2.56 7.81 -28.47
C ASN E 267 -3.87 8.05 -27.72
N SER E 270 1.33 13.12 -21.26
CA SER E 270 2.29 14.21 -21.37
C SER E 270 1.65 15.54 -20.98
N GLY E 271 2.48 16.48 -20.53
CA GLY E 271 1.98 17.77 -20.10
C GLY E 271 2.91 18.92 -20.42
N ILE E 272 3.08 19.83 -19.46
CA ILE E 272 3.92 21.01 -19.64
C ILE E 272 5.04 20.97 -18.60
N ILE E 273 6.17 21.57 -18.95
CA ILE E 273 7.32 21.70 -18.06
C ILE E 273 7.79 23.15 -18.09
N ILE E 274 7.89 23.75 -16.90
CA ILE E 274 8.37 25.12 -16.75
C ILE E 274 9.78 25.04 -16.15
N SER E 275 10.78 25.33 -16.97
CA SER E 275 12.17 25.17 -16.56
C SER E 275 13.06 26.05 -17.43
N ASP E 276 14.34 26.12 -17.06
CA ASP E 276 15.34 26.90 -17.78
C ASP E 276 16.53 26.03 -18.20
N THR E 277 16.31 24.73 -18.34
CA THR E 277 17.38 23.82 -18.73
C THR E 277 17.57 23.85 -20.25
N PRO E 278 18.80 23.75 -20.74
CA PRO E 278 19.04 23.76 -22.19
C PRO E 278 18.64 22.43 -22.82
N VAL E 279 18.68 22.42 -24.15
CA VAL E 279 18.28 21.27 -24.95
C VAL E 279 19.52 20.61 -25.53
N HIS E 280 19.54 19.27 -25.52
CA HIS E 280 20.63 18.49 -26.08
C HIS E 280 20.05 17.31 -26.84
N ASP E 281 20.93 16.58 -27.53
CA ASP E 281 20.54 15.45 -28.37
C ASP E 281 20.60 14.12 -27.63
N CYS E 282 20.47 14.12 -26.31
CA CYS E 282 20.46 12.90 -25.53
C CYS E 282 19.10 12.22 -25.60
N ASN E 283 19.02 11.00 -25.06
CA ASN E 283 17.80 10.23 -25.07
C ASN E 283 17.57 9.61 -23.70
N THR E 284 16.33 9.63 -23.24
CA THR E 284 15.97 9.08 -21.93
C THR E 284 14.53 8.59 -21.96
N THR E 285 14.05 8.12 -20.81
CA THR E 285 12.70 7.60 -20.69
C THR E 285 11.77 8.48 -19.86
N CYS E 286 12.31 9.38 -19.04
CA CYS E 286 11.50 10.26 -18.21
C CYS E 286 12.11 11.64 -18.18
N GLN E 287 11.25 12.66 -18.03
CA GLN E 287 11.67 14.05 -18.05
C GLN E 287 11.19 14.76 -16.80
N THR E 288 12.02 15.67 -16.29
CA THR E 288 11.73 16.50 -15.13
C THR E 288 12.22 17.91 -15.41
N PRO E 289 11.60 18.93 -14.79
CA PRO E 289 12.07 20.32 -15.03
C PRO E 289 13.45 20.59 -14.47
N LYS E 290 13.80 20.00 -13.32
CA LYS E 290 15.09 20.26 -12.69
C LYS E 290 16.22 19.42 -13.27
N GLY E 291 16.00 18.75 -14.38
CA GLY E 291 17.06 17.99 -15.03
C GLY E 291 16.53 16.72 -15.66
N ALA E 292 17.37 16.10 -16.47
CA ALA E 292 17.02 14.84 -17.11
C ALA E 292 17.10 13.70 -16.12
N ILE E 293 16.38 12.63 -16.42
CA ILE E 293 16.25 11.48 -15.54
C ILE E 293 16.27 10.22 -16.39
N ASN E 294 17.13 9.26 -16.02
CA ASN E 294 17.24 7.98 -16.71
C ASN E 294 16.95 6.88 -15.68
N THR E 295 15.66 6.59 -15.50
CA THR E 295 15.18 5.61 -14.53
C THR E 295 14.20 4.68 -15.26
N SER E 296 14.37 3.35 -15.18
CA SER E 296 15.36 2.44 -14.52
C SER E 296 15.54 2.54 -12.99
N LEU E 297 14.53 3.10 -12.29
CA LEU E 297 14.38 3.18 -10.84
C LEU E 297 12.90 3.31 -10.47
N PRO E 298 12.48 2.76 -9.34
CA PRO E 298 11.03 2.79 -9.03
C PRO E 298 10.53 4.11 -8.48
N PHE E 299 11.39 4.91 -7.87
CA PHE E 299 10.97 6.14 -7.22
C PHE E 299 11.89 7.31 -7.58
N GLN E 300 11.37 8.52 -7.38
CA GLN E 300 12.13 9.74 -7.54
C GLN E 300 11.64 10.76 -6.52
N ASN E 301 12.44 11.80 -6.29
CA ASN E 301 12.09 12.82 -5.31
C ASN E 301 12.46 14.22 -5.80
N ILE E 302 12.42 14.45 -7.10
CA ILE E 302 12.87 15.72 -7.66
C ILE E 302 11.70 16.67 -7.87
N HIS E 303 10.72 16.26 -8.68
CA HIS E 303 9.61 17.15 -9.00
C HIS E 303 8.35 16.32 -9.26
N PRO E 304 7.18 16.77 -8.80
CA PRO E 304 5.95 16.00 -9.07
C PRO E 304 5.49 16.07 -10.51
N ILE E 305 5.77 17.16 -11.21
CA ILE E 305 5.34 17.32 -12.61
C ILE E 305 6.29 16.49 -13.47
N THR E 306 5.84 15.29 -13.88
CA THR E 306 6.65 14.37 -14.65
C THR E 306 5.90 13.97 -15.91
N ILE E 307 6.65 13.72 -16.98
CA ILE E 307 6.09 13.44 -18.31
C ILE E 307 6.73 12.17 -18.85
N GLY E 308 5.90 11.18 -19.14
CA GLY E 308 6.34 9.94 -19.73
C GLY E 308 6.31 8.77 -18.78
N LYS E 309 7.08 7.74 -19.11
CA LYS E 309 7.23 6.56 -18.24
C LYS E 309 8.14 6.96 -17.09
N CYS E 310 7.53 7.55 -16.08
CA CYS E 310 8.26 8.16 -14.98
C CYS E 310 7.97 7.45 -13.66
N PRO E 311 8.94 7.43 -12.74
CA PRO E 311 8.71 6.79 -11.44
C PRO E 311 7.83 7.63 -10.51
N LYS E 312 7.54 7.09 -9.34
CA LYS E 312 6.68 7.79 -8.38
C LYS E 312 7.45 8.91 -7.68
N TYR E 313 6.75 10.00 -7.40
CA TYR E 313 7.33 11.14 -6.71
C TYR E 313 7.04 11.04 -5.22
N VAL E 314 8.08 11.19 -4.40
CA VAL E 314 7.97 11.14 -2.95
C VAL E 314 8.51 12.45 -2.38
N LYS E 315 8.29 12.65 -1.09
CA LYS E 315 8.82 13.79 -0.36
C LYS E 315 10.03 13.42 0.50
N SER E 316 10.47 12.15 0.47
CA SER E 316 11.61 11.73 1.25
C SER E 316 12.91 12.19 0.59
N THR E 317 13.98 12.18 1.39
CA THR E 317 15.31 12.53 0.89
C THR E 317 16.21 11.32 0.70
N LYS E 318 15.83 10.16 1.22
CA LYS E 318 16.64 8.94 1.05
C LYS E 318 15.72 7.73 1.08
N LEU E 319 15.70 6.99 -0.02
CA LEU E 319 14.96 5.73 -0.14
C LEU E 319 15.89 4.64 -0.64
N ARG E 320 17.06 4.55 -0.03
CA ARG E 320 18.10 3.62 -0.47
C ARG E 320 17.77 2.21 0.00
N LEU E 321 17.60 1.29 -0.95
CA LEU E 321 17.31 -0.10 -0.64
C LEU E 321 18.62 -0.84 -0.38
N ALA E 322 18.72 -1.45 0.80
CA ALA E 322 19.95 -2.17 1.16
C ALA E 322 19.99 -3.52 0.46
N THR E 323 21.17 -3.84 -0.09
CA THR E 323 21.41 -5.12 -0.74
C THR E 323 22.43 -5.97 -0.01
N GLY E 324 23.49 -5.37 0.50
CA GLY E 324 24.54 -6.08 1.21
C GLY E 324 24.28 -6.17 2.69
N LEU E 325 25.32 -6.55 3.44
CA LEU E 325 25.22 -6.72 4.87
C LEU E 325 25.48 -5.39 5.59
N ARG E 326 25.39 -5.42 6.91
CA ARG E 326 25.65 -4.23 7.72
C ARG E 326 27.14 -3.95 7.77
N ASN E 327 27.52 -2.70 7.46
CA ASN E 327 28.93 -2.32 7.39
C ASN E 327 29.44 -2.04 8.80
N VAL E 328 29.94 -3.09 9.45
CA VAL E 328 30.58 -2.98 10.75
C VAL E 328 31.96 -3.60 10.64
N PRO E 329 33.05 -2.83 10.85
CA PRO E 329 34.41 -3.36 10.74
C PRO E 329 34.78 -4.24 11.94
N ALA F 5 23.24 -11.26 11.65
CA ALA F 5 23.77 -11.41 13.01
C ALA F 5 24.90 -10.42 13.27
N ILE F 6 24.87 -9.30 12.58
CA ILE F 6 25.88 -8.26 12.74
C ILE F 6 25.62 -7.52 14.04
N ALA F 7 26.71 -7.21 14.77
CA ALA F 7 26.69 -6.59 16.10
C ALA F 7 25.85 -7.40 17.09
N GLY F 8 25.94 -8.73 16.96
CA GLY F 8 25.22 -9.65 17.83
C GLY F 8 26.12 -10.78 18.29
N PHE F 9 25.73 -12.01 17.96
CA PHE F 9 26.60 -13.16 18.20
C PHE F 9 27.86 -13.09 17.34
N ILE F 10 27.75 -12.52 16.15
CA ILE F 10 28.90 -12.25 15.28
C ILE F 10 29.23 -10.77 15.40
N GLU F 11 30.53 -10.46 15.37
CA GLU F 11 30.97 -9.08 15.54
C GLU F 11 30.62 -8.23 14.32
N GLY F 12 31.09 -8.63 13.15
CA GLY F 12 30.80 -7.87 11.94
C GLY F 12 31.51 -8.46 10.75
N GLY F 13 31.40 -7.75 9.62
CA GLY F 13 32.04 -8.19 8.40
C GLY F 13 33.51 -7.84 8.35
N TRP F 14 34.18 -8.37 7.32
CA TRP F 14 35.61 -8.18 7.14
C TRP F 14 35.86 -7.49 5.80
N THR F 15 36.98 -6.76 5.74
CA THR F 15 37.38 -6.02 4.55
C THR F 15 38.37 -6.78 3.68
N GLY F 16 38.80 -7.97 4.10
CA GLY F 16 39.74 -8.75 3.33
C GLY F 16 39.10 -9.46 2.15
N MET F 17 37.87 -9.94 2.34
CA MET F 17 37.14 -10.66 1.30
C MET F 17 36.24 -9.67 0.58
N VAL F 18 36.65 -9.27 -0.63
CA VAL F 18 35.90 -8.34 -1.46
C VAL F 18 35.37 -9.01 -2.72
N ASP F 19 35.41 -10.35 -2.78
CA ASP F 19 34.97 -11.10 -3.95
C ASP F 19 33.57 -11.69 -3.77
N GLY F 20 32.72 -11.03 -3.00
CA GLY F 20 31.37 -11.51 -2.78
C GLY F 20 30.85 -11.02 -1.44
N TRP F 21 29.74 -11.63 -1.03
CA TRP F 21 29.08 -11.28 0.23
C TRP F 21 29.48 -12.23 1.36
N TYR F 22 29.30 -13.53 1.16
CA TYR F 22 29.62 -14.54 2.16
C TYR F 22 30.79 -15.39 1.69
N GLY F 23 31.41 -16.08 2.64
CA GLY F 23 32.53 -16.95 2.31
C GLY F 23 33.18 -17.49 3.57
N TYR F 24 34.42 -17.93 3.41
CA TYR F 24 35.19 -18.50 4.50
C TYR F 24 36.62 -17.98 4.44
N HIS F 25 37.28 -17.99 5.60
CA HIS F 25 38.68 -17.59 5.71
C HIS F 25 39.49 -18.83 6.10
N HIS F 26 40.30 -19.32 5.16
CA HIS F 26 41.08 -20.52 5.40
C HIS F 26 42.29 -20.23 6.27
N GLN F 27 42.62 -21.16 7.16
CA GLN F 27 43.77 -21.03 8.04
C GLN F 27 44.22 -22.43 8.42
N ASN F 28 45.29 -22.90 7.78
CA ASN F 28 45.84 -24.22 8.06
C ASN F 28 47.34 -24.18 7.76
N GLU F 29 47.96 -25.36 7.72
CA GLU F 29 49.39 -25.46 7.49
C GLU F 29 49.78 -25.21 6.03
N GLN F 30 48.84 -25.32 5.10
CA GLN F 30 49.16 -25.13 3.69
C GLN F 30 49.18 -23.66 3.30
N GLY F 31 48.35 -22.83 3.94
CA GLY F 31 48.33 -21.42 3.61
C GLY F 31 47.16 -20.74 4.29
N SER F 32 46.86 -19.53 3.79
CA SER F 32 45.76 -18.73 4.34
C SER F 32 45.28 -17.77 3.25
N GLY F 33 44.13 -17.19 3.48
CA GLY F 33 43.56 -16.24 2.55
C GLY F 33 42.05 -16.23 2.64
N TYR F 34 41.46 -15.29 1.90
CA TYR F 34 40.01 -15.11 1.86
C TYR F 34 39.45 -15.77 0.61
N ALA F 35 38.26 -16.37 0.76
CA ALA F 35 37.62 -17.05 -0.35
C ALA F 35 36.11 -16.97 -0.18
N ALA F 36 35.42 -16.48 -1.21
CA ALA F 36 33.97 -16.36 -1.18
C ALA F 36 33.32 -17.56 -1.85
N ASP F 37 32.09 -17.85 -1.44
CA ASP F 37 31.34 -18.98 -1.99
C ASP F 37 30.72 -18.57 -3.32
N LEU F 38 30.75 -19.49 -4.29
CA LEU F 38 30.17 -19.22 -5.59
C LEU F 38 28.72 -19.66 -5.69
N LYS F 39 28.27 -20.53 -4.79
CA LYS F 39 26.91 -21.05 -4.85
C LYS F 39 25.95 -20.26 -3.97
N SER F 40 26.31 -20.01 -2.71
CA SER F 40 25.41 -19.34 -1.79
C SER F 40 25.33 -17.84 -2.06
N THR F 41 26.40 -17.23 -2.57
CA THR F 41 26.37 -15.80 -2.85
C THR F 41 25.61 -15.50 -4.13
N GLN F 42 25.77 -16.33 -5.16
CA GLN F 42 25.10 -16.08 -6.44
C GLN F 42 23.59 -16.30 -6.33
N ASN F 43 23.17 -17.26 -5.52
CA ASN F 43 21.75 -17.48 -5.31
C ASN F 43 21.13 -16.35 -4.49
N ALA F 44 21.86 -15.87 -3.47
CA ALA F 44 21.35 -14.78 -2.64
C ALA F 44 21.37 -13.44 -3.36
N ILE F 45 22.22 -13.28 -4.38
CA ILE F 45 22.20 -12.06 -5.17
C ILE F 45 20.94 -11.99 -6.02
N ASP F 46 20.53 -13.14 -6.59
CA ASP F 46 19.32 -13.20 -7.40
C ASP F 46 18.06 -12.99 -6.59
N LYS F 47 18.10 -13.23 -5.27
CA LYS F 47 16.96 -12.89 -4.42
C LYS F 47 16.81 -11.38 -4.28
N ILE F 48 17.94 -10.68 -4.15
CA ILE F 48 17.89 -9.22 -3.97
C ILE F 48 17.75 -8.51 -5.32
N THR F 49 18.32 -9.09 -6.39
CA THR F 49 18.21 -8.47 -7.71
C THR F 49 16.79 -8.56 -8.26
N ASN F 50 16.09 -9.65 -7.95
CA ASN F 50 14.67 -9.72 -8.29
C ASN F 50 13.82 -8.86 -7.37
N LYS F 51 14.31 -8.53 -6.18
CA LYS F 51 13.58 -7.64 -5.28
C LYS F 51 13.59 -6.21 -5.80
N VAL F 52 14.70 -5.79 -6.40
CA VAL F 52 14.76 -4.46 -7.02
C VAL F 52 13.89 -4.43 -8.27
N ASN F 53 13.88 -5.51 -9.04
CA ASN F 53 13.03 -5.61 -10.21
C ASN F 53 11.57 -5.89 -9.86
N SER F 54 11.27 -6.20 -8.60
CA SER F 54 9.88 -6.42 -8.19
C SER F 54 9.10 -5.12 -8.13
N VAL F 55 9.78 -3.98 -7.95
CA VAL F 55 9.12 -2.69 -7.90
C VAL F 55 9.37 -1.86 -9.14
N ILE F 56 10.14 -2.36 -10.09
CA ILE F 56 10.41 -1.67 -11.35
C ILE F 56 9.62 -2.30 -12.49
N GLU F 57 9.71 -3.63 -12.65
CA GLU F 57 9.00 -4.30 -13.72
C GLU F 57 7.49 -4.36 -13.47
N LYS F 58 7.09 -4.44 -12.20
CA LYS F 58 5.67 -4.49 -11.88
C LYS F 58 5.02 -3.11 -11.87
N MET F 59 5.82 -2.05 -11.79
CA MET F 59 5.30 -0.68 -11.86
C MET F 59 5.10 -0.33 -13.33
N ASN F 60 3.95 -0.75 -13.86
CA ASN F 60 3.64 -0.57 -15.27
C ASN F 60 3.04 0.82 -15.48
N THR F 61 3.93 1.81 -15.54
CA THR F 61 3.52 3.18 -15.79
C THR F 61 3.25 3.40 -17.27
N GLN F 62 2.40 4.37 -17.57
CA GLN F 62 2.03 4.70 -18.94
C GLN F 62 2.68 6.02 -19.36
N PHE F 63 2.54 6.32 -20.65
CA PHE F 63 3.08 7.57 -21.22
C PHE F 63 2.05 8.67 -21.00
N THR F 64 2.00 9.17 -19.77
CA THR F 64 1.06 10.20 -19.38
C THR F 64 1.78 11.20 -18.47
N ALA F 65 1.02 12.11 -17.88
CA ALA F 65 1.55 13.13 -16.98
C ALA F 65 0.91 12.99 -15.60
N VAL F 66 1.67 13.39 -14.58
CA VAL F 66 1.19 13.37 -13.21
C VAL F 66 0.79 14.77 -12.79
N GLY F 67 1.58 15.76 -13.24
CA GLY F 67 1.32 17.15 -12.93
C GLY F 67 0.41 17.80 -13.96
N LYS F 68 -0.39 18.75 -13.49
CA LYS F 68 -1.34 19.45 -14.35
C LYS F 68 -1.55 20.85 -13.81
N GLU F 69 -1.91 21.77 -14.72
CA GLU F 69 -2.14 23.16 -14.38
C GLU F 69 -3.63 23.47 -14.42
N PHE F 70 -4.05 24.44 -13.60
CA PHE F 70 -5.44 24.83 -13.51
C PHE F 70 -5.53 26.34 -13.30
N ASN F 71 -6.71 26.88 -13.55
CA ASN F 71 -6.98 28.29 -13.35
C ASN F 71 -7.60 28.53 -11.98
N HIS F 72 -7.52 29.76 -11.51
CA HIS F 72 -8.02 30.13 -10.19
C HIS F 72 -9.51 30.50 -10.20
N LEU F 73 -10.18 30.36 -11.35
CA LEU F 73 -11.64 30.34 -11.39
C LEU F 73 -12.20 28.94 -11.18
N GLU F 74 -11.32 27.93 -11.12
CA GLU F 74 -11.74 26.55 -10.97
C GLU F 74 -11.15 25.99 -9.67
N LYS F 75 -11.27 26.75 -8.58
CA LYS F 75 -10.73 26.32 -7.29
C LYS F 75 -11.51 25.16 -6.68
N ARG F 76 -12.73 24.90 -7.17
CA ARG F 76 -13.47 23.72 -6.73
C ARG F 76 -12.81 22.45 -7.22
N ILE F 77 -12.36 22.43 -8.47
CA ILE F 77 -11.64 21.27 -9.01
C ILE F 77 -10.15 21.34 -8.71
N GLU F 78 -9.62 22.53 -8.35
CA GLU F 78 -8.22 22.63 -7.97
C GLU F 78 -7.97 21.99 -6.61
N ASN F 79 -8.98 22.00 -5.72
CA ASN F 79 -8.85 21.30 -4.45
C ASN F 79 -8.90 19.79 -4.65
N LEU F 80 -9.70 19.31 -5.61
CA LEU F 80 -9.66 17.89 -5.95
C LEU F 80 -8.37 17.53 -6.68
N ASN F 81 -7.84 18.46 -7.47
CA ASN F 81 -6.52 18.25 -8.09
C ASN F 81 -5.42 18.23 -7.03
N LYS F 82 -5.60 18.99 -5.95
CA LYS F 82 -4.69 18.86 -4.81
C LYS F 82 -4.85 17.50 -4.13
N LYS F 83 -6.06 16.94 -4.14
CA LYS F 83 -6.26 15.59 -3.65
C LYS F 83 -5.81 14.54 -4.66
N VAL F 84 -5.59 14.93 -5.92
CA VAL F 84 -5.00 14.01 -6.88
C VAL F 84 -3.48 14.05 -6.82
N ASP F 85 -2.91 15.26 -6.81
CA ASP F 85 -1.46 15.41 -6.81
C ASP F 85 -0.88 15.09 -5.44
N ASP F 86 -1.27 15.86 -4.41
CA ASP F 86 -0.75 15.62 -3.07
C ASP F 86 -1.40 14.43 -2.39
N GLY F 87 -2.58 14.00 -2.85
CA GLY F 87 -3.19 12.81 -2.28
C GLY F 87 -2.46 11.54 -2.68
N PHE F 88 -2.06 11.44 -3.95
CA PHE F 88 -1.19 10.35 -4.36
C PHE F 88 0.20 10.51 -3.78
N LEU F 89 0.62 11.74 -3.53
CA LEU F 89 1.92 11.98 -2.89
C LEU F 89 1.91 11.51 -1.45
N ASP F 90 0.82 11.75 -0.72
CA ASP F 90 0.72 11.31 0.66
C ASP F 90 0.63 9.80 0.78
N ILE F 91 0.08 9.13 -0.24
CA ILE F 91 0.17 7.68 -0.30
C ILE F 91 1.60 7.25 -0.61
N TRP F 92 2.25 7.94 -1.56
CA TRP F 92 3.63 7.63 -1.89
C TRP F 92 4.61 8.12 -0.82
N THR F 93 4.20 9.07 0.02
CA THR F 93 5.00 9.37 1.21
C THR F 93 4.85 8.26 2.25
N TYR F 94 3.74 7.52 2.19
CA TYR F 94 3.46 6.47 3.16
C TYR F 94 3.87 5.09 2.64
N ASN F 95 3.47 4.74 1.41
CA ASN F 95 3.68 3.39 0.91
C ASN F 95 5.12 3.15 0.47
N ALA F 96 5.74 4.15 -0.20
CA ALA F 96 7.09 3.94 -0.71
C ALA F 96 8.13 3.99 0.40
N GLU F 97 7.93 4.85 1.39
CA GLU F 97 8.84 4.89 2.53
C GLU F 97 8.67 3.67 3.43
N LEU F 98 7.50 3.05 3.41
CA LEU F 98 7.31 1.79 4.12
C LEU F 98 7.97 0.63 3.40
N LEU F 99 8.05 0.68 2.07
CA LEU F 99 8.67 -0.39 1.30
C LEU F 99 10.17 -0.44 1.54
N VAL F 100 10.84 0.71 1.52
CA VAL F 100 12.27 0.77 1.80
C VAL F 100 12.55 0.41 3.24
N LEU F 101 11.63 0.71 4.15
CA LEU F 101 11.82 0.35 5.55
C LEU F 101 11.58 -1.12 5.81
N LEU F 102 10.64 -1.75 5.08
CA LEU F 102 10.29 -3.14 5.35
C LEU F 102 11.11 -4.13 4.53
N GLU F 103 11.48 -3.79 3.30
CA GLU F 103 12.30 -4.70 2.51
C GLU F 103 13.74 -4.74 3.01
N ASN F 104 14.25 -3.60 3.51
CA ASN F 104 15.55 -3.63 4.18
C ASN F 104 15.47 -4.35 5.51
N GLU F 105 14.30 -4.31 6.16
CA GLU F 105 14.07 -5.19 7.31
C GLU F 105 14.04 -6.65 6.87
N ARG F 106 13.49 -6.91 5.69
CA ARG F 106 13.54 -8.27 5.14
C ARG F 106 14.95 -8.64 4.70
N THR F 107 15.69 -7.67 4.12
CA THR F 107 17.03 -7.95 3.62
C THR F 107 18.00 -8.20 4.76
N LEU F 108 17.88 -7.43 5.85
CA LEU F 108 18.71 -7.68 7.02
C LEU F 108 18.29 -8.98 7.72
N ASP F 109 17.03 -9.39 7.56
CA ASP F 109 16.61 -10.69 8.06
C ASP F 109 17.04 -11.81 7.13
N TYR F 110 17.01 -11.56 5.81
CA TYR F 110 17.45 -12.59 4.86
C TYR F 110 18.96 -12.77 4.89
N HIS F 111 19.71 -11.68 5.12
CA HIS F 111 21.14 -11.82 5.37
C HIS F 111 21.39 -12.53 6.69
N ASP F 112 20.55 -12.30 7.69
CA ASP F 112 20.59 -13.10 8.90
C ASP F 112 20.12 -14.52 8.64
N SER F 113 19.20 -14.71 7.70
CA SER F 113 18.81 -16.06 7.29
C SER F 113 19.92 -16.71 6.49
N ASN F 114 20.69 -15.91 5.72
CA ASN F 114 21.85 -16.45 5.03
C ASN F 114 22.97 -16.80 6.00
N VAL F 115 23.00 -16.15 7.17
CA VAL F 115 23.92 -16.54 8.22
C VAL F 115 23.51 -17.90 8.80
N LYS F 116 22.21 -18.04 9.13
CA LYS F 116 21.73 -19.24 9.80
C LYS F 116 21.68 -20.44 8.86
N ASN F 117 21.39 -20.22 7.58
CA ASN F 117 21.42 -21.33 6.62
C ASN F 117 22.85 -21.77 6.34
N LEU F 118 23.81 -20.85 6.37
CA LEU F 118 25.21 -21.24 6.26
C LEU F 118 25.71 -21.83 7.57
N TYR F 119 25.11 -21.43 8.70
CA TYR F 119 25.48 -22.01 9.99
C TYR F 119 25.00 -23.44 10.11
N GLU F 120 23.75 -23.70 9.70
CA GLU F 120 23.21 -25.05 9.72
C GLU F 120 23.84 -25.95 8.66
N LYS F 121 24.42 -25.36 7.61
CA LYS F 121 25.20 -26.14 6.65
C LYS F 121 26.50 -26.63 7.27
N VAL F 122 27.05 -25.88 8.23
CA VAL F 122 28.29 -26.25 8.89
C VAL F 122 28.02 -27.06 10.15
N ARG F 123 27.03 -26.65 10.96
CA ARG F 123 26.80 -27.28 12.26
C ARG F 123 26.24 -28.69 12.14
N ASN F 124 25.43 -28.95 11.11
CA ASN F 124 24.90 -30.29 10.92
C ASN F 124 25.96 -31.26 10.40
N GLN F 125 27.04 -30.76 9.82
CA GLN F 125 28.15 -31.59 9.37
C GLN F 125 29.32 -31.62 10.34
N LEU F 126 29.33 -30.72 11.32
CA LEU F 126 30.41 -30.60 12.30
C LEU F 126 29.85 -30.58 13.72
N LYS F 127 29.01 -31.57 14.03
CA LYS F 127 28.39 -31.65 15.35
C LYS F 127 29.43 -31.93 16.43
N ASN F 128 30.36 -32.84 16.16
CA ASN F 128 31.40 -33.20 17.11
C ASN F 128 32.81 -33.00 16.57
N ASN F 129 32.97 -32.57 15.32
CA ASN F 129 34.27 -32.41 14.70
C ASN F 129 34.73 -30.96 14.67
N ALA F 130 34.06 -30.06 15.41
CA ALA F 130 34.46 -28.66 15.45
C ALA F 130 34.01 -28.05 16.76
N LYS F 131 34.78 -27.06 17.22
CA LYS F 131 34.49 -26.35 18.45
C LYS F 131 33.81 -25.03 18.12
N GLU F 132 32.70 -24.75 18.79
CA GLU F 132 31.94 -23.52 18.57
C GLU F 132 32.38 -22.50 19.60
N ILE F 133 33.27 -21.58 19.19
CA ILE F 133 33.75 -20.53 20.08
C ILE F 133 33.12 -19.18 19.77
N GLY F 134 32.17 -19.12 18.85
CA GLY F 134 31.52 -17.88 18.49
C GLY F 134 32.18 -17.19 17.31
N ASN F 135 31.52 -16.08 16.89
CA ASN F 135 31.97 -15.20 15.81
C ASN F 135 32.13 -15.93 14.48
N GLY F 136 31.32 -16.97 14.26
CA GLY F 136 31.35 -17.72 13.02
C GLY F 136 32.55 -18.63 12.85
N CYS F 137 33.34 -18.86 13.89
CA CYS F 137 34.54 -19.67 13.79
C CYS F 137 34.24 -21.13 14.11
N PHE F 138 34.99 -22.03 13.46
CA PHE F 138 34.84 -23.47 13.66
C PHE F 138 36.24 -24.08 13.59
N GLU F 139 36.84 -24.33 14.76
CA GLU F 139 38.16 -24.93 14.83
C GLU F 139 38.03 -26.46 14.82
N PHE F 140 38.66 -27.10 13.84
CA PHE F 140 38.60 -28.55 13.73
C PHE F 140 39.46 -29.21 14.79
N TYR F 141 39.09 -30.44 15.15
CA TYR F 141 39.85 -31.25 16.09
C TYR F 141 40.83 -32.18 15.41
N HIS F 142 41.07 -32.00 14.11
CA HIS F 142 41.99 -32.85 13.36
C HIS F 142 42.59 -32.03 12.22
N LYS F 143 43.32 -32.70 11.34
CA LYS F 143 43.94 -32.04 10.20
C LYS F 143 42.90 -31.76 9.13
N CYS F 144 42.87 -30.53 8.64
CA CYS F 144 41.93 -30.10 7.61
C CYS F 144 42.68 -29.24 6.60
N ASP F 145 43.00 -29.82 5.45
CA ASP F 145 43.77 -29.14 4.42
C ASP F 145 42.84 -28.27 3.57
N ASN F 146 43.36 -27.78 2.44
CA ASN F 146 42.57 -26.93 1.55
C ASN F 146 41.47 -27.71 0.85
N THR F 147 41.66 -29.01 0.64
CA THR F 147 40.58 -29.84 0.11
C THR F 147 39.49 -30.04 1.14
N CYS F 148 39.85 -30.12 2.42
CA CYS F 148 38.86 -30.25 3.49
C CYS F 148 38.11 -28.95 3.71
N MET F 149 38.79 -27.80 3.54
CA MET F 149 38.13 -26.51 3.72
C MET F 149 37.13 -26.21 2.60
N GLU F 150 37.39 -26.72 1.40
CA GLU F 150 36.45 -26.54 0.29
C GLU F 150 35.28 -27.51 0.36
N SER F 151 35.39 -28.58 1.14
CA SER F 151 34.28 -29.53 1.26
C SER F 151 33.16 -28.98 2.13
N VAL F 152 33.49 -28.14 3.11
CA VAL F 152 32.45 -27.54 3.96
C VAL F 152 31.72 -26.43 3.21
N LYS F 153 32.38 -25.81 2.23
CA LYS F 153 31.76 -24.74 1.47
C LYS F 153 30.72 -25.27 0.50
N ASN F 154 31.03 -26.38 -0.17
CA ASN F 154 30.11 -27.00 -1.12
C ASN F 154 29.16 -28.00 -0.47
N GLY F 155 29.41 -28.39 0.77
CA GLY F 155 28.54 -29.32 1.47
C GLY F 155 28.82 -30.77 1.13
N THR F 156 30.10 -31.13 1.02
CA THR F 156 30.49 -32.49 0.74
C THR F 156 31.36 -33.05 1.86
N TYR F 157 30.96 -32.79 3.10
CA TYR F 157 31.71 -33.22 4.29
C TYR F 157 30.98 -34.38 4.93
N ASP F 158 31.55 -35.58 4.79
CA ASP F 158 30.96 -36.78 5.38
C ASP F 158 31.37 -36.88 6.84
N TYR F 159 30.38 -37.00 7.73
CA TYR F 159 30.61 -37.02 9.17
C TYR F 159 31.33 -38.26 9.71
N PRO F 160 30.99 -39.52 9.34
CA PRO F 160 31.78 -40.64 9.90
C PRO F 160 33.17 -40.79 9.31
N LYS F 161 33.46 -40.15 8.17
CA LYS F 161 34.79 -40.28 7.58
C LYS F 161 35.84 -39.44 8.30
N TYR F 162 35.44 -38.29 8.85
CA TYR F 162 36.36 -37.39 9.53
C TYR F 162 36.27 -37.48 11.04
N SER F 163 35.39 -38.33 11.58
CA SER F 163 35.24 -38.47 13.02
C SER F 163 36.24 -39.45 13.62
N GLU F 164 37.06 -40.11 12.81
CA GLU F 164 38.03 -41.06 13.34
C GLU F 164 39.21 -40.38 14.00
N GLU F 165 39.62 -39.20 13.51
CA GLU F 165 40.74 -38.47 14.06
C GLU F 165 40.32 -37.40 15.06
N ALA F 166 39.11 -36.85 14.92
CA ALA F 166 38.65 -35.80 15.81
C ALA F 166 38.31 -36.31 17.21
N LYS F 167 38.01 -37.61 17.34
CA LYS F 167 37.68 -38.17 18.64
C LYS F 167 38.92 -38.40 19.51
N LEU F 168 40.11 -38.44 18.92
CA LEU F 168 41.32 -38.66 19.69
C LEU F 168 41.80 -37.39 20.37
N ASN F 169 41.74 -36.26 19.67
CA ASN F 169 42.18 -34.98 20.23
C ASN F 169 41.13 -34.40 21.16
N GLU G 1 28.05 4.46 -25.82
CA GLU G 1 27.27 3.34 -25.33
C GLU G 1 28.16 2.21 -24.82
N VAL G 2 27.55 1.08 -24.46
CA VAL G 2 28.30 -0.07 -23.97
C VAL G 2 28.93 -0.78 -25.17
N GLN G 3 30.26 -0.70 -25.27
CA GLN G 3 30.97 -1.32 -26.38
C GLN G 3 32.40 -1.63 -25.94
N LEU G 4 33.01 -2.57 -26.67
CA LEU G 4 34.39 -2.98 -26.42
C LEU G 4 35.17 -2.90 -27.72
N VAL G 5 36.34 -2.28 -27.68
CA VAL G 5 37.20 -2.10 -28.85
C VAL G 5 38.45 -2.94 -28.65
N GLU G 6 38.70 -3.86 -29.58
CA GLU G 6 39.87 -4.72 -29.54
C GLU G 6 41.00 -4.15 -30.37
N SER G 7 42.23 -4.35 -29.91
CA SER G 7 43.42 -3.88 -30.61
C SER G 7 44.60 -4.73 -30.19
N GLY G 8 45.61 -4.77 -31.07
CA GLY G 8 46.81 -5.53 -30.78
C GLY G 8 47.12 -6.59 -31.82
N GLY G 9 46.61 -6.41 -33.05
CA GLY G 9 46.85 -7.34 -34.11
C GLY G 9 48.24 -7.18 -34.73
N GLY G 10 48.55 -8.09 -35.63
CA GLY G 10 49.82 -8.09 -36.33
C GLY G 10 50.27 -9.51 -36.62
N LEU G 11 51.57 -9.65 -36.83
CA LEU G 11 52.20 -10.93 -37.14
C LEU G 11 53.30 -11.20 -36.13
N VAL G 12 53.16 -12.28 -35.37
CA VAL G 12 54.10 -12.66 -34.33
C VAL G 12 54.73 -13.98 -34.70
N GLN G 13 56.07 -14.03 -34.69
CA GLN G 13 56.78 -15.27 -34.93
C GLN G 13 56.61 -16.22 -33.74
N PRO G 14 56.69 -17.53 -33.98
CA PRO G 14 56.63 -18.47 -32.85
C PRO G 14 57.86 -18.38 -31.96
N GLY G 15 57.61 -18.31 -30.65
CA GLY G 15 58.66 -18.13 -29.68
C GLY G 15 58.73 -16.73 -29.09
N GLY G 16 57.94 -15.80 -29.59
CA GLY G 16 57.90 -14.43 -29.11
C GLY G 16 56.76 -14.20 -28.13
N SER G 17 56.27 -12.96 -28.11
CA SER G 17 55.18 -12.59 -27.22
C SER G 17 54.30 -11.55 -27.90
N LEU G 18 53.10 -11.38 -27.37
CA LEU G 18 52.15 -10.41 -27.88
C LEU G 18 51.20 -10.02 -26.76
N ARG G 19 50.96 -8.72 -26.62
CA ARG G 19 50.07 -8.18 -25.59
C ARG G 19 48.86 -7.56 -26.27
N LEU G 20 47.67 -8.06 -25.93
CA LEU G 20 46.41 -7.56 -26.47
C LEU G 20 45.81 -6.54 -25.52
N SER G 21 44.90 -5.72 -26.06
CA SER G 21 44.25 -4.67 -25.29
C SER G 21 42.78 -4.62 -25.64
N CYS G 22 41.96 -4.24 -24.66
CA CYS G 22 40.52 -4.08 -24.84
C CYS G 22 40.07 -2.85 -24.09
N ALA G 23 39.50 -1.89 -24.82
CA ALA G 23 39.01 -0.66 -24.22
C ALA G 23 37.54 -0.80 -23.83
N ALA G 24 37.15 -0.10 -22.77
CA ALA G 24 35.80 -0.15 -22.25
C ALA G 24 35.33 1.26 -21.93
N SER G 25 34.09 1.57 -22.32
CA SER G 25 33.52 2.90 -22.08
C SER G 25 32.00 2.76 -22.04
N GLY G 26 31.37 3.74 -21.38
CA GLY G 26 29.93 3.78 -21.27
C GLY G 26 29.34 2.98 -20.14
N PHE G 27 30.16 2.31 -19.33
CA PHE G 27 29.68 1.51 -18.21
C PHE G 27 30.76 1.44 -17.16
N THR G 28 30.38 0.96 -15.97
CA THR G 28 31.30 0.85 -14.86
C THR G 28 32.19 -0.37 -15.05
N PHE G 29 33.51 -0.16 -15.00
CA PHE G 29 34.46 -1.24 -15.24
C PHE G 29 34.89 -1.94 -13.95
N SER G 30 34.80 -1.27 -12.81
CA SER G 30 35.28 -1.81 -11.54
C SER G 30 34.25 -2.68 -10.82
N THR G 31 33.11 -2.97 -11.46
CA THR G 31 32.07 -3.77 -10.83
C THR G 31 31.73 -5.04 -11.59
N TYR G 32 31.98 -5.10 -12.90
CA TYR G 32 31.65 -6.26 -13.71
C TYR G 32 32.87 -7.15 -13.92
N ASN G 33 32.62 -8.33 -14.46
CA ASN G 33 33.67 -9.29 -14.76
C ASN G 33 33.94 -9.32 -16.27
N MET G 34 35.15 -9.77 -16.62
CA MET G 34 35.58 -9.82 -18.01
C MET G 34 36.15 -11.19 -18.32
N ASN G 35 36.15 -11.54 -19.60
CA ASN G 35 36.65 -12.82 -20.09
C ASN G 35 37.41 -12.60 -21.39
N TRP G 36 37.97 -13.69 -21.91
CA TRP G 36 38.66 -13.70 -23.20
C TRP G 36 38.18 -14.90 -23.99
N VAL G 37 37.49 -14.64 -25.10
CA VAL G 37 36.94 -15.68 -25.96
C VAL G 37 37.51 -15.49 -27.35
N ARG G 38 38.18 -16.53 -27.87
CA ARG G 38 38.75 -16.52 -29.21
C ARG G 38 37.93 -17.40 -30.13
N GLN G 39 38.26 -17.35 -31.42
CA GLN G 39 37.55 -18.13 -32.43
C GLN G 39 38.55 -18.53 -33.51
N ALA G 40 38.89 -19.81 -33.56
CA ALA G 40 39.78 -20.31 -34.58
C ALA G 40 39.06 -20.41 -35.91
N PRO G 41 39.76 -20.22 -37.03
CA PRO G 41 39.15 -20.44 -38.35
C PRO G 41 38.84 -21.91 -38.58
N GLY G 42 37.55 -22.21 -38.72
CA GLY G 42 37.10 -23.58 -38.83
C GLY G 42 36.59 -24.20 -37.54
N LYS G 43 36.67 -23.49 -36.43
CA LYS G 43 36.20 -23.94 -35.12
C LYS G 43 35.20 -22.94 -34.56
N GLY G 44 34.79 -23.18 -33.31
CA GLY G 44 33.86 -22.32 -32.62
C GLY G 44 34.54 -21.43 -31.60
N LEU G 45 33.74 -20.97 -30.63
CA LEU G 45 34.26 -20.12 -29.57
C LEU G 45 35.05 -20.93 -28.56
N GLU G 46 35.96 -20.25 -27.86
CA GLU G 46 36.83 -20.92 -26.89
C GLU G 46 37.15 -19.94 -25.77
N TRP G 47 36.67 -20.23 -24.56
CA TRP G 47 36.98 -19.42 -23.40
C TRP G 47 38.43 -19.65 -22.98
N LEU G 48 39.11 -18.56 -22.58
CA LEU G 48 40.51 -18.62 -22.23
C LEU G 48 40.75 -18.33 -20.76
N SER G 49 40.30 -17.18 -20.24
CA SER G 49 40.62 -16.81 -18.87
C SER G 49 39.48 -15.99 -18.27
N TYR G 50 39.51 -15.87 -16.95
CA TYR G 50 38.52 -15.13 -16.19
C TYR G 50 39.22 -14.35 -15.10
N ILE G 51 38.76 -13.13 -14.85
CA ILE G 51 39.33 -12.26 -13.82
C ILE G 51 38.18 -11.55 -13.11
N SER G 52 38.38 -11.22 -11.84
CA SER G 52 37.41 -10.52 -11.04
C SER G 52 37.73 -9.03 -11.01
N THR G 53 37.00 -8.28 -10.18
CA THR G 53 37.25 -6.85 -10.06
C THR G 53 38.51 -6.57 -9.25
N SER G 54 38.78 -7.39 -8.25
CA SER G 54 39.97 -7.23 -7.41
C SER G 54 41.16 -8.04 -7.90
N SER G 55 41.00 -8.79 -9.00
CA SER G 55 42.04 -9.62 -9.62
C SER G 55 42.61 -10.65 -8.65
N ASN G 56 41.73 -11.24 -7.82
CA ASN G 56 42.13 -12.26 -6.87
C ASN G 56 41.84 -13.67 -7.38
N THR G 57 40.65 -13.90 -7.93
CA THR G 57 40.26 -15.21 -8.46
C THR G 57 40.48 -15.17 -9.96
N ILE G 58 41.56 -15.81 -10.41
CA ILE G 58 41.94 -15.84 -11.82
C ILE G 58 41.90 -17.29 -12.28
N TYR G 59 41.14 -17.56 -13.35
CA TYR G 59 41.01 -18.89 -13.91
C TYR G 59 41.71 -18.96 -15.26
N TYR G 60 42.01 -20.19 -15.69
CA TYR G 60 42.64 -20.45 -16.97
C TYR G 60 42.05 -21.72 -17.57
N ALA G 61 42.06 -21.78 -18.90
CA ALA G 61 41.51 -22.93 -19.61
C ALA G 61 42.54 -24.06 -19.66
N ASP G 62 42.08 -25.21 -20.18
CA ASP G 62 42.97 -26.36 -20.32
C ASP G 62 43.96 -26.19 -21.47
N SER G 63 43.59 -25.39 -22.47
CA SER G 63 44.48 -25.14 -23.60
C SER G 63 45.51 -24.05 -23.31
N VAL G 64 45.40 -23.38 -22.16
CA VAL G 64 46.36 -22.33 -21.81
C VAL G 64 47.52 -22.88 -21.00
N LYS G 65 47.20 -23.59 -19.91
CA LYS G 65 48.17 -24.20 -18.98
C LYS G 65 49.13 -23.15 -18.39
N GLY G 66 48.59 -21.97 -18.09
CA GLY G 66 49.39 -20.92 -17.48
C GLY G 66 50.32 -20.18 -18.41
N ARG G 67 50.19 -20.36 -19.72
CA ARG G 67 51.05 -19.64 -20.65
C ARG G 67 50.64 -18.19 -20.83
N PHE G 68 49.37 -17.88 -20.62
CA PHE G 68 48.88 -16.52 -20.78
C PHE G 68 48.89 -15.77 -19.44
N THR G 69 48.81 -14.45 -19.53
CA THR G 69 48.78 -13.60 -18.35
C THR G 69 47.80 -12.47 -18.60
N ILE G 70 46.70 -12.44 -17.82
CA ILE G 70 45.62 -11.48 -18.00
C ILE G 70 45.68 -10.48 -16.85
N SER G 71 45.72 -9.20 -17.19
CA SER G 71 45.74 -8.12 -16.20
C SER G 71 44.71 -7.07 -16.60
N ARG G 72 44.35 -6.23 -15.63
CA ARG G 72 43.36 -5.19 -15.85
C ARG G 72 43.68 -3.99 -14.97
N ASP G 73 42.95 -2.91 -15.18
CA ASP G 73 43.10 -1.71 -14.37
C ASP G 73 41.73 -1.05 -14.23
N ASN G 74 41.25 -0.93 -13.00
CA ASN G 74 39.92 -0.37 -12.76
C ASN G 74 39.88 1.14 -12.93
N ALA G 75 41.04 1.81 -12.82
CA ALA G 75 41.06 3.26 -12.97
C ALA G 75 41.08 3.68 -14.44
N LYS G 76 41.84 2.98 -15.27
CA LYS G 76 41.96 3.32 -16.68
C LYS G 76 40.94 2.63 -17.56
N ASN G 77 40.16 1.69 -16.99
CA ASN G 77 39.12 0.93 -17.70
C ASN G 77 39.68 0.17 -18.90
N SER G 78 40.72 -0.63 -18.66
CA SER G 78 41.40 -1.37 -19.70
C SER G 78 41.59 -2.81 -19.28
N LEU G 79 41.77 -3.68 -20.27
CA LEU G 79 41.98 -5.10 -20.06
C LEU G 79 43.12 -5.56 -20.95
N PHE G 80 44.13 -6.19 -20.36
CA PHE G 80 45.32 -6.62 -21.07
C PHE G 80 45.49 -8.13 -20.96
N LEU G 81 46.12 -8.71 -21.98
CA LEU G 81 46.42 -10.15 -22.00
C LEU G 81 47.83 -10.33 -22.54
N GLN G 82 48.77 -10.65 -21.66
CA GLN G 82 50.15 -10.89 -22.04
C GLN G 82 50.29 -12.35 -22.43
N MET G 83 50.42 -12.61 -23.74
CA MET G 83 50.52 -13.96 -24.27
C MET G 83 51.98 -14.32 -24.51
N ASN G 84 52.37 -15.51 -24.08
CA ASN G 84 53.72 -16.01 -24.26
C ASN G 84 53.67 -17.44 -24.78
N SER G 85 54.80 -17.87 -25.36
CA SER G 85 55.00 -19.20 -25.95
C SER G 85 53.94 -19.51 -27.03
N LEU G 86 53.83 -18.60 -27.99
CA LEU G 86 52.83 -18.74 -29.04
C LEU G 86 53.29 -19.75 -30.09
N ARG G 87 52.38 -20.63 -30.49
CA ARG G 87 52.63 -21.63 -31.51
C ARG G 87 51.65 -21.44 -32.67
N ASP G 88 51.65 -22.39 -33.59
CA ASP G 88 50.80 -22.29 -34.78
C ASP G 88 49.34 -22.58 -34.47
N GLU G 89 49.04 -23.21 -33.33
CA GLU G 89 47.66 -23.51 -32.96
C GLU G 89 46.94 -22.33 -32.32
N ASP G 90 47.64 -21.23 -32.06
CA ASP G 90 47.04 -20.05 -31.44
C ASP G 90 46.52 -19.04 -32.45
N THR G 91 46.43 -19.42 -33.72
CA THR G 91 45.93 -18.53 -34.76
C THR G 91 44.41 -18.46 -34.64
N ALA G 92 43.91 -17.35 -34.12
CA ALA G 92 42.48 -17.17 -33.92
C ALA G 92 42.17 -15.67 -33.86
N VAL G 93 40.88 -15.36 -33.80
CA VAL G 93 40.39 -14.00 -33.68
C VAL G 93 39.96 -13.79 -32.23
N TYR G 94 40.71 -12.99 -31.49
CA TYR G 94 40.48 -12.79 -30.06
C TYR G 94 39.46 -11.68 -29.85
N TYR G 95 38.44 -11.96 -29.04
CA TYR G 95 37.41 -11.00 -28.68
C TYR G 95 37.53 -10.65 -27.20
N CYS G 96 36.59 -9.83 -26.73
CA CYS G 96 36.47 -9.47 -25.33
C CYS G 96 35.00 -9.43 -24.96
N ALA G 97 34.67 -9.95 -23.78
CA ALA G 97 33.28 -10.10 -23.38
C ALA G 97 33.12 -9.76 -21.91
N ARG G 98 31.91 -9.35 -21.55
CA ARG G 98 31.55 -8.99 -20.19
C ARG G 98 30.48 -9.95 -19.68
N ASP G 99 30.61 -10.39 -18.44
CA ASP G 99 29.65 -11.31 -17.84
C ASP G 99 28.34 -10.58 -17.52
N ARG G 100 27.26 -11.36 -17.44
CA ARG G 100 25.95 -10.79 -17.19
C ARG G 100 25.79 -10.40 -15.71
N GLY G 101 25.90 -11.38 -14.81
CA GLY G 101 25.89 -11.14 -13.39
C GLY G 101 24.67 -11.68 -12.66
N CYS G 102 23.49 -11.54 -13.26
CA CYS G 102 22.26 -11.92 -12.58
C CYS G 102 21.31 -12.59 -13.57
N SER G 103 20.13 -12.95 -13.09
CA SER G 103 19.11 -13.61 -13.89
C SER G 103 17.93 -12.72 -14.23
N SER G 104 17.85 -11.51 -13.68
CA SER G 104 16.75 -10.61 -13.95
C SER G 104 16.99 -9.86 -15.26
N THR G 105 16.06 -8.97 -15.60
CA THR G 105 16.20 -8.18 -16.82
C THR G 105 17.25 -7.10 -16.66
N ASN G 106 17.25 -6.40 -15.54
CA ASN G 106 18.22 -5.35 -15.24
C ASN G 106 19.01 -5.76 -14.01
N CYS G 107 20.29 -6.09 -14.20
CA CYS G 107 21.15 -6.54 -13.11
C CYS G 107 21.73 -5.30 -12.43
N TYR G 108 21.20 -4.97 -11.24
CA TYR G 108 21.73 -3.87 -10.46
C TYR G 108 22.86 -4.29 -9.53
N VAL G 109 22.94 -5.57 -9.18
CA VAL G 109 24.02 -6.11 -8.37
C VAL G 109 24.73 -7.16 -9.21
N VAL G 110 26.00 -6.91 -9.51
CA VAL G 110 26.78 -7.82 -10.36
C VAL G 110 27.17 -9.04 -9.54
N GLY G 111 26.96 -10.21 -10.11
CA GLY G 111 27.26 -11.46 -9.43
C GLY G 111 28.48 -12.16 -9.96
N TYR G 112 28.27 -13.21 -10.76
CA TYR G 112 29.36 -14.02 -11.28
C TYR G 112 29.00 -14.47 -12.70
N TYR G 113 29.73 -15.46 -13.21
CA TYR G 113 29.58 -15.95 -14.57
C TYR G 113 28.53 -17.05 -14.69
N PHE G 114 27.59 -17.14 -13.76
CA PHE G 114 26.62 -18.22 -13.75
C PHE G 114 25.47 -18.01 -14.73
N TYR G 115 25.39 -16.86 -15.39
CA TYR G 115 24.30 -16.57 -16.32
C TYR G 115 24.84 -16.05 -17.64
N GLY G 116 25.98 -16.57 -18.08
CA GLY G 116 26.51 -16.27 -19.39
C GLY G 116 27.09 -14.86 -19.53
N MET G 117 27.37 -14.51 -20.77
CA MET G 117 27.93 -13.22 -21.13
C MET G 117 27.06 -12.56 -22.19
N ASP G 118 26.92 -11.24 -22.11
CA ASP G 118 26.03 -10.51 -23.00
C ASP G 118 26.74 -9.52 -23.90
N VAL G 119 27.74 -8.80 -23.40
CA VAL G 119 28.45 -7.79 -24.19
C VAL G 119 29.54 -8.47 -24.99
N TRP G 120 29.69 -8.06 -26.25
CA TRP G 120 30.72 -8.60 -27.12
C TRP G 120 31.31 -7.48 -27.97
N GLY G 121 32.57 -7.68 -28.39
CA GLY G 121 33.29 -6.69 -29.14
C GLY G 121 33.50 -7.09 -30.60
N GLN G 122 34.31 -6.29 -31.28
CA GLN G 122 34.56 -6.51 -32.71
C GLN G 122 35.60 -7.60 -32.92
N GLY G 123 36.77 -7.46 -32.31
CA GLY G 123 37.82 -8.45 -32.44
C GLY G 123 38.91 -8.03 -33.42
N THR G 124 40.08 -8.64 -33.27
CA THR G 124 41.21 -8.38 -34.13
C THR G 124 41.80 -9.70 -34.62
N THR G 125 42.47 -9.65 -35.77
CA THR G 125 43.05 -10.83 -36.39
C THR G 125 44.47 -11.04 -35.87
N VAL G 126 44.72 -12.20 -35.26
CA VAL G 126 46.03 -12.56 -34.75
C VAL G 126 46.45 -13.86 -35.41
N THR G 127 47.57 -13.84 -36.12
CA THR G 127 48.08 -15.01 -36.83
C THR G 127 49.52 -15.25 -36.42
N VAL G 128 49.82 -16.45 -35.94
CA VAL G 128 51.15 -16.85 -35.52
C VAL G 128 51.60 -18.00 -36.40
N SER G 129 52.66 -17.77 -37.18
CA SER G 129 53.20 -18.78 -38.07
C SER G 129 54.67 -18.52 -38.29
N SER G 130 55.41 -19.59 -38.63
CA SER G 130 56.84 -19.48 -38.84
C SER G 130 57.20 -18.96 -40.23
N ALA G 131 56.25 -18.95 -41.16
CA ALA G 131 56.52 -18.46 -42.50
C ALA G 131 56.58 -16.94 -42.51
N SER G 132 57.46 -16.41 -43.36
CA SER G 132 57.65 -14.97 -43.48
C SER G 132 56.66 -14.39 -44.47
N THR G 133 56.72 -13.06 -44.65
CA THR G 133 55.82 -12.37 -45.57
C THR G 133 56.28 -12.62 -47.00
N LYS G 134 55.38 -13.15 -47.83
CA LYS G 134 55.68 -13.45 -49.22
C LYS G 134 54.55 -12.92 -50.09
N GLY G 135 54.91 -12.26 -51.19
CA GLY G 135 53.93 -11.71 -52.10
C GLY G 135 53.20 -12.78 -52.88
N PRO G 136 51.99 -12.48 -53.33
CA PRO G 136 51.21 -13.48 -54.07
C PRO G 136 51.71 -13.66 -55.49
N SER G 137 51.40 -14.85 -56.04
CA SER G 137 51.75 -15.21 -57.40
C SER G 137 50.47 -15.23 -58.22
N VAL G 138 50.35 -14.31 -59.17
CA VAL G 138 49.15 -14.14 -59.97
C VAL G 138 49.37 -14.80 -61.32
N PHE G 139 48.46 -15.70 -61.71
CA PHE G 139 48.50 -16.37 -63.00
C PHE G 139 47.10 -16.35 -63.59
N PRO G 140 46.93 -15.83 -64.80
CA PRO G 140 45.60 -15.78 -65.41
C PRO G 140 45.17 -17.14 -65.95
N LEU G 141 43.86 -17.36 -65.91
CA LEU G 141 43.28 -18.60 -66.42
C LEU G 141 42.81 -18.40 -67.85
N ALA G 142 42.94 -19.45 -68.66
CA ALA G 142 42.53 -19.38 -70.05
C ALA G 142 41.01 -19.51 -70.15
N PRO G 143 40.35 -18.64 -70.91
CA PRO G 143 38.89 -18.75 -71.05
C PRO G 143 38.48 -19.87 -71.99
N SER G 144 37.30 -20.43 -71.72
CA SER G 144 36.78 -21.52 -72.53
C SER G 144 35.26 -21.51 -72.43
N SER G 145 34.62 -22.07 -73.46
CA SER G 145 33.16 -22.17 -73.54
C SER G 145 32.77 -23.63 -73.38
N LYS G 146 32.38 -24.01 -72.17
CA LYS G 146 31.98 -25.38 -71.88
C LYS G 146 30.49 -25.56 -71.66
N SER G 147 29.77 -24.51 -71.26
CA SER G 147 28.33 -24.60 -71.03
C SER G 147 27.63 -24.60 -72.38
N THR G 148 27.38 -25.80 -72.91
CA THR G 148 26.73 -25.94 -74.21
C THR G 148 25.23 -25.69 -74.10
N SER G 149 24.57 -26.32 -73.12
CA SER G 149 23.14 -26.15 -72.95
C SER G 149 22.77 -24.80 -72.36
N GLY G 150 23.66 -24.15 -71.62
CA GLY G 150 23.38 -22.85 -71.05
C GLY G 150 23.80 -21.71 -71.95
N GLY G 151 24.81 -21.95 -72.79
CA GLY G 151 25.29 -20.92 -73.70
C GLY G 151 26.11 -19.83 -73.05
N THR G 152 26.71 -20.09 -71.90
CA THR G 152 27.54 -19.12 -71.18
C THR G 152 28.98 -19.64 -71.10
N ALA G 153 29.83 -18.83 -70.49
CA ALA G 153 31.24 -19.17 -70.32
C ALA G 153 31.69 -18.62 -68.97
N ALA G 154 32.99 -18.76 -68.69
CA ALA G 154 33.54 -18.30 -67.43
C ALA G 154 35.02 -18.00 -67.61
N LEU G 155 35.52 -17.06 -66.79
CA LEU G 155 36.94 -16.73 -66.78
C LEU G 155 37.30 -16.19 -65.40
N GLY G 156 38.59 -16.18 -65.11
CA GLY G 156 39.03 -15.70 -63.82
C GLY G 156 40.54 -15.77 -63.68
N CYS G 157 41.01 -15.67 -62.44
CA CYS G 157 42.42 -15.70 -62.12
C CYS G 157 42.63 -16.51 -60.85
N LEU G 158 43.84 -17.07 -60.72
CA LEU G 158 44.21 -17.89 -59.58
C LEU G 158 45.30 -17.19 -58.79
N VAL G 159 45.06 -16.97 -57.50
CA VAL G 159 46.02 -16.34 -56.60
C VAL G 159 46.46 -17.37 -55.58
N LYS G 160 47.77 -17.59 -55.47
CA LYS G 160 48.30 -18.59 -54.56
C LYS G 160 49.66 -18.14 -54.06
N ASP G 161 50.14 -18.83 -53.02
CA ASP G 161 51.45 -18.63 -52.39
C ASP G 161 51.62 -17.20 -51.87
N TYR G 162 50.77 -16.84 -50.90
CA TYR G 162 50.84 -15.55 -50.24
C TYR G 162 50.73 -15.74 -48.73
N PHE G 163 51.11 -14.69 -48.01
CA PHE G 163 51.07 -14.66 -46.55
C PHE G 163 51.09 -13.21 -46.07
N PRO G 164 50.20 -12.82 -45.14
CA PRO G 164 49.14 -13.64 -44.55
C PRO G 164 47.77 -13.43 -45.20
N GLU G 165 46.75 -14.04 -44.62
CA GLU G 165 45.37 -13.92 -45.06
C GLU G 165 44.76 -12.60 -44.58
N PRO G 166 43.79 -12.03 -45.32
CA PRO G 166 43.25 -12.41 -46.62
C PRO G 166 43.72 -11.53 -47.78
N VAL G 167 43.19 -11.79 -48.97
CA VAL G 167 43.46 -11.01 -50.16
C VAL G 167 42.12 -10.64 -50.80
N THR G 168 41.87 -9.34 -50.96
CA THR G 168 40.64 -8.86 -51.58
C THR G 168 40.86 -8.80 -53.09
N VAL G 169 40.19 -9.68 -53.83
CA VAL G 169 40.32 -9.75 -55.28
C VAL G 169 39.10 -9.09 -55.91
N SER G 170 39.35 -8.12 -56.79
CA SER G 170 38.30 -7.39 -57.49
C SER G 170 38.58 -7.40 -58.98
N TRP G 171 37.70 -6.76 -59.74
CA TRP G 171 37.82 -6.69 -61.19
C TRP G 171 37.55 -5.26 -61.64
N ASN G 172 38.47 -4.72 -62.45
CA ASN G 172 38.40 -3.36 -63.00
C ASN G 172 38.28 -2.29 -61.92
N SER G 173 39.00 -2.51 -60.80
CA SER G 173 39.03 -1.62 -59.63
C SER G 173 37.64 -1.40 -59.04
N GLY G 174 36.85 -2.46 -58.99
CA GLY G 174 35.52 -2.41 -58.42
C GLY G 174 34.41 -2.02 -59.39
N ALA G 175 34.72 -1.78 -60.66
CA ALA G 175 33.70 -1.40 -61.62
C ALA G 175 32.85 -2.60 -62.06
N LEU G 176 33.48 -3.76 -62.24
CA LEU G 176 32.77 -4.95 -62.65
C LEU G 176 32.13 -5.62 -61.45
N THR G 177 30.81 -5.76 -61.46
CA THR G 177 30.07 -6.39 -60.38
C THR G 177 29.22 -7.58 -60.81
N SER G 178 28.96 -7.74 -62.10
CA SER G 178 28.11 -8.83 -62.58
C SER G 178 28.93 -10.12 -62.67
N GLY G 179 28.50 -11.14 -61.93
CA GLY G 179 29.16 -12.43 -61.96
C GLY G 179 30.40 -12.55 -61.11
N VAL G 180 30.76 -11.52 -60.35
CA VAL G 180 31.97 -11.55 -59.52
C VAL G 180 31.65 -12.30 -58.24
N HIS G 181 32.41 -13.36 -57.96
CA HIS G 181 32.26 -14.15 -56.75
C HIS G 181 33.63 -14.41 -56.15
N THR G 182 33.80 -14.06 -54.88
CA THR G 182 35.06 -14.21 -54.18
C THR G 182 35.01 -15.47 -53.32
N PHE G 183 35.97 -16.38 -53.55
CA PHE G 183 36.10 -17.62 -52.81
C PHE G 183 36.98 -17.40 -51.58
N PRO G 184 36.69 -18.07 -50.46
CA PRO G 184 37.50 -17.89 -49.25
C PRO G 184 38.86 -18.54 -49.39
N ALA G 185 39.76 -18.13 -48.49
CA ALA G 185 41.13 -18.62 -48.51
C ALA G 185 41.23 -19.95 -47.75
N VAL G 186 41.91 -20.92 -48.35
CA VAL G 186 42.12 -22.24 -47.76
C VAL G 186 43.62 -22.43 -47.56
N LEU G 187 44.02 -22.78 -46.34
CA LEU G 187 45.43 -22.98 -46.03
C LEU G 187 45.93 -24.29 -46.62
N GLN G 188 47.03 -24.21 -47.35
CA GLN G 188 47.63 -25.39 -47.98
C GLN G 188 48.56 -26.09 -47.00
N SER G 189 49.18 -27.17 -47.46
CA SER G 189 50.10 -27.94 -46.61
C SER G 189 51.46 -27.27 -46.46
N SER G 190 51.83 -26.36 -47.38
CA SER G 190 53.12 -25.69 -47.31
C SER G 190 53.13 -24.49 -46.38
N GLY G 191 51.98 -24.12 -45.81
CA GLY G 191 51.90 -22.99 -44.92
C GLY G 191 51.41 -21.70 -45.53
N LEU G 192 50.99 -21.72 -46.80
CA LEU G 192 50.51 -20.53 -47.49
C LEU G 192 49.06 -20.74 -47.92
N TYR G 193 48.36 -19.63 -48.10
CA TYR G 193 46.95 -19.65 -48.45
C TYR G 193 46.76 -19.54 -49.96
N SER G 194 45.52 -19.79 -50.40
CA SER G 194 45.17 -19.73 -51.81
C SER G 194 43.68 -19.46 -51.93
N LEU G 195 43.33 -18.67 -52.95
CA LEU G 195 41.93 -18.34 -53.22
C LEU G 195 41.77 -18.08 -54.72
N SER G 196 40.52 -18.04 -55.16
CA SER G 196 40.21 -17.83 -56.57
C SER G 196 39.04 -16.86 -56.68
N SER G 197 38.82 -16.38 -57.90
CA SER G 197 37.72 -15.46 -58.20
C SER G 197 37.37 -15.59 -59.67
N VAL G 198 36.07 -15.74 -59.96
CA VAL G 198 35.60 -15.97 -61.32
C VAL G 198 34.57 -14.90 -61.68
N VAL G 199 34.40 -14.69 -62.99
CA VAL G 199 33.42 -13.77 -63.53
C VAL G 199 32.63 -14.52 -64.61
N THR G 200 31.32 -14.60 -64.45
CA THR G 200 30.45 -15.28 -65.39
C THR G 200 30.13 -14.35 -66.56
N VAL G 201 30.56 -14.72 -67.76
CA VAL G 201 30.32 -13.93 -68.96
C VAL G 201 29.64 -14.81 -70.00
N PRO G 202 28.85 -14.24 -70.91
CA PRO G 202 28.29 -15.04 -72.00
C PRO G 202 29.36 -15.45 -73.01
N SER G 203 29.03 -16.47 -73.79
CA SER G 203 29.96 -17.03 -74.77
C SER G 203 30.00 -16.24 -76.07
N SER G 204 29.17 -15.19 -76.21
CA SER G 204 29.19 -14.39 -77.43
C SER G 204 30.41 -13.48 -77.50
N SER G 205 30.80 -12.90 -76.38
CA SER G 205 31.96 -12.02 -76.30
C SER G 205 33.09 -12.65 -75.48
N LEU G 206 33.28 -13.96 -75.66
CA LEU G 206 34.32 -14.66 -74.90
C LEU G 206 35.71 -14.37 -75.45
N GLY G 207 35.90 -14.56 -76.75
CA GLY G 207 37.19 -14.34 -77.38
C GLY G 207 37.47 -12.92 -77.83
N THR G 208 36.62 -11.96 -77.46
CA THR G 208 36.80 -10.56 -77.84
C THR G 208 36.93 -9.63 -76.65
N GLN G 209 36.15 -9.84 -75.59
CA GLN G 209 36.18 -8.98 -74.42
C GLN G 209 37.20 -9.51 -73.41
N THR G 210 38.04 -8.60 -72.91
CA THR G 210 39.05 -8.93 -71.92
C THR G 210 38.76 -8.19 -70.62
N TYR G 211 39.33 -8.69 -69.53
CA TYR G 211 39.14 -8.10 -68.22
C TYR G 211 40.47 -8.03 -67.49
N ILE G 212 40.53 -7.18 -66.46
CA ILE G 212 41.71 -6.98 -65.65
C ILE G 212 41.44 -7.55 -64.26
N CYS G 213 42.24 -8.53 -63.85
CA CYS G 213 42.11 -9.15 -62.54
C CYS G 213 42.98 -8.38 -61.55
N ASN G 214 42.34 -7.67 -60.62
CA ASN G 214 43.04 -6.86 -59.64
C ASN G 214 43.25 -7.66 -58.36
N VAL G 215 44.51 -7.78 -57.93
CA VAL G 215 44.87 -8.50 -56.72
C VAL G 215 45.42 -7.49 -55.73
N ASN G 216 44.84 -7.44 -54.54
CA ASN G 216 45.22 -6.48 -53.51
C ASN G 216 45.52 -7.24 -52.22
N HIS G 217 46.78 -7.23 -51.81
CA HIS G 217 47.23 -7.86 -50.56
C HIS G 217 47.45 -6.74 -49.53
N LYS G 218 46.58 -6.69 -48.53
CA LYS G 218 46.56 -5.57 -47.58
C LYS G 218 47.71 -5.55 -46.56
N PRO G 219 48.11 -6.65 -45.89
CA PRO G 219 49.23 -6.50 -44.94
C PRO G 219 50.59 -6.34 -45.61
N SER G 220 50.77 -6.86 -46.82
CA SER G 220 52.05 -6.76 -47.51
C SER G 220 52.12 -5.58 -48.48
N ASN G 221 51.00 -4.86 -48.67
CA ASN G 221 50.89 -3.70 -49.57
C ASN G 221 51.28 -4.06 -51.01
N THR G 222 50.85 -5.23 -51.46
CA THR G 222 51.17 -5.73 -52.80
C THR G 222 49.94 -5.59 -53.68
N LYS G 223 50.10 -4.87 -54.80
CA LYS G 223 49.02 -4.68 -55.77
C LYS G 223 49.54 -5.11 -57.14
N VAL G 224 49.08 -6.26 -57.61
CA VAL G 224 49.48 -6.82 -58.90
C VAL G 224 48.27 -6.89 -59.81
N ASP G 225 48.35 -6.25 -60.97
CA ASP G 225 47.29 -6.26 -61.97
C ASP G 225 47.73 -7.11 -63.14
N LYS G 226 46.93 -8.12 -63.48
CA LYS G 226 47.24 -9.04 -64.56
C LYS G 226 46.07 -9.11 -65.53
N LYS G 227 46.36 -8.94 -66.81
CA LYS G 227 45.34 -9.00 -67.85
C LYS G 227 45.02 -10.46 -68.17
N VAL G 228 43.74 -10.79 -68.18
CA VAL G 228 43.27 -12.14 -68.48
C VAL G 228 42.76 -12.17 -69.91
N GLU G 229 43.42 -12.97 -70.75
CA GLU G 229 43.04 -13.09 -72.15
C GLU G 229 43.31 -14.49 -72.67
N ASP H 1 38.15 -31.35 -19.33
CA ASP H 1 37.08 -30.36 -19.17
C ASP H 1 35.71 -31.00 -19.37
N ILE H 2 34.66 -30.25 -19.07
CA ILE H 2 33.28 -30.72 -19.23
C ILE H 2 32.90 -30.48 -20.69
N GLN H 3 32.87 -31.55 -21.48
CA GLN H 3 32.65 -31.43 -22.92
C GLN H 3 31.17 -31.20 -23.21
N MET H 4 30.91 -30.65 -24.40
CA MET H 4 29.56 -30.38 -24.88
C MET H 4 29.34 -31.10 -26.20
N THR H 5 28.07 -31.39 -26.50
CA THR H 5 27.71 -32.11 -27.70
C THR H 5 26.46 -31.50 -28.31
N GLN H 6 26.53 -31.16 -29.60
CA GLN H 6 25.40 -30.65 -30.34
C GLN H 6 24.96 -31.64 -31.40
N SER H 7 23.69 -31.55 -31.78
CA SER H 7 23.12 -32.43 -32.79
C SER H 7 21.93 -31.75 -33.46
N PRO H 8 21.87 -31.72 -34.81
CA PRO H 8 22.88 -32.24 -35.73
C PRO H 8 23.95 -31.21 -36.07
N SER H 9 24.73 -31.48 -37.12
CA SER H 9 25.78 -30.55 -37.53
C SER H 9 25.24 -29.39 -38.36
N SER H 10 24.19 -29.62 -39.14
CA SER H 10 23.61 -28.60 -39.98
C SER H 10 22.12 -28.88 -40.17
N VAL H 11 21.31 -27.82 -40.07
CA VAL H 11 19.87 -27.92 -40.23
C VAL H 11 19.46 -27.12 -41.46
N SER H 12 18.73 -27.75 -42.36
CA SER H 12 18.24 -27.12 -43.58
C SER H 12 16.73 -27.05 -43.52
N ALA H 13 16.20 -25.85 -43.29
CA ALA H 13 14.77 -25.62 -43.19
C ALA H 13 14.41 -24.33 -43.92
N SER H 14 13.12 -24.17 -44.19
CA SER H 14 12.63 -23.00 -44.90
C SER H 14 12.00 -22.01 -43.91
N VAL H 15 11.55 -20.87 -44.43
CA VAL H 15 10.94 -19.84 -43.62
C VAL H 15 9.52 -20.28 -43.25
N GLY H 16 9.23 -20.30 -41.95
CA GLY H 16 7.94 -20.69 -41.44
C GLY H 16 7.89 -22.07 -40.81
N ASP H 17 8.90 -22.90 -41.06
CA ASP H 17 8.94 -24.24 -40.49
C ASP H 17 9.53 -24.21 -39.09
N ARG H 18 9.59 -25.38 -38.46
CA ARG H 18 10.11 -25.53 -37.11
C ARG H 18 11.55 -26.02 -37.17
N VAL H 19 12.44 -25.35 -36.44
CA VAL H 19 13.84 -25.71 -36.36
C VAL H 19 14.13 -26.19 -34.94
N THR H 20 14.57 -27.45 -34.82
CA THR H 20 14.84 -28.07 -33.53
C THR H 20 16.34 -28.37 -33.45
N ILE H 21 17.06 -27.58 -32.65
CA ILE H 21 18.49 -27.77 -32.43
C ILE H 21 18.69 -28.06 -30.96
N THR H 22 19.31 -29.19 -30.66
CA THR H 22 19.55 -29.62 -29.29
C THR H 22 21.03 -29.52 -28.94
N CYS H 23 21.30 -29.42 -27.64
CA CYS H 23 22.66 -29.35 -27.14
C CYS H 23 22.68 -30.01 -25.77
N ARG H 24 23.25 -31.21 -25.70
CA ARG H 24 23.27 -32.01 -24.48
C ARG H 24 24.62 -31.88 -23.80
N ALA H 25 24.60 -31.63 -22.50
CA ALA H 25 25.82 -31.55 -21.71
C ALA H 25 26.23 -32.94 -21.22
N SER H 26 27.54 -33.11 -20.99
CA SER H 26 28.04 -34.39 -20.52
C SER H 26 27.72 -34.64 -19.06
N GLN H 27 27.52 -33.59 -18.27
CA GLN H 27 27.18 -33.71 -16.86
C GLN H 27 25.91 -32.92 -16.57
N GLY H 28 25.33 -33.16 -15.41
CA GLY H 28 24.09 -32.51 -15.03
C GLY H 28 24.31 -31.07 -14.60
N ILE H 29 23.51 -30.16 -15.14
CA ILE H 29 23.57 -28.75 -14.77
C ILE H 29 22.21 -28.31 -14.25
N SER H 30 21.17 -28.47 -15.08
CA SER H 30 19.74 -28.31 -14.81
C SER H 30 19.30 -26.88 -14.51
N SER H 31 20.21 -25.91 -14.45
CA SER H 31 19.82 -24.53 -14.16
C SER H 31 20.50 -23.48 -15.03
N TYR H 32 21.67 -23.75 -15.60
CA TYR H 32 22.45 -22.72 -16.29
C TYR H 32 22.82 -23.22 -17.68
N LEU H 33 22.39 -22.48 -18.70
CA LEU H 33 22.74 -22.79 -20.09
C LEU H 33 22.60 -21.52 -20.91
N ALA H 34 23.58 -21.26 -21.76
CA ALA H 34 23.59 -20.07 -22.60
C ALA H 34 23.41 -20.47 -24.06
N TRP H 35 22.99 -19.49 -24.87
CA TRP H 35 22.80 -19.69 -26.31
C TRP H 35 23.20 -18.41 -27.03
N TYR H 36 24.08 -18.54 -28.01
CA TYR H 36 24.57 -17.41 -28.78
C TYR H 36 24.21 -17.57 -30.25
N GLN H 37 24.19 -16.43 -30.95
CA GLN H 37 23.94 -16.38 -32.39
C GLN H 37 25.18 -15.77 -33.03
N LEU H 38 26.09 -16.61 -33.49
CA LEU H 38 27.35 -16.16 -34.07
C LEU H 38 27.20 -15.97 -35.57
N LYS H 39 27.60 -14.79 -36.05
CA LYS H 39 27.57 -14.45 -37.46
C LYS H 39 28.99 -14.20 -37.97
N PRO H 40 29.28 -14.55 -39.22
CA PRO H 40 30.63 -14.28 -39.77
C PRO H 40 30.83 -12.79 -40.01
N GLY H 41 31.87 -12.24 -39.36
CA GLY H 41 32.16 -10.83 -39.48
C GLY H 41 31.41 -9.93 -38.52
N ARG H 42 30.59 -10.50 -37.62
CA ARG H 42 29.82 -9.72 -36.66
C ARG H 42 29.98 -10.33 -35.27
N ALA H 43 29.61 -9.55 -34.27
CA ALA H 43 29.71 -9.98 -32.89
C ALA H 43 28.52 -10.90 -32.54
N PRO H 44 28.74 -11.93 -31.74
CA PRO H 44 27.63 -12.80 -31.35
C PRO H 44 26.71 -12.13 -30.34
N LYS H 45 25.47 -12.58 -30.32
CA LYS H 45 24.43 -12.03 -29.45
C LYS H 45 23.84 -13.14 -28.59
N LEU H 46 23.76 -12.89 -27.28
CA LEU H 46 23.17 -13.86 -26.36
C LEU H 46 21.66 -13.90 -26.53
N LEU H 47 21.14 -15.07 -26.90
CA LEU H 47 19.70 -15.23 -27.11
C LEU H 47 19.01 -15.77 -25.85
N ILE H 48 19.42 -16.96 -25.40
CA ILE H 48 18.82 -17.62 -24.26
C ILE H 48 19.86 -17.73 -23.16
N TYR H 49 19.47 -17.36 -21.93
CA TYR H 49 20.33 -17.48 -20.77
C TYR H 49 19.62 -18.29 -19.69
N GLY H 50 20.31 -19.26 -19.12
CA GLY H 50 19.73 -20.12 -18.10
C GLY H 50 18.74 -21.14 -18.61
N ALA H 51 18.54 -21.23 -19.94
CA ALA H 51 17.62 -22.14 -20.62
C ALA H 51 16.17 -21.98 -20.18
N THR H 52 15.80 -20.83 -19.61
CA THR H 52 14.42 -20.59 -19.20
C THR H 52 13.91 -19.24 -19.69
N ARG H 53 14.81 -18.27 -19.82
CA ARG H 53 14.45 -16.90 -20.11
C ARG H 53 15.11 -16.42 -21.39
N LEU H 54 14.71 -15.22 -21.83
CA LEU H 54 15.22 -14.61 -23.05
C LEU H 54 15.89 -13.28 -22.70
N GLN H 55 16.97 -12.97 -23.40
CA GLN H 55 17.68 -11.71 -23.21
C GLN H 55 16.87 -10.56 -23.80
N SER H 56 17.05 -9.36 -23.23
CA SER H 56 16.40 -8.17 -23.76
C SER H 56 16.97 -7.80 -25.11
N GLY H 57 16.10 -7.40 -26.03
CA GLY H 57 16.47 -7.16 -27.40
C GLY H 57 16.27 -8.35 -28.32
N VAL H 58 16.18 -9.56 -27.77
CA VAL H 58 15.91 -10.77 -28.54
C VAL H 58 14.41 -10.90 -28.70
N PRO H 59 13.90 -11.17 -29.91
CA PRO H 59 12.46 -11.35 -30.08
C PRO H 59 11.97 -12.66 -29.46
N SER H 60 10.65 -12.77 -29.36
CA SER H 60 10.00 -13.88 -28.70
C SER H 60 9.84 -15.11 -29.60
N ARG H 61 10.50 -15.15 -30.75
CA ARG H 61 10.42 -16.32 -31.62
C ARG H 61 11.22 -17.49 -31.07
N PHE H 62 12.26 -17.21 -30.29
CA PHE H 62 13.08 -18.27 -29.71
C PHE H 62 12.45 -18.76 -28.41
N SER H 63 12.71 -20.03 -28.10
CA SER H 63 12.19 -20.64 -26.89
C SER H 63 13.13 -21.77 -26.47
N GLY H 64 13.29 -21.94 -25.16
CA GLY H 64 14.16 -22.97 -24.63
C GLY H 64 13.72 -23.47 -23.26
N SER H 65 13.86 -24.77 -23.05
CA SER H 65 13.48 -25.38 -21.77
C SER H 65 14.29 -26.66 -21.59
N GLY H 66 14.10 -27.28 -20.44
CA GLY H 66 14.77 -28.52 -20.12
C GLY H 66 15.26 -28.54 -18.69
N SER H 67 15.39 -29.74 -18.14
CA SER H 67 15.87 -29.94 -16.77
C SER H 67 16.81 -31.12 -16.75
N GLY H 68 18.05 -30.89 -16.36
CA GLY H 68 19.06 -31.93 -16.33
C GLY H 68 20.10 -31.77 -17.42
N THR H 69 20.09 -32.69 -18.38
CA THR H 69 21.02 -32.65 -19.50
C THR H 69 20.35 -32.51 -20.86
N ASP H 70 19.02 -32.62 -20.92
CA ASP H 70 18.29 -32.54 -22.19
C ASP H 70 17.68 -31.15 -22.32
N PHE H 71 18.07 -30.45 -23.37
CA PHE H 71 17.58 -29.10 -23.64
C PHE H 71 17.23 -28.99 -25.12
N THR H 72 16.23 -28.17 -25.42
CA THR H 72 15.72 -28.04 -26.79
C THR H 72 15.49 -26.58 -27.12
N LEU H 73 16.05 -26.15 -28.25
CA LEU H 73 15.84 -24.80 -28.77
C LEU H 73 14.80 -24.88 -29.88
N THR H 74 13.60 -24.38 -29.60
CA THR H 74 12.48 -24.46 -30.52
C THR H 74 12.28 -23.11 -31.19
N ILE H 75 12.30 -23.09 -32.52
CA ILE H 75 12.10 -21.89 -33.31
C ILE H 75 10.86 -22.10 -34.15
N SER H 76 9.76 -21.46 -33.76
CA SER H 76 8.50 -21.53 -34.50
C SER H 76 8.18 -20.23 -35.24
N GLY H 77 9.07 -19.24 -35.18
CA GLY H 77 8.85 -17.97 -35.84
C GLY H 77 10.06 -17.57 -36.67
N LEU H 78 10.60 -18.51 -37.43
CA LEU H 78 11.87 -18.32 -38.14
C LEU H 78 11.75 -17.26 -39.22
N GLN H 79 12.70 -16.32 -39.22
CA GLN H 79 12.81 -15.24 -40.18
C GLN H 79 13.99 -15.50 -41.11
N PRO H 80 14.03 -14.86 -42.29
CA PRO H 80 15.20 -15.03 -43.17
C PRO H 80 16.47 -14.40 -42.63
N GLU H 81 16.39 -13.51 -41.64
CA GLU H 81 17.58 -12.90 -41.06
C GLU H 81 18.19 -13.74 -39.94
N ASP H 82 17.65 -14.92 -39.66
CA ASP H 82 18.11 -15.75 -38.56
C ASP H 82 18.91 -16.97 -39.01
N PHE H 83 19.20 -17.09 -40.31
CA PHE H 83 19.98 -18.22 -40.82
C PHE H 83 21.44 -17.97 -40.49
N ALA H 84 21.87 -18.45 -39.31
CA ALA H 84 23.23 -18.29 -38.86
C ALA H 84 23.61 -19.49 -38.00
N THR H 85 24.82 -19.45 -37.45
CA THR H 85 25.34 -20.54 -36.63
C THR H 85 25.07 -20.24 -35.16
N TYR H 86 24.51 -21.22 -34.45
CA TYR H 86 24.18 -21.08 -33.04
C TYR H 86 25.11 -21.94 -32.20
N HIS H 87 25.43 -21.45 -31.00
CA HIS H 87 26.34 -22.12 -30.09
C HIS H 87 25.77 -22.10 -28.68
N CYS H 88 25.95 -23.21 -27.96
CA CYS H 88 25.57 -23.31 -26.57
C CYS H 88 26.79 -23.21 -25.66
N GLN H 89 26.60 -22.61 -24.49
CA GLN H 89 27.68 -22.39 -23.54
C GLN H 89 27.23 -22.82 -22.15
N GLN H 90 28.07 -23.60 -21.48
CA GLN H 90 27.83 -23.99 -20.09
C GLN H 90 28.39 -22.91 -19.17
N ALA H 91 27.60 -22.51 -18.18
CA ALA H 91 27.98 -21.44 -17.28
C ALA H 91 28.50 -21.92 -15.94
N ASP H 92 28.37 -23.21 -15.63
CA ASP H 92 28.82 -23.74 -14.35
C ASP H 92 29.14 -25.22 -14.51
N SER H 93 30.32 -25.65 -14.04
CA SER H 93 31.34 -24.79 -13.46
C SER H 93 32.37 -24.37 -14.51
N PHE H 94 33.48 -23.81 -14.05
CA PHE H 94 34.58 -23.48 -14.96
C PHE H 94 35.24 -24.77 -15.45
N PRO H 95 35.69 -24.82 -16.71
CA PRO H 95 35.71 -23.78 -17.75
C PRO H 95 34.37 -23.57 -18.46
N LEU H 96 34.19 -22.41 -19.07
CA LEU H 96 32.98 -22.08 -19.82
C LEU H 96 33.12 -22.69 -21.22
N THR H 97 32.81 -23.98 -21.31
CA THR H 97 32.96 -24.72 -22.55
C THR H 97 31.84 -24.36 -23.52
N PHE H 98 32.21 -23.91 -24.71
CA PHE H 98 31.24 -23.58 -25.74
C PHE H 98 30.88 -24.82 -26.55
N GLY H 99 29.84 -24.67 -27.38
CA GLY H 99 29.38 -25.77 -28.21
C GLY H 99 30.18 -25.92 -29.49
N GLN H 100 29.73 -26.84 -30.33
CA GLN H 100 30.38 -27.11 -31.60
C GLN H 100 29.90 -26.18 -32.71
N GLY H 101 28.61 -25.87 -32.74
CA GLY H 101 28.06 -24.99 -33.76
C GLY H 101 27.18 -25.75 -34.72
N THR H 102 26.06 -25.13 -35.10
CA THR H 102 25.10 -25.72 -36.03
C THR H 102 24.70 -24.65 -37.03
N ARG H 103 25.08 -24.86 -38.29
CA ARG H 103 24.76 -23.89 -39.34
C ARG H 103 23.33 -24.11 -39.84
N LEU H 104 22.56 -23.04 -39.88
CA LEU H 104 21.17 -23.08 -40.35
C LEU H 104 21.14 -22.61 -41.80
N GLU H 105 20.61 -23.46 -42.68
CA GLU H 105 20.58 -23.19 -44.11
C GLU H 105 19.14 -23.09 -44.60
N ILE H 106 18.97 -22.39 -45.73
CA ILE H 106 17.67 -22.20 -46.33
C ILE H 106 17.36 -23.38 -47.24
N LYS H 107 16.20 -24.00 -47.05
CA LYS H 107 15.76 -25.13 -47.85
C LYS H 107 15.06 -24.65 -49.11
N ARG H 108 15.48 -25.17 -50.26
CA ARG H 108 14.88 -24.80 -51.54
C ARG H 108 14.92 -26.02 -52.46
N THR H 109 14.59 -25.81 -53.73
CA THR H 109 14.58 -26.88 -54.71
C THR H 109 16.01 -27.20 -55.15
N VAL H 110 16.25 -28.47 -55.46
CA VAL H 110 17.56 -28.92 -55.91
C VAL H 110 17.78 -28.46 -57.34
N ALA H 111 18.92 -27.80 -57.58
CA ALA H 111 19.26 -27.28 -58.89
C ALA H 111 20.52 -27.96 -59.42
N ALA H 112 20.63 -28.02 -60.75
CA ALA H 112 21.77 -28.66 -61.39
C ALA H 112 22.93 -27.68 -61.52
N PRO H 113 24.15 -28.10 -61.23
CA PRO H 113 25.30 -27.19 -61.36
C PRO H 113 25.73 -27.02 -62.81
N SER H 114 26.39 -25.89 -63.06
CA SER H 114 26.96 -25.58 -64.37
C SER H 114 28.46 -25.79 -64.29
N VAL H 115 28.97 -26.78 -65.02
CA VAL H 115 30.37 -27.19 -64.91
C VAL H 115 31.22 -26.30 -65.82
N PHE H 116 32.25 -25.70 -65.24
CA PHE H 116 33.25 -24.95 -65.99
C PHE H 116 34.64 -25.42 -65.58
N ILE H 117 35.58 -25.33 -66.52
CA ILE H 117 36.94 -25.76 -66.30
C ILE H 117 37.88 -24.84 -67.07
N PHE H 118 38.94 -24.36 -66.39
CA PHE H 118 39.86 -23.41 -66.99
C PHE H 118 41.18 -24.09 -67.30
N PRO H 119 41.64 -24.08 -68.54
CA PRO H 119 42.96 -24.63 -68.85
C PRO H 119 44.05 -23.73 -68.34
N PRO H 120 45.22 -24.26 -68.00
CA PRO H 120 46.33 -23.41 -67.55
C PRO H 120 46.95 -22.63 -68.70
N SER H 121 47.40 -21.42 -68.38
CA SER H 121 48.00 -20.54 -69.37
C SER H 121 49.50 -20.80 -69.46
N ASP H 122 50.17 -20.07 -70.37
CA ASP H 122 51.60 -20.22 -70.56
C ASP H 122 52.41 -19.52 -69.47
N GLU H 123 51.81 -18.58 -68.75
CA GLU H 123 52.54 -17.86 -67.71
C GLU H 123 52.70 -18.69 -66.44
N GLN H 124 51.86 -19.72 -66.25
CA GLN H 124 51.94 -20.55 -65.05
C GLN H 124 52.80 -21.78 -65.25
N LEU H 125 52.89 -22.29 -66.48
CA LEU H 125 53.70 -23.49 -66.73
C LEU H 125 55.19 -23.17 -66.73
N LYS H 126 55.56 -21.96 -67.17
CA LYS H 126 56.98 -21.58 -67.19
C LYS H 126 57.53 -21.29 -65.80
N SER H 127 56.66 -21.06 -64.82
CA SER H 127 57.11 -20.80 -63.45
C SER H 127 57.52 -22.06 -62.71
N GLY H 128 57.19 -23.24 -63.24
CA GLY H 128 57.56 -24.50 -62.62
C GLY H 128 56.41 -25.27 -62.00
N THR H 129 55.25 -24.65 -61.82
CA THR H 129 54.10 -25.32 -61.22
C THR H 129 52.83 -24.76 -61.85
N ALA H 130 52.06 -25.63 -62.51
CA ALA H 130 50.82 -25.25 -63.14
C ALA H 130 49.64 -25.84 -62.36
N SER H 131 48.47 -25.25 -62.55
CA SER H 131 47.26 -25.68 -61.86
C SER H 131 46.07 -25.52 -62.79
N VAL H 132 45.11 -26.43 -62.66
CA VAL H 132 43.86 -26.42 -63.42
C VAL H 132 42.72 -26.18 -62.44
N VAL H 133 41.88 -25.19 -62.75
CA VAL H 133 40.78 -24.79 -61.89
C VAL H 133 39.47 -25.26 -62.50
N CYS H 134 38.65 -25.91 -61.69
CA CYS H 134 37.30 -26.34 -62.09
C CYS H 134 36.28 -25.55 -61.30
N LEU H 135 35.24 -25.09 -61.97
CA LEU H 135 34.26 -24.17 -61.39
C LEU H 135 32.89 -24.82 -61.34
N LEU H 136 32.20 -24.66 -60.21
CA LEU H 136 30.84 -25.14 -60.02
C LEU H 136 29.99 -24.01 -59.48
N ASN H 137 28.95 -23.64 -60.23
CA ASN H 137 28.05 -22.57 -59.84
C ASN H 137 26.60 -23.05 -59.91
N ASN H 138 25.76 -22.41 -59.11
CA ASN H 138 24.30 -22.61 -59.08
C ASN H 138 23.93 -24.07 -58.76
N PHE H 139 24.29 -24.50 -57.56
CA PHE H 139 23.99 -25.84 -57.10
C PHE H 139 23.48 -25.80 -55.68
N TYR H 140 22.74 -26.85 -55.30
CA TYR H 140 22.18 -27.00 -53.97
C TYR H 140 22.01 -28.49 -53.72
N PRO H 141 22.41 -29.00 -52.54
CA PRO H 141 23.00 -28.28 -51.40
C PRO H 141 24.51 -28.09 -51.49
N ARG H 142 25.13 -27.81 -50.35
CA ARG H 142 26.57 -27.57 -50.29
C ARG H 142 27.39 -28.85 -50.42
N GLU H 143 26.78 -30.02 -50.19
CA GLU H 143 27.49 -31.30 -50.24
C GLU H 143 27.72 -31.67 -51.71
N ALA H 144 28.80 -31.13 -52.26
CA ALA H 144 29.23 -31.41 -53.62
C ALA H 144 30.68 -31.86 -53.61
N LYS H 145 31.02 -32.79 -54.50
CA LYS H 145 32.36 -33.34 -54.59
C LYS H 145 32.90 -33.18 -56.01
N VAL H 146 34.22 -32.95 -56.09
CA VAL H 146 34.92 -32.81 -57.37
C VAL H 146 35.90 -33.96 -57.49
N GLN H 147 35.71 -34.79 -58.52
CA GLN H 147 36.55 -35.95 -58.76
C GLN H 147 37.52 -35.62 -59.90
N TRP H 148 38.77 -35.37 -59.54
CA TRP H 148 39.80 -35.08 -60.54
C TRP H 148 40.29 -36.37 -61.18
N LYS H 149 40.27 -36.42 -62.51
CA LYS H 149 40.76 -37.56 -63.26
C LYS H 149 41.66 -37.08 -64.38
N VAL H 150 42.91 -37.53 -64.36
CA VAL H 150 43.90 -37.18 -65.38
C VAL H 150 44.30 -38.44 -66.10
N ASP H 151 44.05 -38.48 -67.42
CA ASP H 151 44.30 -39.64 -68.29
C ASP H 151 43.59 -40.89 -67.78
N ASN H 152 42.31 -40.71 -67.41
CA ASN H 152 41.42 -41.76 -66.87
C ASN H 152 42.00 -42.41 -65.63
N ALA H 153 42.61 -41.61 -64.76
CA ALA H 153 43.19 -42.10 -63.52
C ALA H 153 42.82 -41.14 -62.39
N LEU H 154 42.28 -41.69 -61.31
CA LEU H 154 41.83 -40.86 -60.19
C LEU H 154 43.02 -40.34 -59.41
N GLN H 155 43.05 -39.03 -59.20
CA GLN H 155 44.12 -38.37 -58.45
C GLN H 155 43.68 -38.09 -57.03
N SER H 156 44.64 -38.11 -56.12
CA SER H 156 44.37 -37.87 -54.71
C SER H 156 45.63 -37.33 -54.04
N GLY H 157 45.43 -36.54 -52.99
CA GLY H 157 46.52 -35.96 -52.24
C GLY H 157 47.15 -34.72 -52.84
N ASN H 158 46.62 -34.21 -53.96
CA ASN H 158 47.18 -33.03 -54.60
C ASN H 158 46.08 -32.08 -55.07
N SER H 159 44.92 -32.10 -54.42
CA SER H 159 43.80 -31.25 -54.79
C SER H 159 43.23 -30.60 -53.55
N GLN H 160 42.54 -29.48 -53.75
CA GLN H 160 41.93 -28.72 -52.67
C GLN H 160 40.76 -27.93 -53.21
N GLU H 161 39.67 -27.90 -52.45
CA GLU H 161 38.45 -27.21 -52.84
C GLU H 161 38.24 -25.97 -51.97
N SER H 162 37.36 -25.09 -52.45
CA SER H 162 37.04 -23.86 -51.75
C SER H 162 35.57 -23.53 -52.00
N VAL H 163 34.75 -23.57 -50.95
CA VAL H 163 33.32 -23.35 -51.05
C VAL H 163 32.98 -22.03 -50.37
N THR H 164 32.09 -21.27 -50.98
CA THR H 164 31.62 -20.00 -50.42
C THR H 164 30.45 -20.25 -49.48
N GLU H 165 29.79 -19.17 -49.05
CA GLU H 165 28.63 -19.27 -48.18
C GLU H 165 27.36 -19.37 -49.04
N GLN H 166 26.21 -19.28 -48.40
CA GLN H 166 24.94 -19.37 -49.11
C GLN H 166 24.56 -18.02 -49.70
N ASP H 167 23.94 -18.05 -50.88
CA ASP H 167 23.53 -16.83 -51.55
C ASP H 167 22.33 -16.20 -50.85
N SER H 168 22.25 -14.87 -50.90
CA SER H 168 21.16 -14.16 -50.26
C SER H 168 19.89 -14.19 -51.09
N LYS H 169 20.01 -14.27 -52.42
CA LYS H 169 18.85 -14.27 -53.30
C LYS H 169 18.56 -15.64 -53.90
N ASP H 170 19.55 -16.29 -54.51
CA ASP H 170 19.32 -17.59 -55.14
C ASP H 170 19.42 -18.75 -54.16
N SER H 171 19.98 -18.51 -52.97
CA SER H 171 20.18 -19.52 -51.92
C SER H 171 20.99 -20.72 -52.42
N THR H 172 22.04 -20.44 -53.19
CA THR H 172 22.91 -21.46 -53.76
C THR H 172 24.33 -21.27 -53.23
N TYR H 173 25.25 -22.07 -53.76
CA TYR H 173 26.64 -22.05 -53.34
C TYR H 173 27.55 -21.98 -54.56
N SER H 174 28.84 -21.78 -54.31
CA SER H 174 29.85 -21.74 -55.35
C SER H 174 31.05 -22.57 -54.90
N LEU H 175 31.62 -23.35 -55.81
CA LEU H 175 32.72 -24.25 -55.50
C LEU H 175 33.82 -24.08 -56.54
N SER H 176 35.06 -24.13 -56.09
CA SER H 176 36.23 -24.02 -56.98
C SER H 176 37.31 -24.97 -56.47
N SER H 177 37.67 -25.94 -57.30
CA SER H 177 38.71 -26.91 -56.97
C SER H 177 39.96 -26.62 -57.76
N THR H 178 41.11 -26.86 -57.14
CA THR H 178 42.41 -26.59 -57.76
C THR H 178 43.28 -27.84 -57.65
N LEU H 179 43.74 -28.34 -58.79
CA LEU H 179 44.61 -29.51 -58.85
C LEU H 179 46.03 -29.03 -59.15
N THR H 180 46.94 -29.22 -58.21
CA THR H 180 48.31 -28.75 -58.33
C THR H 180 49.17 -29.83 -58.96
N LEU H 181 49.85 -29.49 -60.06
CA LEU H 181 50.74 -30.40 -60.75
C LEU H 181 52.08 -29.71 -60.99
N SER H 182 53.12 -30.52 -61.16
CA SER H 182 54.46 -30.00 -61.42
C SER H 182 54.62 -29.69 -62.90
N LYS H 183 55.80 -29.16 -63.26
CA LYS H 183 56.07 -28.82 -64.65
C LYS H 183 56.41 -30.07 -65.47
N ALA H 184 57.12 -31.02 -64.88
CA ALA H 184 57.51 -32.22 -65.61
C ALA H 184 56.34 -33.18 -65.79
N ASP H 185 55.41 -33.21 -64.84
CA ASP H 185 54.24 -34.08 -64.94
C ASP H 185 53.14 -33.51 -65.81
N TYR H 186 53.18 -32.21 -66.13
CA TYR H 186 52.15 -31.62 -66.97
C TYR H 186 52.34 -32.00 -68.44
N GLU H 187 53.60 -32.02 -68.91
CA GLU H 187 53.87 -32.38 -70.29
C GLU H 187 53.78 -33.88 -70.53
N LYS H 188 53.79 -34.69 -69.48
CA LYS H 188 53.66 -36.14 -69.64
C LYS H 188 52.23 -36.53 -69.96
N HIS H 189 51.26 -35.92 -69.28
CA HIS H 189 49.85 -36.21 -69.51
C HIS H 189 49.28 -35.30 -70.58
N LYS H 190 48.14 -35.72 -71.12
CA LYS H 190 47.49 -34.99 -72.21
C LYS H 190 46.05 -34.61 -71.90
N VAL H 191 45.32 -35.45 -71.16
CA VAL H 191 43.90 -35.25 -70.90
C VAL H 191 43.72 -34.85 -69.44
N TYR H 192 43.04 -33.73 -69.22
CA TYR H 192 42.73 -33.24 -67.88
C TYR H 192 41.23 -32.99 -67.80
N ALA H 193 40.55 -33.77 -66.97
CA ALA H 193 39.10 -33.72 -66.87
C ALA H 193 38.68 -33.38 -65.44
N CYS H 194 37.43 -32.93 -65.32
CA CYS H 194 36.83 -32.59 -64.03
C CYS H 194 35.48 -33.28 -63.94
N GLU H 195 35.44 -34.44 -63.30
CA GLU H 195 34.19 -35.19 -63.13
C GLU H 195 33.46 -34.69 -61.89
N VAL H 196 32.20 -34.34 -62.06
CA VAL H 196 31.39 -33.73 -61.01
C VAL H 196 30.32 -34.73 -60.58
N THR H 197 30.27 -35.01 -59.28
CA THR H 197 29.26 -35.87 -58.68
C THR H 197 28.35 -35.03 -57.81
N HIS H 198 27.07 -34.98 -58.16
CA HIS H 198 26.11 -34.15 -57.45
C HIS H 198 24.81 -34.92 -57.27
N GLN H 199 24.03 -34.52 -56.28
CA GLN H 199 22.77 -35.20 -55.99
C GLN H 199 21.70 -34.87 -57.01
N GLY H 200 21.75 -33.67 -57.61
CA GLY H 200 20.78 -33.26 -58.60
C GLY H 200 21.07 -33.69 -60.02
N LEU H 201 22.19 -34.36 -60.26
CA LEU H 201 22.58 -34.82 -61.58
C LEU H 201 22.34 -36.32 -61.69
N SER H 202 21.57 -36.72 -62.71
CA SER H 202 21.35 -38.13 -62.98
C SER H 202 22.52 -38.80 -63.68
N SER H 203 23.44 -38.02 -64.25
CA SER H 203 24.62 -38.52 -64.92
C SER H 203 25.79 -37.60 -64.59
N PRO H 204 26.99 -38.16 -64.37
CA PRO H 204 28.15 -37.32 -64.05
C PRO H 204 28.63 -36.53 -65.26
N VAL H 205 28.69 -35.21 -65.12
CA VAL H 205 29.16 -34.34 -66.20
C VAL H 205 30.68 -34.26 -66.14
N THR H 206 31.33 -34.62 -67.24
CA THR H 206 32.78 -34.66 -67.33
C THR H 206 33.22 -33.73 -68.46
N LYS H 207 33.81 -32.60 -68.10
CA LYS H 207 34.34 -31.64 -69.07
C LYS H 207 35.87 -31.73 -69.05
N SER H 208 36.46 -31.79 -70.24
CA SER H 208 37.90 -31.95 -70.36
C SER H 208 38.42 -31.01 -71.45
N PHE H 209 39.75 -30.99 -71.60
CA PHE H 209 40.40 -30.17 -72.61
C PHE H 209 41.69 -30.85 -73.02
N ASN H 210 42.30 -30.33 -74.08
CA ASN H 210 43.55 -30.85 -74.61
C ASN H 210 44.74 -30.07 -74.06
N ARG H 211 45.85 -30.77 -73.86
CA ARG H 211 47.05 -30.13 -73.33
C ARG H 211 47.72 -29.24 -74.36
N GLY H 212 47.68 -29.61 -75.63
CA GLY H 212 48.23 -28.81 -76.69
C GLY H 212 47.32 -27.73 -77.24
N GLU H 213 46.11 -27.61 -76.72
CA GLU H 213 45.13 -26.63 -77.17
C GLU H 213 44.65 -25.75 -76.01
N CYS H 214 45.57 -25.43 -75.09
CA CYS H 214 45.22 -24.58 -73.96
C CYS H 214 45.18 -23.12 -74.36
N SER I 7 19.35 -28.07 41.98
CA SER I 7 18.57 -27.50 43.06
C SER I 7 18.05 -26.12 42.70
N ASP I 8 18.87 -25.36 41.99
CA ASP I 8 18.50 -24.01 41.57
C ASP I 8 17.55 -24.07 40.38
N THR I 9 16.90 -22.94 40.10
CA THR I 9 15.92 -22.84 39.03
C THR I 9 16.04 -21.47 38.37
N LEU I 10 16.38 -21.46 37.08
CA LEU I 10 16.44 -20.24 36.29
C LEU I 10 15.45 -20.37 35.14
N CYS I 11 14.34 -19.64 35.24
CA CYS I 11 13.27 -19.70 34.25
C CYS I 11 13.09 -18.33 33.61
N ILE I 12 12.98 -18.31 32.28
CA ILE I 12 12.77 -17.05 31.57
C ILE I 12 11.32 -16.63 31.74
N GLY I 13 11.11 -15.43 32.27
CA GLY I 13 9.79 -14.89 32.50
C GLY I 13 9.40 -13.86 31.47
N TYR I 14 8.10 -13.73 31.24
CA TYR I 14 7.55 -12.76 30.31
C TYR I 14 6.42 -12.00 30.98
N HIS I 15 6.13 -10.82 30.44
CA HIS I 15 5.16 -9.92 31.05
C HIS I 15 3.72 -10.38 30.79
N ALA I 16 2.87 -10.21 31.79
CA ALA I 16 1.45 -10.48 31.69
C ALA I 16 0.72 -9.64 32.71
N ASN I 17 -0.52 -9.27 32.39
CA ASN I 17 -1.33 -8.45 33.28
C ASN I 17 -2.80 -8.79 33.06
N ASN I 18 -3.68 -7.93 33.57
CA ASN I 18 -5.13 -8.09 33.44
C ASN I 18 -5.70 -7.18 32.36
N SER I 19 -4.96 -6.95 31.28
CA SER I 19 -5.43 -6.08 30.21
C SER I 19 -6.50 -6.79 29.38
N THR I 20 -7.45 -5.99 28.89
CA THR I 20 -8.55 -6.50 28.09
C THR I 20 -8.51 -6.02 26.64
N ASP I 21 -7.54 -5.18 26.29
CA ASP I 21 -7.43 -4.67 24.93
C ASP I 21 -6.86 -5.76 24.02
N THR I 22 -7.57 -6.03 22.93
CA THR I 22 -7.21 -7.10 22.00
C THR I 22 -6.82 -6.51 20.65
N VAL I 23 -5.93 -7.22 19.96
CA VAL I 23 -5.44 -6.81 18.65
C VAL I 23 -5.82 -7.88 17.63
N ASP I 24 -5.59 -7.57 16.36
CA ASP I 24 -5.87 -8.48 15.25
C ASP I 24 -4.57 -8.91 14.60
N THR I 25 -4.36 -10.22 14.48
CA THR I 25 -3.18 -10.78 13.86
C THR I 25 -3.59 -11.74 12.74
N VAL I 26 -2.61 -12.12 11.92
CA VAL I 26 -2.88 -13.05 10.83
C VAL I 26 -3.04 -14.47 11.36
N LEU I 27 -2.37 -14.79 12.47
CA LEU I 27 -2.45 -16.15 13.01
C LEU I 27 -3.80 -16.41 13.67
N GLU I 28 -4.31 -15.44 14.43
CA GLU I 28 -5.56 -15.61 15.14
C GLU I 28 -6.19 -14.24 15.37
N LYS I 29 -7.51 -14.17 15.22
CA LYS I 29 -8.25 -12.95 15.53
C LYS I 29 -8.61 -12.91 17.00
N ASN I 30 -8.80 -11.69 17.52
CA ASN I 30 -9.16 -11.40 18.91
C ASN I 30 -8.13 -11.98 19.88
N VAL I 31 -6.90 -11.50 19.76
CA VAL I 31 -5.78 -11.94 20.59
C VAL I 31 -5.50 -10.87 21.63
N THR I 32 -5.59 -11.24 22.90
CA THR I 32 -5.33 -10.31 23.99
C THR I 32 -3.83 -10.15 24.20
N VAL I 33 -3.37 -8.90 24.23
CA VAL I 33 -1.97 -8.60 24.46
C VAL I 33 -1.82 -7.86 25.79
N THR I 34 -0.58 -7.75 26.27
CA THR I 34 -0.32 -7.12 27.55
C THR I 34 -0.29 -5.61 27.44
N HIS I 35 0.66 -5.07 26.68
CA HIS I 35 0.77 -3.65 26.43
C HIS I 35 0.49 -3.37 24.96
N SER I 36 -0.18 -2.26 24.70
CA SER I 36 -0.56 -1.90 23.34
C SER I 36 -0.78 -0.40 23.26
N VAL I 37 -0.42 0.17 22.12
CA VAL I 37 -0.63 1.58 21.82
C VAL I 37 -1.81 1.67 20.85
N ASN I 38 -2.87 2.34 21.28
CA ASN I 38 -4.08 2.47 20.47
C ASN I 38 -3.81 3.43 19.32
N LEU I 39 -3.47 2.87 18.16
CA LEU I 39 -3.19 3.67 16.97
C LEU I 39 -4.44 4.22 16.31
N LEU I 40 -5.62 3.75 16.70
CA LEU I 40 -6.89 4.20 16.13
C LEU I 40 -7.56 5.12 17.14
N GLU I 41 -7.71 6.39 16.79
CA GLU I 41 -8.33 7.38 17.68
C GLU I 41 -9.84 7.18 17.67
N ASP I 42 -10.37 6.58 18.73
CA ASP I 42 -11.80 6.37 18.88
C ASP I 42 -12.43 7.36 19.85
N LYS I 43 -11.64 8.09 20.63
CA LYS I 43 -12.15 9.06 21.59
C LYS I 43 -12.19 10.45 20.97
N HIS I 44 -12.96 11.32 21.59
CA HIS I 44 -13.10 12.70 21.12
C HIS I 44 -13.46 13.59 22.31
N ASN I 45 -12.92 14.80 22.31
CA ASN I 45 -13.17 15.73 23.41
C ASN I 45 -14.52 16.43 23.31
N GLY I 46 -15.08 16.53 22.11
CA GLY I 46 -16.37 17.19 21.96
C GLY I 46 -16.32 18.69 21.91
N LYS I 47 -15.15 19.28 21.67
CA LYS I 47 -14.98 20.73 21.67
C LYS I 47 -14.43 21.19 20.33
N LEU I 48 -14.44 22.50 20.14
CA LEU I 48 -13.88 23.15 18.96
C LEU I 48 -12.62 23.90 19.42
N CYS I 49 -11.48 23.22 19.33
CA CYS I 49 -10.23 23.78 19.82
C CYS I 49 -9.55 24.59 18.71
N LYS I 50 -8.36 25.10 19.02
CA LYS I 50 -7.59 25.91 18.08
C LYS I 50 -6.66 25.03 17.26
N LEU I 51 -6.11 25.61 16.20
CA LEU I 51 -5.13 24.94 15.34
C LEU I 51 -3.90 25.82 15.25
N ARG I 52 -2.79 25.35 15.86
CA ARG I 52 -1.49 26.02 15.87
C ARG I 52 -1.58 27.43 16.46
N GLY I 53 -2.36 27.56 17.54
CA GLY I 53 -2.50 28.82 18.23
C GLY I 53 -3.47 29.80 17.61
N VAL I 54 -4.11 29.44 16.49
CA VAL I 54 -5.04 30.33 15.79
C VAL I 54 -6.45 29.94 16.20
N ALA I 55 -7.20 30.88 16.74
CA ALA I 55 -8.57 30.61 17.16
C ALA I 55 -9.48 30.53 15.95
N PRO I 56 -10.34 29.52 15.85
CA PRO I 56 -11.19 29.35 14.67
C PRO I 56 -12.37 30.32 14.68
N LEU I 57 -13.17 30.25 13.62
CA LEU I 57 -14.34 31.10 13.45
C LEU I 57 -15.59 30.24 13.54
N HIS I 58 -16.41 30.49 14.56
CA HIS I 58 -17.68 29.80 14.74
C HIS I 58 -18.81 30.75 14.40
N LEU I 59 -19.64 30.36 13.42
CA LEU I 59 -20.73 31.20 12.96
C LEU I 59 -22.04 30.95 13.68
N GLY I 60 -22.12 29.89 14.50
CA GLY I 60 -23.33 29.63 15.25
C GLY I 60 -24.38 28.98 14.38
N LYS I 61 -25.62 29.47 14.49
CA LYS I 61 -26.74 28.89 13.76
C LYS I 61 -26.72 29.20 12.27
N CYS I 62 -25.90 30.15 11.83
CA CYS I 62 -25.82 30.53 10.43
C CYS I 62 -24.68 29.79 9.74
N ASN I 63 -24.85 29.57 8.44
CA ASN I 63 -23.84 28.91 7.62
C ASN I 63 -22.90 29.96 7.02
N ILE I 64 -22.09 29.55 6.05
CA ILE I 64 -21.12 30.45 5.44
C ILE I 64 -21.83 31.52 4.61
N ALA I 65 -22.88 31.13 3.87
CA ALA I 65 -23.61 32.08 3.03
C ALA I 65 -24.39 33.10 3.85
N GLY I 66 -24.72 32.80 5.11
CA GLY I 66 -25.28 33.80 5.98
C GLY I 66 -24.28 34.79 6.54
N TRP I 67 -23.00 34.45 6.50
CA TRP I 67 -21.94 35.31 7.01
C TRP I 67 -21.23 36.11 5.93
N ILE I 68 -21.00 35.52 4.75
CA ILE I 68 -20.33 36.23 3.67
C ILE I 68 -21.26 37.23 2.98
N LEU I 69 -22.58 37.12 3.17
CA LEU I 69 -23.52 38.05 2.57
C LEU I 69 -24.11 39.03 3.58
N GLY I 70 -24.02 38.73 4.88
CA GLY I 70 -24.55 39.63 5.89
C GLY I 70 -26.01 39.40 6.19
N ASN I 71 -26.37 38.19 6.58
CA ASN I 71 -27.74 37.89 6.96
C ASN I 71 -28.07 38.58 8.29
N PRO I 72 -29.25 39.21 8.40
CA PRO I 72 -29.53 40.02 9.59
C PRO I 72 -29.76 39.21 10.86
N GLU I 73 -30.05 37.91 10.76
CA GLU I 73 -30.24 37.09 11.95
C GLU I 73 -28.92 36.62 12.55
N CYS I 74 -27.79 36.88 11.89
CA CYS I 74 -26.47 36.53 12.39
C CYS I 74 -25.70 37.78 12.83
N GLU I 75 -26.42 38.74 13.43
CA GLU I 75 -25.80 40.00 13.82
C GLU I 75 -24.90 39.84 15.04
N SER I 76 -25.34 39.04 16.01
CA SER I 76 -24.57 38.80 17.24
C SER I 76 -23.42 37.83 16.90
N LEU I 77 -22.34 38.41 16.38
CA LEU I 77 -21.19 37.61 15.96
C LEU I 77 -19.95 38.49 16.01
N SER I 78 -18.87 37.96 16.59
CA SER I 78 -17.60 38.68 16.71
C SER I 78 -16.57 37.93 15.86
N THR I 79 -16.35 38.40 14.64
CA THR I 79 -15.40 37.77 13.73
C THR I 79 -13.98 38.13 14.12
N ALA I 80 -13.14 37.10 14.32
CA ALA I 80 -11.76 37.32 14.70
C ALA I 80 -10.93 37.72 13.48
N SER I 81 -9.68 38.12 13.74
CA SER I 81 -8.78 38.55 12.68
C SER I 81 -8.12 37.40 11.95
N SER I 82 -8.25 36.17 12.44
CA SER I 82 -7.67 34.99 11.81
C SER I 82 -8.43 33.76 12.27
N TRP I 83 -8.48 32.75 11.41
CA TRP I 83 -9.09 31.48 11.76
C TRP I 83 -8.40 30.36 10.98
N SER I 84 -8.77 29.12 11.30
CA SER I 84 -8.25 27.94 10.62
C SER I 84 -9.33 27.05 10.02
N TYR I 85 -10.58 27.14 10.50
CA TYR I 85 -11.67 26.36 9.92
C TYR I 85 -12.98 27.06 10.24
N ILE I 86 -13.99 26.76 9.43
CA ILE I 86 -15.34 27.32 9.57
C ILE I 86 -16.26 26.22 10.07
N VAL I 87 -17.12 26.57 11.03
CA VAL I 87 -18.04 25.62 11.67
C VAL I 87 -19.46 26.01 11.30
N GLU I 88 -20.19 25.08 10.70
CA GLU I 88 -21.63 25.21 10.47
C GLU I 88 -22.37 24.28 11.41
N THR I 89 -23.70 24.44 11.43
CA THR I 89 -24.57 23.61 12.25
C THR I 89 -25.48 22.76 11.35
N SER I 90 -26.09 21.75 11.96
CA SER I 90 -26.99 20.87 11.22
C SER I 90 -28.30 21.57 10.90
N SER I 91 -28.71 22.54 11.71
CA SER I 91 -29.92 23.32 11.49
C SER I 91 -29.61 24.68 10.87
N SER I 92 -28.59 24.75 10.01
CA SER I 92 -28.18 26.01 9.38
C SER I 92 -29.16 26.34 8.25
N ASP I 93 -30.31 26.90 8.64
CA ASP I 93 -31.31 27.34 7.69
C ASP I 93 -31.42 28.85 7.58
N ASN I 94 -30.78 29.60 8.49
CA ASN I 94 -30.81 31.05 8.46
C ASN I 94 -29.57 31.59 7.73
N GLY I 95 -29.43 31.16 6.49
CA GLY I 95 -28.34 31.60 5.63
C GLY I 95 -28.83 32.56 4.57
N THR I 96 -29.02 32.07 3.36
CA THR I 96 -29.60 32.87 2.28
C THR I 96 -31.08 33.07 2.55
N CYS I 97 -31.43 34.21 3.14
CA CYS I 97 -32.84 34.52 3.39
C CYS I 97 -33.58 34.79 2.08
N TYR I 98 -32.88 35.29 1.07
CA TYR I 98 -33.42 35.41 -0.28
C TYR I 98 -32.89 34.27 -1.13
N PRO I 99 -33.75 33.55 -1.84
CA PRO I 99 -33.28 32.40 -2.63
C PRO I 99 -32.48 32.85 -3.86
N GLY I 100 -31.69 31.92 -4.37
CA GLY I 100 -30.87 32.21 -5.54
C GLY I 100 -29.91 31.08 -5.80
N ASP I 101 -29.31 31.15 -6.99
CA ASP I 101 -28.34 30.14 -7.44
C ASP I 101 -26.94 30.69 -7.17
N PHE I 102 -26.34 30.24 -6.07
CA PHE I 102 -25.00 30.66 -5.69
C PHE I 102 -24.01 29.94 -6.59
N ILE I 103 -23.60 30.61 -7.67
CA ILE I 103 -22.64 30.05 -8.62
C ILE I 103 -21.24 30.14 -8.03
N ASP I 104 -20.47 29.05 -8.20
CA ASP I 104 -19.10 28.88 -7.68
C ASP I 104 -19.08 29.03 -6.15
N TYR I 105 -20.10 28.50 -5.49
CA TYR I 105 -20.21 28.60 -4.04
C TYR I 105 -19.31 27.59 -3.33
N GLU I 106 -19.05 26.44 -3.96
CA GLU I 106 -18.20 25.43 -3.34
C GLU I 106 -16.74 25.82 -3.32
N GLU I 107 -16.31 26.71 -4.22
CA GLU I 107 -14.94 27.18 -4.21
C GLU I 107 -14.72 28.26 -3.15
N LEU I 108 -15.75 29.04 -2.86
CA LEU I 108 -15.63 30.11 -1.87
C LEU I 108 -15.62 29.57 -0.44
N ARG I 109 -16.20 28.38 -0.22
CA ARG I 109 -16.18 27.78 1.11
C ARG I 109 -14.80 27.23 1.47
N GLU I 110 -13.95 26.99 0.49
CA GLU I 110 -12.57 26.55 0.73
C GLU I 110 -11.57 27.69 0.73
N GLN I 111 -11.87 28.79 0.02
CA GLN I 111 -10.96 29.92 -0.03
C GLN I 111 -10.93 30.67 1.30
N LEU I 112 -12.09 30.85 1.92
CA LEU I 112 -12.18 31.49 3.24
C LEU I 112 -12.05 30.51 4.39
N SER I 113 -11.68 29.25 4.10
CA SER I 113 -11.63 28.25 5.16
C SER I 113 -10.41 28.42 6.05
N SER I 114 -9.31 28.95 5.51
CA SER I 114 -8.08 29.15 6.28
C SER I 114 -7.52 30.51 5.91
N VAL I 115 -7.86 31.53 6.68
CA VAL I 115 -7.38 32.89 6.47
C VAL I 115 -6.66 33.34 7.73
N SER I 116 -5.39 33.73 7.60
CA SER I 116 -4.57 34.15 8.72
C SER I 116 -4.36 35.66 8.76
N SER I 117 -4.82 36.40 7.75
CA SER I 117 -4.64 37.85 7.66
C SER I 117 -5.95 38.52 7.29
N PHE I 118 -7.03 38.16 7.97
CA PHE I 118 -8.34 38.72 7.68
C PHE I 118 -8.45 40.14 8.23
N GLU I 119 -9.08 41.02 7.45
CA GLU I 119 -9.31 42.40 7.87
C GLU I 119 -10.59 42.87 7.19
N ARG I 120 -11.68 42.87 7.94
CA ARG I 120 -12.99 43.29 7.41
C ARG I 120 -13.00 44.80 7.29
N PHE I 121 -12.69 45.31 6.11
CA PHE I 121 -12.68 46.74 5.85
C PHE I 121 -13.79 47.10 4.87
N GLU I 122 -14.16 48.38 4.89
CA GLU I 122 -15.24 48.89 4.06
C GLU I 122 -14.65 49.38 2.73
N ILE I 123 -15.00 48.69 1.64
CA ILE I 123 -14.47 49.07 0.34
C ILE I 123 -15.16 50.32 -0.20
N PHE I 124 -16.48 50.42 0.02
CA PHE I 124 -17.24 51.60 -0.40
C PHE I 124 -17.96 52.17 0.81
N PRO I 125 -17.60 53.36 1.28
CA PRO I 125 -18.33 53.96 2.41
C PRO I 125 -19.72 54.40 2.01
N LYS I 126 -20.68 54.21 2.92
CA LYS I 126 -22.08 54.48 2.61
C LYS I 126 -22.42 55.97 2.61
N THR I 127 -21.48 56.84 2.96
CA THR I 127 -21.77 58.27 3.05
C THR I 127 -21.85 58.91 1.67
N SER I 128 -20.78 58.81 0.88
CA SER I 128 -20.67 59.55 -0.37
C SER I 128 -20.17 58.66 -1.51
N SER I 129 -20.76 57.48 -1.66
CA SER I 129 -20.42 56.61 -2.79
C SER I 129 -21.45 56.72 -3.91
N TRP I 130 -22.72 56.46 -3.60
CA TRP I 130 -23.81 56.52 -4.57
C TRP I 130 -24.83 57.55 -4.09
N PRO I 131 -24.63 58.83 -4.41
CA PRO I 131 -25.60 59.85 -4.01
C PRO I 131 -26.86 59.88 -4.86
N ASN I 132 -26.83 59.26 -6.04
CA ASN I 132 -27.98 59.24 -6.95
C ASN I 132 -28.74 57.93 -6.90
N HIS I 133 -28.37 57.02 -6.00
CA HIS I 133 -29.01 55.72 -5.88
C HIS I 133 -29.46 55.50 -4.44
N ASP I 134 -30.69 55.04 -4.28
CA ASP I 134 -31.25 54.83 -2.95
C ASP I 134 -30.76 53.51 -2.38
N SER I 135 -30.26 53.54 -1.15
CA SER I 135 -29.73 52.36 -0.47
C SER I 135 -30.59 51.94 0.73
N ASN I 136 -31.81 52.45 0.82
CA ASN I 136 -32.69 52.14 1.93
C ASN I 136 -34.04 51.56 1.52
N LYS I 137 -34.52 51.87 0.31
CA LYS I 137 -35.81 51.33 -0.13
C LYS I 137 -35.71 49.88 -0.61
N GLY I 138 -34.51 49.39 -0.87
CA GLY I 138 -34.35 48.02 -1.33
C GLY I 138 -34.37 47.00 -0.20
N VAL I 139 -35.55 46.79 0.39
CA VAL I 139 -35.71 45.87 1.50
C VAL I 139 -36.61 44.72 1.06
N THR I 140 -36.74 43.73 1.94
CA THR I 140 -37.59 42.58 1.66
C THR I 140 -38.12 42.04 2.98
N ALA I 141 -39.19 41.25 2.89
CA ALA I 141 -39.79 40.64 4.07
C ALA I 141 -39.11 39.34 4.48
N ALA I 142 -38.37 38.70 3.57
CA ALA I 142 -37.71 37.44 3.88
C ALA I 142 -36.45 37.63 4.71
N CYS I 143 -35.88 38.84 4.74
CA CYS I 143 -34.67 39.14 5.50
C CYS I 143 -35.01 40.21 6.53
N PRO I 144 -35.52 39.82 7.70
CA PRO I 144 -35.89 40.81 8.72
C PRO I 144 -34.73 41.16 9.64
N HIS I 145 -34.59 42.46 9.90
CA HIS I 145 -33.55 42.92 10.82
C HIS I 145 -33.93 42.61 12.27
N ALA I 146 -35.07 43.13 12.72
CA ALA I 146 -35.58 42.89 14.07
C ALA I 146 -37.09 42.76 14.05
N GLY I 147 -37.64 42.17 12.98
CA GLY I 147 -39.07 42.04 12.79
C GLY I 147 -39.61 42.89 11.65
N ALA I 148 -38.96 44.01 11.35
CA ALA I 148 -39.37 44.87 10.26
C ALA I 148 -38.72 44.41 8.95
N LYS I 149 -38.95 45.17 7.88
CA LYS I 149 -38.37 44.85 6.59
C LYS I 149 -36.92 45.30 6.53
N GLY I 150 -36.09 44.50 5.88
CA GLY I 150 -34.69 44.83 5.74
C GLY I 150 -34.06 44.09 4.59
N PHE I 151 -32.72 44.13 4.55
CA PHE I 151 -31.94 43.45 3.52
C PHE I 151 -30.60 43.06 4.12
N TYR I 152 -29.66 42.67 3.27
CA TYR I 152 -28.39 42.12 3.73
C TYR I 152 -27.50 43.21 4.34
N LYS I 153 -26.56 42.78 5.18
CA LYS I 153 -25.64 43.69 5.85
C LYS I 153 -24.42 44.01 4.99
N ASN I 154 -23.78 42.97 4.43
CA ASN I 154 -22.62 43.16 3.58
C ASN I 154 -22.97 43.45 2.13
N LEU I 155 -24.25 43.58 1.81
CA LEU I 155 -24.70 43.87 0.46
C LEU I 155 -25.66 45.06 0.49
N ILE I 156 -25.70 45.78 -0.63
CA ILE I 156 -26.55 46.96 -0.77
C ILE I 156 -27.45 46.73 -1.98
N TRP I 157 -28.75 46.62 -1.74
CA TRP I 157 -29.74 46.41 -2.79
C TRP I 157 -30.13 47.77 -3.36
N LEU I 158 -29.51 48.16 -4.47
CA LEU I 158 -29.86 49.41 -5.12
C LEU I 158 -31.15 49.24 -5.90
N VAL I 159 -32.05 50.21 -5.76
CA VAL I 159 -33.34 50.21 -6.43
C VAL I 159 -33.52 51.54 -7.15
N LYS I 160 -34.69 51.70 -7.76
CA LYS I 160 -34.99 52.91 -8.52
C LYS I 160 -35.22 54.09 -7.57
N LYS I 161 -34.40 55.13 -7.71
CA LYS I 161 -34.54 56.35 -6.93
C LYS I 161 -35.24 57.38 -7.81
N GLY I 162 -36.55 57.53 -7.62
CA GLY I 162 -37.34 58.43 -8.43
C GLY I 162 -38.10 57.72 -9.53
N ASN I 163 -37.75 58.01 -10.79
CA ASN I 163 -38.39 57.38 -11.94
C ASN I 163 -37.38 56.90 -12.97
N SER I 164 -36.10 56.79 -12.60
CA SER I 164 -35.06 56.34 -13.51
C SER I 164 -33.96 55.68 -12.70
N TYR I 165 -32.90 55.28 -13.39
CA TYR I 165 -31.77 54.61 -12.76
C TYR I 165 -30.47 54.99 -13.46
N PRO I 166 -29.58 55.72 -12.80
CA PRO I 166 -28.32 56.11 -13.44
C PRO I 166 -27.37 54.93 -13.58
N LYS I 167 -26.44 55.07 -14.52
CA LYS I 167 -25.47 54.01 -14.79
C LYS I 167 -24.41 53.97 -13.69
N LEU I 168 -24.07 52.76 -13.26
CA LEU I 168 -23.09 52.55 -12.20
C LEU I 168 -21.71 52.35 -12.79
N SER I 169 -20.71 52.96 -12.15
CA SER I 169 -19.32 52.83 -12.59
C SER I 169 -18.44 53.03 -11.36
N LYS I 170 -17.99 51.92 -10.77
CA LYS I 170 -17.16 51.94 -9.58
C LYS I 170 -15.88 51.16 -9.82
N SER I 171 -14.88 51.45 -9.00
CA SER I 171 -13.59 50.78 -9.09
C SER I 171 -12.90 50.83 -7.74
N TYR I 172 -11.87 50.00 -7.57
CA TYR I 172 -11.12 49.94 -6.33
C TYR I 172 -9.71 49.47 -6.64
N ILE I 173 -8.72 50.27 -6.27
CA ILE I 173 -7.32 49.94 -6.45
C ILE I 173 -6.82 49.23 -5.21
N ASN I 174 -6.20 48.06 -5.39
CA ASN I 174 -5.69 47.27 -4.27
C ASN I 174 -4.44 47.94 -3.72
N ASP I 175 -4.61 48.67 -2.60
CA ASP I 175 -3.50 49.36 -1.95
C ASP I 175 -2.89 48.55 -0.82
N LYS I 176 -3.29 47.29 -0.66
CA LYS I 176 -2.78 46.42 0.39
C LYS I 176 -1.81 45.40 -0.21
N GLY I 177 -1.12 44.70 0.68
CA GLY I 177 -0.17 43.68 0.26
C GLY I 177 -0.74 42.28 0.33
N LYS I 178 -2.04 42.15 0.05
CA LYS I 178 -2.71 40.86 0.11
C LYS I 178 -3.92 40.90 -0.82
N GLU I 179 -4.55 39.74 -0.99
CA GLU I 179 -5.70 39.62 -1.87
C GLU I 179 -6.94 40.22 -1.23
N VAL I 180 -7.82 40.76 -2.09
CA VAL I 180 -9.07 41.37 -1.66
C VAL I 180 -10.21 40.58 -2.27
N LEU I 181 -11.12 40.10 -1.44
CA LEU I 181 -12.26 39.31 -1.89
C LEU I 181 -13.49 40.21 -1.97
N VAL I 182 -14.15 40.16 -3.12
CA VAL I 182 -15.31 41.02 -3.41
C VAL I 182 -16.48 40.12 -3.79
N LEU I 183 -17.61 40.27 -3.08
CA LEU I 183 -18.82 39.52 -3.35
C LEU I 183 -19.92 40.46 -3.81
N TRP I 184 -20.62 40.08 -4.88
CA TRP I 184 -21.74 40.84 -5.41
C TRP I 184 -22.86 39.86 -5.75
N GLY I 185 -23.97 40.41 -6.23
CA GLY I 185 -25.12 39.58 -6.57
C GLY I 185 -25.81 40.08 -7.82
N ILE I 186 -26.50 39.17 -8.49
CA ILE I 186 -27.26 39.46 -9.70
C ILE I 186 -28.72 39.15 -9.40
N HIS I 187 -29.55 40.17 -9.35
CA HIS I 187 -30.95 40.00 -8.97
C HIS I 187 -31.76 39.50 -10.16
N HIS I 188 -32.61 38.49 -9.91
CA HIS I 188 -33.52 37.95 -10.91
C HIS I 188 -34.95 38.17 -10.44
N PRO I 189 -35.61 39.23 -10.91
CA PRO I 189 -37.01 39.47 -10.51
C PRO I 189 -37.97 38.46 -11.12
N SER I 190 -39.15 38.38 -10.53
CA SER I 190 -40.14 37.38 -10.94
C SER I 190 -40.88 37.82 -12.20
N THR I 191 -41.60 38.93 -12.13
CA THR I 191 -42.43 39.39 -13.24
C THR I 191 -41.82 40.63 -13.87
N THR I 192 -42.30 40.94 -15.07
CA THR I 192 -41.83 42.14 -15.78
C THR I 192 -42.33 43.42 -15.14
N ALA I 193 -43.44 43.36 -14.40
CA ALA I 193 -43.90 44.53 -13.67
C ALA I 193 -43.01 44.85 -12.48
N ASP I 194 -42.37 43.83 -11.90
CA ASP I 194 -41.43 44.04 -10.82
C ASP I 194 -40.07 44.52 -11.32
N GLN I 195 -39.78 44.36 -12.61
CA GLN I 195 -38.53 44.85 -13.17
C GLN I 195 -38.55 46.37 -13.31
N GLN I 196 -39.62 46.92 -13.88
CA GLN I 196 -39.73 48.36 -14.06
C GLN I 196 -40.05 49.08 -12.76
N SER I 197 -40.67 48.43 -11.80
CA SER I 197 -40.98 49.07 -10.52
C SER I 197 -39.78 49.19 -9.61
N LEU I 198 -38.73 48.41 -9.85
CA LEU I 198 -37.53 48.45 -9.02
C LEU I 198 -36.31 49.02 -9.73
N TYR I 199 -36.26 48.98 -11.06
CA TYR I 199 -35.10 49.44 -11.81
C TYR I 199 -35.43 50.33 -13.00
N GLN I 200 -36.66 50.27 -13.53
CA GLN I 200 -37.13 51.07 -14.68
C GLN I 200 -36.26 50.86 -15.93
N ASN I 201 -35.74 49.64 -16.11
CA ASN I 201 -34.89 49.32 -17.25
C ASN I 201 -35.18 47.89 -17.68
N ALA I 202 -35.52 47.71 -18.96
CA ALA I 202 -35.82 46.39 -19.47
C ALA I 202 -34.55 45.62 -19.81
N ASP I 203 -33.74 46.16 -20.72
CA ASP I 203 -32.50 45.51 -21.15
C ASP I 203 -31.39 45.93 -20.19
N THR I 204 -31.08 45.06 -19.24
CA THR I 204 -30.04 45.30 -18.26
C THR I 204 -28.89 44.32 -18.47
N TYR I 205 -27.68 44.77 -18.12
CA TYR I 205 -26.49 43.94 -18.24
C TYR I 205 -25.50 44.36 -17.17
N VAL I 206 -24.83 43.38 -16.57
CA VAL I 206 -23.86 43.60 -15.50
C VAL I 206 -22.51 43.11 -15.96
N PHE I 207 -21.48 43.94 -15.80
CA PHE I 207 -20.11 43.59 -16.17
C PHE I 207 -19.22 43.65 -14.94
N VAL I 208 -18.38 42.64 -14.77
CA VAL I 208 -17.36 42.60 -13.74
C VAL I 208 -16.04 42.27 -14.42
N GLY I 209 -15.08 43.19 -14.32
CA GLY I 209 -13.81 43.01 -15.02
C GLY I 209 -12.58 43.25 -14.19
N THR I 210 -11.64 42.32 -14.25
CA THR I 210 -10.35 42.42 -13.58
C THR I 210 -9.24 42.23 -14.62
N SER I 211 -8.01 42.09 -14.15
CA SER I 211 -6.89 41.83 -15.04
C SER I 211 -6.87 40.40 -15.55
N ARG I 212 -7.57 39.49 -14.88
CA ARG I 212 -7.61 38.08 -15.27
C ARG I 212 -8.93 37.65 -15.89
N TYR I 213 -10.06 38.18 -15.39
CA TYR I 213 -11.36 37.72 -15.81
C TYR I 213 -12.24 38.89 -16.23
N SER I 214 -13.11 38.63 -17.20
CA SER I 214 -14.12 39.58 -17.65
C SER I 214 -15.40 38.79 -17.94
N LYS I 215 -16.37 38.91 -17.05
CA LYS I 215 -17.59 38.10 -17.12
C LYS I 215 -18.76 38.94 -17.61
N LYS I 216 -19.75 38.25 -18.17
CA LYS I 216 -20.99 38.87 -18.64
C LYS I 216 -22.15 38.27 -17.87
N PHE I 217 -22.99 39.13 -17.30
CA PHE I 217 -24.14 38.71 -16.51
C PHE I 217 -25.42 39.22 -17.16
N LYS I 218 -26.40 38.34 -17.29
CA LYS I 218 -27.68 38.70 -17.89
C LYS I 218 -28.82 38.10 -17.05
N PRO I 219 -29.58 38.92 -16.35
CA PRO I 219 -30.66 38.39 -15.51
C PRO I 219 -31.86 37.95 -16.33
N GLU I 220 -32.46 36.84 -15.92
CA GLU I 220 -33.65 36.29 -16.57
C GLU I 220 -34.88 36.61 -15.73
N ILE I 221 -35.90 37.15 -16.37
CA ILE I 221 -37.15 37.52 -15.71
C ILE I 221 -38.18 36.45 -16.04
N ALA I 222 -38.49 35.60 -15.06
CA ALA I 222 -39.46 34.52 -15.26
C ALA I 222 -40.05 34.15 -13.90
N ILE I 223 -41.15 33.43 -13.94
CA ILE I 223 -41.88 33.06 -12.73
C ILE I 223 -41.24 31.83 -12.12
N ARG I 224 -40.62 32.00 -10.96
CA ARG I 224 -40.00 30.93 -10.20
C ARG I 224 -40.99 30.34 -9.19
N PRO I 225 -40.76 29.11 -8.74
CA PRO I 225 -41.58 28.58 -7.64
C PRO I 225 -41.36 29.34 -6.35
N LYS I 226 -42.41 29.38 -5.53
CA LYS I 226 -42.42 30.16 -4.30
C LYS I 226 -41.57 29.47 -3.23
N VAL I 227 -40.41 30.03 -2.93
CA VAL I 227 -39.53 29.55 -1.88
C VAL I 227 -39.35 30.67 -0.87
N ARG I 228 -39.74 30.42 0.38
CA ARG I 228 -39.69 31.38 1.49
C ARG I 228 -40.48 32.65 1.16
N ASP I 229 -41.65 32.47 0.55
CA ASP I 229 -42.58 33.55 0.14
C ASP I 229 -41.93 34.55 -0.80
N GLN I 230 -41.00 34.09 -1.65
CA GLN I 230 -40.31 34.93 -2.61
C GLN I 230 -40.32 34.24 -3.96
N GLU I 231 -40.90 34.90 -4.96
CA GLU I 231 -40.97 34.36 -6.31
C GLU I 231 -39.77 34.75 -7.16
N GLY I 232 -38.77 35.41 -6.59
CA GLY I 232 -37.59 35.82 -7.29
C GLY I 232 -36.34 35.09 -6.83
N ARG I 233 -35.25 35.31 -7.57
CA ARG I 233 -33.97 34.71 -7.29
C ARG I 233 -32.90 35.79 -7.28
N MET I 234 -31.72 35.42 -6.76
CA MET I 234 -30.58 36.34 -6.74
C MET I 234 -29.30 35.51 -6.77
N ASN I 235 -28.63 35.49 -7.92
CA ASN I 235 -27.40 34.72 -8.05
C ASN I 235 -26.22 35.53 -7.53
N TYR I 236 -25.45 34.93 -6.62
CA TYR I 236 -24.30 35.59 -6.03
C TYR I 236 -23.02 35.07 -6.68
N TYR I 237 -22.11 36.00 -6.99
CA TYR I 237 -20.84 35.68 -7.61
C TYR I 237 -19.70 36.25 -6.77
N TRP I 238 -18.47 35.84 -7.10
CA TRP I 238 -17.30 36.30 -6.37
C TRP I 238 -16.08 36.21 -7.27
N THR I 239 -15.07 37.01 -6.95
CA THR I 239 -13.78 36.97 -7.62
C THR I 239 -12.72 37.46 -6.67
N LEU I 240 -11.45 37.24 -7.04
CA LEU I 240 -10.31 37.70 -6.27
C LEU I 240 -9.66 38.90 -6.94
N VAL I 241 -9.05 39.75 -6.13
CA VAL I 241 -8.36 40.95 -6.60
C VAL I 241 -6.90 40.83 -6.21
N GLU I 242 -6.02 40.80 -7.21
CA GLU I 242 -4.59 40.71 -6.95
C GLU I 242 -4.06 42.03 -6.41
N PRO I 243 -2.98 42.02 -5.63
CA PRO I 243 -2.35 43.28 -5.20
C PRO I 243 -1.76 44.02 -6.38
N GLY I 244 -2.33 45.19 -6.68
CA GLY I 244 -2.00 45.95 -7.85
C GLY I 244 -3.07 45.95 -8.92
N ASP I 245 -4.03 45.03 -8.83
CA ASP I 245 -5.14 44.96 -9.77
C ASP I 245 -6.27 45.88 -9.33
N LYS I 246 -6.99 46.41 -10.31
CA LYS I 246 -8.12 47.31 -10.07
C LYS I 246 -9.39 46.65 -10.57
N ILE I 247 -10.35 46.45 -9.67
CA ILE I 247 -11.63 45.88 -10.05
C ILE I 247 -12.47 46.92 -10.78
N THR I 248 -13.46 46.45 -11.55
CA THR I 248 -14.28 47.33 -12.37
C THR I 248 -15.71 46.81 -12.36
N PHE I 249 -16.65 47.68 -11.98
CA PHE I 249 -18.07 47.38 -12.01
C PHE I 249 -18.77 48.34 -12.95
N GLU I 250 -19.66 47.81 -13.79
CA GLU I 250 -20.38 48.63 -14.77
C GLU I 250 -21.69 47.92 -15.09
N ALA I 251 -22.80 48.51 -14.65
CA ALA I 251 -24.10 47.91 -14.86
C ALA I 251 -25.16 49.00 -14.94
N THR I 252 -26.26 48.67 -15.60
CA THR I 252 -27.40 49.57 -15.73
C THR I 252 -28.62 49.08 -14.98
N GLY I 253 -28.47 48.08 -14.12
CA GLY I 253 -29.58 47.54 -13.37
C GLY I 253 -29.28 46.14 -12.88
N ASN I 254 -30.04 45.75 -11.84
CA ASN I 254 -29.99 44.41 -11.23
C ASN I 254 -28.60 44.07 -10.68
N LEU I 255 -27.88 45.06 -10.18
CA LEU I 255 -26.57 44.86 -9.59
C LEU I 255 -26.66 45.06 -8.08
N VAL I 256 -26.12 44.11 -7.33
CA VAL I 256 -26.04 44.19 -5.89
C VAL I 256 -24.61 44.61 -5.55
N VAL I 257 -24.42 45.89 -5.28
CA VAL I 257 -23.10 46.45 -5.04
C VAL I 257 -22.60 46.02 -3.66
N PRO I 258 -21.30 45.77 -3.49
CA PRO I 258 -20.79 45.39 -2.17
C PRO I 258 -20.66 46.57 -1.23
N ARG I 259 -20.73 46.27 0.06
CA ARG I 259 -20.55 47.26 1.10
C ARG I 259 -19.22 47.07 1.84
N TYR I 260 -18.89 45.85 2.21
CA TYR I 260 -17.62 45.53 2.86
C TYR I 260 -16.86 44.51 2.02
N ALA I 261 -15.53 44.58 2.10
CA ALA I 261 -14.66 43.63 1.43
C ALA I 261 -13.88 42.83 2.47
N PHE I 262 -13.42 41.65 2.06
CA PHE I 262 -12.71 40.73 2.94
C PHE I 262 -11.29 40.58 2.42
N ALA I 263 -10.36 41.36 3.00
CA ALA I 263 -8.95 41.23 2.65
C ALA I 263 -8.40 39.97 3.28
N MET I 264 -7.80 39.11 2.46
CA MET I 264 -7.36 37.80 2.93
C MET I 264 -6.01 37.47 2.32
N GLU I 265 -5.30 36.56 2.99
CA GLU I 265 -4.01 36.06 2.52
C GLU I 265 -3.80 34.68 3.12
N ARG I 266 -3.72 33.67 2.25
CA ARG I 266 -3.58 32.29 2.71
C ARG I 266 -2.34 31.64 2.12
N ASN I 267 -2.15 30.35 2.39
CA ASN I 267 -1.00 29.62 1.88
C ASN I 267 -1.22 29.21 0.43
N SER I 270 -7.98 23.32 4.35
CA SER I 270 -9.10 23.50 5.27
C SER I 270 -10.42 23.50 4.53
N GLY I 271 -11.50 23.14 5.23
CA GLY I 271 -12.81 23.06 4.62
C GLY I 271 -13.94 23.52 5.51
N ILE I 272 -15.06 22.80 5.49
CA ILE I 272 -16.25 23.13 6.27
C ILE I 272 -16.56 21.96 7.20
N ILE I 273 -17.05 22.30 8.39
CA ILE I 273 -17.47 21.32 9.38
C ILE I 273 -18.90 21.65 9.80
N ILE I 274 -19.79 20.66 9.71
CA ILE I 274 -21.18 20.80 10.12
C ILE I 274 -21.35 19.99 11.39
N SER I 275 -21.53 20.68 12.52
CA SER I 275 -21.58 20.03 13.82
C SER I 275 -22.32 20.92 14.81
N ASP I 276 -22.59 20.37 15.99
CA ASP I 276 -23.25 21.09 17.06
C ASP I 276 -22.41 21.13 18.34
N THR I 277 -21.09 21.00 18.21
CA THR I 277 -20.20 21.01 19.38
C THR I 277 -19.89 22.46 19.79
N PRO I 278 -19.78 22.73 21.09
CA PRO I 278 -19.46 24.09 21.53
C PRO I 278 -17.99 24.42 21.30
N VAL I 279 -17.67 25.70 21.53
CA VAL I 279 -16.34 26.23 21.31
C VAL I 279 -15.64 26.43 22.65
N HIS I 280 -14.35 26.11 22.68
CA HIS I 280 -13.54 26.30 23.88
C HIS I 280 -12.16 26.82 23.48
N ASP I 281 -11.37 27.19 24.49
CA ASP I 281 -10.06 27.79 24.28
C ASP I 281 -8.93 26.75 24.28
N CYS I 282 -9.23 25.50 23.95
CA CYS I 282 -8.23 24.45 23.89
C CYS I 282 -7.43 24.55 22.59
N ASN I 283 -6.41 23.70 22.45
CA ASN I 283 -5.57 23.69 21.26
C ASN I 283 -5.33 22.24 20.83
N THR I 284 -5.35 22.03 19.52
CA THR I 284 -5.15 20.69 18.96
C THR I 284 -4.49 20.83 17.59
N THR I 285 -4.26 19.69 16.94
CA THR I 285 -3.66 19.64 15.61
C THR I 285 -4.61 19.19 14.52
N CYS I 286 -5.75 18.59 14.89
CA CYS I 286 -6.72 18.12 13.91
C CYS I 286 -8.13 18.37 14.43
N GLN I 287 -9.06 18.60 13.50
CA GLN I 287 -10.44 18.90 13.87
C GLN I 287 -11.39 17.94 13.17
N THR I 288 -12.45 17.57 13.88
CA THR I 288 -13.49 16.67 13.40
C THR I 288 -14.84 17.19 13.90
N PRO I 289 -15.93 16.93 13.16
CA PRO I 289 -17.24 17.39 13.63
C PRO I 289 -17.73 16.70 14.89
N LYS I 290 -17.43 15.41 15.07
CA LYS I 290 -17.91 14.68 16.24
C LYS I 290 -17.01 14.85 17.46
N GLY I 291 -16.09 15.81 17.45
CA GLY I 291 -15.27 16.08 18.62
C GLY I 291 -13.85 16.50 18.30
N ALA I 292 -13.16 17.06 19.29
CA ALA I 292 -11.78 17.45 19.11
C ALA I 292 -10.87 16.23 19.15
N ILE I 293 -9.78 16.28 18.38
CA ILE I 293 -8.88 15.16 18.21
C ILE I 293 -7.44 15.68 18.30
N ASN I 294 -6.65 15.10 19.21
CA ASN I 294 -5.25 15.49 19.41
C ASN I 294 -4.38 14.30 19.05
N THR I 295 -4.07 14.18 17.76
CA THR I 295 -3.29 13.06 17.22
C THR I 295 -2.24 13.65 16.28
N SER I 296 -0.95 13.25 16.38
CA SER I 296 -0.22 12.24 17.22
C SER I 296 -0.68 10.78 17.17
N LEU I 297 -1.35 10.39 16.09
CA LEU I 297 -1.69 9.03 15.72
C LEU I 297 -1.79 8.91 14.21
N PRO I 298 -1.48 7.74 13.63
CA PRO I 298 -1.51 7.63 12.16
C PRO I 298 -2.90 7.55 11.55
N PHE I 299 -3.86 6.96 12.26
CA PHE I 299 -5.17 6.72 11.71
C PHE I 299 -6.28 7.18 12.65
N GLN I 300 -7.49 7.31 12.09
CA GLN I 300 -8.69 7.63 12.84
C GLN I 300 -9.88 6.98 12.14
N ASN I 301 -10.99 6.87 12.87
CA ASN I 301 -12.17 6.21 12.31
C ASN I 301 -13.47 6.93 12.69
N ILE I 302 -13.43 8.25 12.83
CA ILE I 302 -14.60 8.99 13.30
C ILE I 302 -15.36 9.60 12.13
N HIS I 303 -14.69 10.46 11.36
CA HIS I 303 -15.38 11.16 10.28
C HIS I 303 -14.40 11.43 9.14
N PRO I 304 -14.85 11.28 7.88
CA PRO I 304 -13.93 11.54 6.76
C PRO I 304 -13.62 13.01 6.54
N ILE I 305 -14.55 13.91 6.88
CA ILE I 305 -14.35 15.34 6.68
C ILE I 305 -13.43 15.84 7.79
N THR I 306 -12.15 15.98 7.48
CA THR I 306 -11.14 16.41 8.45
C THR I 306 -10.41 17.63 7.91
N ILE I 307 -9.96 18.48 8.84
CA ILE I 307 -9.35 19.77 8.51
C ILE I 307 -8.04 19.89 9.26
N GLY I 308 -6.95 20.06 8.52
CA GLY I 308 -5.64 20.28 9.08
C GLY I 308 -4.73 19.07 8.93
N LYS I 309 -3.68 19.06 9.75
CA LYS I 309 -2.74 17.94 9.81
C LYS I 309 -3.44 16.79 10.54
N CYS I 310 -4.22 16.02 9.78
CA CYS I 310 -5.12 15.02 10.34
C CYS I 310 -4.69 13.62 9.94
N PRO I 311 -4.98 12.61 10.78
CA PRO I 311 -4.70 11.23 10.40
C PRO I 311 -5.64 10.70 9.33
N LYS I 312 -5.34 9.52 8.81
CA LYS I 312 -6.15 8.91 7.76
C LYS I 312 -7.45 8.36 8.33
N TYR I 313 -8.52 8.46 7.55
CA TYR I 313 -9.83 7.96 7.95
C TYR I 313 -10.03 6.55 7.41
N VAL I 314 -10.42 5.64 8.29
CA VAL I 314 -10.68 4.25 7.92
C VAL I 314 -12.12 3.90 8.31
N LYS I 315 -12.58 2.76 7.81
CA LYS I 315 -13.88 2.23 8.18
C LYS I 315 -13.79 1.12 9.21
N SER I 316 -12.59 0.86 9.74
CA SER I 316 -12.42 -0.18 10.76
C SER I 316 -12.90 0.32 12.12
N THR I 317 -13.09 -0.64 13.03
CA THR I 317 -13.47 -0.33 14.40
C THR I 317 -12.33 -0.54 15.39
N LYS I 318 -11.28 -1.26 15.01
CA LYS I 318 -10.15 -1.49 15.89
C LYS I 318 -8.89 -1.66 15.05
N LEU I 319 -7.94 -0.74 15.24
CA LEU I 319 -6.63 -0.80 14.59
C LEU I 319 -5.53 -0.69 15.64
N ARG I 320 -5.67 -1.48 16.70
CA ARG I 320 -4.74 -1.43 17.82
C ARG I 320 -3.46 -2.16 17.46
N LEU I 321 -2.34 -1.44 17.49
CA LEU I 321 -1.03 -2.03 17.21
C LEU I 321 -0.48 -2.64 18.49
N ALA I 322 -0.17 -3.93 18.44
CA ALA I 322 0.36 -4.63 19.61
C ALA I 322 1.83 -4.28 19.81
N THR I 323 2.19 -3.98 21.05
CA THR I 323 3.58 -3.70 21.42
C THR I 323 4.18 -4.74 22.35
N GLY I 324 3.38 -5.28 23.27
CA GLY I 324 3.84 -6.28 24.20
C GLY I 324 3.57 -7.71 23.72
N LEU I 325 3.77 -8.65 24.63
CA LEU I 325 3.61 -10.06 24.31
C LEU I 325 2.13 -10.45 24.40
N ARG I 326 1.86 -11.72 24.09
CA ARG I 326 0.50 -12.25 24.15
C ARG I 326 0.09 -12.46 25.61
N ASN I 327 -1.07 -11.92 25.98
CA ASN I 327 -1.54 -11.97 27.37
C ASN I 327 -2.18 -13.33 27.62
N VAL I 328 -1.36 -14.28 28.05
CA VAL I 328 -1.80 -15.62 28.44
C VAL I 328 -1.30 -15.88 29.85
N PRO I 329 -2.19 -16.10 30.83
CA PRO I 329 -1.77 -16.36 32.22
C PRO I 329 -1.18 -17.75 32.40
N ALA J 5 6.69 -17.28 21.48
CA ALA J 5 6.44 -18.70 21.71
C ALA J 5 5.34 -18.91 22.74
N ILE J 6 4.39 -17.98 22.78
CA ILE J 6 3.27 -18.06 23.72
C ILE J 6 2.28 -19.11 23.21
N ALA J 7 1.76 -19.90 24.15
CA ALA J 7 0.86 -21.04 23.90
C ALA J 7 1.50 -22.06 22.94
N GLY J 8 2.80 -22.25 23.09
CA GLY J 8 3.55 -23.19 22.28
C GLY J 8 4.49 -24.03 23.13
N PHE J 9 5.79 -23.95 22.83
CA PHE J 9 6.79 -24.58 23.69
C PHE J 9 6.82 -23.93 25.07
N ILE J 10 6.58 -22.63 25.14
CA ILE J 10 6.43 -21.90 26.39
C ILE J 10 4.94 -21.72 26.66
N GLU J 11 4.55 -21.82 27.93
CA GLU J 11 3.13 -21.73 28.29
C GLU J 11 2.60 -20.31 28.11
N GLY J 12 3.22 -19.34 28.76
CA GLY J 12 2.78 -17.97 28.63
C GLY J 12 3.56 -17.05 29.53
N GLY J 13 3.12 -15.79 29.59
CA GLY J 13 3.77 -14.81 30.43
C GLY J 13 3.34 -14.90 31.88
N TRP J 14 4.05 -14.14 32.72
CA TRP J 14 3.81 -14.13 34.15
C TRP J 14 3.42 -12.72 34.60
N THR J 15 2.67 -12.66 35.69
CA THR J 15 2.19 -11.39 36.24
C THR J 15 3.05 -10.90 37.39
N GLY J 16 4.07 -11.65 37.79
CA GLY J 16 4.93 -11.24 38.88
C GLY J 16 5.95 -10.18 38.48
N MET J 17 6.45 -10.28 37.25
CA MET J 17 7.44 -9.33 36.74
C MET J 17 6.70 -8.26 35.95
N VAL J 18 6.51 -7.11 36.58
CA VAL J 18 5.84 -5.97 35.96
C VAL J 18 6.82 -4.83 35.66
N ASP J 19 8.12 -5.09 35.75
CA ASP J 19 9.15 -4.09 35.52
C ASP J 19 9.77 -4.19 34.13
N GLY J 20 9.00 -4.63 33.15
CA GLY J 20 9.49 -4.75 31.79
C GLY J 20 8.77 -5.87 31.07
N TRP J 21 9.33 -6.24 29.91
CA TRP J 21 8.77 -7.29 29.06
C TRP J 21 9.45 -8.62 29.27
N TYR J 22 10.77 -8.67 29.13
CA TYR J 22 11.54 -9.90 29.27
C TYR J 22 12.39 -9.83 30.54
N GLY J 23 12.79 -11.01 31.01
CA GLY J 23 13.62 -11.07 32.20
C GLY J 23 13.81 -12.50 32.66
N TYR J 24 14.17 -12.65 33.94
CA TYR J 24 14.40 -13.95 34.54
C TYR J 24 13.80 -13.98 35.94
N HIS J 25 13.53 -15.19 36.42
CA HIS J 25 13.02 -15.42 37.77
C HIS J 25 14.08 -16.18 38.54
N HIS J 26 14.69 -15.53 39.54
CA HIS J 26 15.74 -16.16 40.31
C HIS J 26 15.17 -17.09 41.36
N GLN J 27 15.86 -18.22 41.56
CA GLN J 27 15.44 -19.21 42.57
C GLN J 27 16.70 -19.97 43.00
N ASN J 28 17.22 -19.62 44.17
CA ASN J 28 18.39 -20.29 44.72
C ASN J 28 18.32 -20.22 46.24
N GLU J 29 19.43 -20.55 46.90
CA GLU J 29 19.46 -20.58 48.35
C GLU J 29 19.52 -19.19 48.97
N GLN J 30 19.90 -18.17 48.21
CA GLN J 30 20.01 -16.82 48.76
C GLN J 30 18.67 -16.10 48.78
N GLY J 31 17.79 -16.41 47.84
CA GLY J 31 16.49 -15.75 47.80
C GLY J 31 15.76 -16.06 46.50
N SER J 32 14.73 -15.25 46.24
CA SER J 32 13.92 -15.39 45.04
C SER J 32 13.29 -14.05 44.71
N GLY J 33 12.73 -13.96 43.51
CA GLY J 33 12.08 -12.76 43.07
C GLY J 33 12.16 -12.62 41.56
N TYR J 34 11.49 -11.58 41.07
CA TYR J 34 11.43 -11.28 39.66
C TYR J 34 12.41 -10.16 39.31
N ALA J 35 13.03 -10.27 38.13
CA ALA J 35 13.99 -9.27 37.70
C ALA J 35 13.99 -9.21 36.18
N ALA J 36 13.79 -8.01 35.63
CA ALA J 36 13.79 -7.81 34.20
C ALA J 36 15.17 -7.36 33.71
N ASP J 37 15.45 -7.66 32.45
CA ASP J 37 16.74 -7.28 31.85
C ASP J 37 16.69 -5.82 31.43
N LEU J 38 17.75 -5.09 31.74
CA LEU J 38 17.81 -3.67 31.38
C LEU J 38 18.34 -3.45 29.96
N LYS J 39 19.08 -4.42 29.43
CA LYS J 39 19.68 -4.27 28.11
C LYS J 39 18.79 -4.80 26.99
N SER J 40 18.22 -6.00 27.16
CA SER J 40 17.43 -6.60 26.09
C SER J 40 16.05 -5.98 25.97
N THR J 41 15.47 -5.51 27.07
CA THR J 41 14.13 -4.92 27.01
C THR J 41 14.17 -3.50 26.45
N GLN J 42 15.19 -2.72 26.83
CA GLN J 42 15.29 -1.34 26.35
C GLN J 42 15.59 -1.27 24.86
N ASN J 43 16.39 -2.22 24.35
CA ASN J 43 16.63 -2.27 22.92
C ASN J 43 15.39 -2.73 22.16
N ALA J 44 14.63 -3.67 22.74
CA ALA J 44 13.42 -4.16 22.08
C ALA J 44 12.29 -3.14 22.14
N ILE J 45 12.31 -2.24 23.13
CA ILE J 45 11.31 -1.19 23.20
C ILE J 45 11.54 -0.16 22.09
N ASP J 46 12.80 0.18 21.82
CA ASP J 46 13.13 1.12 20.76
C ASP J 46 12.82 0.60 19.36
N LYS J 47 12.74 -0.73 19.19
CA LYS J 47 12.31 -1.29 17.91
C LYS J 47 10.82 -1.05 17.70
N ILE J 48 10.02 -1.24 18.75
CA ILE J 48 8.57 -1.06 18.62
C ILE J 48 8.20 0.42 18.67
N THR J 49 8.94 1.23 19.41
CA THR J 49 8.65 2.66 19.49
C THR J 49 8.98 3.37 18.18
N ASN J 50 10.01 2.92 17.47
CA ASN J 50 10.27 3.44 16.14
C ASN J 50 9.27 2.91 15.11
N LYS J 51 8.62 1.77 15.40
CA LYS J 51 7.60 1.25 14.50
C LYS J 51 6.33 2.09 14.56
N VAL J 52 5.99 2.60 15.75
CA VAL J 52 4.85 3.50 15.88
C VAL J 52 5.17 4.85 15.23
N ASN J 53 6.42 5.32 15.38
CA ASN J 53 6.85 6.54 14.73
C ASN J 53 7.12 6.36 13.23
N SER J 54 7.13 5.11 12.74
CA SER J 54 7.34 4.88 11.32
C SER J 54 6.11 5.26 10.50
N VAL J 55 4.93 5.27 11.12
CA VAL J 55 3.70 5.63 10.43
C VAL J 55 3.17 6.98 10.86
N ILE J 56 3.85 7.67 11.77
CA ILE J 56 3.47 9.01 12.20
C ILE J 56 4.39 10.07 11.61
N GLU J 57 5.70 9.89 11.75
CA GLU J 57 6.65 10.86 11.24
C GLU J 57 6.75 10.81 9.72
N LYS J 58 6.55 9.63 9.13
CA LYS J 58 6.61 9.51 7.68
C LYS J 58 5.31 9.92 6.99
N MET J 59 4.20 9.98 7.72
CA MET J 59 2.93 10.45 7.17
C MET J 59 2.95 11.97 7.20
N ASN J 60 3.58 12.55 6.18
CA ASN J 60 3.76 14.00 6.08
C ASN J 60 2.51 14.61 5.45
N THR J 61 1.47 14.75 6.28
CA THR J 61 0.24 15.37 5.82
C THR J 61 0.38 16.89 5.82
N GLN J 62 -0.41 17.54 4.96
CA GLN J 62 -0.40 18.99 4.83
C GLN J 62 -1.63 19.58 5.51
N PHE J 63 -1.64 20.91 5.59
CA PHE J 63 -2.75 21.64 6.18
C PHE J 63 -3.81 21.85 5.10
N THR J 64 -4.57 20.80 4.84
CA THR J 64 -5.61 20.80 3.83
C THR J 64 -6.82 20.04 4.37
N ALA J 65 -7.80 19.81 3.50
CA ALA J 65 -9.02 19.10 3.86
C ALA J 65 -9.17 17.85 3.00
N VAL J 66 -9.77 16.82 3.59
CA VAL J 66 -10.01 15.58 2.86
C VAL J 66 -11.43 15.54 2.29
N GLY J 67 -12.42 16.00 3.05
CA GLY J 67 -13.79 16.04 2.58
C GLY J 67 -14.13 17.35 1.91
N LYS J 68 -15.15 17.30 1.05
CA LYS J 68 -15.58 18.47 0.30
C LYS J 68 -17.05 18.33 -0.04
N GLU J 69 -17.71 19.48 -0.17
CA GLU J 69 -19.13 19.53 -0.50
C GLU J 69 -19.31 19.89 -1.97
N PHE J 70 -20.39 19.40 -2.56
CA PHE J 70 -20.69 19.62 -3.96
C PHE J 70 -22.19 19.81 -4.15
N ASN J 71 -22.57 20.31 -5.32
CA ASN J 71 -23.96 20.50 -5.69
C ASN J 71 -24.44 19.31 -6.52
N HIS J 72 -25.75 19.13 -6.57
CA HIS J 72 -26.35 18.02 -7.30
C HIS J 72 -26.60 18.33 -8.78
N LEU J 73 -26.16 19.49 -9.25
CA LEU J 73 -26.04 19.75 -10.68
C LEU J 73 -24.69 19.32 -11.23
N GLU J 74 -23.77 18.89 -10.35
CA GLU J 74 -22.44 18.49 -10.75
C GLU J 74 -22.21 17.03 -10.38
N LYS J 75 -23.19 16.17 -10.69
CA LYS J 75 -23.09 14.75 -10.36
C LYS J 75 -22.02 14.02 -11.18
N ARG J 76 -21.58 14.61 -12.29
CA ARG J 76 -20.46 14.03 -13.05
C ARG J 76 -19.17 14.12 -12.26
N ILE J 77 -18.92 15.25 -11.59
CA ILE J 77 -17.74 15.39 -10.75
C ILE J 77 -18.00 14.92 -9.31
N GLU J 78 -19.28 14.77 -8.91
CA GLU J 78 -19.57 14.23 -7.59
C GLU J 78 -19.26 12.74 -7.53
N ASN J 79 -19.40 12.03 -8.66
CA ASN J 79 -19.02 10.63 -8.70
C ASN J 79 -17.51 10.46 -8.67
N LEU J 80 -16.77 11.38 -9.30
CA LEU J 80 -15.31 11.37 -9.17
C LEU J 80 -14.88 11.80 -7.78
N ASN J 81 -15.64 12.70 -7.14
CA ASN J 81 -15.39 13.04 -5.74
C ASN J 81 -15.67 11.85 -4.82
N LYS J 82 -16.64 11.01 -5.18
CA LYS J 82 -16.84 9.75 -4.48
C LYS J 82 -15.67 8.81 -4.72
N LYS J 83 -15.05 8.88 -5.89
CA LYS J 83 -13.82 8.12 -6.13
C LYS J 83 -12.60 8.77 -5.51
N VAL J 84 -12.73 10.02 -5.04
CA VAL J 84 -11.65 10.64 -4.28
C VAL J 84 -11.84 10.37 -2.79
N ASP J 85 -13.05 10.60 -2.28
CA ASP J 85 -13.32 10.42 -0.86
C ASP J 85 -13.36 8.93 -0.49
N ASP J 86 -14.31 8.19 -1.07
CA ASP J 86 -14.42 6.77 -0.78
C ASP J 86 -13.37 5.94 -1.52
N GLY J 87 -12.76 6.49 -2.56
CA GLY J 87 -11.70 5.76 -3.25
C GLY J 87 -10.42 5.71 -2.43
N PHE J 88 -10.05 6.84 -1.82
CA PHE J 88 -8.93 6.82 -0.87
C PHE J 88 -9.31 6.10 0.41
N LEU J 89 -10.61 6.08 0.75
CA LEU J 89 -11.06 5.33 1.91
C LEU J 89 -10.94 3.83 1.69
N ASP J 90 -11.27 3.36 0.48
CA ASP J 90 -11.15 1.93 0.18
C ASP J 90 -9.69 1.49 0.13
N ILE J 91 -8.77 2.38 -0.23
CA ILE J 91 -7.35 2.08 -0.06
C ILE J 91 -6.99 2.07 1.41
N TRP J 92 -7.49 3.05 2.17
CA TRP J 92 -7.23 3.09 3.61
C TRP J 92 -8.01 2.03 4.38
N THR J 93 -9.11 1.50 3.80
CA THR J 93 -9.71 0.30 4.36
C THR J 93 -8.86 -0.94 4.08
N TYR J 94 -8.03 -0.90 3.04
CA TYR J 94 -7.20 -2.03 2.65
C TYR J 94 -5.78 -1.90 3.19
N ASN J 95 -5.14 -0.75 3.01
CA ASN J 95 -3.73 -0.61 3.37
C ASN J 95 -3.52 -0.45 4.88
N ALA J 96 -4.36 0.36 5.53
CA ALA J 96 -4.16 0.63 6.96
C ALA J 96 -4.55 -0.56 7.81
N GLU J 97 -5.58 -1.30 7.40
CA GLU J 97 -5.96 -2.50 8.14
C GLU J 97 -4.98 -3.64 7.89
N LEU J 98 -4.27 -3.62 6.76
CA LEU J 98 -3.22 -4.59 6.54
C LEU J 98 -1.96 -4.28 7.34
N LEU J 99 -1.70 -2.99 7.60
CA LEU J 99 -0.52 -2.61 8.38
C LEU J 99 -0.64 -3.05 9.83
N VAL J 100 -1.81 -2.86 10.44
CA VAL J 100 -2.03 -3.33 11.81
C VAL J 100 -2.03 -4.85 11.86
N LEU J 101 -2.47 -5.50 10.78
CA LEU J 101 -2.48 -6.96 10.75
C LEU J 101 -1.08 -7.53 10.52
N LEU J 102 -0.24 -6.85 9.73
CA LEU J 102 1.08 -7.39 9.40
C LEU J 102 2.17 -6.99 10.37
N GLU J 103 2.10 -5.78 10.94
CA GLU J 103 3.12 -5.38 11.91
C GLU J 103 2.92 -6.06 13.25
N ASN J 104 1.67 -6.37 13.61
CA ASN J 104 1.43 -7.20 14.79
C ASN J 104 1.84 -8.65 14.53
N GLU J 105 1.75 -9.09 13.27
CA GLU J 105 2.34 -10.37 12.90
C GLU J 105 3.87 -10.30 12.98
N ARG J 106 4.44 -9.14 12.65
CA ARG J 106 5.87 -8.94 12.84
C ARG J 106 6.21 -8.81 14.32
N THR J 107 5.35 -8.14 15.10
CA THR J 107 5.63 -7.95 16.52
C THR J 107 5.51 -9.27 17.28
N LEU J 108 4.56 -10.12 16.89
CA LEU J 108 4.50 -11.46 17.46
C LEU J 108 5.68 -12.31 17.01
N ASP J 109 6.21 -12.04 15.81
CA ASP J 109 7.40 -12.75 15.35
C ASP J 109 8.67 -12.18 15.98
N TYR J 110 8.73 -10.86 16.16
CA TYR J 110 9.92 -10.25 16.77
C TYR J 110 10.00 -10.55 18.26
N HIS J 111 8.86 -10.64 18.94
CA HIS J 111 8.87 -11.11 20.33
C HIS J 111 9.25 -12.58 20.40
N ASP J 112 8.82 -13.36 19.41
CA ASP J 112 9.31 -14.73 19.28
C ASP J 112 10.78 -14.76 18.88
N SER J 113 11.22 -13.76 18.10
CA SER J 113 12.64 -13.61 17.84
C SER J 113 13.38 -13.13 19.08
N ASN J 114 12.73 -12.33 19.92
CA ASN J 114 13.32 -11.95 21.20
C ASN J 114 13.39 -13.14 22.15
N VAL J 115 12.48 -14.11 22.00
CA VAL J 115 12.58 -15.35 22.76
C VAL J 115 13.78 -16.17 22.28
N LYS J 116 13.92 -16.34 20.97
CA LYS J 116 14.97 -17.20 20.42
C LYS J 116 16.35 -16.56 20.54
N ASN J 117 16.44 -15.24 20.47
CA ASN J 117 17.73 -14.58 20.70
C ASN J 117 18.12 -14.65 22.17
N LEU J 118 17.15 -14.61 23.07
CA LEU J 118 17.45 -14.82 24.49
C LEU J 118 17.67 -16.31 24.78
N TYR J 119 17.06 -17.19 24.00
CA TYR J 119 17.29 -18.62 24.18
C TYR J 119 18.68 -19.01 23.72
N GLU J 120 19.11 -18.50 22.56
CA GLU J 120 20.47 -18.77 22.07
C GLU J 120 21.53 -18.05 22.90
N LYS J 121 21.17 -16.98 23.61
CA LYS J 121 22.10 -16.37 24.54
C LYS J 121 22.33 -17.27 25.76
N VAL J 122 21.33 -18.06 26.13
CA VAL J 122 21.43 -18.96 27.27
C VAL J 122 21.98 -20.33 26.84
N ARG J 123 21.46 -20.87 25.73
CA ARG J 123 21.79 -22.24 25.34
C ARG J 123 23.24 -22.38 24.86
N ASN J 124 23.78 -21.35 24.22
CA ASN J 124 25.17 -21.41 23.77
C ASN J 124 26.16 -21.30 24.93
N GLN J 125 25.73 -20.74 26.07
CA GLN J 125 26.57 -20.65 27.25
C GLN J 125 26.27 -21.75 28.27
N LEU J 126 25.18 -22.49 28.10
CA LEU J 126 24.75 -23.54 29.01
C LEU J 126 24.45 -24.83 28.25
N LYS J 127 25.42 -25.24 27.40
CA LYS J 127 25.25 -26.45 26.60
C LYS J 127 25.20 -27.70 27.47
N ASN J 128 26.07 -27.79 28.47
CA ASN J 128 26.13 -28.93 29.36
C ASN J 128 25.96 -28.55 30.83
N ASN J 129 25.76 -27.28 31.15
CA ASN J 129 25.64 -26.83 32.53
C ASN J 129 24.19 -26.53 32.93
N ALA J 130 23.22 -26.93 32.11
CA ALA J 130 21.82 -26.69 32.42
C ALA J 130 20.96 -27.75 31.76
N LYS J 131 19.86 -28.09 32.42
CA LYS J 131 18.92 -29.07 31.92
C LYS J 131 17.73 -28.37 31.28
N GLU J 132 17.41 -28.75 30.04
CA GLU J 132 16.31 -28.15 29.30
C GLU J 132 15.06 -28.99 29.54
N ILE J 133 14.17 -28.51 30.42
CA ILE J 133 12.93 -29.19 30.75
C ILE J 133 11.72 -28.50 30.14
N GLY J 134 11.92 -27.46 29.34
CA GLY J 134 10.82 -26.75 28.72
C GLY J 134 10.38 -25.55 29.53
N ASN J 135 9.46 -24.78 28.92
CA ASN J 135 8.83 -23.58 29.50
C ASN J 135 9.86 -22.51 29.88
N GLY J 136 10.96 -22.44 29.16
CA GLY J 136 11.99 -21.44 29.41
C GLY J 136 12.81 -21.66 30.65
N CYS J 137 12.73 -22.83 31.27
CA CYS J 137 13.46 -23.10 32.51
C CYS J 137 14.83 -23.71 32.21
N PHE J 138 15.80 -23.38 33.06
CA PHE J 138 17.17 -23.89 32.93
C PHE J 138 17.70 -24.16 34.33
N GLU J 139 17.61 -25.43 34.76
CA GLU J 139 18.08 -25.83 36.08
C GLU J 139 19.57 -26.16 35.99
N PHE J 140 20.38 -25.46 36.78
CA PHE J 140 21.82 -25.68 36.79
C PHE J 140 22.17 -26.99 37.49
N TYR J 141 23.30 -27.56 37.10
CA TYR J 141 23.82 -28.77 37.72
C TYR J 141 24.80 -28.48 38.85
N HIS J 142 24.89 -27.24 39.30
CA HIS J 142 25.82 -26.87 40.36
C HIS J 142 25.25 -25.67 41.11
N LYS J 143 26.05 -25.08 41.98
CA LYS J 143 25.62 -23.93 42.77
C LYS J 143 25.66 -22.68 41.90
N CYS J 144 24.57 -21.90 41.94
CA CYS J 144 24.45 -20.67 41.16
C CYS J 144 23.80 -19.62 42.05
N ASP J 145 24.61 -18.69 42.55
CA ASP J 145 24.14 -17.64 43.46
C ASP J 145 23.56 -16.49 42.66
N ASN J 146 23.32 -15.36 43.33
CA ASN J 146 22.74 -14.20 42.66
C ASN J 146 23.74 -13.53 41.71
N THR J 147 25.04 -13.68 41.97
CA THR J 147 26.04 -13.21 41.03
C THR J 147 26.08 -14.08 39.78
N CYS J 148 25.84 -15.39 39.94
CA CYS J 148 25.78 -16.29 38.80
C CYS J 148 24.52 -16.08 37.97
N MET J 149 23.39 -15.74 38.62
CA MET J 149 22.16 -15.49 37.89
C MET J 149 22.22 -14.19 37.07
N GLU J 150 22.95 -13.19 37.57
CA GLU J 150 23.10 -11.95 36.82
C GLU J 150 24.12 -12.05 35.69
N SER J 151 24.97 -13.07 35.70
CA SER J 151 25.94 -13.25 34.63
C SER J 151 25.30 -13.78 33.35
N VAL J 152 24.25 -14.59 33.48
CA VAL J 152 23.56 -15.10 32.29
C VAL J 152 22.68 -14.01 31.68
N LYS J 153 22.24 -13.05 32.50
CA LYS J 153 21.40 -11.97 31.98
C LYS J 153 22.20 -10.98 31.15
N ASN J 154 23.42 -10.65 31.58
CA ASN J 154 24.28 -9.74 30.85
C ASN J 154 25.17 -10.45 29.84
N GLY J 155 25.27 -11.78 29.91
CA GLY J 155 26.09 -12.52 28.97
C GLY J 155 27.56 -12.56 29.35
N THR J 156 27.84 -12.75 30.64
CA THR J 156 29.19 -12.85 31.15
C THR J 156 29.41 -14.18 31.85
N TYR J 157 28.94 -15.26 31.23
CA TYR J 157 29.01 -16.61 31.79
C TYR J 157 30.02 -17.41 30.97
N ASP J 158 31.16 -17.73 31.60
CA ASP J 158 32.19 -18.50 30.92
C ASP J 158 31.89 -19.99 31.03
N TYR J 159 32.09 -20.72 29.92
CA TYR J 159 31.74 -22.14 29.91
C TYR J 159 32.73 -23.03 30.66
N PRO J 160 34.06 -22.95 30.45
CA PRO J 160 34.93 -23.88 31.20
C PRO J 160 35.12 -23.50 32.67
N LYS J 161 34.76 -22.27 33.07
CA LYS J 161 34.92 -21.88 34.47
C LYS J 161 33.84 -22.51 35.36
N TYR J 162 32.66 -22.79 34.82
CA TYR J 162 31.57 -23.36 35.59
C TYR J 162 31.31 -24.82 35.26
N SER J 163 32.06 -25.42 34.34
CA SER J 163 31.87 -26.81 33.98
C SER J 163 32.62 -27.77 34.90
N GLU J 164 33.36 -27.27 35.88
CA GLU J 164 34.11 -28.15 36.78
C GLU J 164 33.20 -28.81 37.81
N GLU J 165 32.14 -28.12 38.25
CA GLU J 165 31.23 -28.66 39.24
C GLU J 165 29.98 -29.28 38.63
N ALA J 166 29.58 -28.84 37.42
CA ALA J 166 28.39 -29.38 36.79
C ALA J 166 28.60 -30.80 36.25
N LYS J 167 29.84 -31.18 35.97
CA LYS J 167 30.12 -32.52 35.46
C LYS J 167 30.08 -33.58 36.55
N LEU J 168 30.14 -33.19 37.83
CA LEU J 168 30.12 -34.16 38.91
C LEU J 168 28.69 -34.60 39.23
N ASN J 169 27.75 -33.65 39.24
CA ASN J 169 26.36 -33.97 39.54
C ASN J 169 25.66 -34.58 38.34
N GLU K 1 -0.57 21.65 31.71
CA GLU K 1 0.47 21.03 30.89
C GLU K 1 1.39 20.15 31.74
N VAL K 2 2.45 19.64 31.12
CA VAL K 2 3.41 18.78 31.81
C VAL K 2 4.31 19.68 32.66
N GLN K 3 4.17 19.58 33.98
CA GLN K 3 4.96 20.40 34.89
C GLN K 3 5.11 19.68 36.22
N LEU K 4 6.13 20.07 36.97
CA LEU K 4 6.41 19.52 38.30
C LEU K 4 6.60 20.66 39.27
N VAL K 5 5.89 20.61 40.40
CA VAL K 5 5.93 21.64 41.42
C VAL K 5 6.59 21.07 42.66
N GLU K 6 7.67 21.71 43.10
CA GLU K 6 8.40 21.27 44.29
C GLU K 6 7.93 22.05 45.51
N SER K 7 7.94 21.36 46.66
CA SER K 7 7.54 21.96 47.93
C SER K 7 8.19 21.20 49.07
N GLY K 8 8.36 21.87 50.19
CA GLY K 8 8.96 21.26 51.37
C GLY K 8 10.19 21.99 51.87
N GLY K 9 10.30 23.28 51.56
CA GLY K 9 11.41 24.07 52.01
C GLY K 9 11.31 24.48 53.47
N GLY K 10 12.37 25.09 53.97
CA GLY K 10 12.43 25.55 55.33
C GLY K 10 13.84 25.45 55.87
N LEU K 11 13.94 25.40 57.19
CA LEU K 11 15.21 25.31 57.89
C LEU K 11 15.17 24.11 58.83
N VAL K 12 16.06 23.14 58.62
CA VAL K 12 16.11 21.92 59.39
C VAL K 12 17.45 21.85 60.10
N GLN K 13 17.42 21.64 61.42
CA GLN K 13 18.65 21.47 62.18
C GLN K 13 19.29 20.12 61.84
N PRO K 14 20.62 20.02 61.98
CA PRO K 14 21.27 18.72 61.76
C PRO K 14 20.90 17.71 62.83
N GLY K 15 20.57 16.50 62.39
CA GLY K 15 20.10 15.45 63.27
C GLY K 15 18.61 15.20 63.21
N GLY K 16 17.86 16.02 62.48
CA GLY K 16 16.44 15.87 62.33
C GLY K 16 16.05 15.17 61.04
N SER K 17 14.87 15.51 60.52
CA SER K 17 14.37 14.91 59.30
C SER K 17 13.58 15.95 58.51
N LEU K 18 13.39 15.66 57.22
CA LEU K 18 12.64 16.54 56.34
C LEU K 18 12.06 15.70 55.20
N ARG K 19 10.79 15.91 54.89
CA ARG K 19 10.11 15.18 53.83
C ARG K 19 9.76 16.16 52.72
N LEU K 20 10.26 15.88 51.51
CA LEU K 20 9.99 16.69 50.34
C LEU K 20 8.82 16.11 49.54
N SER K 21 8.22 16.94 48.71
CA SER K 21 7.08 16.54 47.91
C SER K 21 7.19 17.13 46.51
N CYS K 22 6.67 16.40 45.52
CA CYS K 22 6.65 16.83 44.13
C CYS K 22 5.31 16.47 43.53
N ALA K 23 4.59 17.48 43.05
CA ALA K 23 3.29 17.26 42.43
C ALA K 23 3.44 17.09 40.92
N ALA K 24 2.56 16.29 40.34
CA ALA K 24 2.58 16.00 38.91
C ALA K 24 1.17 16.10 38.35
N SER K 25 1.06 16.72 37.17
CA SER K 25 -0.24 16.89 36.52
C SER K 25 -0.03 17.03 35.03
N GLY K 26 -1.07 16.72 34.27
CA GLY K 26 -1.04 16.83 32.82
C GLY K 26 -0.48 15.63 32.10
N PHE K 27 -0.08 14.58 32.81
CA PHE K 27 0.46 13.38 32.18
C PHE K 27 0.21 12.19 33.11
N THR K 28 0.40 11.00 32.55
CA THR K 28 0.19 9.77 33.30
C THR K 28 1.37 9.54 34.25
N PHE K 29 1.07 9.40 35.54
CA PHE K 29 2.10 9.22 36.55
C PHE K 29 2.45 7.76 36.80
N SER K 30 1.54 6.83 36.50
CA SER K 30 1.74 5.42 36.80
C SER K 30 2.49 4.67 35.69
N THR K 31 2.98 5.38 34.68
CA THR K 31 3.70 4.74 33.58
C THR K 31 5.14 5.22 33.41
N TYR K 32 5.47 6.42 33.87
CA TYR K 32 6.81 6.97 33.71
C TYR K 32 7.63 6.80 34.97
N ASN K 33 8.93 7.05 34.85
CA ASN K 33 9.86 6.96 35.96
C ASN K 33 10.23 8.36 36.46
N MET K 34 10.65 8.42 37.72
CA MET K 34 11.00 9.67 38.37
C MET K 34 12.37 9.56 39.03
N ASN K 35 12.99 10.71 39.24
CA ASN K 35 14.31 10.81 39.85
C ASN K 35 14.34 11.99 40.80
N TRP K 36 15.48 12.15 41.48
CA TRP K 36 15.74 13.28 42.36
C TRP K 36 17.12 13.83 42.05
N VAL K 37 17.16 15.06 41.54
CA VAL K 37 18.41 15.72 41.17
C VAL K 37 18.50 17.03 41.95
N ARG K 38 19.56 17.18 42.73
CA ARG K 38 19.80 18.39 43.49
C ARG K 38 20.93 19.20 42.86
N GLN K 39 21.16 20.39 43.42
CA GLN K 39 22.20 21.28 42.91
C GLN K 39 22.76 22.07 44.08
N ALA K 40 24.00 21.75 44.47
CA ALA K 40 24.66 22.48 45.55
C ALA K 40 25.13 23.84 45.06
N PRO K 41 25.15 24.85 45.93
CA PRO K 41 25.71 26.17 45.55
C PRO K 41 27.21 26.07 45.32
N GLY K 42 27.63 26.31 44.09
CA GLY K 42 29.02 26.17 43.70
C GLY K 42 29.36 24.86 43.01
N LYS K 43 28.40 23.95 42.89
CA LYS K 43 28.60 22.67 42.23
C LYS K 43 27.56 22.50 41.14
N GLY K 44 27.56 21.33 40.50
CA GLY K 44 26.63 21.00 39.44
C GLY K 44 25.48 20.15 39.93
N LEU K 45 24.87 19.43 38.99
CA LEU K 45 23.75 18.56 39.29
C LEU K 45 24.25 17.26 39.92
N GLU K 46 23.39 16.63 40.72
CA GLU K 46 23.73 15.41 41.45
C GLU K 46 22.51 14.52 41.53
N TRP K 47 22.56 13.36 40.88
CA TRP K 47 21.49 12.39 40.97
C TRP K 47 21.48 11.71 42.33
N LEU K 48 20.28 11.47 42.87
CA LEU K 48 20.15 10.90 44.20
C LEU K 48 19.54 9.50 44.18
N SER K 49 18.35 9.33 43.60
CA SER K 49 17.67 8.05 43.66
C SER K 49 16.81 7.85 42.42
N TYR K 50 16.43 6.60 42.18
CA TYR K 50 15.60 6.20 41.05
C TYR K 50 14.55 5.23 41.54
N ILE K 51 13.32 5.37 41.01
CA ILE K 51 12.22 4.49 41.38
C ILE K 51 11.42 4.17 40.11
N SER K 52 10.82 2.99 40.09
CA SER K 52 10.01 2.53 38.98
C SER K 52 8.54 2.80 39.27
N THR K 53 7.66 2.29 38.41
CA THR K 53 6.23 2.46 38.61
C THR K 53 5.70 1.55 39.72
N SER K 54 6.26 0.35 39.85
CA SER K 54 5.85 -0.60 40.88
C SER K 54 6.67 -0.49 42.15
N SER K 55 7.66 0.41 42.18
CA SER K 55 8.55 0.66 43.32
C SER K 55 9.29 -0.60 43.77
N ASN K 56 9.72 -1.40 42.80
CA ASN K 56 10.48 -2.62 43.07
C ASN K 56 11.98 -2.42 42.90
N THR K 57 12.40 -1.78 41.81
CA THR K 57 13.81 -1.51 41.55
C THR K 57 14.11 -0.08 42.01
N ILE K 58 14.74 0.03 43.17
CA ILE K 58 15.06 1.33 43.77
C ILE K 58 16.58 1.44 43.87
N TYR K 59 17.13 2.52 43.30
CA TYR K 59 18.56 2.77 43.31
C TYR K 59 18.88 3.93 44.24
N TYR K 60 20.15 4.01 44.64
CA TYR K 60 20.64 5.09 45.49
C TYR K 60 22.05 5.46 45.06
N ALA K 61 22.40 6.72 45.28
CA ALA K 61 23.71 7.22 44.91
C ALA K 61 24.75 6.86 45.97
N ASP K 62 26.02 7.16 45.66
CA ASP K 62 27.10 6.90 46.60
C ASP K 62 27.13 7.89 47.74
N SER K 63 26.61 9.11 47.52
CA SER K 63 26.57 10.12 48.56
C SER K 63 25.39 9.94 49.52
N VAL K 64 24.48 9.01 49.23
CA VAL K 64 23.32 8.78 50.09
C VAL K 64 23.60 7.67 51.11
N LYS K 65 24.04 6.51 50.61
CA LYS K 65 24.33 5.31 51.41
C LYS K 65 23.13 4.86 52.24
N GLY K 66 21.93 4.96 51.65
CA GLY K 66 20.73 4.51 52.30
C GLY K 66 20.16 5.44 53.35
N ARG K 67 20.65 6.68 53.43
CA ARG K 67 20.11 7.63 54.40
C ARG K 67 18.78 8.21 53.97
N PHE K 68 18.48 8.24 52.68
CA PHE K 68 17.23 8.79 52.18
C PHE K 68 16.21 7.67 51.94
N THR K 69 14.95 8.06 51.83
CA THR K 69 13.86 7.14 51.58
C THR K 69 12.89 7.79 50.61
N ILE K 70 12.78 7.22 49.41
CA ILE K 70 11.96 7.77 48.34
C ILE K 70 10.72 6.90 48.17
N SER K 71 9.55 7.52 48.22
CA SER K 71 8.28 6.82 48.03
C SER K 71 7.43 7.59 47.04
N ARG K 72 6.41 6.91 46.51
CA ARG K 72 5.52 7.51 45.53
C ARG K 72 4.14 6.87 45.66
N ASP K 73 3.19 7.44 44.93
CA ASP K 73 1.83 6.92 44.90
C ASP K 73 1.27 7.13 43.50
N ASN K 74 0.88 6.02 42.85
CA ASN K 74 0.37 6.10 41.48
C ASN K 74 -1.05 6.64 41.41
N ALA K 75 -1.80 6.57 42.52
CA ALA K 75 -3.18 7.05 42.50
C ALA K 75 -3.26 8.56 42.74
N LYS K 76 -2.50 9.07 43.72
CA LYS K 76 -2.53 10.48 44.06
C LYS K 76 -1.58 11.32 43.22
N ASN K 77 -0.73 10.69 42.40
CA ASN K 77 0.24 11.33 41.49
C ASN K 77 1.19 12.24 42.27
N SER K 78 1.86 11.65 43.26
CA SER K 78 2.78 12.39 44.12
C SER K 78 4.08 11.62 44.28
N LEU K 79 5.12 12.34 44.67
CA LEU K 79 6.45 11.76 44.88
C LEU K 79 7.03 12.34 46.16
N PHE K 80 7.44 11.48 47.08
CA PHE K 80 7.94 11.89 48.38
C PHE K 80 9.37 11.41 48.59
N LEU K 81 10.12 12.16 49.38
CA LEU K 81 11.49 11.81 49.72
C LEU K 81 11.69 12.07 51.21
N GLN K 82 11.74 11.00 52.00
CA GLN K 82 11.95 11.10 53.44
C GLN K 82 13.45 11.12 53.70
N MET K 83 13.98 12.28 54.08
CA MET K 83 15.41 12.45 54.30
C MET K 83 15.72 12.37 55.80
N ASN K 84 16.78 11.65 56.13
CA ASN K 84 17.22 11.50 57.51
C ASN K 84 18.73 11.68 57.58
N SER K 85 19.21 11.95 58.80
CA SER K 85 20.62 12.18 59.12
C SER K 85 21.23 13.30 58.28
N LEU K 86 20.57 14.47 58.32
CA LEU K 86 21.00 15.61 57.54
C LEU K 86 22.21 16.28 58.18
N ARG K 87 23.18 16.63 57.35
CA ARG K 87 24.39 17.33 57.78
C ARG K 87 24.53 18.64 56.99
N ASP K 88 25.68 19.30 57.18
CA ASP K 88 25.91 20.58 56.52
C ASP K 88 26.20 20.44 55.03
N GLU K 89 26.58 19.24 54.57
CA GLU K 89 26.87 19.02 53.17
C GLU K 89 25.62 18.79 52.32
N ASP K 90 24.45 18.69 52.94
CA ASP K 90 23.21 18.44 52.23
C ASP K 90 22.49 19.72 51.83
N THR K 91 23.14 20.88 51.95
CA THR K 91 22.54 22.15 51.58
C THR K 91 22.56 22.29 50.06
N ALA K 92 21.40 22.14 49.43
CA ALA K 92 21.28 22.21 47.99
C ALA K 92 19.84 22.58 47.63
N VAL K 93 19.61 22.76 46.33
CA VAL K 93 18.27 23.04 45.80
C VAL K 93 17.79 21.75 45.12
N TYR K 94 16.77 21.13 45.70
CA TYR K 94 16.27 19.85 45.22
C TYR K 94 15.22 20.04 44.14
N TYR K 95 15.38 19.34 43.03
CA TYR K 95 14.43 19.35 41.93
C TYR K 95 13.76 18.00 41.79
N CYS K 96 12.92 17.88 40.76
CA CYS K 96 12.27 16.63 40.40
C CYS K 96 12.26 16.50 38.88
N ALA K 97 12.51 15.30 38.39
CA ALA K 97 12.66 15.08 36.95
C ALA K 97 12.00 13.76 36.55
N ARG K 98 11.62 13.70 35.28
CA ARG K 98 10.98 12.52 34.70
C ARG K 98 11.88 11.96 33.60
N ASP K 99 12.01 10.63 33.57
CA ASP K 99 12.82 9.98 32.55
C ASP K 99 12.14 10.03 31.19
N ARG K 100 12.95 9.90 30.14
CA ARG K 100 12.44 9.99 28.78
C ARG K 100 11.77 8.67 28.37
N GLY K 101 12.55 7.59 28.34
CA GLY K 101 12.04 6.26 28.09
C GLY K 101 12.49 5.64 26.77
N CYS K 102 12.53 6.43 25.70
CA CYS K 102 12.85 5.90 24.38
C CYS K 102 13.79 6.85 23.65
N SER K 103 14.12 6.50 22.42
CA SER K 103 15.03 7.29 21.59
C SER K 103 14.33 7.99 20.43
N SER K 104 13.04 7.74 20.21
CA SER K 104 12.31 8.37 19.12
C SER K 104 11.87 9.77 19.54
N THR K 105 11.16 10.45 18.63
CA THR K 105 10.67 11.79 18.94
C THR K 105 9.50 11.75 19.91
N ASN K 106 8.56 10.82 19.70
CA ASN K 106 7.41 10.65 20.57
C ASN K 106 7.47 9.25 21.17
N CYS K 107 7.73 9.18 22.47
CA CYS K 107 7.83 7.91 23.18
C CYS K 107 6.45 7.47 23.63
N TYR K 108 5.88 6.47 22.95
CA TYR K 108 4.59 5.92 23.34
C TYR K 108 4.70 4.76 24.33
N VAL K 109 5.86 4.11 24.38
CA VAL K 109 6.11 3.04 25.35
C VAL K 109 7.26 3.49 26.23
N VAL K 110 7.00 3.64 27.52
CA VAL K 110 8.00 4.11 28.48
C VAL K 110 8.98 2.98 28.75
N GLY K 111 10.27 3.28 28.62
CA GLY K 111 11.31 2.29 28.81
C GLY K 111 12.03 2.42 30.13
N TYR K 112 13.23 2.98 30.10
CA TYR K 112 14.07 3.12 31.28
C TYR K 112 14.84 4.42 31.19
N TYR K 113 15.87 4.56 32.02
CA TYR K 113 16.69 5.77 32.12
C TYR K 113 17.86 5.78 31.15
N PHE K 114 17.78 5.00 30.07
CA PHE K 114 18.90 4.89 29.14
C PHE K 114 19.02 6.07 28.18
N TYR K 115 18.06 7.01 28.18
CA TYR K 115 18.11 8.14 27.27
C TYR K 115 17.88 9.46 28.01
N GLY K 116 18.36 9.55 29.24
CA GLY K 116 18.32 10.81 29.98
C GLY K 116 16.92 11.18 30.47
N MET K 117 16.84 12.42 30.95
CA MET K 117 15.60 12.99 31.48
C MET K 117 15.28 14.28 30.74
N ASP K 118 14.00 14.52 30.51
CA ASP K 118 13.56 15.68 29.73
C ASP K 118 12.75 16.69 30.53
N VAL K 119 11.89 16.24 31.43
CA VAL K 119 11.03 17.11 32.21
C VAL K 119 11.77 17.56 33.45
N TRP K 120 11.65 18.85 33.79
CA TRP K 120 12.30 19.40 34.97
C TRP K 120 11.34 20.35 35.67
N GLY K 121 11.55 20.54 36.97
CA GLY K 121 10.71 21.37 37.80
C GLY K 121 11.38 22.66 38.23
N GLN K 122 10.69 23.38 39.12
CA GLN K 122 11.18 24.66 39.59
C GLN K 122 12.21 24.50 40.70
N GLY K 123 11.86 23.77 41.75
CA GLY K 123 12.77 23.51 42.85
C GLY K 123 12.50 24.41 44.05
N THR K 124 12.97 23.96 45.21
CA THR K 124 12.84 24.69 46.46
C THR K 124 14.19 24.74 47.17
N THR K 125 14.36 25.76 48.01
CA THR K 125 15.61 25.98 48.72
C THR K 125 15.59 25.22 50.04
N VAL K 126 16.55 24.31 50.22
CA VAL K 126 16.70 23.53 51.44
C VAL K 126 18.09 23.81 52.00
N THR K 127 18.14 24.32 53.23
CA THR K 127 19.39 24.66 53.88
C THR K 127 19.43 23.97 55.24
N VAL K 128 20.48 23.18 55.48
CA VAL K 128 20.67 22.46 56.74
C VAL K 128 21.97 22.97 57.36
N SER K 129 21.86 23.64 58.50
CA SER K 129 23.02 24.16 59.20
C SER K 129 22.72 24.23 60.69
N SER K 130 23.78 24.17 61.50
CA SER K 130 23.64 24.21 62.95
C SER K 130 23.43 25.61 63.50
N ALA K 131 23.69 26.65 62.71
CA ALA K 131 23.50 28.02 63.16
C ALA K 131 22.02 28.37 63.20
N SER K 132 21.62 29.16 64.19
CA SER K 132 20.24 29.57 64.35
C SER K 132 19.97 30.81 63.51
N THR K 133 18.71 31.28 63.56
CA THR K 133 18.31 32.46 62.81
C THR K 133 18.84 33.71 63.51
N LYS K 134 19.61 34.52 62.78
CA LYS K 134 20.19 35.73 63.32
C LYS K 134 19.95 36.87 62.34
N GLY K 135 19.54 38.03 62.84
CA GLY K 135 19.28 39.18 62.03
C GLY K 135 20.56 39.79 61.49
N PRO K 136 20.47 40.48 60.36
CA PRO K 136 21.65 41.07 59.74
C PRO K 136 22.13 42.31 60.48
N SER K 137 23.42 42.60 60.30
CA SER K 137 24.06 43.78 60.89
C SER K 137 24.35 44.76 59.76
N VAL K 138 23.67 45.91 59.80
CA VAL K 138 23.76 46.91 58.75
C VAL K 138 24.71 48.02 59.21
N PHE K 139 25.72 48.32 58.38
CA PHE K 139 26.66 49.38 58.66
C PHE K 139 26.87 50.17 57.37
N PRO K 140 26.64 51.48 57.37
CA PRO K 140 26.82 52.27 56.16
C PRO K 140 28.29 52.54 55.87
N LEU K 141 28.59 52.65 54.58
CA LEU K 141 29.94 52.94 54.13
C LEU K 141 30.11 54.43 53.89
N ALA K 142 31.31 54.92 54.19
CA ALA K 142 31.60 56.33 54.00
C ALA K 142 31.85 56.63 52.52
N PRO K 143 31.21 57.65 51.96
CA PRO K 143 31.44 57.97 50.55
C PRO K 143 32.75 58.70 50.33
N SER K 144 33.32 58.51 49.15
CA SER K 144 34.59 59.13 48.80
C SER K 144 34.67 59.26 47.28
N SER K 145 35.52 60.18 46.85
CA SER K 145 35.74 60.46 45.43
C SER K 145 37.16 60.03 45.08
N LYS K 146 37.29 58.84 44.49
CA LYS K 146 38.59 58.29 44.12
C LYS K 146 38.83 58.26 42.62
N SER K 147 37.78 58.24 41.81
CA SER K 147 37.91 58.21 40.35
C SER K 147 38.28 59.61 39.88
N THR K 148 39.58 59.87 39.76
CA THR K 148 40.05 61.18 39.33
C THR K 148 39.90 61.37 37.83
N SER K 149 40.33 60.38 37.04
CA SER K 149 40.25 60.47 35.59
C SER K 149 38.83 60.28 35.08
N GLY K 150 37.99 59.59 35.82
CA GLY K 150 36.62 59.37 35.41
C GLY K 150 35.67 60.43 35.92
N GLY K 151 36.01 61.04 37.05
CA GLY K 151 35.18 62.08 37.63
C GLY K 151 33.92 61.60 38.29
N THR K 152 33.88 60.33 38.73
CA THR K 152 32.72 59.75 39.39
C THR K 152 33.09 59.34 40.81
N ALA K 153 32.11 58.81 41.53
CA ALA K 153 32.30 58.35 42.90
C ALA K 153 31.42 57.11 43.11
N ALA K 154 31.40 56.61 44.35
CA ALA K 154 30.62 55.44 44.67
C ALA K 154 30.27 55.46 46.15
N LEU K 155 29.16 54.83 46.50
CA LEU K 155 28.72 54.67 47.88
C LEU K 155 27.87 53.42 47.99
N GLY K 156 27.67 52.97 49.21
CA GLY K 156 26.87 51.78 49.43
C GLY K 156 26.79 51.42 50.89
N CYS K 157 26.39 50.17 51.15
CA CYS K 157 26.25 49.65 52.50
C CYS K 157 26.73 48.21 52.53
N LEU K 158 27.15 47.77 53.72
CA LEU K 158 27.67 46.42 53.91
C LEU K 158 26.74 45.66 54.85
N VAL K 159 26.24 44.51 54.39
CA VAL K 159 25.36 43.65 55.15
C VAL K 159 26.10 42.35 55.44
N LYS K 160 26.20 42.00 56.72
CA LYS K 160 26.92 40.81 57.12
C LYS K 160 26.28 40.21 58.36
N ASP K 161 26.69 38.98 58.68
CA ASP K 161 26.25 38.22 59.86
C ASP K 161 24.74 38.03 59.89
N TYR K 162 24.23 37.30 58.90
CA TYR K 162 22.82 36.97 58.82
C TYR K 162 22.67 35.49 58.48
N PHE K 163 21.45 34.98 58.70
CA PHE K 163 21.11 33.60 58.40
C PHE K 163 19.60 33.47 58.29
N PRO K 164 19.07 32.81 57.24
CA PRO K 164 19.81 32.21 56.12
C PRO K 164 19.87 33.10 54.89
N GLU K 165 20.40 32.55 53.80
CA GLU K 165 20.48 33.22 52.51
C GLU K 165 19.13 33.16 51.80
N PRO K 166 18.81 34.16 50.96
CA PRO K 166 19.52 35.41 50.65
C PRO K 166 18.89 36.65 51.28
N VAL K 167 19.45 37.82 50.95
CA VAL K 167 18.92 39.11 51.38
C VAL K 167 18.81 39.99 50.16
N THR K 168 17.60 40.49 49.89
CA THR K 168 17.36 41.39 48.77
C THR K 168 17.62 42.82 49.22
N VAL K 169 18.70 43.42 48.72
CA VAL K 169 19.08 44.78 49.09
C VAL K 169 18.66 45.72 47.97
N SER K 170 17.89 46.74 48.33
CA SER K 170 17.41 47.74 47.37
C SER K 170 17.74 49.13 47.90
N TRP K 171 17.36 50.14 47.14
CA TRP K 171 17.61 51.54 47.49
C TRP K 171 16.35 52.35 47.24
N ASN K 172 15.92 53.10 48.27
CA ASN K 172 14.74 53.97 48.25
C ASN K 172 13.47 53.19 47.90
N SER K 173 13.37 51.97 48.44
CA SER K 173 12.23 51.05 48.24
C SER K 173 11.99 50.74 46.77
N GLY K 174 13.08 50.57 46.01
CA GLY K 174 13.00 50.24 44.60
C GLY K 174 12.91 51.42 43.66
N ALA K 175 12.96 52.65 44.17
CA ALA K 175 12.87 53.82 43.29
C ALA K 175 14.19 54.08 42.57
N LEU K 176 15.32 53.88 43.26
CA LEU K 176 16.62 54.10 42.66
C LEU K 176 17.05 52.88 41.86
N THR K 177 17.28 53.07 40.57
CA THR K 177 17.70 51.99 39.69
C THR K 177 19.01 52.25 38.96
N SER K 178 19.49 53.49 38.91
CA SER K 178 20.71 53.83 38.20
C SER K 178 21.92 53.49 39.06
N GLY K 179 22.77 52.59 38.59
CA GLY K 179 23.98 52.22 39.29
C GLY K 179 23.81 51.18 40.37
N VAL K 180 22.61 50.65 40.56
CA VAL K 180 22.36 49.66 41.61
C VAL K 180 22.80 48.29 41.11
N HIS K 181 23.71 47.66 41.85
CA HIS K 181 24.22 46.33 41.51
C HIS K 181 24.22 45.48 42.77
N THR K 182 23.58 44.31 42.69
CA THR K 182 23.47 43.41 43.83
C THR K 182 24.50 42.29 43.69
N PHE K 183 25.36 42.16 44.70
CA PHE K 183 26.39 41.14 44.75
C PHE K 183 25.85 39.88 45.42
N PRO K 184 26.27 38.69 44.96
CA PRO K 184 25.78 37.45 45.56
C PRO K 184 26.35 37.22 46.95
N ALA K 185 25.69 36.34 47.69
CA ALA K 185 26.09 36.03 49.05
C ALA K 185 27.20 34.98 49.07
N VAL K 186 28.23 35.24 49.88
CA VAL K 186 29.36 34.34 50.04
C VAL K 186 29.38 33.89 51.50
N LEU K 187 29.42 32.57 51.70
CA LEU K 187 29.44 32.02 53.05
C LEU K 187 30.81 32.21 53.70
N GLN K 188 30.83 32.77 54.90
CA GLN K 188 32.07 33.00 55.62
C GLN K 188 32.47 31.75 56.39
N SER K 189 33.58 31.85 57.12
CA SER K 189 34.07 30.72 57.90
C SER K 189 33.31 30.51 59.20
N SER K 190 32.60 31.54 59.68
CA SER K 190 31.85 31.43 60.93
C SER K 190 30.47 30.80 60.75
N GLY K 191 30.05 30.53 59.52
CA GLY K 191 28.75 29.94 59.27
C GLY K 191 27.66 30.92 58.86
N LEU K 192 28.01 32.17 58.62
CA LEU K 192 27.05 33.20 58.22
C LEU K 192 27.43 33.77 56.86
N TYR K 193 26.43 34.32 56.17
CA TYR K 193 26.63 34.86 54.83
C TYR K 193 26.90 36.36 54.89
N SER K 194 27.33 36.90 53.75
CA SER K 194 27.63 38.33 53.64
C SER K 194 27.49 38.75 52.18
N LEU K 195 26.99 39.97 51.98
CA LEU K 195 26.84 40.52 50.63
C LEU K 195 27.00 42.03 50.70
N SER K 196 27.11 42.65 49.52
CA SER K 196 27.27 44.09 49.42
C SER K 196 26.42 44.62 48.28
N SER K 197 26.24 45.93 48.26
CA SER K 197 25.47 46.61 47.22
C SER K 197 25.96 48.04 47.12
N VAL K 198 26.25 48.48 45.89
CA VAL K 198 26.82 49.81 45.65
C VAL K 198 25.94 50.55 44.66
N VAL K 199 26.06 51.88 44.70
CA VAL K 199 25.35 52.78 43.79
C VAL K 199 26.37 53.75 43.21
N THR K 200 26.49 53.77 41.88
CA THR K 200 27.44 54.64 41.20
C THR K 200 26.83 56.03 41.02
N VAL K 201 27.43 57.02 41.64
CA VAL K 201 26.95 58.41 41.57
C VAL K 201 28.09 59.30 41.12
N PRO K 202 27.82 60.42 40.44
CA PRO K 202 28.88 61.36 40.10
C PRO K 202 29.40 62.09 41.34
N SER K 203 30.60 62.66 41.20
CA SER K 203 31.26 63.34 42.30
C SER K 203 30.80 64.79 42.48
N SER K 204 29.86 65.26 41.66
CA SER K 204 29.37 66.63 41.80
C SER K 204 28.44 66.78 43.00
N SER K 205 27.68 65.74 43.32
CA SER K 205 26.76 65.73 44.44
C SER K 205 27.10 64.61 45.41
N LEU K 206 28.38 64.44 45.72
CA LEU K 206 28.81 63.37 46.62
C LEU K 206 28.51 63.71 48.08
N GLY K 207 28.97 64.87 48.54
CA GLY K 207 28.77 65.29 49.91
C GLY K 207 27.46 66.00 50.19
N THR K 208 26.55 66.06 49.22
CA THR K 208 25.27 66.72 49.40
C THR K 208 24.08 65.78 49.28
N GLN K 209 24.12 64.84 48.34
CA GLN K 209 23.02 63.91 48.11
C GLN K 209 23.19 62.67 48.98
N THR K 210 22.14 62.31 49.70
CA THR K 210 22.14 61.13 50.56
C THR K 210 21.15 60.10 50.02
N TYR K 211 21.33 58.86 50.45
CA TYR K 211 20.48 57.76 50.01
C TYR K 211 20.15 56.87 51.21
N ILE K 212 19.10 56.07 51.06
CA ILE K 212 18.63 55.16 52.09
C ILE K 212 18.88 53.74 51.61
N CYS K 213 19.67 52.99 52.37
CA CYS K 213 19.99 51.61 52.04
C CYS K 213 18.97 50.70 52.70
N ASN K 214 18.12 50.06 51.89
CA ASN K 214 17.06 49.20 52.38
C ASN K 214 17.55 47.75 52.42
N VAL K 215 17.45 47.12 53.58
CA VAL K 215 17.85 45.73 53.78
C VAL K 215 16.60 44.93 54.09
N ASN K 216 16.35 43.88 53.30
CA ASN K 216 15.16 43.04 53.45
C ASN K 216 15.60 41.59 53.58
N HIS K 217 15.43 41.02 54.77
CA HIS K 217 15.74 39.63 55.04
C HIS K 217 14.43 38.85 55.08
N LYS K 218 14.17 38.07 54.03
CA LYS K 218 12.88 37.42 53.82
C LYS K 218 12.55 36.27 54.79
N PRO K 219 13.46 35.31 55.10
CA PRO K 219 13.04 34.27 56.06
C PRO K 219 12.93 34.75 57.50
N SER K 220 13.70 35.76 57.90
CA SER K 220 13.66 36.25 59.26
C SER K 220 12.72 37.43 59.45
N ASN K 221 12.13 37.94 58.35
CA ASN K 221 11.21 39.09 58.34
C ASN K 221 11.85 40.33 58.97
N THR K 222 13.11 40.57 58.66
CA THR K 222 13.87 41.69 59.22
C THR K 222 14.01 42.77 58.16
N LYS K 223 13.56 43.98 58.47
CA LYS K 223 13.66 45.13 57.58
C LYS K 223 14.34 46.26 58.33
N VAL K 224 15.60 46.53 57.98
CA VAL K 224 16.39 47.57 58.62
C VAL K 224 16.77 48.60 57.56
N ASP K 225 16.39 49.85 57.81
CA ASP K 225 16.72 50.97 56.92
C ASP K 225 17.77 51.83 57.60
N LYS K 226 18.88 52.07 56.90
CA LYS K 226 19.99 52.85 57.44
C LYS K 226 20.37 53.93 56.44
N LYS K 227 20.46 55.17 56.93
CA LYS K 227 20.83 56.30 56.07
C LYS K 227 22.34 56.30 55.85
N VAL K 228 22.75 56.43 54.60
CA VAL K 228 24.16 56.46 54.22
C VAL K 228 24.55 57.90 53.95
N GLU K 229 25.47 58.42 54.76
CA GLU K 229 25.93 59.80 54.61
C GLU K 229 27.40 59.93 54.98
N ASP L 1 32.06 5.43 41.86
CA ASP L 1 31.17 5.71 40.74
C ASP L 1 31.94 5.94 39.45
N ILE L 2 31.21 6.10 38.35
CA ILE L 2 31.82 6.36 37.05
C ILE L 2 31.94 7.88 36.91
N GLN L 3 33.16 8.38 37.05
CA GLN L 3 33.41 9.81 37.06
C GLN L 3 33.36 10.37 35.64
N MET L 4 33.12 11.68 35.56
CA MET L 4 33.07 12.41 34.29
C MET L 4 34.08 13.54 34.31
N THR L 5 34.51 13.94 33.12
CA THR L 5 35.52 14.98 32.97
C THR L 5 35.15 15.89 31.81
N GLN L 6 35.10 17.19 32.08
CA GLN L 6 34.83 18.20 31.06
C GLN L 6 36.08 19.04 30.82
N SER L 7 36.17 19.62 29.61
CA SER L 7 37.30 20.47 29.24
C SER L 7 36.88 21.44 28.15
N PRO L 8 37.14 22.75 28.32
CA PRO L 8 37.74 23.37 29.50
C PRO L 8 36.72 23.75 30.56
N SER L 9 37.14 24.57 31.53
CA SER L 9 36.23 24.99 32.59
C SER L 9 35.34 26.14 32.15
N SER L 10 35.82 27.01 31.26
CA SER L 10 35.05 28.14 30.78
C SER L 10 35.48 28.49 29.37
N VAL L 11 34.51 28.77 28.52
CA VAL L 11 34.75 29.12 27.12
C VAL L 11 34.27 30.54 26.89
N SER L 12 35.16 31.39 26.35
CA SER L 12 34.85 32.78 26.06
C SER L 12 34.89 32.96 24.55
N ALA L 13 33.71 33.06 23.94
CA ALA L 13 33.59 33.24 22.50
C ALA L 13 32.53 34.29 22.22
N SER L 14 32.52 34.79 20.98
CA SER L 14 31.59 35.81 20.56
C SER L 14 30.45 35.18 19.76
N VAL L 15 29.49 36.02 19.36
CA VAL L 15 28.34 35.56 18.60
C VAL L 15 28.76 35.34 17.15
N GLY L 16 28.55 34.12 16.66
CA GLY L 16 28.90 33.75 15.30
C GLY L 16 30.09 32.82 15.19
N ASP L 17 30.90 32.71 16.25
CA ASP L 17 32.07 31.85 16.23
C ASP L 17 31.68 30.42 16.57
N ARG L 18 32.68 29.53 16.56
CA ARG L 18 32.48 28.12 16.86
C ARG L 18 32.87 27.83 18.30
N VAL L 19 31.99 27.15 19.02
CA VAL L 19 32.23 26.78 20.41
C VAL L 19 32.31 25.26 20.47
N THR L 20 33.43 24.75 20.95
CA THR L 20 33.68 23.32 21.05
C THR L 20 33.88 22.96 22.52
N ILE L 21 32.90 22.28 23.10
CA ILE L 21 32.95 21.83 24.49
C ILE L 21 32.91 20.31 24.49
N THR L 22 33.92 19.69 25.08
CA THR L 22 34.04 18.24 25.11
C THR L 22 33.74 17.71 26.51
N CYS L 23 33.35 16.43 26.56
CA CYS L 23 33.06 15.77 27.82
C CYS L 23 33.38 14.29 27.64
N ARG L 24 34.50 13.86 28.21
CA ARG L 24 34.99 12.50 28.05
C ARG L 24 34.61 11.67 29.28
N ALA L 25 34.07 10.48 29.03
CA ALA L 25 33.72 9.55 30.10
C ALA L 25 34.92 8.69 30.45
N SER L 26 34.96 8.25 31.71
CA SER L 26 36.07 7.42 32.17
C SER L 26 35.99 5.99 31.65
N GLN L 27 34.79 5.53 31.28
CA GLN L 27 34.60 4.20 30.71
C GLN L 27 33.87 4.31 29.39
N GLY L 28 33.87 3.20 28.64
CA GLY L 28 33.25 3.20 27.33
C GLY L 28 31.74 3.06 27.43
N ILE L 29 31.02 3.92 26.71
CA ILE L 29 29.56 3.87 26.65
C ILE L 29 29.14 3.69 25.20
N SER L 30 29.56 4.61 24.33
CA SER L 30 29.46 4.61 22.87
C SER L 30 28.04 4.77 22.34
N SER L 31 27.02 4.81 23.19
CA SER L 31 25.65 4.95 22.70
C SER L 31 24.78 5.92 23.49
N TYR L 32 25.09 6.21 24.76
CA TYR L 32 24.20 6.98 25.61
C TYR L 32 24.97 8.14 26.24
N LEU L 33 24.53 9.36 25.95
CA LEU L 33 25.10 10.56 26.54
C LEU L 33 24.07 11.68 26.46
N ALA L 34 23.90 12.39 27.57
CA ALA L 34 22.93 13.47 27.66
C ALA L 34 23.65 14.81 27.72
N TRP L 35 22.90 15.87 27.43
CA TRP L 35 23.42 17.23 27.48
C TRP L 35 22.32 18.17 27.93
N TYR L 36 22.60 18.97 28.97
CA TYR L 36 21.63 19.89 29.53
C TYR L 36 22.14 21.32 29.42
N GLN L 37 21.20 22.26 29.44
CA GLN L 37 21.48 23.69 29.43
C GLN L 37 20.93 24.28 30.73
N LEU L 38 21.78 24.38 31.74
CA LEU L 38 21.37 24.84 33.06
C LEU L 38 21.55 26.36 33.17
N LYS L 39 20.49 27.04 33.59
CA LYS L 39 20.51 28.48 33.78
C LYS L 39 20.27 28.81 35.26
N PRO L 40 20.87 29.87 35.78
CA PRO L 40 20.64 30.26 37.18
C PRO L 40 19.23 30.81 37.36
N GLY L 41 18.46 30.17 38.25
CA GLY L 41 17.10 30.58 38.51
C GLY L 41 16.07 29.99 37.58
N ARG L 42 16.46 29.12 36.66
CA ARG L 42 15.54 28.50 35.72
C ARG L 42 15.78 27.00 35.68
N ALA L 43 14.83 26.28 35.10
CA ALA L 43 14.92 24.83 34.97
C ALA L 43 15.82 24.46 33.80
N PRO L 44 16.62 23.41 33.91
CA PRO L 44 17.47 22.99 32.78
C PRO L 44 16.65 22.33 31.69
N LYS L 45 17.19 22.38 30.48
CA LYS L 45 16.55 21.84 29.29
C LYS L 45 17.47 20.83 28.62
N LEU L 46 16.92 19.66 28.31
CA LEU L 46 17.69 18.63 27.63
C LEU L 46 17.88 19.00 26.16
N LEU L 47 19.13 19.15 25.74
CA LEU L 47 19.45 19.50 24.36
C LEU L 47 19.74 18.26 23.51
N ILE L 48 20.76 17.50 23.90
CA ILE L 48 21.20 16.33 23.16
C ILE L 48 20.99 15.10 24.04
N TYR L 49 20.39 14.05 23.44
CA TYR L 49 20.19 12.78 24.12
C TYR L 49 20.79 11.67 23.28
N GLY L 50 21.56 10.79 23.91
CA GLY L 50 22.22 9.71 23.22
C GLY L 50 23.38 10.12 22.34
N ALA L 51 23.79 11.39 22.37
CA ALA L 51 24.89 11.99 21.61
C ALA L 51 24.74 11.84 20.10
N THR L 52 23.52 11.61 19.60
CA THR L 52 23.30 11.48 18.17
C THR L 52 22.13 12.34 17.69
N ARG L 53 21.14 12.55 18.56
CA ARG L 53 19.89 13.19 18.18
C ARG L 53 19.67 14.44 19.01
N LEU L 54 18.64 15.20 18.63
CA LEU L 54 18.26 16.43 19.31
C LEU L 54 16.84 16.31 19.85
N GLN L 55 16.61 16.91 21.02
CA GLN L 55 15.28 16.90 21.62
C GLN L 55 14.35 17.85 20.85
N SER L 56 13.06 17.54 20.90
CA SER L 56 12.07 18.40 20.27
C SER L 56 11.96 19.73 21.01
N GLY L 57 11.84 20.81 20.25
CA GLY L 57 11.87 22.15 20.80
C GLY L 57 13.25 22.78 20.83
N VAL L 58 14.30 21.98 20.71
CA VAL L 58 15.68 22.49 20.64
C VAL L 58 15.98 22.84 19.19
N PRO L 59 16.55 24.02 18.92
CA PRO L 59 16.91 24.37 17.53
C PRO L 59 18.06 23.53 17.02
N SER L 60 18.26 23.59 15.70
CA SER L 60 19.25 22.78 15.01
C SER L 60 20.66 23.37 15.04
N ARG L 61 20.90 24.38 15.88
CA ARG L 61 22.25 24.95 15.98
C ARG L 61 23.20 24.02 16.72
N PHE L 62 22.68 23.18 17.61
CA PHE L 62 23.51 22.25 18.35
C PHE L 62 23.74 20.97 17.54
N SER L 63 24.89 20.35 17.76
CA SER L 63 25.24 19.12 17.07
C SER L 63 26.18 18.31 17.95
N GLY L 64 25.99 16.99 17.97
CA GLY L 64 26.80 16.13 18.79
C GLY L 64 27.03 14.76 18.16
N SER L 65 28.24 14.23 18.33
CA SER L 65 28.58 12.92 17.77
C SER L 65 29.71 12.34 18.61
N GLY L 66 30.09 11.12 18.25
CA GLY L 66 31.17 10.42 18.94
C GLY L 66 30.85 8.95 19.13
N SER L 67 31.90 8.14 19.20
CA SER L 67 31.76 6.70 19.41
C SER L 67 32.84 6.25 20.37
N GLY L 68 32.43 5.75 21.54
CA GLY L 68 33.36 5.30 22.55
C GLY L 68 33.39 6.22 23.76
N THR L 69 34.51 6.91 23.95
CA THR L 69 34.67 7.84 25.06
C THR L 69 34.86 9.29 24.63
N ASP L 70 35.11 9.54 23.35
CA ASP L 70 35.35 10.89 22.85
C ASP L 70 34.08 11.43 22.21
N PHE L 71 33.60 12.57 22.70
CA PHE L 71 32.40 13.21 22.19
C PHE L 71 32.66 14.70 22.03
N THR L 72 31.98 15.30 21.05
CA THR L 72 32.22 16.69 20.70
C THR L 72 30.89 17.40 20.49
N LEU L 73 30.71 18.53 21.17
CA LEU L 73 29.55 19.39 21.01
C LEU L 73 29.95 20.59 20.18
N THR L 74 29.45 20.66 18.95
CA THR L 74 29.81 21.71 18.00
C THR L 74 28.65 22.69 17.89
N ILE L 75 28.92 23.97 18.14
CA ILE L 75 27.94 25.04 18.07
C ILE L 75 28.41 26.00 16.99
N SER L 76 27.76 25.95 15.83
CA SER L 76 28.07 26.85 14.72
C SER L 76 26.99 27.89 14.49
N GLY L 77 25.96 27.93 15.34
CA GLY L 77 24.88 28.87 15.22
C GLY L 77 24.59 29.58 16.52
N LEU L 78 25.65 30.01 17.21
CA LEU L 78 25.54 30.54 18.56
C LEU L 78 24.76 31.86 18.59
N GLN L 79 23.80 31.94 19.50
CA GLN L 79 22.96 33.09 19.74
C GLN L 79 23.34 33.76 21.05
N PRO L 80 23.00 35.04 21.25
CA PRO L 80 23.28 35.69 22.54
C PRO L 80 22.47 35.12 23.70
N GLU L 81 21.36 34.42 23.45
CA GLU L 81 20.56 33.82 24.52
C GLU L 81 21.11 32.48 24.98
N ASP L 82 22.16 31.96 24.35
CA ASP L 82 22.69 30.64 24.66
C ASP L 82 23.91 30.68 25.57
N PHE L 83 24.30 31.84 26.07
CA PHE L 83 25.45 31.95 26.96
C PHE L 83 25.03 31.49 28.35
N ALA L 84 25.23 30.20 28.60
CA ALA L 84 24.86 29.59 29.88
C ALA L 84 25.83 28.44 30.17
N THR L 85 25.54 27.70 31.23
CA THR L 85 26.38 26.57 31.64
C THR L 85 25.79 25.27 31.11
N TYR L 86 26.63 24.44 30.50
CA TYR L 86 26.21 23.17 29.94
C TYR L 86 26.79 22.03 30.76
N HIS L 87 26.01 20.94 30.87
CA HIS L 87 26.39 19.78 31.66
C HIS L 87 26.11 18.51 30.86
N CYS L 88 27.01 17.54 30.97
CA CYS L 88 26.83 16.23 30.36
C CYS L 88 26.44 15.20 31.41
N GLN L 89 25.63 14.22 31.00
CA GLN L 89 25.12 13.19 31.90
C GLN L 89 25.27 11.83 31.24
N GLN L 90 25.79 10.87 32.00
CA GLN L 90 25.86 9.48 31.56
C GLN L 90 24.55 8.78 31.91
N ALA L 91 24.00 8.04 30.94
CA ALA L 91 22.70 7.40 31.12
C ALA L 91 22.80 5.91 31.45
N ASP L 92 23.99 5.32 31.34
CA ASP L 92 24.16 3.89 31.60
C ASP L 92 25.61 3.63 31.98
N SER L 93 25.84 2.90 33.08
CA SER L 93 24.80 2.41 33.98
C SER L 93 24.58 3.37 35.15
N PHE L 94 23.84 2.92 36.15
CA PHE L 94 23.67 3.70 37.36
C PHE L 94 24.99 3.75 38.14
N PRO L 95 25.30 4.88 38.80
CA PRO L 95 24.55 6.14 38.95
C PRO L 95 24.62 7.06 37.73
N LEU L 96 23.63 7.94 37.60
CA LEU L 96 23.58 8.91 36.52
C LEU L 96 24.45 10.10 36.91
N THR L 97 25.75 9.94 36.67
CA THR L 97 26.73 10.96 37.05
C THR L 97 26.67 12.14 36.09
N PHE L 98 26.47 13.34 36.64
CA PHE L 98 26.45 14.55 35.84
C PHE L 98 27.86 15.10 35.66
N GLY L 99 27.99 16.09 34.78
CA GLY L 99 29.26 16.69 34.48
C GLY L 99 29.64 17.77 35.48
N GLN L 100 30.77 18.42 35.19
CA GLN L 100 31.26 19.48 36.07
C GLN L 100 30.62 20.82 35.73
N GLY L 101 30.45 21.11 34.46
CA GLY L 101 29.85 22.37 34.04
C GLY L 101 30.87 23.27 33.36
N THR L 102 30.44 23.93 32.29
CA THR L 102 31.30 24.82 31.53
C THR L 102 30.52 26.11 31.25
N ARG L 103 30.95 27.21 31.85
CA ARG L 103 30.27 28.49 31.68
C ARG L 103 30.70 29.13 30.36
N LEU L 104 29.72 29.53 29.56
CA LEU L 104 29.97 30.17 28.27
C LEU L 104 29.87 31.67 28.45
N GLU L 105 30.93 32.39 28.10
CA GLU L 105 31.01 33.83 28.29
C GLU L 105 31.12 34.54 26.95
N ILE L 106 30.72 35.81 26.94
CA ILE L 106 30.76 36.64 25.74
C ILE L 106 32.14 37.27 25.62
N LYS L 107 32.76 37.12 24.46
CA LYS L 107 34.08 37.68 24.21
C LYS L 107 33.94 39.12 23.70
N ARG L 108 34.70 40.03 24.31
CA ARG L 108 34.67 41.44 23.92
C ARG L 108 36.05 42.03 24.16
N THR L 109 36.15 43.35 24.03
CA THR L 109 37.42 44.05 24.23
C THR L 109 37.72 44.19 25.71
N VAL L 110 39.02 44.13 26.04
CA VAL L 110 39.45 44.27 27.43
C VAL L 110 39.32 45.73 27.86
N ALA L 111 38.65 45.96 28.98
CA ALA L 111 38.43 47.29 29.52
C ALA L 111 39.12 47.46 30.86
N ALA L 112 39.46 48.70 31.19
CA ALA L 112 40.16 48.99 32.44
C ALA L 112 39.14 49.18 33.57
N PRO L 113 39.41 48.61 34.75
CA PRO L 113 38.48 48.78 35.87
C PRO L 113 38.60 50.14 36.53
N SER L 114 37.51 50.55 37.17
CA SER L 114 37.48 51.79 37.95
C SER L 114 37.54 51.43 39.43
N VAL L 115 38.64 51.82 40.08
CA VAL L 115 38.90 51.40 41.45
C VAL L 115 38.20 52.35 42.41
N PHE L 116 37.40 51.79 43.31
CA PHE L 116 36.76 52.53 44.38
C PHE L 116 37.04 51.83 45.71
N ILE L 117 37.08 52.60 46.78
CA ILE L 117 37.36 52.09 48.12
C ILE L 117 36.56 52.90 49.13
N PHE L 118 35.88 52.22 50.05
CA PHE L 118 35.02 52.86 51.02
C PHE L 118 35.66 52.80 52.40
N PRO L 119 35.88 53.94 53.06
CA PRO L 119 36.40 53.89 54.42
C PRO L 119 35.32 53.45 55.40
N PRO L 120 35.69 52.83 56.51
CA PRO L 120 34.69 52.43 57.50
C PRO L 120 34.13 53.63 58.25
N SER L 121 32.86 53.52 58.62
CA SER L 121 32.18 54.59 59.34
C SER L 121 32.31 54.38 60.85
N ASP L 122 31.79 55.33 61.62
CA ASP L 122 31.86 55.26 63.08
C ASP L 122 30.87 54.26 63.67
N GLU L 123 29.83 53.89 62.92
CA GLU L 123 28.85 52.94 63.42
C GLU L 123 29.35 51.50 63.40
N GLN L 124 30.39 51.21 62.61
CA GLN L 124 30.92 49.86 62.52
C GLN L 124 32.11 49.63 63.45
N LEU L 125 32.89 50.67 63.72
CA LEU L 125 34.04 50.52 64.60
C LEU L 125 33.62 50.37 66.07
N LYS L 126 32.54 51.02 66.46
CA LYS L 126 32.06 50.93 67.84
C LYS L 126 31.42 49.58 68.15
N SER L 127 31.03 48.82 67.12
CA SER L 127 30.45 47.50 67.33
C SER L 127 31.48 46.44 67.68
N GLY L 128 32.76 46.71 67.46
CA GLY L 128 33.82 45.78 67.79
C GLY L 128 34.52 45.17 66.59
N THR L 129 33.96 45.31 65.39
CA THR L 129 34.56 44.75 64.18
C THR L 129 34.25 45.67 63.01
N ALA L 130 35.30 46.22 62.40
CA ALA L 130 35.18 47.10 61.26
C ALA L 130 35.65 46.40 59.99
N SER L 131 35.20 46.90 58.85
CA SER L 131 35.54 46.32 57.56
C SER L 131 35.68 47.42 56.52
N VAL L 132 36.60 47.21 55.59
CA VAL L 132 36.85 48.13 54.48
C VAL L 132 36.47 47.42 53.18
N VAL L 133 35.66 48.07 52.36
CA VAL L 133 35.14 47.50 51.13
C VAL L 133 35.83 48.18 49.96
N CYS L 134 36.35 47.36 49.03
CA CYS L 134 36.95 47.85 47.80
C CYS L 134 36.09 47.42 46.62
N LEU L 135 35.86 48.33 45.69
CA LEU L 135 34.90 48.14 44.60
C LEU L 135 35.62 48.15 43.26
N LEU L 136 35.24 47.20 42.40
CA LEU L 136 35.77 47.11 41.05
C LEU L 136 34.61 46.99 40.07
N ASN L 137 34.49 47.96 39.16
CA ASN L 137 33.43 47.97 38.17
C ASN L 137 34.02 48.15 36.77
N ASN L 138 33.27 47.66 35.78
CA ASN L 138 33.56 47.81 34.34
C ASN L 138 34.93 47.23 33.98
N PHE L 139 35.05 45.91 34.16
CA PHE L 139 36.27 45.20 33.84
C PHE L 139 35.94 43.91 33.11
N TYR L 140 36.93 43.41 32.36
CA TYR L 140 36.81 42.17 31.60
C TYR L 140 38.21 41.61 31.44
N PRO L 141 38.41 40.29 31.66
CA PRO L 141 37.41 39.28 32.03
C PRO L 141 37.14 39.20 33.53
N ARG L 142 36.56 38.08 33.95
CA ARG L 142 36.21 37.87 35.36
C ARG L 142 37.43 37.57 36.23
N GLU L 143 38.54 37.16 35.62
CA GLU L 143 39.75 36.79 36.37
C GLU L 143 40.44 38.07 36.86
N ALA L 144 39.96 38.57 37.99
CA ALA L 144 40.52 39.74 38.64
C ALA L 144 40.83 39.41 40.10
N LYS L 145 41.92 39.99 40.61
CA LYS L 145 42.37 39.74 41.96
C LYS L 145 42.50 41.06 42.72
N VAL L 146 42.21 41.01 44.01
CA VAL L 146 42.31 42.15 44.91
C VAL L 146 43.39 41.86 45.94
N GLN L 147 44.44 42.68 45.96
CA GLN L 147 45.57 42.51 46.87
C GLN L 147 45.43 43.53 48.00
N TRP L 148 45.02 43.05 49.18
CA TRP L 148 44.89 43.92 50.34
C TRP L 148 46.25 44.16 50.97
N LYS L 149 46.60 45.43 51.15
CA LYS L 149 47.85 45.82 51.78
C LYS L 149 47.57 46.87 52.85
N VAL L 150 47.92 46.57 54.09
CA VAL L 150 47.73 47.46 55.22
C VAL L 150 49.11 47.80 55.79
N ASP L 151 49.46 49.10 55.76
CA ASP L 151 50.76 49.62 56.18
C ASP L 151 51.91 48.95 55.43
N ASN L 152 51.74 48.84 54.10
CA ASN L 152 52.69 48.22 53.18
C ASN L 152 53.03 46.78 53.56
N ALA L 153 52.01 46.04 54.00
CA ALA L 153 52.15 44.64 54.37
C ALA L 153 50.99 43.85 53.79
N LEU L 154 51.31 42.76 53.09
CA LEU L 154 50.29 41.95 52.44
C LEU L 154 49.52 41.14 53.48
N GLN L 155 48.19 41.24 53.43
CA GLN L 155 47.31 40.52 54.35
C GLN L 155 46.75 39.27 53.66
N SER L 156 46.51 38.24 54.46
CA SER L 156 45.97 36.99 53.95
C SER L 156 45.20 36.29 55.05
N GLY L 157 44.20 35.51 54.64
CA GLY L 157 43.40 34.74 55.58
C GLY L 157 42.29 35.52 56.26
N ASN L 158 42.07 36.78 55.91
CA ASN L 158 41.03 37.58 56.53
C ASN L 158 40.29 38.43 55.50
N SER L 159 40.22 37.97 54.26
CA SER L 159 39.56 38.70 53.19
C SER L 159 38.65 37.74 52.41
N GLN L 160 37.66 38.31 51.73
CA GLN L 160 36.73 37.55 50.94
C GLN L 160 36.16 38.43 49.84
N GLU L 161 36.03 37.88 48.64
CA GLU L 161 35.53 38.60 47.48
C GLU L 161 34.15 38.11 47.10
N SER L 162 33.47 38.91 46.28
CA SER L 162 32.13 38.58 45.79
C SER L 162 31.99 39.13 44.38
N VAL L 163 31.85 38.24 43.40
CA VAL L 163 31.77 38.60 41.99
C VAL L 163 30.35 38.32 41.50
N THR L 164 29.82 39.21 40.67
CA THR L 164 28.51 39.04 40.07
C THR L 164 28.64 38.23 38.77
N GLU L 165 27.55 38.18 38.01
CA GLU L 165 27.55 37.50 36.72
C GLU L 165 27.93 38.47 35.62
N GLN L 166 27.78 38.05 34.37
CA GLN L 166 28.13 38.89 33.24
C GLN L 166 26.98 39.85 32.92
N ASP L 167 27.32 41.06 32.49
CA ASP L 167 26.32 42.06 32.16
C ASP L 167 25.65 41.72 30.84
N SER L 168 24.36 42.07 30.74
CA SER L 168 23.60 41.79 29.53
C SER L 168 23.91 42.77 28.41
N LYS L 169 24.28 44.00 28.75
CA LYS L 169 24.56 45.05 27.76
C LYS L 169 26.04 45.33 27.60
N ASP L 170 26.74 45.61 28.70
CA ASP L 170 28.17 45.95 28.63
C ASP L 170 29.07 44.72 28.60
N SER L 171 28.54 43.54 28.95
CA SER L 171 29.28 42.26 29.00
C SER L 171 30.50 42.35 29.93
N THR L 172 30.32 43.00 31.07
CA THR L 172 31.38 43.18 32.05
C THR L 172 30.97 42.50 33.36
N TYR L 173 31.80 42.68 34.39
CA TYR L 173 31.57 42.08 35.70
C TYR L 173 31.71 43.14 36.78
N SER L 174 31.36 42.76 38.00
CA SER L 174 31.50 43.62 39.17
C SER L 174 32.08 42.81 40.32
N LEU L 175 33.05 43.39 41.01
CA LEU L 175 33.76 42.71 42.09
C LEU L 175 33.76 43.59 43.33
N SER L 176 33.59 42.96 44.49
CA SER L 176 33.59 43.66 45.77
C SER L 176 34.30 42.78 46.80
N SER L 177 35.40 43.27 47.36
CA SER L 177 36.16 42.56 48.36
C SER L 177 35.97 43.22 49.72
N THR L 178 36.03 42.41 50.77
CA THR L 178 35.84 42.87 52.14
C THR L 178 36.96 42.34 53.01
N LEU L 179 37.69 43.24 53.66
CA LEU L 179 38.76 42.89 54.58
C LEU L 179 38.27 43.09 56.00
N THR L 180 38.22 42.00 56.77
CA THR L 180 37.68 42.02 58.12
C THR L 180 38.82 42.26 59.11
N LEU L 181 38.67 43.29 59.94
CA LEU L 181 39.65 43.63 60.96
C LEU L 181 38.94 43.82 62.30
N SER L 182 39.69 43.62 63.38
CA SER L 182 39.15 43.79 64.71
C SER L 182 39.19 45.25 65.12
N LYS L 183 38.66 45.55 66.31
CA LYS L 183 38.63 46.92 66.81
C LYS L 183 40.00 47.35 67.33
N ALA L 184 40.73 46.45 67.97
CA ALA L 184 42.04 46.79 68.52
C ALA L 184 43.09 46.92 67.43
N ASP L 185 42.95 46.18 66.32
CA ASP L 185 43.91 46.25 65.23
C ASP L 185 43.62 47.39 64.26
N TYR L 186 42.43 47.98 64.31
CA TYR L 186 42.12 49.09 63.41
C TYR L 186 42.81 50.38 63.86
N GLU L 187 42.85 50.64 65.16
CA GLU L 187 43.50 51.84 65.68
C GLU L 187 45.02 51.75 65.67
N LYS L 188 45.57 50.54 65.53
CA LYS L 188 47.02 50.39 65.47
C LYS L 188 47.57 50.82 64.11
N HIS L 189 46.89 50.46 63.03
CA HIS L 189 47.32 50.83 61.70
C HIS L 189 46.71 52.17 61.28
N LYS L 190 47.31 52.77 60.25
CA LYS L 190 46.87 54.09 59.79
C LYS L 190 46.55 54.07 58.29
N VAL L 191 47.27 53.27 57.52
CA VAL L 191 47.14 53.24 56.06
C VAL L 191 46.42 51.97 55.66
N TYR L 192 45.35 52.12 54.88
CA TYR L 192 44.59 51.01 54.34
C TYR L 192 44.43 51.22 52.85
N ALA L 193 45.03 50.34 52.05
CA ALA L 193 45.05 50.46 50.61
C ALA L 193 44.45 49.24 49.94
N CYS L 194 44.07 49.40 48.68
CA CYS L 194 43.49 48.33 47.86
C CYS L 194 44.24 48.30 46.54
N GLU L 195 45.22 47.40 46.43
CA GLU L 195 45.99 47.25 45.21
C GLU L 195 45.28 46.28 44.27
N VAL L 196 45.06 46.72 43.03
CA VAL L 196 44.30 45.97 42.04
C VAL L 196 45.25 45.48 40.96
N THR L 197 45.23 44.18 40.71
CA THR L 197 46.03 43.57 39.65
C THR L 197 45.08 43.05 38.58
N HIS L 198 45.20 43.59 37.37
CA HIS L 198 44.30 43.25 36.27
C HIS L 198 45.11 43.09 34.99
N GLN L 199 44.55 42.35 34.04
CA GLN L 199 45.24 42.10 32.78
C GLN L 199 45.23 43.33 31.88
N GLY L 200 44.21 44.16 31.99
CA GLY L 200 44.09 45.35 31.18
C GLY L 200 44.80 46.57 31.71
N LEU L 201 45.42 46.48 32.89
CA LEU L 201 46.14 47.59 33.48
C LEU L 201 47.64 47.38 33.34
N SER L 202 48.32 48.37 32.77
CA SER L 202 49.77 48.32 32.63
C SER L 202 50.48 48.67 33.93
N SER L 203 49.77 49.27 34.89
CA SER L 203 50.33 49.62 36.19
C SER L 203 49.27 49.35 37.24
N PRO L 204 49.67 48.83 38.41
CA PRO L 204 48.70 48.53 39.47
C PRO L 204 48.18 49.81 40.11
N VAL L 205 46.86 49.98 40.11
CA VAL L 205 46.23 51.15 40.70
C VAL L 205 46.04 50.89 42.19
N THR L 206 46.59 51.76 43.03
CA THR L 206 46.54 51.63 44.48
C THR L 206 45.85 52.87 45.05
N LYS L 207 44.64 52.68 45.57
CA LYS L 207 43.88 53.75 46.22
C LYS L 207 43.86 53.50 47.72
N SER L 208 44.15 54.54 48.49
CA SER L 208 44.24 54.42 49.94
C SER L 208 43.52 55.60 50.59
N PHE L 209 43.43 55.53 51.92
CA PHE L 209 42.80 56.59 52.71
C PHE L 209 43.46 56.63 54.08
N ASN L 210 43.17 57.69 54.82
CA ASN L 210 43.72 57.86 56.15
C ASN L 210 42.74 57.34 57.21
N ARG L 211 43.31 56.84 58.31
CA ARG L 211 42.48 56.29 59.38
C ARG L 211 41.78 57.39 60.16
N GLY L 212 42.43 58.54 60.34
CA GLY L 212 41.84 59.66 61.03
C GLY L 212 40.99 60.57 60.17
N GLU L 213 40.85 60.27 58.88
CA GLU L 213 40.06 61.08 57.95
C GLU L 213 39.00 60.23 57.26
N CYS L 214 38.41 59.29 58.00
CA CYS L 214 37.37 58.43 57.44
C CYS L 214 36.03 59.17 57.39
#